data_8T9G
#
_entry.id   8T9G
#
_cell.length_a   1.00
_cell.length_b   1.00
_cell.length_c   1.00
_cell.angle_alpha   90.00
_cell.angle_beta   90.00
_cell.angle_gamma   90.00
#
_symmetry.space_group_name_H-M   'P 1'
#
loop_
_entity.id
_entity.type
_entity.pdbx_description
1 polymer 'Polycomb protein SUZ12'
2 polymer 'Histone-lysine N-methyltransferase EZH2'
3 polymer 'Polycomb protein EED'
4 polymer 'Histone-binding protein RBBP4'
5 polymer 'Zinc finger protein AEBP2'
6 polymer 'Histone H3.2'
7 polymer 'DNA (226-MER)'
8 polymer 'Histone H4'
9 polymer 'Histone H2A type 1'
10 polymer 'Histone H2B 1.1'
11 polymer 'DNA (226-MER)'
12 polymer 'activating methylated peptide'
13 non-polymer S-ADENOSYL-L-HOMOCYSTEINE
#
loop_
_entity_poly.entity_id
_entity_poly.type
_entity_poly.pdbx_seq_one_letter_code
_entity_poly.pdbx_strand_id
1 'polypeptide(L)'
;MVLPVKKPKMEHVQADHELFLQAFEKPTQIYRFLRTRNLIAPIFLHRTLTYMSHRNSRTNIKRKTFKVDDMLSKVEKMKG
EQESHSLSAHLQLTFTGFFHKNDKPSPNSENEQNSVTLEVLLVKVCHKKRKDVSCPIRQVPTGKKQVPLNPDLNQTKPGN
FPSLAVSSNEFEPSNSHMVKSYSLLFRVTRPGRREFNGMINGETNENIDVNEELPARRKRNREDGEKTFVAQMTVFDKNR
RLQLLDGEYEVAMQEMEECPISKKRATWETILDGKRLPPFETFSQGPTLQFTLRWTGETNDKSTAPIAKPLATRNSESLH
QENKPGSVKPTQTIAVKESLTTDLQTRKEKDTPNENRQKLRIFYQFLYNNNTRQQTEARDDLHCPWCTLNCRKLYSLLKH
LKLCHSRFIFNYVYHPKGARIDVSINECYDGSYAGNPQDIHRQPGFAFSRNGPVKRTPITHILVCRPKRTKASMSEFLES
EDGEVEQQRTYSSGHNRLYFHSDTCLPLRPQEMEVDSEDEKDPEWLREKTITQIEEFSDVNEGEKEVMKLWNLHVMKHGF
IADNQMNHACMLFVENYGQKIIKKNLCRNFMLHLVSMHDFNLISIMSIDKAVTKLREMQ
;
B,G
2 'polypeptide(L)'
;SNAGQTGKKSEKGPVACRKRVKSEYMRLRQLKRFRRADEVKSMFSSNRQKILERTEILNQEWKQRRIQPVHILTSVSSLR
GTRECSVTSDLDFPTQVIPLKTLNAVASVPIMYSWSPLQQNFMVEDETVLHNIPYMGDEVLDQDGTFIEELIKNYDGKVH
GDRECGFINDEIFVELVNALGQYNDDDDDDDGDDPEEREEKQKDLEDHRDDKESRPPRKFPSDKIFEAISSMFPDKGTAE
ELKEKYKELTEQQLPGALPPECTPNIDGPNAKSVQREQSLHSFHTLFCRRCFKYDCFLHRKCNYSFHATPNTYKRKNTET
ALDNKPCGPQCYQHLEGAKEFAAALTAERIKTPPKRPGGRRRGRLPNNSSRPSTPTINVLESKDTDSDREAGTETGGENN
DKEEEEKKDETSSSSEANSRCQTPIKMKPNIEPPENVEWSGAEASMFRVLIGTYYDNFCAIARLIGTKTCRQVYEFRVKE
SSIIAPAPAEDVDTPPRKKKRKHRLWAAHCRKIQLKKDGSSNHVYNYQPCDHPRQPCDSSCPCVIAQNFCEKFCQCSSEC
QNRFPGCRCKAQCNTKQCPCYLAVRECDPDLCLTCGAADHWDSKNVSCKNCSIQRGSKKHLLLAPSDVAGWGIFIKDPVQ
KNEFISEYCGEIISQDEADRRGKVYDKYMCSFLFNLNNDFVVDATRKGNKIRFANHSVNPNCYAKVMMVNGDHRIGIFAK
RAIQTGEELFFDYRYSQADALKYVGIEREMEIP
;
C,I
3 'polypeptide(L)'
;MSEREVSTAPAGTDMPAAKKQKLSSDENSNPDLSGDENDDAVSIESGTNTERPDTPTNTPNAPGRKSWGKGKWKSKKCKY
SFKCVNSLKEDHNQPLFGVQFNWHSKEGDPLVFATVGSNRVTLYECHSQGEIRLLQSYVDADADENFYTCAWTYDSNTSH
PLLAVAGSRGIIRIINPITMQCIKHYVGHGNAINELKFHPRDPNLLLSVSKDHALRLWNIQTDTLVAIFGGVEGHRDEVL
SADYDLLGEKIMSCGMDHSLKLWRINSKRMMNAIKESYDYNPNKTNRPFISQKIHFPDFSTRDIHRNYVDCVRWLGDLIL
SKSCENAIVCWKPGKMEDDIDKIKPSESNVTILGRFDYSQCDIWYMRFSMDFWQKMLALGNQVGKLYVWDLEVEDPHKAK
CTTLTHHKCGAAIRQTSFSRDSSILIAVCDDASIWRWDRLR
;
F,K
4 'polypeptide(L)'
;MADKEAAFDDAVEERVINEEYKIWKKNTPFLYDLVMTHALEWPSLTAQWLPDVTRPEGKDFSIHRLVLGTHTSDEQNHLV
IASVQLPNDDAQFDASHYDSEKGEFGGFGSVSGKIEIEIKINHEGEVNRARYMPQNPCIIATKTPSSDVLVFDYTKHPSK
PDPSGECNPDLRLRGHQKEGYGLSWNPNLSGHLLSASDDHTICLWDISAVPKEGKVVDAKTIFTGHTAVVEDVSWHLLHE
SLFGSVADDQKLMIWDTRSNNTSKPSHSVDAHTAEVNCLSFNPYSEFILATGSADKTVALWDLRNLKLKLHSFESHKDEI
FQVQWSPHNETILASSGTDRRLNVWDLSKIGEEQSPEDAEDGPPELLFIHGGHTAKISDFSWNPNEPWVICSVSEDNIMQ
VWQMAENIYNDEDPEGSVDPEGQGS
;
L,O
5 'polypeptide(L)'
;SNAYTRRYSSISSTIMDVDSTISSGRSTPAMMNGQGSTTSSSKNIAYNCCWDQCQACFNSSPDLADHIRSIHVDGQRGGV
FVCLWKGCKVYNTPSTSQSWLQRHMLTHSGDKPFKCVVGGCNASFASQGGLARHVPTHFSQQNSSKVSSQPKAKEESPSK
AGMNKRRKLKNKRRRSLPRPHDFFDAQTLDAIRHRAICFNLSAHIESLGKGHSVVFHSTVIAKRKEDSGKIKLLLHWMPE
DILPDVWVNESERHQLKTKVVHLSKLPKDTALLLDPNIYRTMPQKRLKRTLIRKVFNLYLSKQ
;
M,Y
6 'polypeptide(L)'
;MARTKQTARKSTGGKAPRKQLATKAARKSAPATGGVKKPHRYRPGTVALREIRRYQKSTELLIRKLPFQRLVREIAQDFK
TDLRFQSSAVMALQEASEAYLVALFEDTNLCAIHAKRVTIMPKDIQLARRIRGERA
;
A,W
7 'polydeoxyribonucleotide'
;(DA)(DT)(DC)(DG)(DG)(DG)(DA)(DG)(DC)(DT)(DC)(DC)(DG)(DA)(DC)(DC)(DG)(DA)(DA)(DT)
(DG)(DA)(DC)(DA)(DT)(DG)(DC)(DA)(DT)(DG)(DC)(DA)(DT)(DA)(DC)(DA)(DG)(DG)(DA)(DT)
(DG)(DT)(DA)(DT)(DA)(DT)(DA)(DC)(DC)(DT)(DG)(DA)(DC)(DA)(DC)(DG)(DT)(DG)(DC)(DC)
(DT)(DG)(DG)(DA)(DG)(DA)(DC)(DT)(DA)(DG)(DG)(DG)(DA)(DG)(DT)(DA)(DA)(DC)(DC)(DC)
(DC)(DC)(DT)(DT)(DG)(DG)(DC)(DG)(DG)(DT)(DT)(DA)(DA)(DA)(DA)(DC)(DG)(DC)(DG)(DG)
(DG)(DG)(DG)(DA)(DC)(DA)(DG)(DC)(DG)(DC)(DG)(DT)(DA)(DC)(DG)(DT)(DG)(DC)(DG)(DT)
(DT)(DT)(DA)(DA)(DG)(DC)(DG)(DG)(DT)(DG)(DC)(DT)(DA)(DG)(DA)(DG)(DC)(DT)(DG)(DC)
(DC)(DT)(DA)(DC)(DG)(DA)(DC)(DC)(DA)(DA)(DT)(DG)(DG)(DA)(DG)(DC)(DG)(DG)(DC)(DC)
(DT)(DC)(DG)(DG)(DC)(DA)(DC)(DC)(DG)(DG)(DG)(DA)(DT)(DC)(DC)(DC)(DC)(DC)(DA)(DG)
(DC)(DC)(DG)(DC)(DC)(DG)(DG)(DC)(DA)(DG)(DC)(DG)(DC)(DA)(DG)(DC)(DG)(DC)(DC)(DT)
(DG)(DA)(DC)(DG)(DG)(DG)(DC)(DA)(DC)(DA)(DC)(DA)(DG)(DT)(DC)
;
H
8 'polypeptide(L)'
;MSGRGKGGKGLGKGGAKRHRKVLRDNIQGITKPAIRRLARRGGVKRISGLIYEETRGVLKVFLENVIRDAVTYTEHAKRK
TVTAMDVVYALKRQGRTLYGFGGSSG
;
J,X
9 'polypeptide(L)'
;SNAMSGRGKQGGKTRAKAKTRSSRAGLQFPVGRVHRLLRKGNYAERVGAGAPVYLAAVLEYLTAEILELAGNAARDNKKT
RIIPRHLQLAVRNDEELNKLLGRVTIAQGGVLPNIQSVLLPKCTESSKSAKSK
;
R,U
10 'polypeptide(L)'
;MAKSAPAPKKGSKKAVTKTQKKDGKKRRKTRKESYAIYVYKVLKQVHPDTGISSKAMSIMNSFVNDVFERIAGEASRLAH
YNKRSTITSREIQTAVRLLLPGELAKHAVSEGTKAVTKYTSAK
;
S,V
11 'polydeoxyribonucleotide'
;(DG)(DA)(DC)(DT)(DG)(DT)(DG)(DT)(DG)(DC)(DC)(DC)(DG)(DT)(DC)(DA)(DG)(DA)(DC)(DG)
(DC)(DT)(DG)(DC)(DG)(DC)(DC)(DG)(DC)(DC)(DG)(DG)(DC)(DG)(DG)(DC)(DC)(DG)(DG)(DA)
(DG)(DA)(DA)(DT)(DC)(DC)(DC)(DG)(DG)(DT)(DG)(DC)(DC)(DG)(DA)(DG)(DG)(DC)(DC)(DG)
(DC)(DC)(DC)(DT)(DA)(DT)(DT)(DG)(DG)(DT)(DC)(DG)(DT)(DA)(DG)(DA)(DC)(DA)(DG)(DC)
(DC)(DC)(DC)(DA)(DG)(DC)(DA)(DC)(DC)(DG)(DC)(DC)(DT)(DA)(DA)(DA)(DC)(DG)(DC)(DA)
(DC)(DG)(DT)(DA)(DC)(DG)(DC)(DG)(DC)(DC)(DG)(DT)(DC)(DC)(DC)(DC)(DC)(DG)(DC)(DG)
(DT)(DT)(DT)(DT)(DA)(DA)(DC)(DC)(DG)(DC)(DC)(DA)(DA)(DG)(DG)(DG)(DG)(DA)(DT)(DT)
(DA)(DC)(DC)(DC)(DC)(DC)(DC)(DA)(DG)(DT)(DC)(DC)(DC)(DC)(DA)(DG)(DG)(DC)(DA)(DC)
(DG)(DT)(DG)(DC)(DC)(DA)(DG)(DA)(DT)(DA)(DT)(DA)(DT)(DA)(DC)(DA)(DT)(DC)(DC)(DC)
(DG)(DT)(DA)(DC)(DG)(DC)(DA)(DC)(DG)(DC)(DA)(DC)(DA)(DT)(DC)(DA)(DT)(DT)(DC)(DG)
(DA)(DT)(DC)(DG)(DG)(DA)(DG)(DC)(DT)(DC)(DC)(DC)(DG)(DA)(DT)
;
T
12 'polypeptide(L)' (UNK)(UNK)(UNK)(UNK)(UNK)(UNK)(UNK)(UNK)(M3L)(UNK)(UNK)(UNK) E
#
loop_
_chem_comp.id
_chem_comp.type
_chem_comp.name
_chem_comp.formula
DA DNA linking 2'-DEOXYADENOSINE-5'-MONOPHOSPHATE 'C10 H14 N5 O6 P'
DC DNA linking 2'-DEOXYCYTIDINE-5'-MONOPHOSPHATE 'C9 H14 N3 O7 P'
DG DNA linking 2'-DEOXYGUANOSINE-5'-MONOPHOSPHATE 'C10 H14 N5 O7 P'
DT DNA linking THYMIDINE-5'-MONOPHOSPHATE 'C10 H15 N2 O8 P'
SAH non-polymer S-ADENOSYL-L-HOMOCYSTEINE 'C14 H20 N6 O5 S'
#
# COMPACT_ATOMS: atom_id res chain seq x y z
N ALA A 15 12.50 21.38 -37.79
CA ALA A 15 12.90 20.52 -38.90
C ALA A 15 12.36 21.04 -40.22
N ASP A 16 12.79 20.41 -41.32
CA ASP A 16 12.35 20.83 -42.64
C ASP A 16 10.87 20.52 -42.85
N HIS A 17 10.18 21.40 -43.57
CA HIS A 17 8.74 21.28 -43.79
C HIS A 17 8.40 20.75 -45.17
N GLU A 18 9.38 20.32 -45.95
CA GLU A 18 9.09 19.82 -47.29
C GLU A 18 8.25 18.55 -47.24
N LEU A 19 8.60 17.62 -46.36
CA LEU A 19 7.80 16.40 -46.20
C LEU A 19 6.53 16.66 -45.42
N PHE A 20 6.51 17.67 -44.56
CA PHE A 20 5.33 17.96 -43.76
C PHE A 20 4.22 18.57 -44.61
N LEU A 21 4.58 19.48 -45.51
CA LEU A 21 3.57 20.15 -46.33
C LEU A 21 2.94 19.18 -47.33
N GLN A 22 3.74 18.33 -47.97
CA GLN A 22 3.20 17.38 -48.93
C GLN A 22 2.25 16.41 -48.27
N ALA A 23 2.52 16.03 -47.02
CA ALA A 23 1.56 15.22 -46.27
C ALA A 23 0.25 15.96 -46.11
N PHE A 24 0.31 17.27 -45.82
CA PHE A 24 -0.89 18.08 -45.84
C PHE A 24 -1.39 18.30 -47.27
N GLU A 25 -0.47 18.45 -48.22
CA GLU A 25 -0.86 18.78 -49.59
C GLU A 25 -1.54 17.61 -50.28
N LYS A 26 -1.18 16.37 -49.93
CA LYS A 26 -1.76 15.21 -50.63
C LYS A 26 -3.27 15.17 -50.53
N PRO A 27 -3.90 15.32 -49.35
CA PRO A 27 -5.37 15.44 -49.34
C PRO A 27 -5.82 16.82 -49.78
N THR A 28 -4.94 17.81 -49.63
CA THR A 28 -5.25 19.17 -50.11
C THR A 28 -5.45 19.17 -51.62
N GLN A 29 -4.58 18.47 -52.35
CA GLN A 29 -4.81 18.30 -53.78
C GLN A 29 -6.07 17.49 -54.03
N ILE A 30 -6.32 16.47 -53.21
CA ILE A 30 -7.61 15.79 -53.23
C ILE A 30 -8.72 16.77 -52.89
N TYR A 31 -8.50 17.62 -51.87
CA TYR A 31 -9.42 18.72 -51.60
C TYR A 31 -9.50 19.65 -52.80
N ARG A 32 -8.36 20.01 -53.38
CA ARG A 32 -8.34 20.92 -54.53
C ARG A 32 -9.12 20.33 -55.70
N PHE A 33 -8.92 19.05 -55.98
CA PHE A 33 -9.67 18.39 -57.05
C PHE A 33 -11.17 18.49 -56.80
N LEU A 34 -11.61 18.09 -55.60
CA LEU A 34 -13.05 18.04 -55.34
C LEU A 34 -13.64 19.43 -55.16
N ARG A 35 -12.92 20.33 -54.48
CA ARG A 35 -13.46 21.66 -54.24
C ARG A 35 -13.82 22.36 -55.54
N THR A 36 -12.91 22.31 -56.51
CA THR A 36 -13.27 22.77 -57.85
C THR A 36 -14.37 21.90 -58.46
N ARG A 37 -14.28 20.57 -58.26
CA ARG A 37 -15.24 19.68 -58.89
C ARG A 37 -16.65 19.93 -58.38
N ASN A 38 -16.82 20.08 -57.07
CA ASN A 38 -18.13 20.35 -56.52
C ASN A 38 -18.52 21.82 -56.60
N LEU A 39 -17.59 22.70 -56.97
CA LEU A 39 -17.97 24.09 -57.18
C LEU A 39 -18.83 24.26 -58.43
N ILE A 40 -18.90 23.23 -59.28
CA ILE A 40 -19.84 23.21 -60.39
C ILE A 40 -20.98 22.23 -60.13
N ALA A 41 -20.68 21.10 -59.52
CA ALA A 41 -21.67 20.06 -59.21
C ALA A 41 -21.60 19.77 -57.72
N PRO A 42 -22.19 20.63 -56.90
CA PRO A 42 -22.12 20.44 -55.44
C PRO A 42 -22.83 19.16 -55.00
N ILE A 43 -22.25 18.54 -53.98
CA ILE A 43 -22.88 17.36 -53.38
C ILE A 43 -24.23 17.71 -52.77
N PHE A 44 -24.34 18.90 -52.18
CA PHE A 44 -25.56 19.33 -51.53
C PHE A 44 -25.75 20.82 -51.72
N LEU A 45 -27.00 21.27 -51.64
CA LEU A 45 -27.29 22.69 -51.71
C LEU A 45 -26.93 23.36 -50.39
N HIS A 46 -26.14 24.44 -50.47
CA HIS A 46 -25.58 25.04 -49.27
C HIS A 46 -26.49 26.08 -48.64
N ARG A 47 -27.49 26.60 -49.37
CA ARG A 47 -28.36 27.61 -48.81
C ARG A 47 -29.38 27.05 -47.82
N THR A 48 -29.55 25.73 -47.78
CA THR A 48 -30.54 25.09 -46.93
C THR A 48 -29.97 24.52 -45.64
N LEU A 49 -28.66 24.56 -45.46
CA LEU A 49 -28.06 23.93 -44.30
C LEU A 49 -28.51 24.61 -43.02
N THR A 50 -28.64 23.81 -41.95
CA THR A 50 -29.09 24.33 -40.67
C THR A 50 -28.17 25.43 -40.18
N TYR A 51 -26.87 25.24 -40.39
CA TYR A 51 -25.81 26.17 -40.02
C TYR A 51 -25.64 27.30 -41.03
N MET A 52 -26.39 27.33 -42.14
CA MET A 52 -26.53 28.46 -43.05
C MET A 52 -27.98 28.64 -43.44
N SER A 53 -28.89 28.46 -42.49
CA SER A 53 -30.32 28.65 -42.74
C SER A 53 -30.70 30.12 -42.86
N HIS A 54 -29.78 31.04 -42.60
CA HIS A 54 -30.09 32.46 -42.76
C HIS A 54 -30.46 32.79 -44.20
N ARG A 55 -29.96 32.00 -45.16
CA ARG A 55 -30.38 32.15 -46.54
C ARG A 55 -31.85 31.73 -46.68
N ASN A 56 -32.50 32.28 -47.71
CA ASN A 56 -33.93 32.08 -47.94
C ASN A 56 -34.75 32.55 -46.74
N SER A 57 -34.68 33.86 -46.49
CA SER A 57 -35.37 34.46 -45.34
C SER A 57 -36.89 34.43 -45.48
N ARG A 58 -37.42 34.11 -46.65
CA ARG A 58 -38.85 34.13 -46.87
C ARG A 58 -39.51 32.93 -46.20
N THR A 59 -40.72 33.14 -45.69
CA THR A 59 -41.46 32.04 -45.09
C THR A 59 -42.00 31.10 -46.16
N ASN A 60 -42.39 29.90 -45.74
CA ASN A 60 -42.93 28.89 -46.65
C ASN A 60 -44.36 29.29 -47.01
N ILE A 61 -44.46 30.21 -47.97
CA ILE A 61 -45.75 30.76 -48.39
C ILE A 61 -46.28 29.86 -49.50
N LYS A 62 -46.96 28.79 -49.11
CA LYS A 62 -47.59 27.89 -50.08
C LYS A 62 -48.83 28.51 -50.73
N ARG A 63 -49.34 29.61 -50.19
CA ARG A 63 -50.59 30.21 -50.66
C ARG A 63 -50.44 30.93 -51.99
N LYS A 64 -49.23 31.08 -52.51
CA LYS A 64 -49.02 31.74 -53.80
C LYS A 64 -49.90 31.12 -54.88
N THR A 65 -50.83 31.92 -55.40
CA THR A 65 -51.75 31.42 -56.41
C THR A 65 -50.99 30.99 -57.66
N PHE A 66 -51.41 29.87 -58.24
CA PHE A 66 -50.73 29.27 -59.37
C PHE A 66 -51.49 29.37 -60.68
N LYS A 67 -52.83 29.43 -60.63
CA LYS A 67 -53.59 29.53 -61.87
C LYS A 67 -53.33 30.84 -62.59
N VAL A 68 -52.98 31.89 -61.85
CA VAL A 68 -52.68 33.18 -62.48
C VAL A 68 -51.49 33.05 -63.42
N ASP A 69 -50.62 32.07 -63.19
CA ASP A 69 -49.51 31.84 -64.11
C ASP A 69 -50.02 31.44 -65.49
N ASP A 70 -51.18 30.79 -65.56
CA ASP A 70 -51.73 30.41 -66.87
C ASP A 70 -51.90 31.64 -67.77
N MET A 71 -52.50 32.70 -67.24
CA MET A 71 -52.56 33.95 -67.99
C MET A 71 -51.23 34.70 -67.95
N LEU A 72 -50.48 34.59 -66.87
CA LEU A 72 -49.16 35.20 -66.82
C LEU A 72 -48.22 34.58 -67.85
N SER A 73 -48.24 33.25 -67.95
CA SER A 73 -47.42 32.59 -68.97
C SER A 73 -47.87 32.96 -70.37
N LYS A 74 -49.16 33.25 -70.55
CA LYS A 74 -49.61 33.84 -71.81
C LYS A 74 -48.91 35.17 -72.05
N VAL A 75 -48.83 36.01 -71.01
CA VAL A 75 -48.04 37.24 -71.11
C VAL A 75 -46.57 36.92 -71.32
N GLU A 76 -46.07 35.90 -70.62
CA GLU A 76 -44.67 35.51 -70.78
C GLU A 76 -44.40 35.07 -72.22
N LYS A 77 -45.32 34.29 -72.81
CA LYS A 77 -45.13 33.84 -74.17
C LYS A 77 -45.15 35.00 -75.16
N MET A 78 -46.07 35.95 -74.98
CA MET A 78 -46.25 37.02 -75.95
C MET A 78 -45.10 38.02 -75.98
N LYS A 79 -44.18 37.96 -75.02
CA LYS A 79 -43.05 38.88 -75.02
C LYS A 79 -41.71 38.20 -75.21
N GLY A 80 -41.67 36.88 -75.38
CA GLY A 80 -40.41 36.18 -75.52
C GLY A 80 -40.11 35.67 -76.92
N GLU A 81 -41.13 35.57 -77.76
CA GLU A 81 -40.98 34.99 -79.09
C GLU A 81 -40.43 36.01 -80.07
N GLN A 82 -39.49 35.57 -80.91
CA GLN A 82 -38.90 36.42 -81.93
C GLN A 82 -38.23 35.55 -82.99
N GLU A 83 -37.82 36.19 -84.07
CA GLU A 83 -37.10 35.55 -85.16
C GLU A 83 -36.31 36.62 -85.90
N SER A 84 -35.80 36.26 -87.08
CA SER A 84 -35.03 37.20 -87.89
C SER A 84 -35.95 37.95 -88.84
N HIS A 85 -35.53 39.17 -89.21
CA HIS A 85 -36.32 40.01 -90.08
C HIS A 85 -36.27 39.50 -91.52
N SER A 86 -37.31 39.85 -92.28
CA SER A 86 -37.37 39.52 -93.70
C SER A 86 -36.43 40.41 -94.51
N HIS A 90 -35.83 36.38 -94.09
CA HIS A 90 -35.05 36.72 -95.27
C HIS A 90 -33.82 37.55 -94.87
N LEU A 91 -32.64 36.98 -95.09
CA LEU A 91 -31.38 37.63 -94.76
C LEU A 91 -30.67 38.04 -96.03
N GLN A 92 -30.21 39.29 -96.07
CA GLN A 92 -29.51 39.81 -97.22
C GLN A 92 -28.35 40.69 -96.76
N LEU A 93 -27.25 40.63 -97.50
CA LEU A 93 -26.06 41.38 -97.15
C LEU A 93 -25.28 41.72 -98.41
N THR A 94 -24.56 42.84 -98.38
CA THR A 94 -23.80 43.30 -99.53
C THR A 94 -22.36 42.81 -99.41
N PHE A 95 -21.49 43.29 -100.30
CA PHE A 95 -20.08 42.93 -100.31
C PHE A 95 -19.24 44.20 -100.36
N THR A 96 -18.00 44.08 -99.90
CA THR A 96 -17.07 45.20 -99.88
C THR A 96 -15.69 44.65 -100.22
N GLY A 97 -14.65 45.46 -100.00
CA GLY A 97 -13.31 45.06 -100.40
C GLY A 97 -12.78 43.89 -99.59
N PHE A 98 -11.92 43.10 -100.24
CA PHE A 98 -11.27 41.95 -99.63
C PHE A 98 -9.77 42.12 -99.73
N PHE A 99 -9.06 41.82 -98.64
CA PHE A 99 -7.62 42.03 -98.56
C PHE A 99 -6.99 40.93 -97.72
N HIS A 100 -6.00 40.26 -98.29
CA HIS A 100 -5.26 39.18 -97.63
C HIS A 100 -4.01 38.91 -98.47
N LYS A 101 -3.35 37.78 -98.19
CA LYS A 101 -2.17 37.35 -98.93
C LYS A 101 -2.42 37.35 -100.44
N VAL A 116 -9.25 35.35 -107.15
CA VAL A 116 -9.74 34.20 -106.41
C VAL A 116 -11.01 34.57 -105.64
N THR A 117 -12.10 33.88 -105.95
CA THR A 117 -13.40 34.17 -105.38
C THR A 117 -13.51 33.67 -103.94
N LEU A 118 -14.59 34.06 -103.27
CA LEU A 118 -14.88 33.61 -101.91
C LEU A 118 -16.35 33.25 -101.81
N GLU A 119 -16.68 32.45 -100.79
CA GLU A 119 -18.02 31.97 -100.57
C GLU A 119 -18.40 32.16 -99.09
N VAL A 120 -19.70 32.17 -98.83
CA VAL A 120 -20.24 32.22 -97.47
C VAL A 120 -21.29 31.13 -97.33
N LEU A 121 -21.45 30.63 -96.11
CA LEU A 121 -22.32 29.49 -95.84
C LEU A 121 -23.16 29.75 -94.59
N LEU A 122 -24.27 29.03 -94.49
CA LEU A 122 -25.14 29.05 -93.33
C LEU A 122 -25.22 27.65 -92.74
N VAL A 123 -25.02 27.55 -91.42
CA VAL A 123 -24.99 26.27 -90.75
C VAL A 123 -26.08 26.24 -89.69
N LYS A 124 -26.58 25.03 -89.41
CA LYS A 124 -27.59 24.80 -88.40
C LYS A 124 -27.13 23.70 -87.45
N VAL A 125 -27.38 23.90 -86.16
CA VAL A 125 -26.98 22.95 -85.13
C VAL A 125 -28.22 22.44 -84.42
N CYS A 126 -28.14 21.22 -83.92
CA CYS A 126 -29.21 20.59 -83.15
C CYS A 126 -28.73 20.39 -81.70
N HIS A 127 -29.56 19.74 -80.91
CA HIS A 127 -29.26 19.45 -79.52
C HIS A 127 -28.86 17.99 -79.33
N LYS A 128 -28.51 17.64 -78.10
CA LYS A 128 -28.15 16.27 -77.76
C LYS A 128 -29.40 15.44 -77.49
N LYS A 129 -29.31 14.16 -77.80
CA LYS A 129 -30.38 13.21 -77.54
C LYS A 129 -29.91 12.19 -76.51
N ARG A 130 -30.80 11.24 -76.18
CA ARG A 130 -30.48 10.23 -75.19
C ARG A 130 -29.40 9.28 -75.68
N LYS A 131 -29.49 8.84 -76.94
CA LYS A 131 -28.60 7.81 -77.46
C LYS A 131 -27.28 8.35 -77.98
N ASP A 132 -27.30 9.45 -78.73
CA ASP A 132 -26.08 9.97 -79.33
C ASP A 132 -25.17 10.57 -78.27
N VAL A 133 -23.88 10.64 -78.60
CA VAL A 133 -22.90 11.24 -77.71
C VAL A 133 -22.74 12.74 -77.94
N SER A 134 -23.18 13.25 -79.09
CA SER A 134 -23.04 14.66 -79.40
C SER A 134 -24.16 15.08 -80.34
N CYS A 135 -24.38 16.39 -80.42
CA CYS A 135 -25.47 16.93 -81.21
C CYS A 135 -25.13 16.89 -82.71
N PRO A 136 -26.13 16.70 -83.57
CA PRO A 136 -25.87 16.75 -85.01
C PRO A 136 -25.88 18.18 -85.54
N ILE A 137 -25.11 18.39 -86.59
CA ILE A 137 -24.92 19.70 -87.21
C ILE A 137 -25.07 19.57 -88.71
N ARG A 138 -25.78 20.52 -89.33
CA ARG A 138 -25.96 20.54 -90.78
C ARG A 138 -25.82 21.96 -91.30
N GLN A 139 -25.39 22.08 -92.55
CA GLN A 139 -25.04 23.35 -93.16
C GLN A 139 -25.76 23.52 -94.50
N VAL A 140 -26.14 24.76 -94.80
CA VAL A 140 -26.80 25.08 -96.07
C VAL A 140 -26.15 26.31 -96.69
N PRO A 141 -25.75 26.24 -97.95
CA PRO A 141 -25.13 27.41 -98.60
C PRO A 141 -26.15 28.53 -98.81
N THR A 142 -25.64 29.77 -98.85
CA THR A 142 -26.52 30.92 -98.99
C THR A 142 -26.12 31.87 -100.12
N GLY A 143 -24.83 32.04 -100.37
CA GLY A 143 -24.40 32.98 -101.40
C GLY A 143 -22.90 33.04 -101.48
N LYS A 144 -22.43 33.92 -102.36
CA LYS A 144 -21.00 34.08 -102.63
C LYS A 144 -20.81 35.32 -103.50
N LYS A 145 -19.56 35.55 -103.90
CA LYS A 145 -19.23 36.62 -104.83
C LYS A 145 -17.97 36.23 -105.60
N GLN A 146 -17.71 36.95 -106.69
CA GLN A 146 -16.63 36.66 -107.61
C GLN A 146 -15.45 37.62 -107.40
N VAL A 147 -15.11 37.86 -106.14
CA VAL A 147 -14.04 38.81 -105.82
C VAL A 147 -12.75 38.39 -106.54
N PRO A 148 -12.01 39.32 -107.14
CA PRO A 148 -10.78 38.94 -107.85
C PRO A 148 -9.64 38.60 -106.91
N LEU A 149 -8.45 38.40 -107.47
CA LEU A 149 -7.28 38.04 -106.67
C LEU A 149 -6.85 39.22 -105.81
N ASN A 150 -7.34 39.26 -104.56
CA ASN A 150 -7.02 40.27 -103.57
C ASN A 150 -7.15 41.68 -104.14
N PRO A 151 -8.36 42.15 -104.39
CA PRO A 151 -8.53 43.51 -104.92
C PRO A 151 -8.03 44.56 -103.94
N ASP A 152 -7.53 45.66 -104.49
CA ASP A 152 -6.97 46.74 -103.68
C ASP A 152 -8.07 47.69 -103.24
N LEU A 153 -7.68 48.84 -102.68
CA LEU A 153 -8.65 49.79 -102.16
C LEU A 153 -9.36 50.53 -103.29
N ASN A 154 -10.54 51.06 -102.96
CA ASN A 154 -11.36 51.83 -103.90
C ASN A 154 -11.63 51.04 -105.18
N GLN A 155 -12.21 49.84 -104.99
CA GLN A 155 -12.46 48.93 -106.11
C GLN A 155 -13.44 49.52 -107.12
N THR A 156 -14.68 49.69 -106.72
CA THR A 156 -15.74 50.17 -107.62
C THR A 156 -16.94 50.58 -106.76
N LYS A 157 -18.05 50.89 -107.43
CA LYS A 157 -19.28 51.30 -106.76
C LYS A 157 -20.02 50.10 -106.17
N PRO A 162 -19.48 46.23 -103.69
CA PRO A 162 -19.65 46.16 -105.15
C PRO A 162 -20.76 45.21 -105.58
N SER A 163 -20.88 44.07 -104.91
CA SER A 163 -21.90 43.08 -105.23
C SER A 163 -22.78 42.85 -104.01
N LEU A 164 -23.80 42.02 -104.20
CA LEU A 164 -24.84 41.81 -103.20
C LEU A 164 -25.15 40.33 -103.06
N ALA A 165 -25.55 39.93 -101.86
CA ALA A 165 -25.98 38.57 -101.58
C ALA A 165 -27.46 38.55 -101.21
N VAL A 166 -28.18 37.55 -101.71
CA VAL A 166 -29.61 37.43 -101.50
C VAL A 166 -29.90 36.07 -100.88
N SER A 167 -30.64 36.06 -99.77
CA SER A 167 -31.08 34.83 -99.14
C SER A 167 -32.52 35.00 -98.66
N SER A 168 -33.32 33.95 -98.82
CA SER A 168 -34.71 33.97 -98.42
C SER A 168 -34.82 33.69 -96.92
N ASN A 169 -36.04 33.41 -96.45
CA ASN A 169 -36.27 33.09 -95.05
C ASN A 169 -35.83 31.65 -94.75
N GLU A 170 -34.53 31.41 -94.95
CA GLU A 170 -33.98 30.07 -94.78
C GLU A 170 -34.05 29.61 -93.33
N PHE A 171 -33.91 30.53 -92.38
CA PHE A 171 -34.03 30.18 -90.98
C PHE A 171 -35.44 29.71 -90.66
N GLU A 172 -35.55 28.65 -89.88
CA GLU A 172 -36.84 28.09 -89.50
C GLU A 172 -36.97 28.06 -87.98
N PRO A 173 -37.62 29.06 -87.37
CA PRO A 173 -37.77 29.05 -85.91
C PRO A 173 -38.49 27.82 -85.39
N SER A 174 -39.42 27.27 -86.16
CA SER A 174 -40.07 26.02 -85.74
C SER A 174 -39.06 24.89 -85.62
N ASN A 175 -38.14 24.80 -86.59
CA ASN A 175 -37.04 23.84 -86.46
C ASN A 175 -36.14 24.19 -85.28
N SER A 176 -35.91 25.49 -85.05
CA SER A 176 -35.10 25.92 -83.92
C SER A 176 -35.71 25.56 -82.58
N HIS A 177 -37.00 25.21 -82.55
CA HIS A 177 -37.63 24.81 -81.31
C HIS A 177 -37.00 23.53 -80.75
N MET A 178 -36.54 22.63 -81.62
CA MET A 178 -35.85 21.43 -81.17
C MET A 178 -34.44 21.30 -81.74
N VAL A 179 -33.88 22.36 -82.32
CA VAL A 179 -32.49 22.35 -82.75
C VAL A 179 -31.81 23.61 -82.22
N LYS A 180 -30.48 23.56 -82.18
CA LYS A 180 -29.70 24.66 -81.67
C LYS A 180 -29.74 25.85 -82.64
N SER A 181 -29.32 27.01 -82.13
CA SER A 181 -29.33 28.23 -82.93
C SER A 181 -28.43 28.09 -84.15
N TYR A 182 -28.86 28.70 -85.25
CA TYR A 182 -28.13 28.62 -86.51
C TYR A 182 -26.94 29.58 -86.50
N SER A 183 -26.04 29.39 -87.47
CA SER A 183 -24.83 30.20 -87.55
C SER A 183 -24.40 30.32 -89.00
N LEU A 184 -23.59 31.33 -89.29
CA LEU A 184 -23.12 31.62 -90.63
C LEU A 184 -21.64 31.29 -90.76
N LEU A 185 -21.23 30.93 -91.98
CA LEU A 185 -19.85 30.60 -92.29
C LEU A 185 -19.39 31.42 -93.49
N PHE A 186 -18.07 31.57 -93.61
CA PHE A 186 -17.45 32.28 -94.72
C PHE A 186 -16.26 31.48 -95.22
N ARG A 187 -16.18 31.27 -96.53
CA ARG A 187 -15.11 30.50 -97.15
C ARG A 187 -14.39 31.36 -98.18
N VAL A 188 -13.46 30.74 -98.89
CA VAL A 188 -12.70 31.42 -99.94
C VAL A 188 -12.75 30.61 -101.23
N PHE A 229 -8.62 31.31 -93.96
CA PHE A 229 -9.50 31.62 -95.08
C PHE A 229 -10.95 31.40 -94.71
N VAL A 230 -11.22 31.21 -93.42
CA VAL A 230 -12.55 30.80 -92.98
C VAL A 230 -12.80 31.39 -91.60
N ALA A 231 -14.07 31.76 -91.35
CA ALA A 231 -14.51 32.23 -90.04
C ALA A 231 -15.96 31.82 -89.85
N GLN A 232 -16.36 31.72 -88.58
CA GLN A 232 -17.72 31.34 -88.22
C GLN A 232 -18.32 32.38 -87.28
N MET A 233 -19.60 32.70 -87.51
CA MET A 233 -20.34 33.57 -86.62
C MET A 233 -21.76 33.04 -86.49
N THR A 234 -22.38 33.30 -85.34
CA THR A 234 -23.69 32.75 -85.00
C THR A 234 -24.76 33.81 -85.17
N VAL A 235 -25.85 33.42 -85.85
CA VAL A 235 -26.93 34.36 -86.16
C VAL A 235 -28.02 34.35 -85.10
N PHE A 236 -28.36 33.18 -84.56
CA PHE A 236 -29.41 33.06 -83.57
C PHE A 236 -28.82 32.77 -82.19
N ASP A 237 -29.67 32.90 -81.17
CA ASP A 237 -29.27 32.70 -79.80
C ASP A 237 -30.33 31.89 -79.07
N LYS A 238 -29.91 31.21 -78.01
CA LYS A 238 -30.83 30.41 -77.20
C LYS A 238 -31.75 31.25 -76.33
N ASN A 239 -31.51 32.56 -76.22
CA ASN A 239 -32.29 33.43 -75.38
C ASN A 239 -33.34 34.23 -76.15
N ARG A 240 -33.63 33.80 -77.39
CA ARG A 240 -34.68 34.40 -78.22
C ARG A 240 -34.40 35.89 -78.46
N ARG A 241 -33.30 36.12 -79.17
CA ARG A 241 -32.99 37.46 -79.67
C ARG A 241 -32.11 37.32 -80.90
N LEU A 242 -32.35 38.18 -81.90
CA LEU A 242 -31.55 38.16 -83.11
C LEU A 242 -30.25 38.92 -82.88
N GLN A 243 -29.13 38.24 -83.12
CA GLN A 243 -27.83 38.84 -82.90
C GLN A 243 -27.51 39.95 -83.89
N LEU A 244 -28.14 39.95 -85.06
CA LEU A 244 -27.77 40.83 -86.16
C LEU A 244 -28.85 41.87 -86.41
N LEU A 245 -28.56 42.76 -87.35
CA LEU A 245 -29.42 43.88 -87.73
C LEU A 245 -28.89 44.43 -89.05
N ASP A 246 -29.39 45.59 -89.46
CA ASP A 246 -28.92 46.28 -90.66
C ASP A 246 -27.84 47.27 -90.25
N GLY A 247 -26.58 46.87 -90.38
CA GLY A 247 -25.48 47.73 -89.98
C GLY A 247 -24.16 47.28 -90.57
N GLU A 248 -23.13 48.04 -90.27
CA GLU A 248 -21.78 47.76 -90.77
C GLU A 248 -21.17 46.57 -90.05
N TYR A 249 -20.44 45.74 -90.79
CA TYR A 249 -19.72 44.61 -90.23
C TYR A 249 -18.31 44.54 -90.79
N GLU A 250 -17.40 44.00 -89.99
CA GLU A 250 -16.04 43.70 -90.43
C GLU A 250 -15.62 42.40 -89.75
N VAL A 251 -15.68 41.30 -90.51
CA VAL A 251 -15.43 39.97 -89.99
C VAL A 251 -14.05 39.49 -90.45
N ALA A 252 -13.33 38.83 -89.55
CA ALA A 252 -11.96 38.39 -89.79
C ALA A 252 -11.91 36.87 -89.87
N MET A 253 -11.32 36.35 -90.94
CA MET A 253 -11.14 34.93 -91.14
C MET A 253 -9.90 34.42 -90.39
N GLN A 254 -9.72 33.11 -90.44
CA GLN A 254 -8.52 32.44 -89.94
C GLN A 254 -8.10 31.38 -90.95
N GLU A 255 -6.82 31.02 -90.91
CA GLU A 255 -6.24 30.09 -91.87
C GLU A 255 -5.95 28.76 -91.17
N MET A 256 -6.41 27.67 -91.79
CA MET A 256 -6.19 26.32 -91.30
C MET A 256 -6.64 26.15 -89.85
N GLN A 285 -7.24 41.72 -87.39
CA GLN A 285 -5.98 41.31 -88.00
C GLN A 285 -6.15 40.01 -88.77
N GLY A 286 -5.12 39.65 -89.55
CA GLY A 286 -5.15 38.46 -90.36
C GLY A 286 -6.15 38.54 -91.49
N PRO A 287 -6.61 37.39 -91.98
CA PRO A 287 -7.62 37.39 -93.04
C PRO A 287 -8.91 38.02 -92.55
N THR A 288 -9.53 38.81 -93.42
CA THR A 288 -10.72 39.55 -93.03
C THR A 288 -11.48 40.02 -94.27
N LEU A 289 -12.72 40.44 -94.05
CA LEU A 289 -13.58 40.92 -95.12
C LEU A 289 -14.57 41.92 -94.54
N GLN A 290 -14.99 42.86 -95.38
CA GLN A 290 -15.99 43.87 -95.02
C GLN A 290 -17.28 43.61 -95.76
N PHE A 291 -18.41 43.87 -95.09
CA PHE A 291 -19.72 43.71 -95.69
C PHE A 291 -20.74 44.35 -94.75
N THR A 292 -21.97 44.48 -95.24
CA THR A 292 -23.07 44.99 -94.44
C THR A 292 -24.36 44.33 -94.90
N LEU A 293 -25.34 44.31 -94.00
CA LEU A 293 -26.60 43.62 -94.22
C LEU A 293 -27.66 44.57 -94.77
N ARG A 294 -28.77 44.01 -95.24
CA ARG A 294 -29.94 44.80 -95.61
C ARG A 294 -31.17 43.91 -95.46
N TRP A 295 -32.34 44.56 -95.38
CA TRP A 295 -33.56 43.86 -95.00
C TRP A 295 -34.64 43.89 -96.08
N THR A 296 -34.28 43.61 -97.33
CA THR A 296 -35.28 43.49 -98.38
C THR A 296 -35.25 42.12 -99.03
N LEU A 360 -10.57 40.05 -36.01
CA LEU A 360 -10.28 38.96 -35.09
C LEU A 360 -9.63 37.81 -35.87
N ARG A 361 -8.31 37.92 -36.05
CA ARG A 361 -7.58 37.01 -36.91
C ARG A 361 -7.51 35.61 -36.32
N ILE A 362 -7.49 34.61 -37.19
CA ILE A 362 -7.39 33.20 -36.81
C ILE A 362 -6.11 32.65 -37.44
N PHE A 363 -5.70 31.47 -36.96
CA PHE A 363 -4.51 30.81 -37.46
C PHE A 363 -4.80 29.33 -37.62
N TYR A 364 -4.08 28.68 -38.52
CA TYR A 364 -4.21 27.23 -38.75
C TYR A 364 -2.84 26.58 -38.57
N GLN A 365 -2.53 26.22 -37.33
CA GLN A 365 -1.25 25.59 -37.05
C GLN A 365 -1.22 24.15 -37.57
N PHE A 366 -0.13 23.80 -38.26
CA PHE A 366 0.12 22.44 -38.67
C PHE A 366 1.28 21.90 -37.84
N LEU A 367 1.06 20.77 -37.18
CA LEU A 367 2.05 20.21 -36.25
C LEU A 367 2.37 18.77 -36.64
N TYR A 368 3.64 18.40 -36.49
CA TYR A 368 4.12 17.05 -36.75
C TYR A 368 4.92 16.57 -35.54
N ASN A 369 4.21 16.01 -34.56
CA ASN A 369 4.83 15.28 -33.44
C ASN A 369 5.88 16.14 -32.74
N ASN A 370 5.58 17.44 -32.58
CA ASN A 370 6.48 18.41 -31.96
C ASN A 370 7.80 18.56 -32.70
N ASN A 371 7.87 18.07 -33.94
CA ASN A 371 9.08 18.17 -34.75
C ASN A 371 9.03 19.33 -35.74
N THR A 372 7.95 19.45 -36.48
CA THR A 372 7.76 20.55 -37.43
C THR A 372 6.45 21.25 -37.11
N ARG A 373 6.49 22.59 -37.13
CA ARG A 373 5.34 23.42 -36.79
C ARG A 373 5.05 24.36 -37.94
N GLN A 374 4.02 24.07 -38.72
CA GLN A 374 3.61 24.92 -39.84
C GLN A 374 2.37 25.70 -39.43
N GLN A 375 2.58 26.83 -38.77
CA GLN A 375 1.48 27.73 -38.48
C GLN A 375 1.07 28.46 -39.75
N THR A 376 -0.23 28.52 -40.02
CA THR A 376 -0.75 29.18 -41.21
C THR A 376 -1.85 30.14 -40.80
N GLU A 377 -1.68 31.42 -41.15
CA GLU A 377 -2.63 32.45 -40.79
C GLU A 377 -3.94 32.29 -41.56
N ALA A 378 -5.04 32.64 -40.91
CA ALA A 378 -6.35 32.62 -41.57
C ALA A 378 -6.47 33.80 -42.52
N ARG A 379 -6.55 33.51 -43.82
CA ARG A 379 -6.66 34.55 -44.82
C ARG A 379 -8.04 35.16 -44.70
N ASP A 380 -8.15 36.25 -43.91
CA ASP A 380 -9.41 36.82 -43.48
C ASP A 380 -10.17 35.84 -42.60
N ASP A 381 -11.26 36.28 -41.99
CA ASP A 381 -12.00 35.46 -41.04
C ASP A 381 -13.22 34.84 -41.70
N LEU A 382 -13.75 33.81 -41.04
CA LEU A 382 -15.00 33.15 -41.44
C LEU A 382 -14.91 32.57 -42.85
N HIS A 383 -13.78 31.93 -43.16
CA HIS A 383 -13.60 31.26 -44.44
C HIS A 383 -12.66 30.08 -44.28
N CYS A 384 -13.04 28.96 -44.88
CA CYS A 384 -12.25 27.74 -44.78
C CYS A 384 -10.93 27.88 -45.55
N PRO A 385 -9.85 27.25 -45.10
CA PRO A 385 -8.62 27.26 -45.90
C PRO A 385 -8.75 26.53 -47.23
N TRP A 386 -9.23 25.28 -47.21
CA TRP A 386 -9.31 24.47 -48.42
C TRP A 386 -10.62 24.70 -49.17
N CYS A 387 -11.76 24.48 -48.52
CA CYS A 387 -13.04 24.64 -49.18
C CYS A 387 -13.40 26.11 -49.40
N THR A 388 -12.96 26.99 -48.51
CA THR A 388 -13.24 28.42 -48.59
C THR A 388 -14.75 28.69 -48.65
N LEU A 389 -15.51 27.93 -47.88
CA LEU A 389 -16.96 28.13 -47.84
C LEU A 389 -17.31 29.43 -47.13
N ASN A 390 -18.30 30.14 -47.65
CA ASN A 390 -18.74 31.41 -47.08
C ASN A 390 -19.74 31.15 -45.96
N CYS A 391 -19.21 30.59 -44.86
CA CYS A 391 -20.06 30.24 -43.72
C CYS A 391 -20.52 31.48 -42.96
N ARG A 392 -19.67 32.50 -42.88
CA ARG A 392 -19.95 33.82 -42.30
C ARG A 392 -20.14 33.78 -40.79
N LYS A 393 -20.00 32.62 -40.14
CA LYS A 393 -19.97 32.56 -38.68
C LYS A 393 -19.18 31.34 -38.26
N LEU A 394 -18.60 31.42 -37.05
CA LEU A 394 -17.58 30.44 -36.65
C LEU A 394 -18.15 29.04 -36.52
N TYR A 395 -19.32 28.88 -35.88
CA TYR A 395 -19.88 27.54 -35.67
C TYR A 395 -20.15 26.89 -37.02
N SER A 396 -20.80 27.62 -37.94
CA SER A 396 -21.02 27.08 -39.28
C SER A 396 -19.71 26.90 -40.03
N LEU A 397 -18.65 27.58 -39.63
CA LEU A 397 -17.35 27.44 -40.28
C LEU A 397 -16.62 26.19 -39.78
N LEU A 398 -16.31 26.16 -38.48
CA LEU A 398 -15.51 25.05 -37.94
C LEU A 398 -16.24 23.72 -38.13
N LYS A 399 -17.57 23.75 -38.08
CA LYS A 399 -18.35 22.60 -38.51
C LYS A 399 -17.93 22.16 -39.91
N HIS A 400 -17.91 23.09 -40.85
CA HIS A 400 -17.54 22.78 -42.22
C HIS A 400 -16.11 22.27 -42.30
N LEU A 401 -15.22 22.84 -41.48
CA LEU A 401 -13.87 22.31 -41.37
C LEU A 401 -13.87 20.89 -40.85
N LYS A 402 -14.71 20.61 -39.85
CA LYS A 402 -14.81 19.24 -39.35
C LYS A 402 -15.34 18.29 -40.42
N LEU A 403 -16.34 18.73 -41.18
CA LEU A 403 -17.01 17.88 -42.15
C LEU A 403 -16.28 17.82 -43.49
N CYS A 404 -16.09 18.98 -44.13
CA CYS A 404 -15.46 19.00 -45.45
C CYS A 404 -14.01 18.57 -45.41
N HIS A 405 -13.39 18.56 -44.23
CA HIS A 405 -11.98 18.23 -44.09
C HIS A 405 -11.76 17.27 -42.94
N SER A 406 -12.63 16.27 -42.81
CA SER A 406 -12.47 15.23 -41.80
C SER A 406 -11.27 14.34 -42.07
N ARG A 407 -10.71 14.38 -43.28
CA ARG A 407 -9.50 13.61 -43.58
C ARG A 407 -8.32 14.09 -42.73
N PHE A 408 -8.41 15.27 -42.14
CA PHE A 408 -7.47 15.79 -41.17
C PHE A 408 -8.12 15.76 -39.79
N ILE A 409 -7.41 16.29 -38.80
CA ILE A 409 -7.97 16.49 -37.47
C ILE A 409 -8.05 17.99 -37.20
N PHE A 410 -9.04 18.38 -36.40
CA PHE A 410 -9.33 19.77 -36.11
C PHE A 410 -9.13 20.07 -34.64
N ASN A 411 -8.69 21.30 -34.35
CA ASN A 411 -8.45 21.72 -32.98
C ASN A 411 -8.54 23.24 -32.91
N TYR A 412 -9.64 23.74 -32.32
CA TYR A 412 -9.77 25.14 -32.02
C TYR A 412 -8.86 25.52 -30.86
N VAL A 413 -8.31 26.74 -30.94
CA VAL A 413 -7.54 27.34 -29.85
C VAL A 413 -8.09 28.74 -29.63
N TYR A 414 -8.24 29.14 -28.38
CA TYR A 414 -8.79 30.46 -28.09
C TYR A 414 -7.76 31.53 -28.42
N HIS A 415 -7.95 32.22 -29.54
CA HIS A 415 -7.23 33.45 -29.78
C HIS A 415 -7.65 34.46 -28.71
N PRO A 416 -6.72 35.31 -28.26
CA PRO A 416 -7.07 36.29 -27.21
C PRO A 416 -8.29 37.12 -27.56
N LYS A 417 -8.44 37.49 -28.85
CA LYS A 417 -9.64 38.19 -29.31
C LYS A 417 -10.65 37.21 -29.90
N GLY A 418 -10.24 36.45 -30.90
CA GLY A 418 -11.15 35.58 -31.61
C GLY A 418 -10.85 34.09 -31.52
N ALA A 419 -10.49 33.50 -32.66
CA ALA A 419 -10.30 32.06 -32.77
C ALA A 419 -8.90 31.75 -33.26
N ARG A 420 -8.43 30.55 -32.91
CA ARG A 420 -7.17 30.01 -33.42
C ARG A 420 -7.37 28.52 -33.66
N ILE A 421 -6.72 27.98 -34.67
CA ILE A 421 -6.90 26.59 -35.07
C ILE A 421 -5.54 25.93 -35.21
N ASP A 422 -5.43 24.71 -34.67
CA ASP A 422 -4.31 23.83 -34.92
C ASP A 422 -4.84 22.55 -35.56
N VAL A 423 -4.22 22.11 -36.65
CA VAL A 423 -4.66 20.92 -37.36
C VAL A 423 -3.46 20.03 -37.67
N SER A 424 -3.73 18.75 -37.84
CA SER A 424 -2.71 17.75 -38.12
C SER A 424 -3.37 16.61 -38.90
N ILE A 425 -2.68 15.49 -39.00
CA ILE A 425 -3.17 14.35 -39.76
C ILE A 425 -4.22 13.59 -38.95
N ASN A 426 -5.25 13.10 -39.64
CA ASN A 426 -6.20 12.18 -39.05
C ASN A 426 -5.52 10.83 -38.93
N GLU A 427 -5.13 10.46 -37.70
CA GLU A 427 -4.28 9.29 -37.51
C GLU A 427 -4.96 8.01 -37.99
N CYS A 428 -6.24 7.85 -37.70
CA CYS A 428 -6.99 6.64 -38.05
C CYS A 428 -8.25 7.02 -38.83
N TYR A 429 -8.09 7.87 -39.84
CA TYR A 429 -9.21 8.29 -40.66
C TYR A 429 -9.88 7.07 -41.28
N ASP A 430 -11.22 7.04 -41.21
CA ASP A 430 -12.00 5.88 -41.61
C ASP A 430 -12.22 5.80 -43.12
N GLY A 431 -11.48 6.57 -43.91
CA GLY A 431 -11.60 6.48 -45.35
C GLY A 431 -11.31 5.07 -45.86
N SER A 432 -12.23 4.52 -46.64
CA SER A 432 -12.10 3.18 -47.19
C SER A 432 -13.16 3.03 -48.28
N TYR A 433 -13.34 1.81 -48.77
CA TYR A 433 -14.38 1.54 -49.76
C TYR A 433 -15.73 1.41 -49.06
N ALA A 434 -16.79 1.82 -49.76
CA ALA A 434 -18.13 1.85 -49.19
C ALA A 434 -19.06 0.79 -49.75
N GLY A 435 -18.88 0.36 -51.00
CA GLY A 435 -19.76 -0.60 -51.60
C GLY A 435 -19.50 -2.03 -51.14
N ASN A 436 -19.64 -2.98 -52.04
CA ASN A 436 -19.40 -4.38 -51.71
C ASN A 436 -17.91 -4.59 -51.46
N PRO A 437 -17.50 -5.04 -50.27
CA PRO A 437 -16.06 -5.24 -50.03
C PRO A 437 -15.41 -6.20 -51.01
N GLN A 438 -16.18 -7.14 -51.55
CA GLN A 438 -15.67 -8.09 -52.53
C GLN A 438 -15.40 -7.44 -53.89
N ASP A 439 -15.89 -6.22 -54.11
CA ASP A 439 -15.65 -5.54 -55.38
C ASP A 439 -14.15 -5.44 -55.67
N ILE A 440 -13.35 -5.19 -54.62
CA ILE A 440 -11.90 -5.29 -54.78
C ILE A 440 -11.49 -6.74 -54.96
N HIS A 441 -12.15 -7.65 -54.23
CA HIS A 441 -11.69 -9.03 -54.14
C HIS A 441 -11.85 -9.77 -55.47
N ARG A 442 -12.82 -9.40 -56.29
CA ARG A 442 -12.89 -9.98 -57.62
C ARG A 442 -11.74 -9.45 -58.48
N GLN A 443 -11.38 -10.24 -59.49
CA GLN A 443 -10.23 -9.89 -60.32
C GLN A 443 -10.48 -8.57 -61.05
N PRO A 444 -9.43 -7.79 -61.30
CA PRO A 444 -9.62 -6.49 -61.96
C PRO A 444 -10.11 -6.66 -63.39
N GLY A 445 -10.75 -5.61 -63.90
CA GLY A 445 -11.47 -5.69 -65.14
C GLY A 445 -12.92 -6.06 -64.86
N PHE A 446 -13.12 -7.27 -64.34
CA PHE A 446 -14.41 -7.60 -63.74
C PHE A 446 -14.68 -6.74 -62.51
N ALA A 447 -13.64 -6.48 -61.72
CA ALA A 447 -13.78 -5.62 -60.55
C ALA A 447 -14.17 -4.22 -60.97
N PHE A 448 -15.19 -3.67 -60.29
CA PHE A 448 -15.68 -2.32 -60.51
C PHE A 448 -16.15 -2.12 -61.95
N SER A 449 -16.54 -3.21 -62.61
CA SER A 449 -17.04 -3.10 -63.98
C SER A 449 -18.34 -2.31 -64.03
N ARG A 450 -19.24 -2.55 -63.07
CA ARG A 450 -20.55 -1.91 -63.03
C ARG A 450 -21.26 -2.13 -64.36
N ASN A 451 -21.58 -3.40 -64.63
CA ASN A 451 -22.17 -3.76 -65.91
C ASN A 451 -23.26 -4.82 -65.80
N GLY A 452 -23.61 -5.26 -64.60
CA GLY A 452 -24.59 -6.31 -64.44
C GLY A 452 -25.06 -6.47 -63.01
N PRO A 453 -26.08 -7.30 -62.82
CA PRO A 453 -26.60 -7.54 -61.47
C PRO A 453 -25.57 -8.21 -60.59
N VAL A 454 -25.61 -7.90 -59.30
CA VAL A 454 -24.70 -8.45 -58.31
C VAL A 454 -25.52 -9.03 -57.18
N LYS A 455 -25.12 -10.20 -56.69
CA LYS A 455 -25.76 -10.82 -55.53
C LYS A 455 -25.01 -10.35 -54.28
N ARG A 456 -25.69 -9.53 -53.47
CA ARG A 456 -25.11 -9.00 -52.25
C ARG A 456 -25.99 -9.39 -51.06
N THR A 457 -25.33 -9.65 -49.94
CA THR A 457 -26.02 -10.09 -48.74
C THR A 457 -26.86 -8.96 -48.16
N PRO A 458 -27.85 -9.28 -47.32
CA PRO A 458 -28.66 -8.21 -46.71
C PRO A 458 -27.91 -7.52 -45.58
N ILE A 459 -27.72 -6.21 -45.71
CA ILE A 459 -27.15 -5.38 -44.66
C ILE A 459 -28.08 -4.18 -44.46
N THR A 460 -28.39 -3.89 -43.20
CA THR A 460 -29.23 -2.74 -42.87
C THR A 460 -28.52 -1.88 -41.84
N HIS A 461 -28.38 -0.59 -42.14
CA HIS A 461 -27.75 0.37 -41.26
C HIS A 461 -28.63 1.59 -41.09
N ILE A 462 -28.63 2.15 -39.89
CA ILE A 462 -29.34 3.38 -39.58
C ILE A 462 -28.36 4.31 -38.88
N LEU A 463 -28.22 5.52 -39.42
CA LEU A 463 -27.26 6.49 -38.90
C LEU A 463 -27.91 7.51 -37.96
N VAL A 464 -28.99 8.14 -38.40
CA VAL A 464 -29.62 9.21 -37.65
C VAL A 464 -31.03 8.76 -37.27
N CYS A 465 -31.29 8.66 -35.97
CA CYS A 465 -32.60 8.28 -35.45
C CYS A 465 -33.35 9.52 -35.01
N ARG A 466 -32.94 10.18 -33.93
CA ARG A 466 -33.62 11.35 -33.34
C ARG A 466 -32.66 12.49 -33.01
N PRO A 467 -33.10 13.75 -33.16
CA PRO A 467 -32.28 14.94 -32.93
C PRO A 467 -32.22 15.37 -31.45
N LYS A 468 -31.66 14.51 -30.60
CA LYS A 468 -31.23 14.94 -29.26
C LYS A 468 -29.80 14.53 -28.98
N ARG A 469 -29.32 14.83 -27.77
CA ARG A 469 -27.98 14.48 -27.23
C ARG A 469 -26.79 14.87 -28.13
N THR A 470 -27.03 15.78 -29.08
CA THR A 470 -26.18 16.22 -30.20
C THR A 470 -26.42 17.73 -30.38
N LYS A 471 -25.37 18.56 -30.43
CA LYS A 471 -25.49 19.97 -30.01
C LYS A 471 -24.70 21.00 -30.83
N ALA A 472 -25.10 22.27 -30.69
CA ALA A 472 -24.39 23.45 -31.19
C ALA A 472 -24.14 24.50 -30.07
N SER A 473 -23.95 25.77 -30.42
CA SER A 473 -23.31 26.82 -29.60
C SER A 473 -21.80 26.62 -29.36
N MET A 474 -21.15 27.70 -28.94
CA MET A 474 -19.72 27.92 -28.80
C MET A 474 -18.97 26.72 -28.19
N SER A 475 -19.45 26.22 -27.05
CA SER A 475 -18.78 25.18 -26.28
C SER A 475 -18.64 23.84 -27.02
N GLU A 476 -19.48 23.52 -28.00
CA GLU A 476 -19.47 22.17 -28.58
C GLU A 476 -18.28 21.90 -29.46
N PHE A 477 -17.79 22.88 -30.24
CA PHE A 477 -16.51 22.68 -30.90
C PHE A 477 -15.37 22.68 -29.87
N LEU A 478 -15.30 23.62 -28.94
CA LEU A 478 -14.26 23.62 -27.91
C LEU A 478 -14.16 22.28 -27.20
N GLU A 479 -15.28 21.74 -26.73
CA GLU A 479 -15.32 20.43 -26.08
C GLU A 479 -14.91 19.33 -27.06
N SER A 480 -15.20 19.47 -28.35
CA SER A 480 -14.79 18.48 -29.35
C SER A 480 -13.28 18.47 -29.55
N GLU A 481 -12.65 19.66 -29.59
CA GLU A 481 -11.21 19.71 -29.82
C GLU A 481 -10.45 19.07 -28.66
N ASP A 482 -10.82 19.40 -27.41
CA ASP A 482 -10.23 18.81 -26.22
C ASP A 482 -10.45 17.30 -26.19
N THR A 490 -25.58 4.61 -36.34
CA THR A 490 -24.77 3.40 -36.31
C THR A 490 -25.58 2.12 -35.99
N TYR A 491 -26.88 2.05 -36.29
CA TYR A 491 -27.69 0.85 -36.06
C TYR A 491 -27.38 -0.17 -37.17
N SER A 492 -26.17 -0.70 -37.10
CA SER A 492 -25.71 -1.68 -38.08
C SER A 492 -26.44 -3.01 -37.90
N SER A 493 -26.61 -3.72 -39.01
CA SER A 493 -27.21 -5.05 -39.01
C SER A 493 -26.98 -5.68 -40.37
N GLY A 494 -26.77 -6.99 -40.37
CA GLY A 494 -26.50 -7.73 -41.60
C GLY A 494 -25.04 -8.11 -41.73
N HIS A 495 -24.73 -8.70 -42.89
CA HIS A 495 -23.38 -9.19 -43.18
C HIS A 495 -22.53 -8.04 -43.69
N ASN A 496 -22.20 -7.13 -42.77
CA ASN A 496 -21.55 -5.88 -43.14
C ASN A 496 -20.18 -6.12 -43.76
N ARG A 497 -19.25 -6.65 -42.99
CA ARG A 497 -17.91 -6.90 -43.48
C ARG A 497 -17.90 -8.13 -44.41
N LEU A 498 -16.82 -8.26 -45.17
CA LEU A 498 -16.65 -9.41 -46.04
C LEU A 498 -16.21 -10.61 -45.22
N TYR A 499 -16.86 -11.74 -45.43
CA TYR A 499 -16.58 -12.95 -44.69
C TYR A 499 -15.79 -13.92 -45.57
N PHE A 500 -14.94 -14.71 -44.93
CA PHE A 500 -13.96 -15.52 -45.64
C PHE A 500 -14.19 -16.99 -45.35
N HIS A 501 -13.71 -17.84 -46.25
CA HIS A 501 -13.89 -19.28 -46.13
C HIS A 501 -13.24 -19.79 -44.85
N SER A 502 -13.89 -20.78 -44.23
CA SER A 502 -13.32 -21.41 -43.04
C SER A 502 -12.14 -22.32 -43.37
N ASP A 503 -12.05 -22.81 -44.61
CA ASP A 503 -10.96 -23.70 -45.02
C ASP A 503 -9.87 -22.95 -45.77
N THR A 504 -10.22 -22.31 -46.89
CA THR A 504 -9.22 -21.62 -47.69
C THR A 504 -8.93 -20.21 -47.18
N CYS A 505 -9.81 -19.66 -46.34
CA CYS A 505 -9.66 -18.32 -45.79
C CYS A 505 -9.69 -17.24 -46.86
N LEU A 506 -10.31 -17.53 -47.99
CA LEU A 506 -10.64 -16.58 -49.04
C LEU A 506 -12.06 -16.09 -48.86
N PRO A 507 -12.41 -14.92 -49.41
CA PRO A 507 -13.75 -14.37 -49.19
C PRO A 507 -14.84 -15.33 -49.67
N LEU A 508 -15.94 -15.36 -48.93
CA LEU A 508 -17.01 -16.31 -49.15
C LEU A 508 -18.06 -15.69 -50.08
N ARG A 509 -18.40 -16.41 -51.14
CA ARG A 509 -19.30 -15.87 -52.15
C ARG A 509 -20.71 -15.74 -51.61
N PRO A 510 -21.40 -14.63 -51.87
CA PRO A 510 -22.80 -14.50 -51.40
C PRO A 510 -23.71 -15.59 -51.93
N GLN A 511 -23.40 -16.19 -53.07
CA GLN A 511 -24.19 -17.28 -53.61
C GLN A 511 -24.14 -18.54 -52.75
N GLU A 512 -23.21 -18.66 -51.81
CA GLU A 512 -23.00 -19.91 -51.09
C GLU A 512 -22.81 -19.69 -49.60
N MET A 513 -23.70 -18.93 -48.96
CA MET A 513 -23.68 -18.83 -47.51
C MET A 513 -23.85 -20.19 -46.84
N GLU A 514 -24.87 -20.94 -47.26
CA GLU A 514 -25.18 -22.19 -46.58
C GLU A 514 -24.19 -23.29 -46.94
N VAL A 515 -23.75 -23.36 -48.20
CA VAL A 515 -22.88 -24.45 -48.62
C VAL A 515 -21.52 -24.36 -47.94
N ASP A 516 -20.97 -23.15 -47.86
CA ASP A 516 -19.62 -22.96 -47.30
C ASP A 516 -19.68 -23.10 -45.78
N SER A 517 -19.99 -24.31 -45.34
CA SER A 517 -20.04 -24.64 -43.93
C SER A 517 -18.75 -25.30 -43.44
N GLU A 518 -18.22 -26.25 -44.21
CA GLU A 518 -17.01 -27.00 -43.85
C GLU A 518 -17.14 -27.66 -42.49
N ASP A 519 -18.37 -27.91 -42.05
CA ASP A 519 -18.65 -28.55 -40.77
C ASP A 519 -18.98 -30.00 -41.05
N GLU A 520 -17.99 -30.87 -40.93
CA GLU A 520 -18.16 -32.29 -41.14
C GLU A 520 -17.60 -33.03 -39.94
N LYS A 521 -17.98 -34.30 -39.82
CA LYS A 521 -17.57 -35.09 -38.66
C LYS A 521 -16.07 -35.36 -38.62
N ASP A 522 -15.37 -35.24 -39.75
CA ASP A 522 -13.95 -35.52 -39.77
C ASP A 522 -13.26 -34.87 -40.97
N PRO A 523 -12.23 -34.06 -40.74
CA PRO A 523 -11.45 -33.54 -41.87
C PRO A 523 -10.70 -34.65 -42.58
N GLU A 524 -10.45 -34.44 -43.88
CA GLU A 524 -9.88 -35.49 -44.71
C GLU A 524 -8.48 -35.89 -44.28
N TRP A 525 -7.67 -34.93 -43.83
CA TRP A 525 -6.28 -35.24 -43.52
C TRP A 525 -6.15 -36.15 -42.31
N LEU A 526 -7.07 -36.02 -41.36
CA LEU A 526 -7.03 -36.88 -40.17
C LEU A 526 -7.18 -38.35 -40.55
N ARG A 527 -7.86 -38.64 -41.65
CA ARG A 527 -8.02 -40.03 -42.07
C ARG A 527 -6.67 -40.70 -42.34
N GLU A 528 -5.78 -40.00 -43.05
CA GLU A 528 -4.45 -40.55 -43.31
C GLU A 528 -3.50 -40.39 -42.13
N LYS A 529 -3.78 -39.46 -41.22
CA LYS A 529 -2.96 -39.35 -40.01
C LYS A 529 -3.01 -40.65 -39.19
N THR A 530 -4.22 -41.13 -38.91
CA THR A 530 -4.35 -42.40 -38.21
C THR A 530 -3.91 -43.56 -39.10
N ILE A 531 -4.11 -43.45 -40.42
CA ILE A 531 -3.60 -44.46 -41.34
C ILE A 531 -2.10 -44.59 -41.19
N THR A 532 -1.39 -43.46 -41.17
CA THR A 532 0.04 -43.48 -40.87
C THR A 532 0.29 -43.96 -39.45
N GLN A 533 -0.54 -43.53 -38.50
CA GLN A 533 -0.37 -43.95 -37.11
C GLN A 533 -0.60 -45.44 -36.94
N ILE A 534 -1.55 -46.02 -37.67
CA ILE A 534 -1.76 -47.46 -37.59
C ILE A 534 -0.65 -48.20 -38.33
N GLU A 535 -0.34 -47.78 -39.56
CA GLU A 535 0.57 -48.54 -40.41
C GLU A 535 2.00 -48.57 -39.88
N GLU A 536 2.38 -47.62 -39.03
CA GLU A 536 3.75 -47.58 -38.52
C GLU A 536 4.08 -48.81 -37.69
N PHE A 537 3.08 -49.51 -37.15
CA PHE A 537 3.32 -50.65 -36.28
C PHE A 537 3.98 -51.77 -37.06
N SER A 538 5.27 -51.99 -36.81
CA SER A 538 5.99 -53.08 -37.44
C SER A 538 5.56 -54.45 -36.91
N ASP A 539 4.77 -54.50 -35.84
CA ASP A 539 4.41 -55.74 -35.18
C ASP A 539 2.98 -56.16 -35.46
N VAL A 540 2.30 -55.53 -36.41
CA VAL A 540 0.89 -55.79 -36.68
C VAL A 540 0.75 -56.19 -38.15
N ASN A 541 0.00 -57.25 -38.40
CA ASN A 541 -0.20 -57.75 -39.75
C ASN A 541 -1.03 -56.78 -40.58
N GLU A 542 -0.95 -56.95 -41.90
CA GLU A 542 -1.68 -56.06 -42.79
C GLU A 542 -3.18 -56.37 -42.82
N GLY A 543 -3.54 -57.65 -42.66
CA GLY A 543 -4.95 -58.00 -42.69
C GLY A 543 -5.72 -57.38 -41.54
N GLU A 544 -5.17 -57.49 -40.33
CA GLU A 544 -5.78 -56.83 -39.18
C GLU A 544 -5.68 -55.32 -39.30
N LYS A 545 -4.56 -54.82 -39.85
CA LYS A 545 -4.38 -53.38 -39.98
C LYS A 545 -5.42 -52.78 -40.90
N GLU A 546 -5.62 -53.40 -42.08
CA GLU A 546 -6.54 -52.83 -43.06
C GLU A 546 -7.97 -52.79 -42.54
N VAL A 547 -8.41 -53.85 -41.87
CA VAL A 547 -9.76 -53.88 -41.33
C VAL A 547 -9.96 -52.77 -40.31
N MET A 548 -9.01 -52.61 -39.39
CA MET A 548 -9.19 -51.63 -38.33
C MET A 548 -9.08 -50.22 -38.88
N LYS A 549 -8.21 -50.01 -39.87
CA LYS A 549 -8.23 -48.74 -40.60
C LYS A 549 -9.61 -48.49 -41.18
N LEU A 550 -10.16 -49.48 -41.88
CA LEU A 550 -11.55 -49.38 -42.33
C LEU A 550 -12.49 -49.21 -41.14
N TRP A 551 -12.21 -49.90 -40.04
CA TRP A 551 -13.05 -49.76 -38.86
C TRP A 551 -12.88 -48.39 -38.19
N ASN A 552 -11.66 -47.87 -38.10
CA ASN A 552 -11.51 -46.52 -37.58
C ASN A 552 -12.25 -45.51 -38.45
N LEU A 553 -12.09 -45.60 -39.78
CA LEU A 553 -12.51 -44.50 -40.63
C LEU A 553 -14.02 -44.29 -40.64
N HIS A 554 -14.81 -45.33 -40.35
CA HIS A 554 -16.25 -45.11 -40.35
C HIS A 554 -16.74 -44.53 -39.04
N VAL A 555 -16.01 -44.75 -37.94
CA VAL A 555 -16.50 -44.41 -36.61
C VAL A 555 -16.69 -42.92 -36.48
N MET A 556 -15.63 -42.14 -36.78
CA MET A 556 -15.79 -40.70 -36.75
C MET A 556 -16.61 -40.20 -37.93
N LYS A 557 -16.70 -40.99 -39.00
CA LYS A 557 -17.55 -40.65 -40.13
C LYS A 557 -19.01 -40.56 -39.73
N HIS A 558 -19.40 -41.25 -38.65
CA HIS A 558 -20.77 -41.22 -38.16
C HIS A 558 -20.90 -40.71 -36.73
N GLY A 559 -19.83 -40.76 -35.94
CA GLY A 559 -19.85 -40.23 -34.58
C GLY A 559 -20.85 -40.92 -33.66
N PHE A 560 -20.62 -42.19 -33.37
CA PHE A 560 -21.49 -42.99 -32.52
C PHE A 560 -20.74 -43.36 -31.24
N ILE A 561 -21.32 -43.00 -30.09
CA ILE A 561 -20.60 -43.12 -28.83
C ILE A 561 -21.26 -44.11 -27.87
N ALA A 562 -22.57 -44.27 -27.96
CA ALA A 562 -23.27 -45.11 -27.00
C ALA A 562 -23.13 -46.58 -27.38
N ASP A 563 -23.47 -47.45 -26.42
CA ASP A 563 -23.33 -48.89 -26.64
C ASP A 563 -24.23 -49.36 -27.77
N ASN A 564 -25.49 -48.93 -27.77
CA ASN A 564 -26.37 -49.24 -28.89
C ASN A 564 -25.86 -48.60 -30.17
N GLN A 565 -25.30 -47.39 -30.07
CA GLN A 565 -24.67 -46.77 -31.23
C GLN A 565 -23.53 -47.64 -31.75
N MET A 566 -22.70 -48.15 -30.85
CA MET A 566 -21.66 -49.09 -31.27
C MET A 566 -22.29 -50.36 -31.83
N ASN A 567 -23.38 -50.84 -31.23
CA ASN A 567 -24.13 -51.92 -31.83
C ASN A 567 -24.71 -51.52 -33.18
N HIS A 568 -25.21 -50.29 -33.28
CA HIS A 568 -25.69 -49.81 -34.58
C HIS A 568 -24.54 -49.54 -35.53
N ALA A 569 -23.35 -49.23 -35.01
CA ALA A 569 -22.19 -49.03 -35.86
C ALA A 569 -21.81 -50.32 -36.60
N CYS A 570 -21.85 -51.45 -35.89
CA CYS A 570 -21.46 -52.72 -36.49
C CYS A 570 -22.42 -53.14 -37.60
N MET A 571 -23.73 -53.02 -37.34
CA MET A 571 -24.70 -53.32 -38.38
C MET A 571 -24.65 -52.31 -39.52
N LEU A 572 -24.07 -51.13 -39.29
CA LEU A 572 -23.84 -50.18 -40.36
C LEU A 572 -22.48 -50.36 -41.01
N PHE A 573 -21.49 -50.87 -40.27
CA PHE A 573 -20.22 -51.25 -40.89
C PHE A 573 -20.43 -52.33 -41.93
N VAL A 574 -21.21 -53.35 -41.60
CA VAL A 574 -21.65 -54.34 -42.58
C VAL A 574 -22.71 -53.68 -43.45
N GLU A 575 -23.06 -54.32 -44.56
CA GLU A 575 -24.12 -53.95 -45.49
C GLU A 575 -23.95 -52.54 -46.05
N ASN A 576 -22.87 -51.86 -45.70
CA ASN A 576 -22.47 -50.60 -46.31
C ASN A 576 -21.04 -50.61 -46.81
N TYR A 577 -20.12 -51.14 -46.01
CA TYR A 577 -18.73 -51.32 -46.41
C TYR A 577 -18.17 -52.68 -46.01
N GLY A 578 -18.95 -53.51 -45.33
CA GLY A 578 -18.54 -54.89 -45.11
C GLY A 578 -18.47 -55.70 -46.39
N GLN A 579 -19.24 -55.30 -47.41
CA GLN A 579 -19.07 -55.91 -48.73
C GLN A 579 -17.69 -55.63 -49.29
N LYS A 580 -17.16 -54.43 -49.01
CA LYS A 580 -15.77 -54.15 -49.34
C LYS A 580 -14.83 -55.09 -48.59
N ILE A 581 -15.13 -55.34 -47.31
CA ILE A 581 -14.40 -56.37 -46.57
C ILE A 581 -14.56 -57.72 -47.27
N ILE A 582 -15.77 -58.02 -47.74
CA ILE A 582 -15.97 -59.20 -48.58
C ILE A 582 -15.17 -59.07 -49.87
N LYS A 583 -15.19 -57.89 -50.49
CA LYS A 583 -14.34 -57.66 -51.65
C LYS A 583 -12.87 -57.80 -51.29
N LYS A 584 -12.47 -57.25 -50.13
CA LYS A 584 -11.11 -57.45 -49.64
C LYS A 584 -10.90 -58.85 -49.07
N ASN A 585 -11.98 -59.61 -48.84
CA ASN A 585 -11.93 -60.97 -48.31
C ASN A 585 -11.25 -61.03 -46.95
N LEU A 586 -11.19 -59.90 -46.24
CA LEU A 586 -10.60 -59.87 -44.90
C LEU A 586 -11.66 -60.17 -43.85
N CYS A 587 -12.08 -61.44 -43.83
CA CYS A 587 -13.15 -61.88 -42.95
C CYS A 587 -12.64 -62.44 -41.63
N ARG A 588 -11.69 -63.39 -41.69
CA ARG A 588 -11.26 -64.09 -40.49
C ARG A 588 -10.68 -63.12 -39.46
N ASN A 589 -9.93 -62.13 -39.91
CA ASN A 589 -9.50 -61.07 -38.99
C ASN A 589 -10.69 -60.29 -38.45
N PHE A 590 -11.66 -60.01 -39.33
CA PHE A 590 -12.85 -59.28 -38.89
C PHE A 590 -13.67 -60.10 -37.91
N MET A 591 -13.78 -61.42 -38.13
CA MET A 591 -14.50 -62.26 -37.18
C MET A 591 -13.84 -62.24 -35.81
N LEU A 592 -12.50 -62.32 -35.77
CA LEU A 592 -11.79 -62.11 -34.52
C LEU A 592 -11.92 -60.68 -34.03
N HIS A 593 -12.02 -59.73 -34.96
CA HIS A 593 -12.35 -58.36 -34.59
C HIS A 593 -13.75 -58.28 -34.01
N LEU A 594 -14.71 -59.01 -34.59
CA LEU A 594 -16.08 -58.97 -34.10
C LEU A 594 -16.20 -59.58 -32.70
N VAL A 595 -15.53 -60.72 -32.47
CA VAL A 595 -15.58 -61.32 -31.14
C VAL A 595 -14.83 -60.48 -30.12
N SER A 596 -13.82 -59.72 -30.56
CA SER A 596 -13.06 -58.86 -29.66
C SER A 596 -13.99 -57.84 -28.99
N MET A 597 -14.74 -57.10 -29.79
CA MET A 597 -15.67 -56.12 -29.25
C MET A 597 -16.81 -56.80 -28.49
N HIS A 598 -17.18 -58.02 -28.91
CA HIS A 598 -18.09 -58.83 -28.11
C HIS A 598 -17.51 -59.11 -26.73
N ASP A 599 -16.28 -59.61 -26.68
CA ASP A 599 -15.62 -59.86 -25.41
C ASP A 599 -15.32 -58.56 -24.68
N PHE A 600 -15.30 -57.44 -25.41
CA PHE A 600 -15.12 -56.13 -24.81
C PHE A 600 -16.46 -55.59 -24.33
N ASN A 601 -17.44 -56.48 -24.19
CA ASN A 601 -18.78 -56.22 -23.65
C ASN A 601 -19.52 -55.10 -24.37
N LEU A 602 -19.11 -54.74 -25.59
CA LEU A 602 -19.82 -53.73 -26.36
C LEU A 602 -20.81 -54.33 -27.35
N ILE A 603 -20.72 -55.62 -27.66
CA ILE A 603 -21.54 -56.25 -28.69
C ILE A 603 -22.05 -57.60 -28.17
N SER A 604 -23.31 -57.90 -28.50
CA SER A 604 -23.96 -59.15 -28.11
C SER A 604 -23.69 -60.25 -29.15
N ILE A 605 -24.09 -61.46 -28.80
CA ILE A 605 -23.94 -62.61 -29.69
C ILE A 605 -24.78 -62.45 -30.94
N MET A 606 -25.99 -61.92 -30.80
CA MET A 606 -26.91 -61.81 -31.93
C MET A 606 -26.35 -60.93 -33.04
N SER A 607 -25.54 -59.93 -32.69
CA SER A 607 -25.03 -59.01 -33.70
C SER A 607 -23.91 -59.64 -34.52
N ILE A 608 -23.07 -60.47 -33.90
CA ILE A 608 -21.91 -61.00 -34.61
C ILE A 608 -22.32 -61.95 -35.72
N ASP A 609 -23.44 -62.64 -35.57
CA ASP A 609 -23.88 -63.57 -36.61
C ASP A 609 -24.40 -62.83 -37.84
N LYS A 610 -24.89 -61.59 -37.66
CA LYS A 610 -25.39 -60.83 -38.79
C LYS A 610 -24.31 -60.60 -39.84
N ALA A 611 -23.11 -60.23 -39.38
CA ALA A 611 -21.98 -60.12 -40.31
C ALA A 611 -21.61 -61.48 -40.88
N VAL A 612 -21.69 -62.53 -40.06
CA VAL A 612 -21.38 -63.88 -40.51
C VAL A 612 -22.35 -64.30 -41.60
N THR A 613 -23.64 -64.05 -41.38
CA THR A 613 -24.65 -64.45 -42.35
C THR A 613 -24.63 -63.58 -43.60
N LYS A 614 -24.23 -62.31 -43.46
CA LYS A 614 -24.22 -61.41 -44.61
C LYS A 614 -23.25 -61.90 -45.68
N LEU A 615 -22.06 -62.36 -45.27
CA LEU A 615 -21.13 -62.97 -46.22
C LEU A 615 -21.72 -64.25 -46.80
N ARG A 616 -22.31 -65.09 -45.96
CA ARG A 616 -22.82 -66.39 -46.39
C ARG A 616 -24.30 -66.30 -46.75
N ALA B 16 57.62 -68.58 -40.01
CA ALA B 16 58.25 -67.41 -40.63
C ALA B 16 57.21 -66.39 -41.06
N CYS B 17 56.68 -66.59 -42.27
CA CYS B 17 55.66 -65.69 -42.80
C CYS B 17 54.32 -65.83 -42.11
N ARG B 18 54.15 -66.84 -41.25
CA ARG B 18 52.91 -67.01 -40.51
C ARG B 18 52.55 -65.74 -39.74
N LYS B 19 53.50 -65.23 -38.96
CA LYS B 19 53.26 -64.02 -38.17
C LYS B 19 53.10 -62.80 -39.07
N ARG B 20 53.91 -62.70 -40.12
CA ARG B 20 53.82 -61.56 -41.02
C ARG B 20 52.46 -61.52 -41.71
N VAL B 21 51.98 -62.67 -42.17
CA VAL B 21 50.62 -62.74 -42.72
C VAL B 21 49.60 -62.42 -41.63
N LYS B 22 49.85 -62.89 -40.41
CA LYS B 22 49.05 -62.44 -39.28
C LYS B 22 49.24 -60.95 -39.04
N SER B 23 50.48 -60.46 -39.14
CA SER B 23 50.77 -59.06 -38.85
C SER B 23 49.96 -58.13 -39.74
N GLU B 24 49.72 -58.51 -40.98
CA GLU B 24 48.93 -57.69 -41.88
C GLU B 24 47.43 -57.90 -41.70
N TYR B 25 47.01 -58.86 -40.88
CA TYR B 25 45.58 -59.14 -40.74
C TYR B 25 44.85 -57.99 -40.06
N MET B 26 45.34 -57.50 -38.92
CA MET B 26 44.62 -56.42 -38.26
C MET B 26 44.90 -55.06 -38.87
N ARG B 27 45.81 -54.96 -39.84
CA ARG B 27 46.03 -53.75 -40.60
C ARG B 27 45.19 -53.69 -41.86
N LEU B 28 44.29 -54.66 -42.07
CA LEU B 28 43.47 -54.69 -43.29
C LEU B 28 42.37 -53.65 -43.27
N ARG B 29 42.01 -53.11 -42.10
CA ARG B 29 40.89 -52.18 -42.04
C ARG B 29 41.20 -50.89 -42.79
N GLN B 30 42.46 -50.44 -42.76
CA GLN B 30 42.83 -49.21 -43.45
C GLN B 30 42.65 -49.31 -44.96
N LEU B 31 42.62 -50.53 -45.51
CA LEU B 31 42.34 -50.68 -46.94
C LEU B 31 40.90 -50.30 -47.26
N LYS B 32 39.97 -50.56 -46.34
CA LYS B 32 38.57 -50.21 -46.57
C LYS B 32 38.32 -48.71 -46.53
N ARG B 33 39.30 -47.92 -46.09
CA ARG B 33 39.07 -46.48 -45.94
C ARG B 33 38.81 -45.80 -47.28
N PHE B 34 39.56 -46.17 -48.32
CA PHE B 34 39.40 -45.50 -49.61
C PHE B 34 38.30 -46.12 -50.47
N ARG B 35 37.59 -47.14 -49.97
CA ARG B 35 36.46 -47.68 -50.72
C ARG B 35 35.27 -46.74 -50.77
N ARG B 36 35.29 -45.64 -50.00
CA ARG B 36 34.16 -44.73 -49.98
C ARG B 36 33.92 -44.09 -51.34
N ALA B 37 34.99 -43.74 -52.04
CA ALA B 37 34.90 -43.07 -53.33
C ALA B 37 34.96 -44.04 -54.52
N ASP B 38 34.55 -45.30 -54.30
CA ASP B 38 34.61 -46.30 -55.37
C ASP B 38 33.58 -46.02 -56.44
N GLU B 39 32.34 -45.71 -56.04
CA GLU B 39 31.24 -45.58 -56.98
C GLU B 39 30.76 -44.15 -57.16
N VAL B 40 31.44 -43.17 -56.56
CA VAL B 40 30.98 -41.79 -56.67
C VAL B 40 31.13 -41.28 -58.11
N LYS B 41 32.28 -41.52 -58.73
CA LYS B 41 32.51 -41.03 -60.09
C LYS B 41 31.57 -41.72 -61.07
N SER B 42 31.28 -43.01 -60.85
CA SER B 42 30.37 -43.72 -61.73
C SER B 42 28.98 -43.10 -61.73
N MET B 43 28.46 -42.77 -60.53
CA MET B 43 27.17 -42.09 -60.47
C MET B 43 27.28 -40.62 -60.88
N PHE B 44 28.45 -40.01 -60.70
CA PHE B 44 28.67 -38.65 -61.17
C PHE B 44 28.59 -38.56 -62.69
N SER B 45 28.74 -39.68 -63.39
CA SER B 45 28.56 -39.72 -64.84
C SER B 45 27.13 -40.02 -65.23
N SER B 46 26.47 -40.94 -64.51
CA SER B 46 25.11 -41.34 -64.85
C SER B 46 24.13 -40.19 -64.68
N ASN B 47 24.21 -39.49 -63.54
CA ASN B 47 23.28 -38.39 -63.29
C ASN B 47 23.47 -37.27 -64.31
N ARG B 48 24.73 -36.91 -64.59
CA ARG B 48 25.01 -35.85 -65.56
C ARG B 48 24.51 -36.25 -66.94
N GLN B 49 24.70 -37.50 -67.33
CA GLN B 49 24.21 -37.98 -68.62
C GLN B 49 22.70 -37.80 -68.72
N LYS B 50 21.98 -38.19 -67.68
CA LYS B 50 20.53 -37.98 -67.67
C LYS B 50 20.19 -36.50 -67.70
N ILE B 51 20.97 -35.68 -66.99
CA ILE B 51 20.74 -34.24 -67.00
C ILE B 51 20.86 -33.69 -68.40
N LEU B 52 21.88 -34.12 -69.15
CA LEU B 52 22.02 -33.67 -70.54
C LEU B 52 20.80 -34.02 -71.36
N GLU B 53 20.22 -35.19 -71.14
CA GLU B 53 19.01 -35.57 -71.85
C GLU B 53 17.85 -34.64 -71.50
N ARG B 54 17.69 -34.34 -70.22
CA ARG B 54 16.53 -33.54 -69.79
C ARG B 54 16.68 -32.07 -70.19
N THR B 55 17.87 -31.50 -70.03
CA THR B 55 18.04 -30.07 -70.25
C THR B 55 17.72 -29.69 -71.69
N GLU B 56 18.18 -30.48 -72.66
CA GLU B 56 17.90 -30.16 -74.05
C GLU B 56 16.41 -30.29 -74.37
N ILE B 57 15.75 -31.29 -73.77
CA ILE B 57 14.32 -31.50 -74.04
C ILE B 57 13.53 -30.25 -73.68
N LEU B 58 13.79 -29.68 -72.50
CA LEU B 58 13.17 -28.41 -72.15
C LEU B 58 13.62 -27.31 -73.11
N ASN B 59 14.91 -27.30 -73.45
CA ASN B 59 15.40 -26.36 -74.46
C ASN B 59 14.76 -26.64 -75.82
N GLN B 60 14.59 -27.92 -76.16
CA GLN B 60 13.88 -28.28 -77.39
C GLN B 60 12.48 -27.70 -77.39
N GLU B 61 11.75 -27.90 -76.30
CA GLU B 61 10.45 -27.25 -76.17
C GLU B 61 10.58 -25.73 -76.18
N TRP B 62 11.64 -25.22 -75.53
CA TRP B 62 11.90 -23.79 -75.58
C TRP B 62 12.15 -23.32 -77.00
N LYS B 63 12.73 -24.19 -77.84
CA LYS B 63 12.87 -23.86 -79.26
C LYS B 63 11.53 -23.75 -79.96
N GLN B 64 10.49 -24.42 -79.45
CA GLN B 64 9.23 -24.50 -80.17
C GLN B 64 8.43 -23.21 -80.08
N ARG B 65 8.44 -22.56 -78.93
CA ARG B 65 7.56 -21.42 -78.67
C ARG B 65 8.30 -20.10 -78.93
N ARG B 66 7.81 -19.35 -79.92
CA ARG B 66 8.35 -18.02 -80.19
C ARG B 66 8.05 -17.08 -79.02
N ILE B 67 8.97 -16.15 -78.78
CA ILE B 67 8.92 -15.29 -77.61
C ILE B 67 9.15 -13.84 -78.05
N GLN B 68 8.30 -12.93 -77.55
CA GLN B 68 8.30 -11.51 -77.89
C GLN B 68 9.46 -10.79 -77.22
N PRO B 69 10.09 -9.83 -77.92
CA PRO B 69 11.16 -9.04 -77.31
C PRO B 69 10.63 -7.95 -76.37
N VAL B 70 11.54 -7.11 -75.87
CA VAL B 70 11.20 -6.10 -74.87
C VAL B 70 10.99 -4.77 -75.55
N HIS B 71 10.27 -3.87 -74.87
CA HIS B 71 10.02 -2.52 -75.34
C HIS B 71 10.39 -1.53 -74.25
N ILE B 72 11.00 -0.41 -74.65
CA ILE B 72 11.45 0.60 -73.70
C ILE B 72 10.32 1.58 -73.42
N LEU B 73 10.46 2.33 -72.34
CA LEU B 73 9.45 3.31 -71.95
C LEU B 73 9.48 4.51 -72.89
N THR B 74 8.56 5.44 -72.65
CA THR B 74 8.47 6.67 -73.42
C THR B 74 7.74 7.71 -72.58
N SER B 75 7.88 8.97 -72.98
CA SER B 75 7.17 10.04 -72.29
C SER B 75 5.67 9.87 -72.43
N VAL B 76 4.95 10.06 -71.33
CA VAL B 76 3.50 9.92 -71.29
C VAL B 76 2.89 11.29 -71.07
N SER B 77 1.94 11.67 -71.91
CA SER B 77 1.35 13.01 -71.85
C SER B 77 0.66 13.25 -70.53
N SER B 78 -0.06 12.25 -70.02
CA SER B 78 -0.73 12.38 -68.73
C SER B 78 0.21 12.13 -67.55
N LEU B 79 1.40 11.60 -67.79
CA LEU B 79 2.37 11.26 -66.75
C LEU B 79 3.74 11.84 -67.08
N ARG B 80 3.76 13.10 -67.52
CA ARG B 80 5.03 13.74 -67.86
C ARG B 80 5.91 13.92 -66.63
N GLY B 81 5.32 14.30 -65.50
CA GLY B 81 6.09 14.62 -64.31
C GLY B 81 6.24 13.48 -63.33
N THR B 82 6.05 12.24 -63.81
CA THR B 82 6.20 11.08 -62.94
C THR B 82 7.60 11.04 -62.34
N ARG B 83 7.67 10.77 -61.04
CA ARG B 83 8.95 10.76 -60.34
C ARG B 83 9.89 9.71 -60.94
N GLU B 84 11.14 10.11 -61.15
CA GLU B 84 12.13 9.29 -61.84
C GLU B 84 13.31 9.03 -60.92
N CYS B 85 13.74 7.77 -60.86
CA CYS B 85 14.96 7.42 -60.15
C CYS B 85 16.14 7.38 -61.12
N SER B 86 17.34 7.41 -60.56
CA SER B 86 18.55 7.43 -61.35
C SER B 86 19.45 6.28 -60.92
N VAL B 87 19.97 5.55 -61.90
CA VAL B 87 20.91 4.45 -61.65
C VAL B 87 22.23 4.80 -62.30
N THR B 88 23.29 4.83 -61.50
CA THR B 88 24.63 5.09 -61.97
C THR B 88 25.40 3.78 -62.13
N SER B 89 26.63 3.89 -62.62
CA SER B 89 27.50 2.75 -62.80
C SER B 89 28.66 2.83 -61.81
N ASP B 90 28.92 1.72 -61.12
CA ASP B 90 30.16 1.62 -60.35
C ASP B 90 31.36 1.73 -61.27
N LEU B 91 31.22 1.31 -62.52
CA LEU B 91 32.24 1.51 -63.53
C LEU B 91 31.98 2.83 -64.26
N ASP B 92 32.64 3.02 -65.40
CA ASP B 92 32.59 4.28 -66.14
C ASP B 92 31.32 4.46 -66.95
N PHE B 93 30.40 3.50 -66.93
CA PHE B 93 29.23 3.56 -67.79
C PHE B 93 28.31 4.71 -67.41
N PRO B 94 27.55 5.25 -68.36
CA PRO B 94 26.74 6.44 -68.07
C PRO B 94 25.62 6.15 -67.08
N THR B 95 25.02 7.24 -66.61
CA THR B 95 23.95 7.18 -65.62
C THR B 95 22.62 7.51 -66.28
N GLN B 96 21.61 6.70 -66.02
CA GLN B 96 20.31 6.81 -66.67
C GLN B 96 19.23 7.12 -65.65
N VAL B 97 18.22 7.87 -66.08
CA VAL B 97 17.09 8.28 -65.25
C VAL B 97 15.81 7.89 -65.96
N ILE B 98 14.98 7.07 -65.30
CA ILE B 98 13.71 6.62 -65.88
C ILE B 98 12.61 6.69 -64.82
N PRO B 99 11.41 7.14 -65.18
CA PRO B 99 10.34 7.27 -64.19
C PRO B 99 9.87 5.93 -63.66
N LEU B 100 9.14 5.99 -62.55
CA LEU B 100 8.68 4.83 -61.80
C LEU B 100 7.14 4.85 -61.82
N LYS B 101 6.55 3.99 -62.63
CA LYS B 101 5.10 3.93 -62.73
C LYS B 101 4.55 3.05 -61.61
N THR B 102 3.76 3.65 -60.72
CA THR B 102 3.27 2.93 -59.55
C THR B 102 2.20 1.91 -59.95
N LEU B 103 2.21 0.76 -59.28
CA LEU B 103 1.28 -0.31 -59.58
C LEU B 103 -0.08 -0.06 -58.94
N ASN B 104 -1.04 -0.91 -59.29
CA ASN B 104 -2.42 -0.75 -58.84
C ASN B 104 -2.52 -0.89 -57.32
N ALA B 105 -3.62 -0.40 -56.78
CA ALA B 105 -3.88 -0.52 -55.35
C ALA B 105 -4.05 -1.98 -54.95
N VAL B 106 -3.60 -2.29 -53.74
CA VAL B 106 -3.68 -3.65 -53.20
C VAL B 106 -4.40 -3.58 -51.86
N ALA B 107 -5.28 -4.57 -51.63
CA ALA B 107 -6.09 -4.57 -50.42
C ALA B 107 -5.23 -4.91 -49.21
N SER B 108 -5.20 -4.01 -48.23
CA SER B 108 -4.48 -4.26 -46.99
C SER B 108 -5.23 -5.34 -46.22
N VAL B 109 -4.71 -6.56 -46.26
CA VAL B 109 -5.39 -7.71 -45.66
C VAL B 109 -4.65 -8.12 -44.39
N PRO B 110 -5.37 -8.39 -43.30
CA PRO B 110 -4.71 -8.80 -42.06
C PRO B 110 -4.07 -10.18 -42.20
N ILE B 111 -3.10 -10.42 -41.31
CA ILE B 111 -2.20 -11.57 -41.40
C ILE B 111 -2.75 -12.72 -40.56
N MET B 112 -2.59 -13.94 -41.06
CA MET B 112 -3.01 -15.15 -40.36
C MET B 112 -1.99 -16.24 -40.64
N TYR B 113 -1.85 -17.18 -39.71
CA TYR B 113 -0.78 -18.18 -39.76
C TYR B 113 -1.34 -19.55 -40.08
N SER B 114 -0.63 -20.27 -40.97
CA SER B 114 -1.05 -21.58 -41.47
C SER B 114 -1.36 -22.56 -40.35
N TRP B 115 -2.20 -23.54 -40.65
CA TRP B 115 -2.75 -24.46 -39.66
C TRP B 115 -3.46 -25.58 -40.40
N SER B 116 -4.11 -26.46 -39.64
CA SER B 116 -4.94 -27.51 -40.21
C SER B 116 -6.29 -27.52 -39.49
N PRO B 117 -7.37 -27.78 -40.22
CA PRO B 117 -8.70 -27.76 -39.58
C PRO B 117 -8.88 -28.90 -38.59
N LEU B 118 -8.90 -28.57 -37.30
CA LEU B 118 -8.99 -29.56 -36.23
C LEU B 118 -10.36 -29.43 -35.56
N GLN B 119 -11.14 -30.50 -35.60
CA GLN B 119 -12.47 -30.53 -34.99
C GLN B 119 -12.51 -31.42 -33.75
N GLN B 120 -11.37 -31.69 -33.13
CA GLN B 120 -11.31 -32.60 -32.00
C GLN B 120 -10.24 -32.11 -31.01
N ASN B 121 -10.13 -32.85 -29.90
CA ASN B 121 -9.16 -32.55 -28.85
C ASN B 121 -8.33 -33.81 -28.60
N PHE B 122 -7.01 -33.68 -28.73
CA PHE B 122 -6.10 -34.82 -28.83
C PHE B 122 -4.97 -34.65 -27.83
N MET B 123 -4.72 -35.69 -27.02
CA MET B 123 -3.71 -35.59 -25.98
C MET B 123 -2.32 -35.46 -26.59
N VAL B 124 -1.44 -34.76 -25.88
CA VAL B 124 -0.05 -34.61 -26.31
C VAL B 124 0.86 -34.81 -25.11
N HIS B 160 30.72 -37.72 -34.57
CA HIS B 160 31.84 -36.85 -34.88
C HIS B 160 33.02 -37.11 -33.94
N GLY B 161 32.97 -38.27 -33.26
CA GLY B 161 34.01 -38.61 -32.32
C GLY B 161 35.23 -39.24 -32.97
N ASP B 162 36.29 -39.37 -32.18
CA ASP B 162 37.54 -39.97 -32.63
C ASP B 162 37.62 -41.46 -32.32
N ARG B 163 36.59 -42.03 -31.71
CA ARG B 163 36.56 -43.45 -31.35
C ARG B 163 35.41 -44.13 -32.09
N GLU B 164 35.72 -45.28 -32.69
CA GLU B 164 34.75 -46.01 -33.51
C GLU B 164 34.78 -47.47 -33.10
N CYS B 165 34.04 -48.30 -33.85
CA CYS B 165 33.95 -49.72 -33.55
C CYS B 165 33.76 -50.51 -34.83
N GLY B 166 34.03 -51.81 -34.75
CA GLY B 166 33.93 -52.71 -35.89
C GLY B 166 34.93 -53.85 -35.76
N PHE B 167 34.70 -54.94 -36.50
CA PHE B 167 35.58 -56.10 -36.42
C PHE B 167 35.30 -57.01 -37.60
N ILE B 168 35.91 -58.20 -37.58
CA ILE B 168 35.67 -59.24 -38.57
C ILE B 168 35.33 -60.52 -37.82
N ASN B 169 34.26 -61.21 -38.26
CA ASN B 169 33.87 -62.47 -37.63
C ASN B 169 34.50 -63.63 -38.41
N ASP B 170 35.80 -63.79 -38.21
CA ASP B 170 36.58 -64.83 -38.86
C ASP B 170 37.11 -65.84 -37.83
N GLU B 171 36.27 -66.17 -36.85
CA GLU B 171 36.71 -67.00 -35.72
C GLU B 171 37.22 -68.37 -36.16
N ILE B 172 36.83 -68.84 -37.34
CA ILE B 172 37.37 -70.11 -37.83
C ILE B 172 38.88 -70.02 -38.02
N PHE B 173 39.35 -68.91 -38.60
CA PHE B 173 40.74 -68.78 -39.01
C PHE B 173 41.57 -67.94 -38.05
N VAL B 174 41.00 -67.51 -36.92
CA VAL B 174 41.80 -66.76 -35.96
C VAL B 174 42.88 -67.65 -35.33
N GLU B 175 42.64 -68.97 -35.27
CA GLU B 175 43.71 -69.86 -34.85
C GLU B 175 44.80 -69.96 -35.92
N LEU B 176 44.43 -69.85 -37.20
CA LEU B 176 45.47 -69.63 -38.21
C LEU B 176 46.20 -68.32 -37.93
N VAL B 177 45.47 -67.30 -37.47
CA VAL B 177 46.09 -66.03 -37.11
C VAL B 177 47.02 -66.22 -35.91
N ASN B 178 46.54 -66.92 -34.88
CA ASN B 178 47.31 -67.10 -33.65
C ASN B 178 48.04 -68.43 -33.61
N ALA B 179 47.31 -69.55 -33.58
CA ALA B 179 47.95 -70.85 -33.37
C ALA B 179 48.88 -71.18 -34.54
N LEU B 180 48.37 -71.10 -35.76
CA LEU B 180 49.22 -71.20 -36.94
C LEU B 180 49.91 -69.90 -37.27
N GLY B 181 49.82 -68.89 -36.41
CA GLY B 181 50.45 -67.61 -36.68
C GLY B 181 51.20 -67.03 -35.51
N GLN B 182 51.45 -67.82 -34.47
CA GLN B 182 52.35 -67.40 -33.40
C GLN B 182 53.79 -67.64 -33.82
N TYR B 183 54.71 -67.40 -32.91
CA TYR B 183 56.12 -67.71 -33.12
C TYR B 183 56.32 -69.20 -33.43
N SER B 222 43.69 -68.93 -29.02
CA SER B 222 43.93 -68.77 -30.45
C SER B 222 42.80 -67.99 -31.11
N ASP B 223 41.68 -68.69 -31.31
CA ASP B 223 40.51 -68.04 -31.91
C ASP B 223 39.96 -66.95 -31.00
N LYS B 224 39.95 -67.20 -29.69
CA LYS B 224 39.41 -66.23 -28.74
C LYS B 224 40.25 -64.97 -28.63
N ILE B 225 41.47 -64.98 -29.17
CA ILE B 225 42.37 -63.83 -29.03
C ILE B 225 41.91 -62.67 -29.90
N PHE B 226 41.01 -62.92 -30.86
CA PHE B 226 40.51 -61.82 -31.69
C PHE B 226 39.88 -60.71 -30.86
N GLU B 227 39.16 -61.06 -29.80
CA GLU B 227 38.56 -60.04 -28.94
C GLU B 227 39.63 -59.18 -28.31
N ALA B 228 40.72 -59.80 -27.85
CA ALA B 228 41.79 -59.04 -27.22
C ALA B 228 42.59 -58.23 -28.24
N ILE B 229 42.94 -58.84 -29.38
CA ILE B 229 43.75 -58.13 -30.38
C ILE B 229 43.02 -56.90 -30.90
N SER B 230 41.72 -57.04 -31.14
CA SER B 230 40.93 -55.90 -31.54
C SER B 230 40.83 -54.85 -30.45
N SER B 231 41.20 -55.20 -29.21
CA SER B 231 40.94 -54.34 -28.06
C SER B 231 42.11 -53.45 -27.66
N MET B 232 43.33 -53.62 -28.20
CA MET B 232 44.42 -52.73 -27.81
C MET B 232 44.19 -51.31 -28.32
N PHE B 233 43.70 -51.18 -29.54
CA PHE B 233 43.57 -49.78 -29.93
C PHE B 233 42.14 -49.31 -29.77
N PRO B 234 41.92 -48.07 -29.31
CA PRO B 234 40.56 -47.62 -29.05
C PRO B 234 39.75 -47.36 -30.32
N ASP B 235 40.33 -47.66 -31.48
CA ASP B 235 39.60 -47.53 -32.74
C ASP B 235 38.52 -48.59 -32.90
N LYS B 236 38.54 -49.64 -32.09
CA LYS B 236 37.57 -50.73 -32.15
C LYS B 236 37.04 -51.00 -30.76
N GLY B 237 36.01 -51.84 -30.68
CA GLY B 237 35.44 -52.18 -29.39
C GLY B 237 36.39 -53.02 -28.56
N THR B 238 36.18 -52.99 -27.24
CA THR B 238 36.99 -53.76 -26.33
C THR B 238 36.63 -55.24 -26.42
N ALA B 239 37.49 -56.08 -25.84
CA ALA B 239 37.31 -57.53 -25.93
C ALA B 239 35.93 -57.94 -25.45
N GLU B 240 35.45 -57.34 -24.36
CA GLU B 240 34.07 -57.58 -23.93
C GLU B 240 33.08 -56.91 -24.87
N GLU B 241 33.34 -55.65 -25.23
CA GLU B 241 32.42 -54.91 -26.11
C GLU B 241 32.18 -55.68 -27.40
N LEU B 242 33.22 -56.28 -27.96
CA LEU B 242 33.05 -57.09 -29.16
C LEU B 242 32.15 -58.29 -28.90
N LYS B 243 32.12 -58.80 -27.66
CA LYS B 243 31.27 -59.94 -27.35
C LYS B 243 29.80 -59.60 -27.51
N GLU B 244 29.37 -58.44 -27.00
CA GLU B 244 28.01 -57.99 -27.28
C GLU B 244 27.84 -57.68 -28.76
N LYS B 245 28.89 -57.16 -29.40
CA LYS B 245 28.82 -56.91 -30.83
C LYS B 245 28.64 -58.21 -31.61
N TYR B 246 29.34 -59.27 -31.20
CA TYR B 246 29.11 -60.57 -31.83
C TYR B 246 27.73 -61.12 -31.52
N LYS B 247 27.19 -60.81 -30.33
CA LYS B 247 25.82 -61.21 -30.03
C LYS B 247 24.83 -60.56 -30.99
N GLU B 248 25.16 -59.39 -31.53
CA GLU B 248 24.32 -58.79 -32.57
C GLU B 248 24.40 -59.60 -33.85
N LEU B 249 25.55 -60.20 -34.15
CA LEU B 249 25.69 -60.98 -35.37
C LEU B 249 24.78 -62.20 -35.36
N THR B 250 24.71 -62.91 -34.24
CA THR B 250 23.74 -64.00 -34.11
C THR B 250 22.32 -63.45 -34.18
N GLU B 251 22.09 -62.29 -33.57
CA GLU B 251 20.82 -61.59 -33.71
C GLU B 251 20.70 -60.84 -35.03
N GLN B 252 21.64 -61.06 -35.95
CA GLN B 252 21.52 -60.58 -37.32
C GLN B 252 21.25 -61.70 -38.31
N GLN B 253 21.73 -62.91 -38.05
CA GLN B 253 21.36 -64.06 -38.86
C GLN B 253 19.86 -64.32 -38.77
N LEU B 254 19.38 -64.67 -37.56
CA LEU B 254 17.97 -64.69 -37.20
C LEU B 254 17.14 -65.70 -37.97
N PRO B 255 15.92 -66.00 -37.52
CA PRO B 255 14.97 -66.74 -38.37
C PRO B 255 14.40 -65.85 -39.46
N GLY B 256 13.40 -66.35 -40.19
CA GLY B 256 12.82 -65.61 -41.30
C GLY B 256 12.29 -64.25 -40.88
N ALA B 257 12.01 -63.44 -41.91
CA ALA B 257 11.64 -62.03 -41.72
C ALA B 257 10.26 -61.95 -41.06
N LEU B 258 10.25 -61.70 -39.75
CA LEU B 258 9.04 -61.54 -38.97
C LEU B 258 9.39 -61.02 -37.58
N PRO B 259 8.56 -60.16 -36.99
CA PRO B 259 8.80 -59.76 -35.61
C PRO B 259 8.77 -60.98 -34.70
N PRO B 260 9.55 -60.96 -33.61
CA PRO B 260 9.76 -62.19 -32.83
C PRO B 260 8.50 -62.82 -32.27
N GLU B 261 7.49 -62.02 -31.93
CA GLU B 261 6.29 -62.54 -31.28
C GLU B 261 5.02 -62.41 -32.10
N CYS B 262 5.03 -61.60 -33.15
CA CYS B 262 3.82 -61.44 -33.96
C CYS B 262 3.54 -62.70 -34.77
N THR B 263 2.29 -62.86 -35.16
CA THR B 263 1.82 -64.03 -35.90
C THR B 263 1.07 -63.58 -37.14
N PRO B 264 1.13 -64.37 -38.22
CA PRO B 264 0.38 -64.01 -39.44
C PRO B 264 -1.12 -63.95 -39.18
N ASN B 265 -1.77 -63.05 -39.91
CA ASN B 265 -3.21 -62.89 -39.78
C ASN B 265 -3.95 -64.14 -40.25
N ILE B 266 -5.08 -64.41 -39.61
CA ILE B 266 -5.86 -65.61 -39.94
C ILE B 266 -6.43 -65.52 -41.36
N ASP B 267 -6.81 -64.32 -41.80
CA ASP B 267 -7.24 -64.14 -43.19
C ASP B 267 -6.18 -64.58 -44.18
N GLY B 268 -4.90 -64.47 -43.82
CA GLY B 268 -3.83 -64.92 -44.67
C GLY B 268 -3.90 -66.41 -44.90
N PRO B 269 -3.48 -66.85 -46.10
CA PRO B 269 -3.49 -68.28 -46.40
C PRO B 269 -2.58 -69.10 -45.50
N ASN B 270 -1.63 -68.45 -44.83
CA ASN B 270 -0.74 -69.12 -43.88
C ASN B 270 -1.23 -68.97 -42.43
N ALA B 271 -2.55 -68.97 -42.23
CA ALA B 271 -3.10 -68.79 -40.90
C ALA B 271 -2.59 -69.85 -39.94
N LYS B 272 -2.17 -69.41 -38.76
CA LYS B 272 -1.64 -70.30 -37.74
C LYS B 272 -2.71 -70.61 -36.70
N SER B 273 -2.41 -71.57 -35.83
CA SER B 273 -3.29 -71.94 -34.73
C SER B 273 -2.92 -71.19 -33.46
N VAL B 274 -2.95 -69.86 -33.58
CA VAL B 274 -2.63 -68.98 -32.45
C VAL B 274 -3.81 -68.96 -31.50
N GLN B 275 -3.55 -69.25 -30.22
CA GLN B 275 -4.63 -69.38 -29.26
C GLN B 275 -5.21 -68.03 -28.88
N ARG B 276 -6.31 -68.06 -28.15
CA ARG B 276 -7.12 -66.86 -27.93
C ARG B 276 -6.33 -65.78 -27.22
N GLU B 277 -5.57 -66.14 -26.19
CA GLU B 277 -4.83 -65.14 -25.42
C GLU B 277 -3.76 -64.47 -26.27
N GLN B 278 -3.01 -65.25 -27.05
CA GLN B 278 -1.97 -64.68 -27.90
C GLN B 278 -2.55 -63.87 -29.04
N SER B 279 -3.54 -64.44 -29.74
CA SER B 279 -4.12 -63.75 -30.88
C SER B 279 -4.81 -62.45 -30.47
N LEU B 280 -5.57 -62.49 -29.37
CA LEU B 280 -6.27 -61.30 -28.92
C LEU B 280 -5.35 -60.30 -28.24
N HIS B 281 -4.12 -60.72 -27.90
CA HIS B 281 -3.19 -59.81 -27.23
C HIS B 281 -2.86 -58.61 -28.10
N SER B 282 -2.67 -58.84 -29.40
CA SER B 282 -2.50 -57.71 -30.31
C SER B 282 -3.72 -56.81 -30.32
N PHE B 283 -4.91 -57.41 -30.34
CA PHE B 283 -6.14 -56.64 -30.17
C PHE B 283 -6.20 -55.99 -28.80
N HIS B 284 -5.83 -56.75 -27.76
CA HIS B 284 -5.81 -56.21 -26.40
C HIS B 284 -4.92 -54.99 -26.30
N THR B 285 -3.68 -55.10 -26.80
CA THR B 285 -2.74 -53.98 -26.71
C THR B 285 -3.23 -52.78 -27.50
N LEU B 286 -3.75 -53.02 -28.70
CA LEU B 286 -4.14 -51.90 -29.56
C LEU B 286 -5.45 -51.25 -29.12
N PHE B 287 -6.38 -52.04 -28.60
CA PHE B 287 -7.69 -51.51 -28.23
C PHE B 287 -7.57 -50.53 -27.06
N CYS B 288 -8.53 -49.61 -26.99
CA CYS B 288 -8.61 -48.64 -25.91
C CYS B 288 -10.07 -48.39 -25.58
N ARG B 289 -10.44 -48.64 -24.32
CA ARG B 289 -11.85 -48.65 -23.92
C ARG B 289 -12.42 -47.24 -23.77
N ARG B 290 -11.59 -46.27 -23.39
CA ARG B 290 -12.10 -44.94 -23.06
C ARG B 290 -12.84 -44.32 -24.24
N CYS B 291 -12.24 -44.34 -25.42
CA CYS B 291 -12.91 -43.96 -26.64
C CYS B 291 -13.36 -45.19 -27.44
N PHE B 292 -13.43 -46.34 -26.78
CA PHE B 292 -14.00 -47.59 -27.33
C PHE B 292 -13.54 -47.86 -28.76
N LYS B 293 -12.23 -47.74 -28.96
CA LYS B 293 -11.64 -48.05 -30.27
C LYS B 293 -10.25 -48.61 -30.03
N TYR B 294 -9.45 -48.70 -31.08
CA TYR B 294 -8.09 -49.18 -31.00
C TYR B 294 -7.11 -48.01 -31.13
N ASP B 295 -6.18 -47.93 -30.17
CA ASP B 295 -5.13 -46.91 -30.18
C ASP B 295 -5.72 -45.51 -30.20
N CYS B 296 -6.39 -45.15 -29.10
CA CYS B 296 -7.01 -43.85 -28.96
C CYS B 296 -6.01 -42.71 -29.17
N PHE B 297 -6.33 -41.82 -30.12
CA PHE B 297 -5.52 -40.62 -30.30
C PHE B 297 -5.53 -39.76 -29.03
N LEU B 298 -6.72 -39.46 -28.52
CA LEU B 298 -6.92 -38.58 -27.39
C LEU B 298 -6.59 -39.22 -26.06
N HIS B 299 -6.05 -40.43 -26.06
CA HIS B 299 -5.67 -41.11 -24.82
C HIS B 299 -4.29 -41.74 -24.95
N PHE B 306 0.97 -44.96 -21.95
CA PHE B 306 1.31 -46.26 -21.37
C PHE B 306 0.25 -46.73 -20.39
N HIS B 307 -0.88 -46.03 -20.34
CA HIS B 307 -1.98 -46.46 -19.49
C HIS B 307 -2.58 -47.75 -20.03
N ALA B 308 -2.69 -48.76 -19.17
CA ALA B 308 -3.21 -50.05 -19.59
C ALA B 308 -3.77 -50.76 -18.36
N THR B 309 -4.78 -51.57 -18.61
CA THR B 309 -5.42 -52.38 -17.58
C THR B 309 -5.58 -53.80 -18.12
N PRO B 310 -5.56 -54.79 -17.25
CA PRO B 310 -5.93 -56.15 -17.68
C PRO B 310 -7.42 -56.20 -17.98
N ASN B 311 -7.76 -56.68 -19.18
CA ASN B 311 -9.15 -56.70 -19.63
C ASN B 311 -9.93 -57.88 -19.06
N THR B 312 -9.44 -58.50 -18.00
CA THR B 312 -10.31 -59.37 -17.21
C THR B 312 -11.47 -58.55 -16.66
N TYR B 313 -12.68 -59.08 -16.79
CA TYR B 313 -13.89 -58.33 -16.48
C TYR B 313 -14.59 -58.97 -15.30
N LYS B 314 -15.09 -58.14 -14.39
CA LYS B 314 -15.62 -58.57 -13.10
C LYS B 314 -17.02 -59.14 -13.18
N ARG B 315 -17.52 -59.44 -14.38
CA ARG B 315 -18.81 -60.10 -14.53
C ARG B 315 -18.69 -61.57 -14.17
N LYS B 316 -19.77 -62.33 -14.35
CA LYS B 316 -19.72 -63.77 -14.07
C LYS B 316 -18.66 -64.44 -14.93
N ASN B 317 -18.01 -65.46 -14.37
CA ASN B 317 -16.82 -66.04 -14.97
C ASN B 317 -17.08 -66.66 -16.33
N THR B 318 -18.28 -67.18 -16.58
CA THR B 318 -18.54 -67.96 -17.78
C THR B 318 -19.76 -67.41 -18.51
N GLU B 319 -19.94 -67.89 -19.74
CA GLU B 319 -21.05 -67.55 -20.62
C GLU B 319 -21.66 -68.81 -21.22
N THR B 320 -21.96 -69.79 -20.38
CA THR B 320 -22.45 -71.08 -20.86
C THR B 320 -23.80 -70.93 -21.55
N ALA B 321 -24.02 -71.75 -22.59
CA ALA B 321 -25.22 -71.66 -23.41
C ALA B 321 -26.09 -72.90 -23.30
N LEU B 322 -25.57 -74.09 -23.58
CA LEU B 322 -26.39 -75.29 -23.66
C LEU B 322 -25.55 -76.51 -23.27
N ASP B 323 -26.20 -77.51 -22.71
CA ASP B 323 -25.50 -78.70 -22.21
C ASP B 323 -26.29 -79.95 -22.57
N ASN B 324 -25.63 -80.88 -23.25
CA ASN B 324 -26.18 -82.23 -23.49
C ASN B 324 -27.56 -82.18 -24.11
N LYS B 325 -27.75 -81.27 -25.07
CA LYS B 325 -29.06 -81.07 -25.67
C LYS B 325 -28.91 -80.81 -27.17
N PRO B 326 -29.87 -81.28 -27.98
CA PRO B 326 -29.77 -81.17 -29.45
C PRO B 326 -30.32 -79.85 -29.99
N CYS B 327 -29.69 -78.74 -29.59
CA CYS B 327 -30.16 -77.44 -30.05
C CYS B 327 -29.93 -77.26 -31.54
N GLY B 328 -28.90 -77.90 -32.10
CA GLY B 328 -28.68 -77.88 -33.53
C GLY B 328 -29.65 -78.80 -34.23
N PRO B 329 -29.65 -78.79 -35.57
CA PRO B 329 -30.54 -79.70 -36.30
C PRO B 329 -30.31 -81.14 -35.94
N GLN B 330 -29.05 -81.53 -35.76
CA GLN B 330 -28.67 -82.85 -35.24
C GLN B 330 -27.51 -82.60 -34.28
N CYS B 331 -27.78 -82.70 -32.98
CA CYS B 331 -26.77 -82.47 -31.95
C CYS B 331 -26.87 -83.52 -30.86
N TYR B 332 -25.74 -83.74 -30.18
CA TYR B 332 -25.66 -84.78 -29.16
C TYR B 332 -26.41 -84.41 -27.90
N GLN B 333 -26.82 -85.45 -27.17
CA GLN B 333 -27.25 -85.35 -25.78
C GLN B 333 -26.45 -86.26 -24.87
N HIS B 334 -26.15 -87.49 -25.31
CA HIS B 334 -25.33 -88.45 -24.58
C HIS B 334 -25.83 -88.65 -23.16
N LEU B 335 -24.94 -89.05 -22.26
CA LEU B 335 -25.29 -89.14 -20.85
C LEU B 335 -25.36 -87.74 -20.26
N GLU B 336 -26.42 -87.47 -19.49
CA GLU B 336 -26.65 -86.14 -18.96
C GLU B 336 -25.75 -85.81 -17.77
N GLY B 337 -24.97 -86.77 -17.28
CA GLY B 337 -24.03 -86.49 -16.21
C GLY B 337 -22.94 -85.50 -16.58
N ALA B 338 -22.75 -85.23 -17.87
CA ALA B 338 -21.77 -84.24 -18.29
C ALA B 338 -22.24 -82.81 -18.07
N LYS B 339 -23.53 -82.61 -17.76
CA LYS B 339 -24.03 -81.26 -17.49
C LYS B 339 -23.32 -80.65 -16.29
N GLU B 340 -23.26 -81.39 -15.18
CA GLU B 340 -22.50 -80.93 -14.02
C GLU B 340 -21.00 -80.96 -14.31
N PHE B 341 -20.55 -81.87 -15.18
CA PHE B 341 -19.13 -81.98 -15.46
C PHE B 341 -18.60 -80.72 -16.14
N ALA B 342 -19.39 -80.14 -17.04
CA ALA B 342 -19.02 -78.86 -17.62
C ALA B 342 -18.87 -77.80 -16.53
N ALA B 343 -19.80 -77.76 -15.59
CA ALA B 343 -19.62 -76.93 -14.40
C ALA B 343 -18.44 -77.42 -13.58
N ALA B 344 -18.29 -78.74 -13.44
CA ALA B 344 -17.15 -79.30 -12.71
C ALA B 344 -15.84 -78.97 -13.41
N LEU B 345 -15.81 -79.03 -14.74
CA LEU B 345 -14.61 -78.65 -15.48
C LEU B 345 -14.25 -77.19 -15.24
N THR B 346 -15.25 -76.32 -15.17
CA THR B 346 -15.02 -74.92 -14.84
C THR B 346 -14.60 -74.79 -13.38
N PRO B 433 -23.49 -92.75 -27.95
CA PRO B 433 -23.61 -92.57 -29.41
C PRO B 433 -22.52 -91.67 -30.00
N PRO B 434 -21.29 -92.18 -30.11
CA PRO B 434 -20.20 -91.38 -30.69
C PRO B 434 -20.01 -91.62 -32.17
N GLU B 435 -19.73 -90.54 -32.90
CA GLU B 435 -19.36 -90.61 -34.30
C GLU B 435 -18.58 -89.35 -34.64
N ASN B 436 -17.84 -89.42 -35.75
CA ASN B 436 -16.90 -88.35 -36.06
C ASN B 436 -16.54 -88.36 -37.54
N VAL B 437 -15.98 -87.25 -38.01
CA VAL B 437 -15.42 -87.14 -39.36
C VAL B 437 -14.09 -86.40 -39.27
N GLU B 438 -13.48 -86.12 -40.43
CA GLU B 438 -12.15 -85.55 -40.49
C GLU B 438 -12.14 -84.09 -39.99
N TRP B 439 -10.95 -83.49 -39.99
CA TRP B 439 -10.76 -82.12 -39.54
C TRP B 439 -9.59 -81.50 -40.29
N SER B 440 -9.37 -80.21 -40.02
CA SER B 440 -8.24 -79.46 -40.56
C SER B 440 -7.63 -78.63 -39.44
N GLY B 441 -6.32 -78.46 -39.51
CA GLY B 441 -5.62 -77.68 -38.48
C GLY B 441 -6.01 -76.22 -38.48
N ALA B 442 -6.19 -75.64 -39.68
CA ALA B 442 -6.54 -74.22 -39.77
C ALA B 442 -7.90 -73.95 -39.16
N GLU B 443 -8.88 -74.81 -39.43
CA GLU B 443 -10.22 -74.62 -38.86
C GLU B 443 -10.20 -74.82 -37.35
N ALA B 444 -9.28 -75.63 -36.84
CA ALA B 444 -9.14 -75.80 -35.39
C ALA B 444 -8.59 -74.55 -34.72
N SER B 445 -8.04 -73.60 -35.49
CA SER B 445 -7.49 -72.39 -34.90
C SER B 445 -8.58 -71.53 -34.28
N MET B 446 -9.79 -71.56 -34.86
CA MET B 446 -10.91 -70.82 -34.29
C MET B 446 -11.88 -71.70 -33.52
N PHE B 447 -11.68 -73.02 -33.50
CA PHE B 447 -12.62 -73.89 -32.80
C PHE B 447 -12.58 -73.67 -31.30
N ARG B 448 -11.38 -73.67 -30.70
CA ARG B 448 -11.26 -73.40 -29.28
C ARG B 448 -11.26 -71.92 -28.95
N VAL B 449 -11.30 -71.03 -29.95
CA VAL B 449 -11.75 -69.67 -29.70
C VAL B 449 -13.24 -69.66 -29.43
N LEU B 450 -14.00 -70.48 -30.16
CA LEU B 450 -15.44 -70.55 -29.98
C LEU B 450 -15.80 -71.07 -28.59
N ILE B 451 -15.04 -72.05 -28.09
CA ILE B 451 -15.23 -72.52 -26.73
C ILE B 451 -14.84 -71.48 -25.70
N GLY B 452 -14.17 -70.41 -26.11
CA GLY B 452 -13.91 -69.30 -25.22
C GLY B 452 -15.05 -68.31 -25.10
N THR B 453 -16.04 -68.38 -25.99
CA THR B 453 -17.19 -67.48 -25.97
C THR B 453 -18.37 -68.06 -25.22
N TYR B 454 -18.78 -69.29 -25.57
CA TYR B 454 -19.88 -69.95 -24.88
C TYR B 454 -19.41 -71.02 -23.91
N TYR B 455 -18.41 -71.81 -24.30
CA TYR B 455 -17.79 -72.93 -23.59
C TYR B 455 -18.69 -74.17 -23.60
N ASP B 456 -19.95 -74.07 -23.99
CA ASP B 456 -20.77 -75.28 -24.10
C ASP B 456 -21.76 -75.25 -25.27
N ASN B 457 -21.78 -74.20 -26.09
CA ASN B 457 -22.72 -74.15 -27.21
C ASN B 457 -22.31 -75.15 -28.25
N PHE B 458 -23.00 -76.29 -28.28
CA PHE B 458 -22.69 -77.35 -29.24
C PHE B 458 -23.01 -76.94 -30.67
N CYS B 459 -23.73 -75.83 -30.86
CA CYS B 459 -24.40 -75.54 -32.11
C CYS B 459 -23.88 -74.29 -32.79
N ALA B 460 -23.77 -73.18 -32.04
CA ALA B 460 -23.17 -71.97 -32.61
C ALA B 460 -21.70 -72.20 -32.94
N ILE B 461 -21.02 -73.02 -32.14
CA ILE B 461 -19.64 -73.40 -32.46
C ILE B 461 -19.61 -74.16 -33.78
N ALA B 462 -20.54 -75.11 -33.95
CA ALA B 462 -20.68 -75.79 -35.24
C ALA B 462 -21.15 -74.83 -36.32
N ARG B 463 -21.95 -73.82 -35.95
CA ARG B 463 -22.49 -72.90 -36.94
C ARG B 463 -21.40 -72.06 -37.58
N LEU B 464 -20.41 -71.62 -36.79
CA LEU B 464 -19.37 -70.74 -37.33
C LEU B 464 -18.31 -71.52 -38.08
N ILE B 465 -17.57 -72.39 -37.40
CA ILE B 465 -16.48 -73.14 -38.01
C ILE B 465 -16.50 -74.56 -37.46
N GLY B 466 -16.59 -75.54 -38.35
CA GLY B 466 -16.51 -76.94 -37.96
C GLY B 466 -16.59 -77.88 -39.13
N THR B 467 -15.67 -78.85 -39.20
CA THR B 467 -15.75 -79.88 -40.23
C THR B 467 -16.68 -81.02 -39.85
N LYS B 468 -17.11 -81.08 -38.59
CA LYS B 468 -18.04 -82.10 -38.14
C LYS B 468 -19.46 -81.54 -38.13
N THR B 469 -20.44 -82.45 -38.19
CA THR B 469 -21.81 -82.06 -38.00
C THR B 469 -22.05 -81.72 -36.53
N CYS B 470 -23.16 -81.02 -36.28
CA CYS B 470 -23.44 -80.55 -34.92
C CYS B 470 -23.54 -81.71 -33.93
N ARG B 471 -23.84 -82.91 -34.42
CA ARG B 471 -23.66 -84.11 -33.61
C ARG B 471 -22.19 -84.28 -33.21
N GLN B 472 -21.32 -84.44 -34.21
CA GLN B 472 -19.94 -84.83 -33.98
C GLN B 472 -19.09 -83.70 -33.43
N VAL B 473 -19.49 -82.43 -33.63
CA VAL B 473 -18.75 -81.31 -33.08
C VAL B 473 -18.53 -81.49 -31.58
N TYR B 474 -19.48 -82.11 -30.89
CA TYR B 474 -19.25 -82.50 -29.50
C TYR B 474 -18.09 -83.47 -29.38
N GLU B 475 -18.03 -84.47 -30.27
CA GLU B 475 -16.95 -85.45 -30.19
C GLU B 475 -15.59 -84.81 -30.38
N PHE B 476 -15.47 -83.86 -31.31
CA PHE B 476 -14.22 -83.12 -31.45
C PHE B 476 -13.95 -82.26 -30.22
N ARG B 477 -15.00 -81.65 -29.65
CA ARG B 477 -14.81 -80.76 -28.53
C ARG B 477 -14.42 -81.52 -27.26
N VAL B 478 -15.04 -82.68 -27.02
CA VAL B 478 -14.77 -83.42 -25.79
C VAL B 478 -13.32 -83.90 -25.76
N LYS B 479 -12.80 -84.38 -26.89
CA LYS B 479 -11.39 -84.75 -26.93
C LYS B 479 -10.50 -83.50 -26.87
N GLU B 480 -10.94 -82.40 -27.50
CA GLU B 480 -10.22 -81.14 -27.35
C GLU B 480 -10.26 -80.66 -25.91
N SER B 481 -11.42 -80.78 -25.25
CA SER B 481 -11.50 -80.47 -23.83
C SER B 481 -10.60 -81.38 -23.02
N SER B 482 -10.59 -82.68 -23.36
CA SER B 482 -9.69 -83.61 -22.67
C SER B 482 -8.23 -83.33 -22.99
N ILE B 483 -7.96 -82.67 -24.11
CA ILE B 483 -6.59 -82.31 -24.47
C ILE B 483 -6.17 -81.04 -23.74
N SER B 521 -13.43 -29.16 -3.90
CA SER B 521 -13.99 -30.47 -3.61
C SER B 521 -14.39 -31.19 -4.90
N ASN B 522 -14.30 -30.48 -6.01
CA ASN B 522 -14.67 -31.01 -7.31
C ASN B 522 -13.74 -30.46 -8.37
N HIS B 523 -13.64 -31.19 -9.49
CA HIS B 523 -12.90 -30.75 -10.68
C HIS B 523 -11.42 -30.62 -10.30
N VAL B 524 -10.76 -29.51 -10.63
CA VAL B 524 -9.35 -29.25 -10.34
C VAL B 524 -8.46 -30.23 -11.09
N TYR B 525 -8.46 -31.49 -10.68
CA TYR B 525 -7.53 -32.47 -11.21
C TYR B 525 -8.11 -33.19 -12.44
N ASN B 526 -7.29 -34.05 -13.03
CA ASN B 526 -7.70 -34.79 -14.22
C ASN B 526 -8.35 -36.11 -13.82
N TYR B 527 -9.30 -36.55 -14.65
CA TYR B 527 -9.98 -37.81 -14.40
C TYR B 527 -9.03 -38.99 -14.59
N GLN B 528 -9.31 -40.07 -13.87
CA GLN B 528 -8.55 -41.29 -14.02
C GLN B 528 -9.45 -42.47 -13.68
N PRO B 529 -9.28 -43.62 -14.33
CA PRO B 529 -10.01 -44.82 -13.91
C PRO B 529 -9.39 -45.42 -12.67
N CYS B 530 -9.68 -44.82 -11.52
CA CYS B 530 -9.01 -45.16 -10.28
C CYS B 530 -9.31 -46.59 -9.84
N ASP B 531 -8.27 -47.29 -9.41
CA ASP B 531 -8.23 -48.74 -9.31
C ASP B 531 -8.08 -49.21 -7.86
N HIS B 532 -8.76 -50.32 -7.56
CA HIS B 532 -8.60 -51.10 -6.33
C HIS B 532 -9.19 -52.48 -6.59
N PRO B 533 -8.44 -53.39 -7.22
CA PRO B 533 -9.05 -54.62 -7.77
C PRO B 533 -9.81 -55.45 -6.74
N ARG B 534 -9.13 -55.90 -5.68
CA ARG B 534 -9.78 -56.65 -4.62
C ARG B 534 -10.31 -55.74 -3.52
N GLN B 535 -9.43 -54.92 -2.94
CA GLN B 535 -9.81 -54.04 -1.85
C GLN B 535 -10.85 -53.04 -2.32
N PRO B 536 -11.78 -52.63 -1.44
CA PRO B 536 -12.72 -51.58 -1.81
C PRO B 536 -12.03 -50.24 -2.01
N CYS B 537 -12.80 -49.19 -2.27
CA CYS B 537 -12.22 -47.91 -2.64
C CYS B 537 -11.53 -47.27 -1.43
N ASP B 538 -10.36 -47.79 -1.08
CA ASP B 538 -9.62 -47.35 0.09
C ASP B 538 -8.77 -46.13 -0.25
N SER B 539 -7.82 -45.79 0.63
CA SER B 539 -6.89 -44.71 0.34
C SER B 539 -6.05 -44.99 -0.89
N SER B 540 -5.83 -46.25 -1.23
CA SER B 540 -5.12 -46.63 -2.44
C SER B 540 -5.94 -46.37 -3.70
N CYS B 541 -7.22 -46.07 -3.56
CA CYS B 541 -8.04 -45.70 -4.70
C CYS B 541 -7.67 -44.30 -5.17
N PRO B 542 -7.17 -44.13 -6.40
CA PRO B 542 -6.66 -42.81 -6.81
C PRO B 542 -7.67 -41.68 -6.72
N CYS B 543 -8.97 -41.94 -6.93
CA CYS B 543 -9.95 -40.88 -6.88
C CYS B 543 -10.05 -40.23 -5.50
N VAL B 544 -9.62 -40.92 -4.45
CA VAL B 544 -9.55 -40.31 -3.13
C VAL B 544 -8.61 -39.12 -3.16
N ILE B 545 -7.50 -39.24 -3.89
CA ILE B 545 -6.52 -38.16 -3.99
C ILE B 545 -6.95 -37.09 -4.97
N ALA B 546 -7.46 -37.48 -6.14
CA ALA B 546 -7.84 -36.52 -7.18
C ALA B 546 -9.06 -35.70 -6.83
N GLN B 547 -9.83 -36.10 -5.81
CA GLN B 547 -10.99 -35.35 -5.33
C GLN B 547 -12.05 -35.20 -6.44
N ASN B 548 -12.49 -36.32 -6.99
CA ASN B 548 -13.53 -36.36 -8.01
C ASN B 548 -14.20 -37.74 -7.95
N PHE B 549 -15.10 -37.97 -8.91
CA PHE B 549 -15.95 -39.17 -8.87
C PHE B 549 -15.16 -40.43 -9.20
N CYS B 550 -15.61 -41.55 -8.62
CA CYS B 550 -15.16 -42.88 -9.02
C CYS B 550 -16.13 -43.38 -10.08
N GLU B 551 -15.85 -43.02 -11.32
CA GLU B 551 -16.79 -43.25 -12.41
C GLU B 551 -16.79 -44.73 -12.78
N LYS B 552 -17.57 -45.08 -13.80
CA LYS B 552 -17.72 -46.49 -14.17
C LYS B 552 -16.40 -47.07 -14.63
N PHE B 553 -15.59 -46.28 -15.32
CA PHE B 553 -14.24 -46.73 -15.69
C PHE B 553 -13.38 -46.92 -14.45
N CYS B 554 -13.60 -46.12 -13.40
CA CYS B 554 -12.94 -46.36 -12.13
C CYS B 554 -13.36 -47.70 -11.55
N GLN B 555 -12.48 -48.30 -10.77
CA GLN B 555 -12.69 -49.67 -10.31
C GLN B 555 -13.60 -49.74 -9.08
N CYS B 556 -14.32 -48.67 -8.80
CA CYS B 556 -15.39 -48.67 -7.80
C CYS B 556 -16.66 -49.19 -8.46
N SER B 557 -17.50 -49.85 -7.69
CA SER B 557 -18.80 -50.29 -8.19
C SER B 557 -19.87 -49.26 -7.83
N SER B 558 -21.13 -49.58 -8.10
CA SER B 558 -22.23 -48.77 -7.60
C SER B 558 -22.24 -48.73 -6.07
N GLU B 559 -21.72 -49.77 -5.43
CA GLU B 559 -21.54 -49.75 -3.98
C GLU B 559 -20.59 -48.63 -3.57
N CYS B 560 -19.53 -48.41 -4.34
CA CYS B 560 -18.53 -47.40 -3.98
C CYS B 560 -19.20 -46.04 -4.01
N GLN B 561 -19.19 -45.36 -2.86
CA GLN B 561 -20.03 -44.19 -2.67
C GLN B 561 -19.71 -43.06 -3.65
N ASN B 562 -18.53 -43.08 -4.27
CA ASN B 562 -18.19 -42.11 -5.29
C ASN B 562 -18.69 -42.49 -6.68
N ARG B 563 -19.62 -43.43 -6.77
CA ARG B 563 -20.28 -43.72 -8.03
C ARG B 563 -21.17 -42.55 -8.43
N PHE B 564 -21.15 -42.22 -9.72
CA PHE B 564 -21.97 -41.13 -10.23
C PHE B 564 -23.32 -41.66 -10.67
N PRO B 565 -24.44 -41.15 -10.14
CA PRO B 565 -25.75 -41.63 -10.59
C PRO B 565 -26.03 -41.37 -12.07
N GLY B 566 -25.92 -40.12 -12.51
CA GLY B 566 -26.12 -39.78 -13.89
C GLY B 566 -26.92 -38.50 -14.03
N CYS B 567 -27.59 -38.37 -15.19
CA CYS B 567 -28.36 -37.17 -15.51
C CYS B 567 -29.82 -37.48 -15.15
N ARG B 568 -30.14 -37.29 -13.87
CA ARG B 568 -31.37 -37.80 -13.26
C ARG B 568 -32.62 -37.07 -13.69
N CYS B 569 -32.56 -36.15 -14.65
CA CYS B 569 -33.76 -35.45 -15.07
C CYS B 569 -34.62 -36.34 -15.98
N LYS B 570 -35.86 -35.93 -16.19
CA LYS B 570 -36.81 -36.74 -16.93
C LYS B 570 -37.47 -35.97 -18.08
N ALA B 571 -37.76 -34.69 -17.87
CA ALA B 571 -38.40 -33.88 -18.91
C ALA B 571 -37.36 -33.10 -19.72
N GLN B 572 -36.62 -32.22 -19.06
CA GLN B 572 -35.53 -31.48 -19.68
C GLN B 572 -34.27 -31.72 -18.86
N CYS B 573 -33.18 -32.08 -19.54
CA CYS B 573 -31.97 -32.50 -18.87
C CYS B 573 -30.83 -31.49 -19.11
N ASN B 574 -31.21 -30.22 -19.30
CA ASN B 574 -30.26 -29.11 -19.24
C ASN B 574 -30.86 -27.91 -18.51
N THR B 575 -31.86 -28.11 -17.68
CA THR B 575 -32.59 -27.01 -17.05
C THR B 575 -31.93 -26.58 -15.75
N LYS B 576 -32.38 -25.43 -15.23
CA LYS B 576 -31.75 -24.81 -14.07
C LYS B 576 -31.64 -25.77 -12.89
N GLN B 577 -32.63 -26.63 -12.69
CA GLN B 577 -32.64 -27.56 -11.57
C GLN B 577 -32.22 -28.98 -11.99
N CYS B 578 -31.23 -29.09 -12.87
CA CYS B 578 -30.94 -30.42 -13.37
C CYS B 578 -29.48 -30.78 -13.09
N PRO B 579 -29.19 -32.00 -12.62
CA PRO B 579 -27.80 -32.35 -12.32
C PRO B 579 -26.86 -32.20 -13.49
N CYS B 580 -27.34 -32.37 -14.72
CA CYS B 580 -26.51 -32.06 -15.87
C CYS B 580 -26.18 -30.58 -15.93
N TYR B 581 -27.20 -29.73 -15.86
CA TYR B 581 -26.97 -28.30 -15.96
C TYR B 581 -26.38 -27.73 -14.68
N LEU B 582 -26.86 -28.20 -13.52
CA LEU B 582 -26.33 -27.71 -12.25
C LEU B 582 -24.85 -28.05 -12.11
N ALA B 583 -24.49 -29.30 -12.39
CA ALA B 583 -23.10 -29.72 -12.29
C ALA B 583 -22.37 -29.42 -13.59
N VAL B 584 -21.09 -29.78 -13.63
CA VAL B 584 -20.21 -29.51 -14.75
C VAL B 584 -20.22 -30.66 -15.77
N ARG B 585 -21.14 -31.61 -15.62
CA ARG B 585 -21.18 -32.81 -16.45
C ARG B 585 -22.41 -32.79 -17.35
N GLU B 586 -22.24 -33.26 -18.59
CA GLU B 586 -23.34 -33.41 -19.52
C GLU B 586 -24.11 -34.69 -19.21
N CYS B 587 -25.14 -34.97 -20.00
CA CYS B 587 -25.93 -36.19 -19.85
C CYS B 587 -25.45 -37.16 -20.91
N ASP B 588 -24.85 -38.28 -20.49
CA ASP B 588 -24.56 -39.33 -21.43
C ASP B 588 -25.87 -39.92 -21.96
N PRO B 589 -25.89 -40.40 -23.21
CA PRO B 589 -27.10 -41.05 -23.73
C PRO B 589 -27.75 -42.03 -22.77
N ASP B 590 -26.98 -42.65 -21.89
CA ASP B 590 -27.52 -43.56 -20.89
C ASP B 590 -27.79 -42.88 -19.55
N LEU B 591 -27.68 -41.55 -19.48
CA LEU B 591 -27.90 -40.84 -18.23
C LEU B 591 -29.27 -40.17 -18.15
N CYS B 592 -29.65 -39.38 -19.15
CA CYS B 592 -31.02 -38.88 -19.23
C CYS B 592 -31.82 -39.64 -20.29
N LEU B 593 -31.67 -40.97 -20.33
CA LEU B 593 -32.60 -41.80 -21.12
C LEU B 593 -34.05 -41.42 -20.85
N THR B 594 -34.35 -40.95 -19.63
CA THR B 594 -35.71 -40.55 -19.30
C THR B 594 -36.20 -39.42 -20.20
N CYS B 595 -35.31 -38.48 -20.54
CA CYS B 595 -35.63 -37.40 -21.45
C CYS B 595 -35.06 -37.62 -22.85
N GLY B 596 -34.81 -38.88 -23.22
CA GLY B 596 -34.31 -39.19 -24.55
C GLY B 596 -32.92 -38.68 -24.84
N ALA B 597 -31.99 -38.84 -23.90
CA ALA B 597 -30.59 -38.53 -24.17
C ALA B 597 -29.99 -39.47 -25.21
N ALA B 598 -30.57 -40.65 -25.39
CA ALA B 598 -30.13 -41.61 -26.38
C ALA B 598 -31.11 -41.73 -27.55
N ASP B 599 -31.89 -40.68 -27.81
CA ASP B 599 -32.95 -40.72 -28.82
C ASP B 599 -32.42 -40.17 -30.13
N HIS B 600 -32.06 -41.06 -31.05
CA HIS B 600 -31.75 -40.71 -32.44
C HIS B 600 -30.65 -39.66 -32.51
N TRP B 601 -29.44 -40.08 -32.14
CA TRP B 601 -28.29 -39.18 -32.11
C TRP B 601 -28.08 -38.51 -33.46
N ASP B 602 -28.45 -39.18 -34.56
CA ASP B 602 -28.42 -38.53 -35.86
C ASP B 602 -29.40 -37.35 -35.90
N SER B 603 -30.58 -37.52 -35.30
CA SER B 603 -31.55 -36.45 -35.22
C SER B 603 -31.12 -35.42 -34.17
N LYS B 604 -31.34 -34.15 -34.47
CA LYS B 604 -30.93 -33.06 -33.59
C LYS B 604 -32.02 -32.64 -32.60
N ASN B 605 -33.19 -33.30 -32.61
CA ASN B 605 -34.32 -32.88 -31.80
C ASN B 605 -34.48 -33.83 -30.61
N VAL B 606 -33.95 -33.43 -29.45
CA VAL B 606 -34.12 -34.15 -28.20
C VAL B 606 -34.30 -33.17 -27.06
N SER B 607 -35.02 -33.62 -26.03
CA SER B 607 -35.22 -32.79 -24.85
C SER B 607 -33.96 -32.69 -24.00
N CYS B 608 -33.00 -33.59 -24.21
CA CYS B 608 -31.71 -33.53 -23.52
C CYS B 608 -30.77 -32.67 -24.35
N LYS B 609 -30.54 -31.43 -23.91
CA LYS B 609 -29.62 -30.54 -24.60
C LYS B 609 -28.19 -30.66 -24.09
N ASN B 610 -27.93 -31.49 -23.09
CA ASN B 610 -26.56 -31.77 -22.67
C ASN B 610 -25.96 -32.91 -23.49
N CYS B 611 -26.13 -32.81 -24.80
CA CYS B 611 -25.57 -33.78 -25.74
C CYS B 611 -25.04 -33.12 -27.01
N SER B 612 -25.00 -31.79 -27.06
CA SER B 612 -24.66 -31.10 -28.30
C SER B 612 -23.26 -31.48 -28.79
N ILE B 613 -22.27 -31.42 -27.91
CA ILE B 613 -20.93 -31.86 -28.28
C ILE B 613 -20.90 -33.37 -28.51
N GLN B 614 -21.66 -34.12 -27.72
CA GLN B 614 -21.74 -35.56 -27.93
C GLN B 614 -22.31 -35.88 -29.31
N ARG B 615 -23.32 -35.14 -29.74
CA ARG B 615 -23.85 -35.27 -31.09
C ARG B 615 -23.12 -34.38 -32.09
N GLY B 616 -22.15 -33.59 -31.64
CA GLY B 616 -21.36 -32.78 -32.55
C GLY B 616 -22.14 -31.73 -33.31
N SER B 617 -23.04 -31.02 -32.63
CA SER B 617 -23.86 -29.99 -33.26
C SER B 617 -23.06 -28.69 -33.40
N LYS B 618 -22.02 -28.76 -34.21
CA LYS B 618 -21.12 -27.63 -34.39
C LYS B 618 -21.85 -26.46 -35.05
N LYS B 619 -21.58 -25.26 -34.58
CA LYS B 619 -22.20 -24.06 -35.11
C LYS B 619 -21.49 -23.62 -36.39
N HIS B 620 -22.16 -22.77 -37.16
CA HIS B 620 -21.62 -22.24 -38.41
C HIS B 620 -20.84 -20.96 -38.08
N LEU B 621 -19.54 -21.13 -37.83
CA LEU B 621 -18.68 -19.99 -37.54
C LEU B 621 -18.20 -19.35 -38.84
N LEU B 622 -18.26 -18.01 -38.90
CA LEU B 622 -17.92 -17.26 -40.09
C LEU B 622 -16.62 -16.50 -39.86
N LEU B 623 -15.58 -16.90 -40.60
CA LEU B 623 -14.32 -16.17 -40.58
C LEU B 623 -14.51 -14.78 -41.17
N ALA B 624 -13.90 -13.79 -40.53
CA ALA B 624 -14.04 -12.39 -40.94
C ALA B 624 -12.83 -11.62 -40.42
N PRO B 625 -12.53 -10.45 -40.99
CA PRO B 625 -11.41 -9.67 -40.51
C PRO B 625 -11.77 -8.59 -39.48
N SER B 626 -11.15 -8.70 -38.31
CA SER B 626 -11.51 -7.91 -37.15
C SER B 626 -10.58 -6.73 -37.02
N ASP B 627 -11.14 -5.53 -36.95
CA ASP B 627 -10.33 -4.34 -36.69
C ASP B 627 -9.66 -4.39 -35.33
N VAL B 628 -10.25 -5.13 -34.38
CA VAL B 628 -9.64 -5.26 -33.06
C VAL B 628 -8.29 -5.96 -33.17
N ALA B 629 -8.25 -7.10 -33.85
CA ALA B 629 -6.99 -7.81 -34.07
C ALA B 629 -7.17 -8.71 -35.29
N GLY B 630 -6.65 -8.27 -36.44
CA GLY B 630 -6.56 -9.12 -37.60
C GLY B 630 -7.88 -9.71 -38.08
N TRP B 631 -8.04 -11.01 -37.88
CA TRP B 631 -9.21 -11.74 -38.33
C TRP B 631 -10.17 -11.95 -37.16
N GLY B 632 -11.33 -12.55 -37.46
CA GLY B 632 -12.34 -12.77 -36.44
C GLY B 632 -13.33 -13.82 -36.90
N ILE B 633 -14.25 -14.15 -35.99
CA ILE B 633 -15.21 -15.23 -36.19
C ILE B 633 -16.61 -14.72 -35.88
N PHE B 634 -17.56 -15.01 -36.77
CA PHE B 634 -18.96 -14.65 -36.59
C PHE B 634 -19.82 -15.92 -36.59
N ILE B 635 -21.14 -15.73 -36.62
CA ILE B 635 -22.11 -16.82 -36.60
C ILE B 635 -23.11 -16.60 -37.73
N LYS B 636 -23.53 -17.70 -38.38
CA LYS B 636 -24.45 -17.58 -39.50
C LYS B 636 -25.87 -17.32 -39.03
N ASP B 637 -26.30 -17.99 -37.96
CA ASP B 637 -27.67 -17.86 -37.52
C ASP B 637 -27.76 -17.04 -36.24
N PRO B 638 -28.87 -16.33 -36.02
CA PRO B 638 -29.05 -15.63 -34.74
C PRO B 638 -29.08 -16.61 -33.58
N VAL B 639 -28.46 -16.21 -32.47
CA VAL B 639 -28.33 -17.06 -31.30
C VAL B 639 -28.70 -16.24 -30.06
N GLN B 640 -29.64 -16.75 -29.27
CA GLN B 640 -30.07 -16.06 -28.07
C GLN B 640 -29.04 -16.27 -26.97
N LYS B 641 -29.38 -15.85 -25.75
CA LYS B 641 -28.46 -16.02 -24.63
C LYS B 641 -28.34 -17.48 -24.25
N ASN B 642 -27.10 -17.95 -24.08
CA ASN B 642 -26.79 -19.29 -23.58
C ASN B 642 -27.21 -20.40 -24.54
N GLU B 643 -26.96 -20.23 -25.83
CA GLU B 643 -27.04 -21.32 -26.79
C GLU B 643 -25.65 -21.75 -27.22
N PHE B 644 -25.57 -22.94 -27.79
CA PHE B 644 -24.30 -23.61 -28.00
C PHE B 644 -23.47 -22.94 -29.09
N ILE B 645 -22.16 -22.88 -28.86
CA ILE B 645 -21.16 -22.57 -29.87
C ILE B 645 -20.07 -23.62 -29.79
N SER B 646 -19.53 -24.01 -30.94
CA SER B 646 -18.63 -25.16 -31.04
C SER B 646 -17.45 -25.05 -30.07
N GLU B 647 -16.90 -26.20 -29.71
CA GLU B 647 -15.84 -26.28 -28.72
C GLU B 647 -14.50 -25.83 -29.31
N TYR B 648 -13.64 -25.34 -28.42
CA TYR B 648 -12.29 -24.91 -28.78
C TYR B 648 -11.43 -26.15 -29.01
N CYS B 649 -11.61 -26.75 -30.20
CA CYS B 649 -10.92 -27.99 -30.52
C CYS B 649 -9.43 -27.75 -30.69
N GLY B 650 -8.63 -28.61 -30.08
CA GLY B 650 -7.18 -28.46 -30.11
C GLY B 650 -6.43 -29.70 -29.66
N GLU B 651 -5.34 -29.50 -28.93
CA GLU B 651 -4.53 -30.60 -28.41
C GLU B 651 -4.23 -30.37 -26.94
N ILE B 652 -4.16 -31.46 -26.19
CA ILE B 652 -3.98 -31.42 -24.75
C ILE B 652 -2.52 -31.75 -24.44
N ILE B 653 -1.79 -30.79 -23.91
CA ILE B 653 -0.37 -30.96 -23.60
C ILE B 653 -0.20 -30.97 -22.09
N SER B 654 0.93 -31.53 -21.66
CA SER B 654 1.24 -31.56 -20.24
C SER B 654 1.70 -30.20 -19.76
N GLN B 655 1.83 -30.07 -18.43
CA GLN B 655 2.21 -28.79 -17.84
C GLN B 655 3.62 -28.38 -18.24
N ASP B 656 4.56 -29.34 -18.27
CA ASP B 656 5.95 -29.00 -18.54
C ASP B 656 6.13 -28.49 -19.96
N GLU B 657 5.51 -29.16 -20.94
CA GLU B 657 5.58 -28.67 -22.31
C GLU B 657 4.79 -27.38 -22.48
N ALA B 658 3.74 -27.19 -21.68
CA ALA B 658 3.03 -25.91 -21.67
C ALA B 658 3.99 -24.80 -21.27
N ASP B 659 4.85 -25.05 -20.29
CA ASP B 659 5.93 -24.10 -19.99
C ASP B 659 6.86 -23.94 -21.18
N ARG B 660 7.20 -25.05 -21.83
CA ARG B 660 8.05 -24.98 -23.02
C ARG B 660 7.33 -24.29 -24.17
N ARG B 661 6.10 -24.70 -24.46
CA ARG B 661 5.36 -24.07 -25.55
C ARG B 661 4.90 -22.67 -25.18
N GLY B 662 4.62 -22.42 -23.90
CA GLY B 662 4.20 -21.10 -23.49
C GLY B 662 5.25 -20.04 -23.76
N LYS B 663 6.51 -20.34 -23.40
CA LYS B 663 7.58 -19.41 -23.72
C LYS B 663 7.84 -19.34 -25.22
N VAL B 664 7.63 -20.46 -25.93
CA VAL B 664 7.72 -20.44 -27.39
C VAL B 664 6.64 -19.54 -27.97
N TYR B 665 5.40 -19.73 -27.51
CA TYR B 665 4.30 -18.87 -27.97
C TYR B 665 4.51 -17.43 -27.53
N ASP B 666 4.97 -17.23 -26.29
CA ASP B 666 5.33 -15.88 -25.85
C ASP B 666 6.47 -15.31 -26.67
N LYS B 667 7.39 -16.16 -27.12
CA LYS B 667 8.47 -15.68 -27.98
C LYS B 667 7.95 -15.20 -29.33
N TYR B 668 6.93 -15.85 -29.88
CA TYR B 668 6.32 -15.46 -31.13
C TYR B 668 5.09 -14.59 -30.95
N MET B 669 4.71 -14.28 -29.71
CA MET B 669 3.59 -13.39 -29.40
C MET B 669 2.28 -13.92 -30.02
N CYS B 670 1.88 -15.11 -29.57
CA CYS B 670 0.69 -15.77 -30.08
C CYS B 670 -0.17 -16.23 -28.91
N SER B 671 -1.46 -16.44 -29.18
CA SER B 671 -2.42 -16.82 -28.15
C SER B 671 -3.32 -17.93 -28.68
N PHE B 672 -2.91 -19.18 -28.43
CA PHE B 672 -3.76 -20.34 -28.67
C PHE B 672 -3.65 -21.37 -27.55
N LEU B 673 -3.16 -20.95 -26.38
CA LEU B 673 -2.86 -21.86 -25.27
C LEU B 673 -3.82 -21.58 -24.13
N PHE B 674 -4.29 -22.65 -23.49
CA PHE B 674 -5.18 -22.52 -22.34
C PHE B 674 -4.89 -23.64 -21.35
N ASN B 675 -4.85 -23.29 -20.07
CA ASN B 675 -4.67 -24.29 -19.03
C ASN B 675 -5.92 -25.16 -18.94
N LEU B 676 -5.78 -26.45 -19.27
CA LEU B 676 -6.91 -27.36 -19.20
C LEU B 676 -7.43 -27.50 -17.77
N ASN B 677 -6.53 -27.75 -16.84
CA ASN B 677 -6.89 -27.99 -15.44
C ASN B 677 -5.61 -27.92 -14.62
N ASN B 678 -5.70 -28.33 -13.35
CA ASN B 678 -4.52 -28.40 -12.50
C ASN B 678 -3.51 -29.43 -13.01
N ASP B 679 -3.93 -30.33 -13.90
CA ASP B 679 -3.06 -31.41 -14.35
C ASP B 679 -2.60 -31.27 -15.80
N PHE B 680 -3.31 -30.51 -16.63
CA PHE B 680 -2.98 -30.45 -18.04
C PHE B 680 -3.27 -29.06 -18.60
N VAL B 681 -2.80 -28.84 -19.82
CA VAL B 681 -2.97 -27.58 -20.54
C VAL B 681 -3.32 -27.92 -21.98
N VAL B 682 -4.28 -27.21 -22.55
CA VAL B 682 -4.76 -27.48 -23.91
C VAL B 682 -4.12 -26.48 -24.87
N ASP B 683 -3.62 -26.99 -25.99
CA ASP B 683 -2.99 -26.18 -27.03
C ASP B 683 -3.73 -26.37 -28.35
N ALA B 684 -3.98 -25.26 -29.04
CA ALA B 684 -4.65 -25.30 -30.34
C ALA B 684 -3.96 -24.35 -31.32
N THR B 685 -2.63 -24.38 -31.35
CA THR B 685 -1.88 -23.46 -32.19
C THR B 685 -1.65 -24.02 -33.59
N ARG B 686 -0.96 -25.17 -33.69
CA ARG B 686 -0.68 -25.75 -34.99
C ARG B 686 -1.91 -26.39 -35.61
N LYS B 687 -2.80 -26.97 -34.79
CA LYS B 687 -4.06 -27.52 -35.25
C LYS B 687 -5.17 -27.01 -34.33
N GLY B 688 -6.22 -26.48 -34.92
CA GLY B 688 -7.31 -25.93 -34.12
C GLY B 688 -8.57 -25.79 -34.94
N ASN B 689 -9.59 -25.26 -34.29
CA ASN B 689 -10.91 -25.07 -34.90
C ASN B 689 -11.13 -23.59 -35.20
N LYS B 690 -12.36 -23.25 -35.61
CA LYS B 690 -12.65 -21.89 -36.06
C LYS B 690 -12.62 -20.90 -34.91
N ILE B 691 -13.14 -21.28 -33.73
CA ILE B 691 -13.33 -20.32 -32.65
C ILE B 691 -12.02 -19.76 -32.14
N ARG B 692 -10.91 -20.46 -32.37
CA ARG B 692 -9.61 -19.95 -31.95
C ARG B 692 -9.24 -18.65 -32.65
N PHE B 693 -9.92 -18.33 -33.75
CA PHE B 693 -9.72 -17.08 -34.46
C PHE B 693 -10.67 -15.98 -34.01
N ALA B 694 -11.50 -16.24 -33.00
CA ALA B 694 -12.39 -15.23 -32.47
C ALA B 694 -11.63 -14.29 -31.54
N ASN B 695 -12.06 -13.03 -31.50
CA ASN B 695 -11.37 -12.00 -30.74
C ASN B 695 -11.84 -12.02 -29.29
N HIS B 696 -11.43 -11.01 -28.52
CA HIS B 696 -11.72 -10.92 -27.10
C HIS B 696 -12.33 -9.56 -26.78
N SER B 697 -13.23 -9.55 -25.79
CA SER B 697 -13.74 -8.32 -25.22
C SER B 697 -13.99 -8.52 -23.75
N VAL B 698 -13.64 -7.53 -22.94
CA VAL B 698 -13.97 -7.56 -21.52
C VAL B 698 -15.48 -7.52 -21.32
N ASN B 699 -16.22 -7.03 -22.31
CA ASN B 699 -17.68 -7.09 -22.33
C ASN B 699 -18.17 -7.98 -23.47
N PRO B 700 -17.82 -9.26 -23.44
CA PRO B 700 -18.06 -10.12 -24.59
C PRO B 700 -19.54 -10.39 -24.80
N ASN B 701 -19.87 -10.73 -26.04
CA ASN B 701 -21.22 -11.19 -26.37
C ASN B 701 -21.44 -12.67 -26.08
N CYS B 702 -20.37 -13.42 -25.83
CA CYS B 702 -20.45 -14.85 -25.53
C CYS B 702 -19.48 -15.16 -24.40
N TYR B 703 -19.35 -16.44 -24.07
CA TYR B 703 -18.44 -16.86 -23.01
C TYR B 703 -18.05 -18.31 -23.22
N ALA B 704 -16.99 -18.71 -22.52
CA ALA B 704 -16.47 -20.07 -22.56
C ALA B 704 -16.65 -20.70 -21.19
N LYS B 705 -17.22 -21.91 -21.16
CA LYS B 705 -17.48 -22.62 -19.92
C LYS B 705 -16.99 -24.05 -20.03
N VAL B 706 -16.15 -24.46 -19.07
CA VAL B 706 -15.51 -25.77 -19.12
C VAL B 706 -16.54 -26.86 -18.87
N MET B 707 -16.56 -27.87 -19.74
CA MET B 707 -17.50 -28.97 -19.67
C MET B 707 -16.78 -30.29 -19.38
N MET B 708 -17.48 -31.19 -18.70
CA MET B 708 -17.03 -32.55 -18.48
C MET B 708 -17.86 -33.51 -19.30
N VAL B 709 -17.21 -34.51 -19.91
CA VAL B 709 -17.90 -35.53 -20.68
C VAL B 709 -17.36 -36.91 -20.32
N ASN B 710 -18.08 -37.62 -19.45
CA ASN B 710 -17.74 -38.99 -19.07
C ASN B 710 -16.30 -39.10 -18.58
N GLY B 711 -15.86 -38.11 -17.78
CA GLY B 711 -14.50 -38.08 -17.34
C GLY B 711 -13.53 -37.46 -18.32
N ASP B 712 -14.01 -36.62 -19.23
CA ASP B 712 -13.17 -35.94 -20.21
C ASP B 712 -13.43 -34.44 -20.11
N HIS B 713 -12.34 -33.67 -20.07
CA HIS B 713 -12.44 -32.22 -19.93
C HIS B 713 -12.73 -31.58 -21.27
N ARG B 714 -13.82 -30.82 -21.34
CA ARG B 714 -14.18 -30.04 -22.52
C ARG B 714 -14.47 -28.61 -22.08
N ILE B 715 -14.90 -27.77 -23.02
CA ILE B 715 -15.29 -26.41 -22.68
C ILE B 715 -16.40 -25.95 -23.62
N GLY B 716 -17.57 -25.66 -23.05
CA GLY B 716 -18.68 -25.19 -23.85
C GLY B 716 -18.63 -23.69 -24.05
N ILE B 717 -19.05 -23.27 -25.24
CA ILE B 717 -19.11 -21.86 -25.62
C ILE B 717 -20.56 -21.47 -25.80
N PHE B 718 -20.98 -20.42 -25.11
CA PHE B 718 -22.38 -20.04 -25.08
C PHE B 718 -22.50 -18.53 -25.16
N ALA B 719 -23.59 -18.06 -25.76
CA ALA B 719 -23.82 -16.64 -25.97
C ALA B 719 -24.33 -15.99 -24.69
N LYS B 720 -23.73 -14.85 -24.32
CA LYS B 720 -24.15 -14.16 -23.11
C LYS B 720 -25.54 -13.55 -23.24
N ARG B 721 -25.86 -13.01 -24.42
CA ARG B 721 -27.09 -12.27 -24.63
C ARG B 721 -27.77 -12.73 -25.91
N ALA B 722 -28.96 -12.21 -26.15
CA ALA B 722 -29.65 -12.47 -27.41
C ALA B 722 -28.91 -11.77 -28.55
N ILE B 723 -28.59 -12.52 -29.60
CA ILE B 723 -27.71 -12.04 -30.66
C ILE B 723 -28.29 -12.44 -32.01
N GLN B 724 -28.29 -11.50 -32.95
CA GLN B 724 -28.66 -11.78 -34.32
C GLN B 724 -27.41 -11.98 -35.17
N THR B 725 -27.63 -12.47 -36.40
CA THR B 725 -26.52 -12.72 -37.30
C THR B 725 -25.78 -11.43 -37.62
N GLY B 726 -24.45 -11.47 -37.56
CA GLY B 726 -23.62 -10.33 -37.87
C GLY B 726 -22.86 -9.73 -36.70
N GLU B 727 -22.74 -10.44 -35.59
CA GLU B 727 -22.07 -9.93 -34.39
C GLU B 727 -20.79 -10.72 -34.15
N GLU B 728 -19.69 -9.99 -33.95
CA GLU B 728 -18.41 -10.64 -33.72
C GLU B 728 -18.39 -11.34 -32.36
N LEU B 729 -17.64 -12.43 -32.29
CA LEU B 729 -17.58 -13.24 -31.08
C LEU B 729 -16.46 -12.73 -30.16
N PHE B 730 -16.72 -12.80 -28.86
CA PHE B 730 -15.76 -12.35 -27.87
C PHE B 730 -15.81 -13.25 -26.64
N PHE B 731 -14.71 -13.26 -25.90
CA PHE B 731 -14.59 -13.99 -24.64
C PHE B 731 -13.34 -13.46 -23.94
N ASP B 732 -12.95 -14.12 -22.85
CA ASP B 732 -11.74 -13.76 -22.11
C ASP B 732 -10.78 -14.94 -22.11
N TYR B 733 -9.51 -14.66 -22.45
CA TYR B 733 -8.50 -15.72 -22.47
C TYR B 733 -8.16 -16.21 -21.08
N ARG B 734 -8.29 -15.35 -20.05
CA ARG B 734 -7.92 -15.70 -18.68
C ARG B 734 -6.45 -16.15 -18.63
N TYR B 735 -5.57 -15.23 -18.99
CA TYR B 735 -4.15 -15.49 -19.11
C TYR B 735 -3.39 -14.85 -17.97
N SER B 736 -2.06 -14.98 -18.00
CA SER B 736 -1.22 -14.28 -17.05
C SER B 736 -1.23 -12.78 -17.34
N GLN B 737 -0.78 -11.99 -16.36
CA GLN B 737 -0.80 -10.55 -16.51
C GLN B 737 0.07 -10.09 -17.67
N ALA B 738 1.26 -10.69 -17.82
CA ALA B 738 2.10 -10.38 -18.97
C ALA B 738 1.42 -10.80 -20.27
N ASP B 739 0.73 -11.93 -20.26
CA ASP B 739 0.07 -12.42 -21.46
C ASP B 739 -1.11 -11.53 -21.85
N ALA B 740 -1.82 -10.99 -20.86
CA ALA B 740 -3.06 -10.26 -21.15
C ALA B 740 -2.76 -8.92 -21.81
N LEU B 741 -2.05 -8.03 -21.10
CA LEU B 741 -1.83 -6.69 -21.62
C LEU B 741 -1.06 -6.71 -22.93
N LYS B 742 -0.07 -7.59 -23.03
CA LYS B 742 0.72 -7.69 -24.26
C LYS B 742 -0.12 -8.15 -25.44
N TYR B 743 -1.25 -8.80 -25.20
CA TYR B 743 -2.09 -9.35 -26.26
C TYR B 743 -3.44 -8.64 -26.38
N VAL B 744 -4.17 -8.50 -25.28
CA VAL B 744 -5.55 -8.01 -25.33
C VAL B 744 -5.69 -6.69 -24.59
N GLY B 745 -4.64 -5.86 -24.61
CA GLY B 745 -4.72 -4.57 -23.98
C GLY B 745 -5.43 -3.53 -24.82
N ILE B 746 -6.34 -3.98 -25.68
CA ILE B 746 -7.07 -3.12 -26.60
C ILE B 746 -8.56 -3.43 -26.48
N GLU B 747 -9.38 -2.39 -26.31
CA GLU B 747 -10.82 -2.55 -26.14
C GLU B 747 -11.66 -1.59 -26.97
N ARG B 748 -11.06 -0.78 -27.84
CA ARG B 748 -11.79 0.04 -28.81
C ARG B 748 -12.76 0.99 -28.12
N GLU B 749 -12.20 1.92 -27.35
CA GLU B 749 -12.98 2.95 -26.68
C GLU B 749 -12.48 4.33 -27.09
N MET B 750 -13.41 5.29 -27.17
CA MET B 750 -13.10 6.65 -27.57
C MET B 750 -12.91 7.54 -26.35
N GLU B 751 -11.85 8.35 -26.37
CA GLU B 751 -11.61 9.36 -25.36
C GLU B 751 -11.80 10.73 -26.01
N ILE B 752 -12.72 11.53 -25.46
CA ILE B 752 -12.92 12.91 -25.89
C ILE B 752 -11.76 13.79 -25.36
N PRO B 753 -11.64 14.08 -24.04
CA PRO B 753 -10.72 15.09 -23.50
C PRO B 753 -9.22 14.71 -23.56
N TYR C 80 35.30 -21.15 -64.66
CA TYR C 80 36.56 -21.38 -65.36
C TYR C 80 36.99 -20.14 -66.12
N SER C 81 36.01 -19.33 -66.54
CA SER C 81 36.30 -18.09 -67.26
C SER C 81 35.14 -17.13 -67.03
N PHE C 82 35.34 -16.16 -66.13
CA PHE C 82 34.31 -15.17 -65.83
C PHE C 82 35.00 -13.93 -65.27
N LYS C 83 35.04 -12.85 -66.04
CA LYS C 83 35.58 -11.56 -65.60
C LYS C 83 34.50 -10.49 -65.62
N CYS C 84 34.65 -9.52 -64.73
CA CYS C 84 33.72 -8.40 -64.62
C CYS C 84 34.13 -7.28 -65.57
N VAL C 85 33.20 -6.83 -66.40
CA VAL C 85 33.46 -5.74 -67.32
C VAL C 85 32.36 -4.69 -67.21
N ASN C 86 31.46 -4.83 -66.25
CA ASN C 86 30.35 -3.90 -66.13
C ASN C 86 29.83 -3.88 -64.71
N SER C 87 29.26 -2.74 -64.31
CA SER C 87 28.68 -2.58 -62.99
C SER C 87 27.73 -1.39 -63.01
N LEU C 88 26.78 -1.39 -62.07
CA LEU C 88 25.80 -0.32 -61.93
C LEU C 88 25.45 -0.13 -60.46
N LYS C 89 24.78 0.99 -60.19
CA LYS C 89 24.27 1.30 -58.85
C LYS C 89 23.13 2.30 -58.98
N GLU C 90 22.02 2.01 -58.30
CA GLU C 90 20.87 2.90 -58.32
C GLU C 90 20.84 3.77 -57.07
N ASP C 91 19.74 4.50 -56.89
CA ASP C 91 19.70 5.61 -55.93
C ASP C 91 18.90 5.32 -54.67
N HIS C 92 18.10 4.26 -54.61
CA HIS C 92 17.25 4.05 -53.45
C HIS C 92 17.98 3.43 -52.27
N ASN C 93 19.18 2.88 -52.48
CA ASN C 93 20.13 2.46 -51.45
C ASN C 93 19.66 1.28 -50.61
N GLN C 94 18.44 0.78 -50.84
CA GLN C 94 17.98 -0.38 -50.10
C GLN C 94 18.82 -1.59 -50.45
N PRO C 95 19.05 -2.49 -49.48
CA PRO C 95 19.66 -3.78 -49.81
C PRO C 95 18.88 -4.46 -50.92
N LEU C 96 19.61 -4.92 -51.94
CA LEU C 96 18.97 -5.43 -53.15
C LEU C 96 18.41 -6.82 -52.92
N PHE C 97 17.78 -7.37 -53.95
CA PHE C 97 17.05 -8.63 -53.84
C PHE C 97 17.30 -9.45 -55.10
N GLY C 98 16.46 -10.45 -55.32
CA GLY C 98 16.74 -11.44 -56.35
C GLY C 98 16.73 -10.83 -57.74
N VAL C 99 17.59 -11.39 -58.61
CA VAL C 99 17.63 -11.05 -60.03
C VAL C 99 17.65 -12.36 -60.81
N GLN C 100 16.87 -12.42 -61.89
CA GLN C 100 16.87 -13.60 -62.73
C GLN C 100 16.92 -13.20 -64.19
N PHE C 101 17.65 -13.97 -64.98
CA PHE C 101 17.83 -13.70 -66.40
C PHE C 101 16.70 -14.31 -67.20
N ASN C 102 16.34 -13.65 -68.29
CA ASN C 102 15.19 -14.08 -69.10
C ASN C 102 15.59 -15.33 -69.89
N TRP C 103 15.45 -16.48 -69.23
CA TRP C 103 15.53 -17.73 -69.96
C TRP C 103 14.29 -18.00 -70.79
N HIS C 104 13.23 -17.23 -70.57
CA HIS C 104 12.03 -17.24 -71.43
C HIS C 104 12.30 -16.34 -72.63
N SER C 105 13.22 -16.79 -73.48
CA SER C 105 13.64 -16.01 -74.64
C SER C 105 13.91 -16.97 -75.79
N LYS C 106 14.52 -16.47 -76.85
CA LYS C 106 14.95 -17.29 -77.97
C LYS C 106 16.42 -17.00 -78.25
N GLU C 107 17.09 -17.99 -78.86
CA GLU C 107 18.51 -17.85 -79.16
C GLU C 107 18.65 -16.86 -80.31
N GLY C 108 18.89 -15.59 -79.95
CA GLY C 108 18.89 -14.50 -80.90
C GLY C 108 18.01 -13.33 -80.49
N ASP C 109 16.93 -13.59 -79.75
CA ASP C 109 16.12 -12.52 -79.21
C ASP C 109 16.89 -11.77 -78.12
N PRO C 110 16.49 -10.53 -77.81
CA PRO C 110 17.19 -9.80 -76.74
C PRO C 110 16.96 -10.42 -75.38
N LEU C 111 18.00 -11.02 -74.83
CA LEU C 111 17.92 -11.67 -73.53
C LEU C 111 17.99 -10.63 -72.42
N VAL C 112 17.15 -10.79 -71.40
CA VAL C 112 16.90 -9.75 -70.41
C VAL C 112 17.15 -10.32 -69.01
N PHE C 113 17.41 -9.43 -68.06
CA PHE C 113 17.39 -9.79 -66.64
C PHE C 113 16.80 -8.63 -65.86
N ALA C 114 15.98 -8.96 -64.87
CA ALA C 114 15.24 -7.98 -64.10
C ALA C 114 15.84 -7.84 -62.70
N THR C 115 15.33 -6.86 -61.97
CA THR C 115 15.76 -6.59 -60.60
C THR C 115 14.57 -6.11 -59.80
N VAL C 116 14.45 -6.61 -58.56
CA VAL C 116 13.35 -6.25 -57.67
C VAL C 116 13.94 -5.56 -56.43
N GLY C 117 13.40 -4.40 -56.10
CA GLY C 117 13.74 -3.72 -54.86
C GLY C 117 12.66 -3.93 -53.81
N SER C 118 12.85 -3.26 -52.67
CA SER C 118 11.90 -3.40 -51.57
C SER C 118 10.50 -2.97 -52.01
N ASN C 119 10.39 -1.85 -52.71
CA ASN C 119 9.14 -1.43 -53.31
C ASN C 119 9.32 -1.04 -54.77
N ARG C 120 10.47 -1.34 -55.37
CA ARG C 120 10.77 -1.02 -56.75
C ARG C 120 11.02 -2.29 -57.55
N VAL C 121 10.67 -2.25 -58.83
CA VAL C 121 10.96 -3.34 -59.76
C VAL C 121 11.49 -2.72 -61.05
N THR C 122 12.50 -3.36 -61.63
CA THR C 122 13.13 -2.82 -62.83
C THR C 122 13.80 -3.95 -63.61
N LEU C 123 14.20 -3.63 -64.83
CA LEU C 123 14.84 -4.57 -65.73
C LEU C 123 16.06 -3.92 -66.36
N TYR C 124 16.91 -4.76 -66.96
CA TYR C 124 18.13 -4.29 -67.58
C TYR C 124 18.37 -5.06 -68.87
N GLU C 125 19.13 -4.46 -69.78
CA GLU C 125 19.48 -5.06 -71.06
C GLU C 125 21.00 -5.14 -71.19
N CYS C 126 21.47 -6.27 -71.71
CA CYS C 126 22.89 -6.51 -71.90
C CYS C 126 23.29 -6.16 -73.33
N HIS C 127 24.35 -5.37 -73.47
CA HIS C 127 24.83 -4.92 -74.77
C HIS C 127 26.31 -5.24 -74.88
N SER C 128 26.82 -5.17 -76.12
CA SER C 128 28.22 -5.45 -76.38
C SER C 128 29.11 -4.36 -75.77
N GLN C 129 30.39 -4.69 -75.66
CA GLN C 129 31.40 -3.80 -75.08
C GLN C 129 31.08 -3.43 -73.63
N GLY C 130 30.31 -4.28 -72.96
CA GLY C 130 29.95 -4.06 -71.59
C GLY C 130 28.80 -3.10 -71.36
N GLU C 131 28.24 -2.53 -72.42
CA GLU C 131 27.19 -1.53 -72.28
C GLU C 131 25.92 -2.13 -71.70
N ILE C 132 25.24 -1.35 -70.86
CA ILE C 132 23.96 -1.74 -70.25
C ILE C 132 23.00 -0.56 -70.36
N ARG C 133 21.76 -0.84 -70.74
CA ARG C 133 20.71 0.17 -70.81
C ARG C 133 19.62 -0.18 -69.81
N LEU C 134 19.21 0.81 -69.02
CA LEU C 134 18.17 0.59 -68.02
C LEU C 134 16.83 0.41 -68.71
N LEU C 135 16.12 -0.67 -68.37
CA LEU C 135 14.83 -0.96 -68.94
C LEU C 135 13.73 -0.39 -68.04
N GLN C 136 12.49 -0.83 -68.25
CA GLN C 136 11.33 -0.33 -67.51
C GLN C 136 11.58 -0.39 -66.01
N SER C 137 11.03 0.58 -65.29
CA SER C 137 11.18 0.67 -63.84
C SER C 137 9.86 1.09 -63.21
N TYR C 138 9.47 0.41 -62.15
CA TYR C 138 8.22 0.69 -61.46
C TYR C 138 8.45 0.71 -59.95
N VAL C 139 7.58 1.43 -59.24
CA VAL C 139 7.69 1.62 -57.81
C VAL C 139 6.32 1.29 -57.19
N ASP C 140 6.32 1.11 -55.87
CA ASP C 140 5.09 0.84 -55.13
C ASP C 140 5.15 1.63 -53.84
N ALA C 141 4.42 2.75 -53.78
CA ALA C 141 4.39 3.59 -52.59
C ALA C 141 3.23 3.27 -51.65
N ASP C 142 2.13 2.74 -52.18
CA ASP C 142 0.97 2.43 -51.34
C ASP C 142 1.30 1.32 -50.35
N ALA C 143 1.85 0.21 -50.84
CA ALA C 143 2.20 -0.94 -50.01
C ALA C 143 3.70 -0.89 -49.76
N ASP C 144 4.10 -0.15 -48.71
CA ASP C 144 5.50 0.02 -48.38
C ASP C 144 5.97 -1.16 -47.53
N GLU C 145 6.17 -2.29 -48.21
CA GLU C 145 6.78 -3.46 -47.61
C GLU C 145 7.74 -4.06 -48.62
N ASN C 146 8.70 -4.82 -48.12
CA ASN C 146 9.75 -5.37 -48.97
C ASN C 146 9.17 -6.31 -50.01
N PHE C 147 9.66 -6.20 -51.23
CA PHE C 147 9.33 -7.09 -52.33
C PHE C 147 10.61 -7.80 -52.76
N TYR C 148 10.67 -9.10 -52.51
CA TYR C 148 11.91 -9.84 -52.69
C TYR C 148 11.74 -11.16 -53.44
N THR C 149 10.54 -11.50 -53.88
CA THR C 149 10.27 -12.75 -54.57
C THR C 149 9.77 -12.46 -55.97
N CYS C 150 10.36 -13.13 -56.96
CA CYS C 150 9.97 -12.94 -58.34
C CYS C 150 10.11 -14.25 -59.09
N ALA C 151 9.40 -14.35 -60.21
CA ALA C 151 9.44 -15.54 -61.04
C ALA C 151 9.08 -15.16 -62.47
N TRP C 152 9.86 -15.66 -63.43
CA TRP C 152 9.57 -15.40 -64.83
C TRP C 152 8.20 -15.95 -65.20
N THR C 153 7.46 -15.17 -65.98
CA THR C 153 6.14 -15.56 -66.45
C THR C 153 6.12 -15.46 -67.97
N TYR C 154 5.40 -16.38 -68.60
CA TYR C 154 5.26 -16.39 -70.05
C TYR C 154 3.85 -16.84 -70.39
N ASP C 155 3.31 -16.29 -71.48
CA ASP C 155 1.98 -16.62 -71.94
C ASP C 155 2.11 -17.60 -73.10
N SER C 156 1.71 -18.85 -72.86
CA SER C 156 1.74 -19.86 -73.91
C SER C 156 0.78 -19.54 -75.04
N ASN C 157 -0.26 -18.74 -74.77
CA ASN C 157 -1.24 -18.42 -75.80
C ASN C 157 -0.76 -17.27 -76.68
N THR C 158 -0.50 -16.11 -76.08
CA THR C 158 -0.13 -14.91 -76.82
C THR C 158 1.37 -14.75 -77.01
N SER C 159 2.17 -15.71 -76.53
CA SER C 159 3.62 -15.71 -76.73
C SER C 159 4.27 -14.45 -76.16
N HIS C 160 3.77 -13.98 -75.02
CA HIS C 160 4.38 -12.85 -74.33
C HIS C 160 4.96 -13.28 -73.00
N PRO C 161 6.21 -12.89 -72.71
CA PRO C 161 6.76 -13.12 -71.37
C PRO C 161 6.31 -12.06 -70.38
N LEU C 162 6.30 -12.44 -69.11
CA LEU C 162 5.90 -11.55 -68.03
C LEU C 162 6.80 -11.83 -66.83
N LEU C 163 6.42 -11.31 -65.67
CA LEU C 163 7.18 -11.49 -64.45
C LEU C 163 6.24 -11.40 -63.26
N ALA C 164 6.18 -12.48 -62.47
CA ALA C 164 5.34 -12.54 -61.29
C ALA C 164 6.16 -12.16 -60.06
N VAL C 165 5.70 -11.16 -59.31
CA VAL C 165 6.42 -10.64 -58.17
C VAL C 165 5.52 -10.67 -56.95
N ALA C 166 6.15 -10.82 -55.77
CA ALA C 166 5.46 -10.79 -54.50
C ALA C 166 6.45 -10.37 -53.43
N GLY C 167 5.92 -9.92 -52.30
CA GLY C 167 6.78 -9.40 -51.25
C GLY C 167 6.44 -9.81 -49.84
N SER C 168 6.32 -8.82 -48.95
CA SER C 168 6.15 -9.05 -47.53
C SER C 168 4.69 -9.05 -47.09
N ARG C 169 3.74 -8.93 -48.02
CA ARG C 169 2.33 -8.95 -47.69
C ARG C 169 1.56 -10.09 -48.35
N GLY C 170 2.21 -10.89 -49.19
CA GLY C 170 1.58 -12.06 -49.76
C GLY C 170 0.73 -11.82 -50.99
N ILE C 171 0.67 -10.59 -51.50
CA ILE C 171 -0.10 -10.28 -52.69
C ILE C 171 0.81 -10.39 -53.91
N ILE C 172 0.36 -11.15 -54.91
CA ILE C 172 1.15 -11.40 -56.11
C ILE C 172 0.72 -10.42 -57.19
N ARG C 173 1.71 -9.74 -57.78
CA ARG C 173 1.48 -8.79 -58.85
C ARG C 173 2.16 -9.30 -60.12
N ILE C 174 1.44 -9.25 -61.24
CA ILE C 174 1.95 -9.71 -62.53
C ILE C 174 2.11 -8.49 -63.44
N ILE C 175 3.29 -8.37 -64.05
CA ILE C 175 3.62 -7.24 -64.90
C ILE C 175 3.72 -7.72 -66.35
N ASN C 176 3.02 -7.02 -67.24
CA ASN C 176 3.14 -7.26 -68.68
C ASN C 176 3.80 -6.03 -69.30
N PRO C 177 5.06 -6.11 -69.72
CA PRO C 177 5.71 -4.92 -70.29
C PRO C 177 5.01 -4.38 -71.52
N ILE C 178 4.43 -5.25 -72.35
CA ILE C 178 3.64 -4.77 -73.49
C ILE C 178 2.40 -4.03 -73.00
N THR C 179 1.70 -4.60 -72.02
CA THR C 179 0.55 -3.94 -71.41
C THR C 179 0.97 -2.82 -70.47
N MET C 180 2.23 -2.82 -70.03
CA MET C 180 2.81 -1.84 -69.10
C MET C 180 1.91 -1.59 -67.88
N GLN C 181 1.08 -2.56 -67.53
CA GLN C 181 0.18 -2.44 -66.40
C GLN C 181 0.06 -3.79 -65.69
N CYS C 182 -0.26 -3.73 -64.41
CA CYS C 182 -0.41 -4.90 -63.56
C CYS C 182 -1.89 -5.03 -63.18
N ILE C 183 -2.60 -5.91 -63.88
CA ILE C 183 -4.04 -6.11 -63.67
C ILE C 183 -4.27 -7.61 -63.48
N LYS C 184 -4.23 -8.06 -62.23
CA LYS C 184 -4.62 -9.41 -61.84
C LYS C 184 -4.63 -9.50 -60.32
N HIS C 185 -5.60 -10.24 -59.78
CA HIS C 185 -5.82 -10.32 -58.34
C HIS C 185 -5.31 -11.65 -57.81
N TYR C 186 -4.39 -11.60 -56.84
CA TYR C 186 -3.89 -12.81 -56.20
C TYR C 186 -3.57 -12.45 -54.74
N VAL C 187 -4.56 -12.67 -53.88
CA VAL C 187 -4.44 -12.41 -52.44
C VAL C 187 -4.98 -13.62 -51.70
N GLY C 188 -4.50 -13.82 -50.48
CA GLY C 188 -4.94 -14.94 -49.66
C GLY C 188 -3.79 -15.55 -48.89
N HIS C 189 -2.57 -15.12 -49.22
CA HIS C 189 -1.39 -15.66 -48.57
C HIS C 189 -1.37 -15.27 -47.10
N GLY C 190 -0.80 -16.15 -46.26
CA GLY C 190 -0.89 -15.99 -44.84
C GLY C 190 -0.13 -14.80 -44.25
N ASN C 191 1.20 -14.85 -44.29
CA ASN C 191 2.02 -13.77 -43.74
C ASN C 191 2.76 -13.02 -44.83
N ALA C 192 3.56 -13.73 -45.61
CA ALA C 192 4.40 -13.14 -46.65
C ALA C 192 5.01 -14.27 -47.47
N ILE C 193 5.33 -13.96 -48.72
CA ILE C 193 5.89 -14.93 -49.66
C ILE C 193 7.40 -14.74 -49.68
N ASN C 194 8.12 -15.86 -49.59
CA ASN C 194 9.59 -15.84 -49.59
C ASN C 194 10.19 -16.64 -50.72
N GLU C 195 9.41 -16.96 -51.76
CA GLU C 195 9.91 -17.56 -52.98
C GLU C 195 8.82 -17.53 -54.05
N LEU C 196 9.22 -17.26 -55.29
CA LEU C 196 8.35 -17.42 -56.44
C LEU C 196 9.09 -18.18 -57.53
N LYS C 197 8.44 -19.20 -58.08
CA LYS C 197 9.01 -19.97 -59.18
C LYS C 197 7.87 -20.57 -59.99
N PHE C 198 8.13 -20.81 -61.27
CA PHE C 198 7.16 -21.37 -62.19
C PHE C 198 7.54 -22.79 -62.57
N HIS C 199 6.56 -23.51 -63.13
CA HIS C 199 6.83 -24.85 -63.62
C HIS C 199 7.73 -24.77 -64.85
N PRO C 200 8.70 -25.68 -64.97
CA PRO C 200 9.61 -25.62 -66.12
C PRO C 200 8.90 -25.71 -67.46
N ARG C 201 7.83 -26.49 -67.55
CA ARG C 201 7.06 -26.58 -68.79
C ARG C 201 5.92 -25.58 -68.80
N ASP C 202 5.02 -25.66 -67.82
CA ASP C 202 3.86 -24.79 -67.79
C ASP C 202 4.30 -23.36 -67.44
N PRO C 203 4.06 -22.39 -68.29
CA PRO C 203 4.46 -21.01 -67.98
C PRO C 203 3.37 -20.25 -67.25
N ASN C 204 2.38 -20.97 -66.72
CA ASN C 204 1.20 -20.35 -66.12
C ASN C 204 0.97 -20.76 -64.67
N LEU C 205 1.83 -21.60 -64.10
CA LEU C 205 1.66 -22.10 -62.74
C LEU C 205 2.82 -21.62 -61.89
N LEU C 206 2.52 -20.92 -60.80
CA LEU C 206 3.52 -20.27 -59.98
C LEU C 206 3.63 -20.97 -58.63
N LEU C 207 4.87 -21.17 -58.17
CA LEU C 207 5.14 -21.75 -56.86
C LEU C 207 5.43 -20.62 -55.87
N SER C 208 4.67 -20.59 -54.78
CA SER C 208 4.85 -19.59 -53.73
C SER C 208 5.11 -20.31 -52.41
N VAL C 209 6.19 -19.91 -51.73
CA VAL C 209 6.58 -20.48 -50.45
C VAL C 209 6.30 -19.46 -49.36
N SER C 210 5.89 -19.96 -48.20
CA SER C 210 5.47 -19.11 -47.09
C SER C 210 6.38 -19.30 -45.88
N LYS C 211 6.51 -18.23 -45.10
CA LYS C 211 7.04 -18.34 -43.74
C LYS C 211 6.05 -19.02 -42.81
N ASP C 212 4.82 -19.25 -43.27
CA ASP C 212 3.80 -19.96 -42.51
C ASP C 212 4.09 -21.45 -42.36
N HIS C 213 5.20 -21.93 -42.93
CA HIS C 213 5.55 -23.34 -43.04
C HIS C 213 4.64 -24.09 -44.00
N ALA C 214 3.83 -23.38 -44.78
CA ALA C 214 2.94 -23.97 -45.75
C ALA C 214 3.33 -23.52 -47.15
N LEU C 215 2.88 -24.29 -48.15
CA LEU C 215 3.18 -24.02 -49.55
C LEU C 215 1.90 -23.64 -50.26
N ARG C 216 1.89 -22.45 -50.86
CA ARG C 216 0.73 -21.91 -51.55
C ARG C 216 0.96 -21.98 -53.06
N LEU C 217 -0.09 -22.34 -53.79
CA LEU C 217 -0.03 -22.50 -55.23
C LEU C 217 -1.15 -21.72 -55.90
N TRP C 218 -0.81 -21.07 -57.02
CA TRP C 218 -1.77 -20.28 -57.80
C TRP C 218 -1.66 -20.66 -59.28
N ASN C 219 -2.80 -20.85 -59.91
CA ASN C 219 -2.86 -20.97 -61.38
C ASN C 219 -3.06 -19.57 -61.93
N ILE C 220 -2.01 -19.02 -62.52
CA ILE C 220 -2.00 -17.59 -62.85
C ILE C 220 -3.00 -17.28 -63.96
N GLN C 221 -3.02 -18.10 -65.01
CA GLN C 221 -3.90 -17.80 -66.13
C GLN C 221 -5.37 -17.90 -65.72
N THR C 222 -5.72 -18.94 -64.96
CA THR C 222 -7.08 -19.11 -64.49
C THR C 222 -7.39 -18.33 -63.22
N ASP C 223 -6.38 -17.72 -62.59
CA ASP C 223 -6.53 -16.93 -61.38
C ASP C 223 -7.11 -17.73 -60.22
N THR C 224 -6.94 -19.05 -60.25
CA THR C 224 -7.46 -19.94 -59.22
C THR C 224 -6.34 -20.34 -58.26
N LEU C 225 -6.74 -20.96 -57.15
CA LEU C 225 -5.82 -21.40 -56.11
C LEU C 225 -5.59 -22.90 -56.25
N VAL C 226 -4.36 -23.29 -56.56
CA VAL C 226 -3.99 -24.69 -56.73
C VAL C 226 -3.74 -25.26 -55.34
N ALA C 227 -3.67 -26.60 -55.23
CA ALA C 227 -3.62 -27.29 -53.96
C ALA C 227 -2.55 -26.71 -53.03
N ILE C 228 -2.78 -26.88 -51.73
CA ILE C 228 -1.95 -26.29 -50.68
C ILE C 228 -1.13 -27.39 -50.02
N PHE C 229 0.14 -27.09 -49.76
CA PHE C 229 1.06 -28.06 -49.17
C PHE C 229 1.53 -27.58 -47.80
N GLY C 230 1.88 -28.53 -46.95
CA GLY C 230 2.48 -28.24 -45.66
C GLY C 230 1.62 -27.47 -44.69
N GLY C 231 0.33 -27.77 -44.64
CA GLY C 231 -0.56 -27.12 -43.68
C GLY C 231 -0.28 -27.51 -42.24
N VAL C 232 -0.13 -28.81 -41.98
CA VAL C 232 0.13 -29.33 -40.64
C VAL C 232 1.46 -30.06 -40.55
N GLU C 233 1.79 -30.88 -41.56
CA GLU C 233 2.98 -31.71 -41.53
C GLU C 233 4.16 -31.05 -42.22
N GLY C 234 4.19 -29.72 -42.23
CA GLY C 234 5.29 -28.98 -42.80
C GLY C 234 6.43 -28.82 -41.81
N HIS C 235 7.39 -27.99 -42.20
CA HIS C 235 8.58 -27.77 -41.38
C HIS C 235 8.21 -27.07 -40.08
N ARG C 236 8.91 -27.44 -39.01
CA ARG C 236 8.70 -26.82 -37.71
C ARG C 236 9.13 -25.36 -37.68
N ASP C 237 9.88 -24.90 -38.68
CA ASP C 237 10.31 -23.51 -38.74
C ASP C 237 10.11 -22.99 -40.16
N GLU C 238 10.45 -21.72 -40.34
CA GLU C 238 10.08 -20.98 -41.56
C GLU C 238 10.71 -21.61 -42.79
N VAL C 239 9.98 -21.56 -43.91
CA VAL C 239 10.41 -22.18 -45.15
C VAL C 239 10.59 -21.09 -46.20
N LEU C 240 11.71 -21.11 -46.92
CA LEU C 240 11.97 -20.13 -47.97
C LEU C 240 12.28 -20.76 -49.31
N SER C 241 12.97 -21.89 -49.32
CA SER C 241 13.61 -22.42 -50.52
C SER C 241 12.85 -23.64 -51.05
N ALA C 242 12.86 -23.77 -52.37
CA ALA C 242 12.25 -24.90 -53.06
C ALA C 242 12.94 -25.04 -54.42
N ASP C 243 12.57 -26.08 -55.16
CA ASP C 243 13.17 -26.32 -56.47
C ASP C 243 12.19 -27.07 -57.36
N TYR C 244 12.41 -26.95 -58.67
CA TYR C 244 11.63 -27.64 -59.69
C TYR C 244 12.54 -28.52 -60.52
N ASP C 245 12.19 -29.78 -60.67
CA ASP C 245 12.84 -30.60 -61.68
C ASP C 245 12.31 -30.22 -63.05
N LEU C 246 13.12 -30.49 -64.08
CA LEU C 246 12.78 -30.04 -65.43
C LEU C 246 11.46 -30.63 -65.91
N LEU C 247 11.05 -31.78 -65.38
CA LEU C 247 9.72 -32.30 -65.65
C LEU C 247 8.67 -31.71 -64.71
N GLY C 248 9.10 -31.07 -63.63
CA GLY C 248 8.16 -30.71 -62.58
C GLY C 248 7.50 -31.90 -61.94
N GLU C 249 8.23 -33.02 -61.84
CA GLU C 249 7.67 -34.25 -61.29
C GLU C 249 7.34 -34.09 -59.80
N LYS C 250 8.19 -33.39 -59.06
CA LYS C 250 8.04 -33.27 -57.62
C LYS C 250 8.30 -31.83 -57.21
N ILE C 251 8.03 -31.53 -55.94
CA ILE C 251 8.31 -30.23 -55.35
C ILE C 251 8.99 -30.44 -54.02
N MET C 252 9.85 -29.49 -53.63
CA MET C 252 10.71 -29.65 -52.47
C MET C 252 10.38 -28.59 -51.43
N SER C 253 10.61 -28.94 -50.16
CA SER C 253 10.49 -27.99 -49.06
C SER C 253 11.66 -28.18 -48.11
N CYS C 254 12.36 -27.10 -47.80
CA CYS C 254 13.47 -27.14 -46.85
C CYS C 254 13.32 -25.92 -45.93
N GLY C 255 12.80 -26.16 -44.73
CA GLY C 255 12.51 -25.09 -43.80
C GLY C 255 13.73 -24.61 -43.04
N MET C 256 13.50 -23.57 -42.25
CA MET C 256 14.55 -23.01 -41.40
C MET C 256 15.04 -24.02 -40.38
N ASP C 257 14.25 -25.06 -40.10
CA ASP C 257 14.57 -26.12 -39.15
C ASP C 257 15.51 -27.17 -39.74
N HIS C 258 16.11 -26.92 -40.89
CA HIS C 258 17.07 -27.80 -41.56
C HIS C 258 16.45 -29.10 -42.06
N SER C 259 15.13 -29.24 -41.99
CA SER C 259 14.48 -30.44 -42.48
C SER C 259 14.39 -30.41 -44.00
N LEU C 260 14.25 -31.60 -44.60
CA LEU C 260 14.23 -31.77 -46.05
C LEU C 260 12.93 -32.50 -46.41
N LYS C 261 11.92 -31.75 -46.83
CA LYS C 261 10.60 -32.30 -47.13
C LYS C 261 10.31 -32.23 -48.62
N LEU C 262 9.83 -33.33 -49.18
CA LEU C 262 9.61 -33.45 -50.62
C LEU C 262 8.19 -33.93 -50.88
N TRP C 263 7.55 -33.34 -51.89
CA TRP C 263 6.22 -33.73 -52.35
C TRP C 263 6.25 -34.00 -53.85
N ARG C 264 5.71 -35.14 -54.26
CA ARG C 264 5.52 -35.39 -55.69
C ARG C 264 4.44 -34.48 -56.26
N ILE C 265 4.66 -34.04 -57.50
CA ILE C 265 3.61 -33.39 -58.29
C ILE C 265 2.90 -34.39 -59.19
N ASN C 266 3.50 -35.55 -59.43
CA ASN C 266 2.93 -36.61 -60.25
C ASN C 266 1.86 -37.41 -59.53
N SER C 267 1.35 -36.91 -58.41
CA SER C 267 0.29 -37.61 -57.70
C SER C 267 -0.99 -37.60 -58.53
N LYS C 268 -1.76 -38.68 -58.44
CA LYS C 268 -3.01 -38.75 -59.19
C LYS C 268 -3.98 -37.67 -58.76
N ARG C 269 -4.09 -37.43 -57.46
CA ARG C 269 -4.91 -36.34 -56.96
C ARG C 269 -4.36 -34.99 -57.42
N MET C 270 -3.03 -34.84 -57.42
CA MET C 270 -2.42 -33.58 -57.82
C MET C 270 -2.66 -33.31 -59.31
N MET C 271 -2.42 -34.29 -60.16
CA MET C 271 -2.52 -34.06 -61.60
C MET C 271 -3.95 -33.68 -62.00
N ASN C 272 -4.95 -34.32 -61.41
CA ASN C 272 -6.33 -33.97 -61.71
C ASN C 272 -6.62 -32.53 -61.33
N ALA C 273 -6.31 -32.16 -60.08
CA ALA C 273 -6.56 -30.79 -59.62
C ALA C 273 -5.90 -29.77 -60.52
N ILE C 274 -4.77 -30.12 -61.13
CA ILE C 274 -4.18 -29.25 -62.14
C ILE C 274 -5.13 -29.09 -63.33
N LYS C 275 -5.74 -30.20 -63.77
CA LYS C 275 -6.59 -30.15 -64.95
C LYS C 275 -7.84 -29.32 -64.71
N GLU C 276 -8.57 -29.60 -63.62
CA GLU C 276 -9.76 -28.80 -63.36
C GLU C 276 -9.44 -27.38 -62.93
N SER C 277 -8.18 -27.08 -62.62
CA SER C 277 -7.80 -25.69 -62.40
C SER C 277 -8.06 -24.85 -63.64
N TYR C 278 -7.77 -25.40 -64.82
CA TYR C 278 -8.13 -24.76 -66.07
C TYR C 278 -9.62 -24.87 -66.39
N ASP C 279 -10.34 -25.75 -65.69
CA ASP C 279 -11.75 -25.99 -65.95
C ASP C 279 -12.56 -25.32 -64.84
N TYR C 280 -12.86 -24.05 -65.03
CA TYR C 280 -13.69 -23.32 -64.09
C TYR C 280 -14.29 -22.10 -64.79
N ASN C 281 -15.46 -21.67 -64.30
CA ASN C 281 -16.14 -20.49 -64.79
C ASN C 281 -16.88 -19.87 -63.61
N PRO C 282 -16.79 -18.56 -63.43
CA PRO C 282 -17.50 -17.93 -62.29
C PRO C 282 -19.00 -18.16 -62.32
N ASN C 283 -19.61 -18.19 -63.50
CA ASN C 283 -21.03 -18.44 -63.64
C ASN C 283 -21.38 -19.92 -63.73
N LYS C 284 -20.38 -20.79 -63.80
CA LYS C 284 -20.65 -22.23 -63.84
C LYS C 284 -21.34 -22.69 -62.56
N THR C 285 -20.74 -22.38 -61.40
CA THR C 285 -21.25 -22.84 -60.12
C THR C 285 -21.00 -21.78 -59.06
N ASN C 286 -21.80 -21.84 -58.00
CA ASN C 286 -21.55 -20.99 -56.84
C ASN C 286 -20.32 -21.46 -56.06
N ARG C 287 -20.04 -22.75 -56.09
CA ARG C 287 -18.86 -23.27 -55.42
C ARG C 287 -17.59 -22.76 -56.11
N PRO C 288 -16.56 -22.43 -55.34
CA PRO C 288 -15.27 -22.05 -55.93
C PRO C 288 -14.50 -23.31 -56.33
N PHE C 289 -13.34 -23.09 -56.92
CA PHE C 289 -12.46 -24.22 -57.26
C PHE C 289 -12.01 -24.91 -55.97
N ILE C 290 -12.47 -26.13 -55.78
CA ILE C 290 -12.18 -26.87 -54.55
C ILE C 290 -10.71 -27.23 -54.53
N SER C 291 -9.94 -26.55 -53.69
CA SER C 291 -8.52 -26.82 -53.57
C SER C 291 -8.29 -28.08 -52.74
N GLN C 292 -7.03 -28.49 -52.64
CA GLN C 292 -6.65 -29.71 -51.95
C GLN C 292 -5.56 -29.45 -50.93
N LYS C 293 -5.68 -30.10 -49.77
CA LYS C 293 -4.68 -30.03 -48.73
C LYS C 293 -3.85 -31.31 -48.76
N ILE C 294 -2.54 -31.15 -48.98
CA ILE C 294 -1.60 -32.27 -48.97
C ILE C 294 -0.50 -31.93 -47.99
N HIS C 295 -0.18 -32.86 -47.09
CA HIS C 295 0.72 -32.58 -45.98
C HIS C 295 1.86 -33.58 -45.83
N PHE C 296 1.74 -34.79 -46.33
CA PHE C 296 2.74 -35.80 -46.06
C PHE C 296 3.96 -35.61 -46.97
N PRO C 297 5.14 -35.34 -46.43
CA PRO C 297 6.31 -35.18 -47.29
C PRO C 297 6.99 -36.51 -47.57
N ASP C 298 7.39 -36.74 -48.83
CA ASP C 298 7.92 -38.04 -49.23
C ASP C 298 9.28 -38.36 -48.62
N PHE C 299 9.93 -37.39 -47.99
CA PHE C 299 11.19 -37.65 -47.32
C PHE C 299 11.39 -36.61 -46.23
N SER C 300 12.27 -36.93 -45.27
CA SER C 300 12.58 -36.02 -44.18
C SER C 300 13.93 -36.40 -43.59
N THR C 301 14.76 -35.39 -43.31
CA THR C 301 16.03 -35.60 -42.63
C THR C 301 16.44 -34.27 -42.01
N ARG C 302 17.08 -34.34 -40.84
CA ARG C 302 17.45 -33.16 -40.08
C ARG C 302 18.91 -33.11 -39.67
N ASP C 303 19.60 -34.24 -39.56
CA ASP C 303 21.00 -34.25 -39.14
C ASP C 303 21.94 -33.67 -40.19
N ILE C 304 21.44 -33.38 -41.39
CA ILE C 304 22.31 -32.91 -42.47
C ILE C 304 22.94 -31.57 -42.11
N HIS C 305 22.12 -30.62 -41.67
CA HIS C 305 22.57 -29.25 -41.44
C HIS C 305 22.48 -28.91 -39.96
N ARG C 306 23.59 -28.48 -39.39
CA ARG C 306 23.64 -27.98 -38.03
C ARG C 306 23.46 -26.46 -37.96
N ASN C 307 23.42 -25.78 -39.10
CA ASN C 307 23.32 -24.33 -39.14
C ASN C 307 22.22 -23.94 -40.12
N TYR C 308 21.97 -22.63 -40.23
CA TYR C 308 20.85 -22.12 -41.00
C TYR C 308 20.95 -22.55 -42.45
N VAL C 309 19.90 -23.19 -42.96
CA VAL C 309 19.85 -23.59 -44.36
C VAL C 309 18.99 -22.61 -45.14
N ASP C 310 19.50 -22.17 -46.29
CA ASP C 310 18.79 -21.18 -47.08
C ASP C 310 18.84 -21.43 -48.59
N CYS C 311 19.43 -22.53 -49.04
CA CYS C 311 19.54 -22.81 -50.47
C CYS C 311 19.57 -24.31 -50.69
N VAL C 312 18.61 -24.81 -51.46
CA VAL C 312 18.55 -26.22 -51.84
C VAL C 312 18.23 -26.31 -53.32
N ARG C 313 18.88 -27.25 -54.01
CA ARG C 313 18.71 -27.42 -55.45
C ARG C 313 18.52 -28.90 -55.74
N TRP C 314 18.19 -29.21 -56.99
CA TRP C 314 18.09 -30.58 -57.47
C TRP C 314 19.08 -30.79 -58.60
N LEU C 315 19.75 -31.95 -58.58
CA LEU C 315 20.62 -32.41 -59.67
C LEU C 315 20.14 -33.81 -60.04
N GLY C 316 19.12 -33.87 -60.89
CA GLY C 316 18.50 -35.14 -61.21
C GLY C 316 17.84 -35.79 -60.02
N ASP C 317 18.42 -36.87 -59.51
CA ASP C 317 17.96 -37.52 -58.30
C ASP C 317 18.77 -37.10 -57.07
N LEU C 318 19.60 -36.08 -57.21
CA LEU C 318 20.45 -35.60 -56.13
C LEU C 318 19.85 -34.36 -55.50
N ILE C 319 20.20 -34.12 -54.25
CA ILE C 319 19.67 -33.00 -53.47
C ILE C 319 20.84 -32.06 -53.19
N LEU C 320 21.03 -31.07 -54.07
CA LEU C 320 21.98 -30.01 -53.80
C LEU C 320 21.45 -29.11 -52.70
N SER C 321 22.36 -28.59 -51.89
CA SER C 321 21.94 -27.77 -50.76
C SER C 321 23.08 -26.87 -50.31
N LYS C 322 22.73 -25.70 -49.80
CA LYS C 322 23.69 -24.78 -49.18
C LYS C 322 23.09 -24.27 -47.88
N SER C 323 23.89 -24.27 -46.82
CA SER C 323 23.51 -23.74 -45.53
C SER C 323 24.35 -22.51 -45.21
N CYS C 324 24.14 -21.96 -44.01
CA CYS C 324 24.95 -20.87 -43.48
C CYS C 324 26.13 -21.38 -42.66
N GLU C 325 26.62 -22.58 -42.96
CA GLU C 325 27.72 -23.21 -42.24
C GLU C 325 29.02 -23.18 -43.03
N ASN C 326 29.11 -22.34 -44.05
CA ASN C 326 30.29 -22.26 -44.94
C ASN C 326 30.60 -23.61 -45.57
N ALA C 327 29.56 -24.33 -45.97
CA ALA C 327 29.74 -25.64 -46.59
C ALA C 327 28.54 -25.97 -47.45
N ILE C 328 28.70 -25.89 -48.77
CA ILE C 328 27.69 -26.39 -49.70
C ILE C 328 27.81 -27.90 -49.77
N VAL C 329 26.66 -28.59 -49.70
CA VAL C 329 26.66 -30.05 -49.64
C VAL C 329 25.54 -30.58 -50.52
N CYS C 330 25.80 -31.67 -51.22
CA CYS C 330 24.82 -32.36 -52.03
C CYS C 330 24.74 -33.83 -51.60
N TRP C 331 23.57 -34.41 -51.77
CA TRP C 331 23.32 -35.77 -51.30
C TRP C 331 22.12 -36.34 -52.02
N LYS C 332 21.97 -37.66 -51.95
CA LYS C 332 20.76 -38.31 -52.37
C LYS C 332 20.26 -39.20 -51.24
N PRO C 333 18.95 -39.33 -51.06
CA PRO C 333 18.43 -40.06 -49.91
C PRO C 333 18.77 -41.54 -49.98
N GLY C 334 18.95 -42.13 -48.79
CA GLY C 334 19.19 -43.56 -48.69
C GLY C 334 20.48 -43.97 -49.38
N LYS C 335 20.48 -45.19 -49.90
CA LYS C 335 21.62 -45.73 -50.60
C LYS C 335 21.76 -45.08 -51.98
N MET C 336 22.91 -45.34 -52.62
CA MET C 336 23.14 -44.82 -53.97
C MET C 336 22.16 -45.41 -54.97
N GLU C 337 21.86 -46.70 -54.85
CA GLU C 337 20.96 -47.38 -55.78
C GLU C 337 19.50 -46.98 -55.62
N ASP C 338 19.15 -46.24 -54.58
CA ASP C 338 17.75 -45.89 -54.31
C ASP C 338 17.27 -44.85 -55.31
N ASP C 339 16.21 -45.18 -56.05
CA ASP C 339 15.62 -44.24 -56.98
C ASP C 339 14.85 -43.15 -56.24
N ILE C 340 14.93 -41.92 -56.75
CA ILE C 340 14.28 -40.79 -56.09
C ILE C 340 12.76 -40.89 -56.16
N ASP C 341 12.23 -41.53 -57.20
CA ASP C 341 10.79 -41.53 -57.44
C ASP C 341 10.06 -42.64 -56.70
N LYS C 342 10.75 -43.48 -55.94
CA LYS C 342 10.14 -44.58 -55.20
C LYS C 342 10.31 -44.47 -53.70
N ILE C 343 10.71 -43.31 -53.19
CA ILE C 343 11.00 -43.16 -51.76
C ILE C 343 9.70 -43.05 -50.98
N LYS C 344 9.77 -43.36 -49.68
CA LYS C 344 8.63 -43.33 -48.80
C LYS C 344 8.77 -42.21 -47.77
N PRO C 345 7.66 -41.63 -47.31
CA PRO C 345 7.74 -40.53 -46.34
C PRO C 345 8.45 -40.91 -45.05
N SER C 346 8.27 -42.14 -44.57
CA SER C 346 8.86 -42.54 -43.29
C SER C 346 10.37 -42.66 -43.35
N GLU C 347 10.94 -42.85 -44.54
CA GLU C 347 12.38 -43.05 -44.65
C GLU C 347 13.13 -41.76 -44.33
N SER C 348 14.28 -41.91 -43.68
CA SER C 348 15.13 -40.77 -43.36
C SER C 348 16.61 -41.03 -43.62
N ASN C 349 16.99 -42.20 -44.14
CA ASN C 349 18.39 -42.50 -44.39
C ASN C 349 18.95 -41.61 -45.48
N VAL C 350 20.17 -41.11 -45.26
CA VAL C 350 20.88 -40.29 -46.23
C VAL C 350 22.33 -40.77 -46.27
N THR C 351 22.84 -40.99 -47.48
CA THR C 351 24.26 -41.30 -47.68
C THR C 351 24.91 -40.11 -48.38
N ILE C 352 25.99 -39.61 -47.79
CA ILE C 352 26.57 -38.34 -48.22
C ILE C 352 27.57 -38.58 -49.33
N LEU C 353 27.59 -37.66 -50.31
CA LEU C 353 28.54 -37.79 -51.42
C LEU C 353 29.12 -36.45 -51.88
N GLY C 354 28.85 -35.35 -51.19
CA GLY C 354 29.29 -34.05 -51.65
C GLY C 354 29.71 -33.15 -50.49
N ARG C 355 30.56 -32.18 -50.83
CA ARG C 355 31.04 -31.20 -49.86
C ARG C 355 31.68 -30.05 -50.62
N PHE C 356 31.21 -28.83 -50.37
CA PHE C 356 31.79 -27.63 -50.99
C PHE C 356 31.83 -26.53 -49.93
N ASP C 357 32.95 -26.44 -49.22
CA ASP C 357 33.09 -25.41 -48.20
C ASP C 357 33.46 -24.07 -48.81
N TYR C 358 33.16 -23.01 -48.06
CA TYR C 358 33.47 -21.65 -48.47
C TYR C 358 33.74 -20.85 -47.20
N SER C 359 33.73 -19.52 -47.31
CA SER C 359 34.08 -18.69 -46.17
C SER C 359 33.29 -17.39 -46.17
N GLN C 360 33.00 -16.89 -44.98
CA GLN C 360 32.44 -15.58 -44.67
C GLN C 360 30.98 -15.47 -45.13
N CYS C 361 30.43 -16.49 -45.77
CA CYS C 361 29.04 -16.49 -46.22
C CYS C 361 28.14 -17.25 -45.26
N ASP C 362 28.42 -17.15 -43.96
CA ASP C 362 27.69 -17.88 -42.93
C ASP C 362 26.38 -17.22 -42.53
N ILE C 363 25.81 -16.37 -43.38
CA ILE C 363 24.57 -15.68 -43.07
C ILE C 363 23.50 -16.09 -44.07
N TRP C 364 22.25 -15.89 -43.68
CA TRP C 364 21.11 -16.07 -44.57
C TRP C 364 20.89 -14.77 -45.36
N TYR C 365 19.78 -14.70 -46.09
CA TYR C 365 19.57 -13.75 -47.18
C TYR C 365 20.50 -14.01 -48.37
N MET C 366 21.22 -15.12 -48.36
CA MET C 366 22.23 -15.41 -49.39
C MET C 366 21.66 -16.43 -50.36
N ARG C 367 21.39 -15.98 -51.59
CA ARG C 367 20.98 -16.84 -52.69
C ARG C 367 21.95 -16.65 -53.85
N PHE C 368 22.05 -17.66 -54.70
CA PHE C 368 22.93 -17.60 -55.85
C PHE C 368 22.17 -18.06 -57.10
N SER C 369 22.90 -18.23 -58.18
CA SER C 369 22.33 -18.65 -59.46
C SER C 369 22.96 -19.93 -59.95
N MET C 370 22.25 -20.60 -60.85
CA MET C 370 22.77 -21.78 -61.52
C MET C 370 22.45 -21.60 -63.00
N ASP C 371 23.37 -22.01 -63.87
CA ASP C 371 23.15 -21.80 -65.29
C ASP C 371 21.98 -22.65 -65.78
N PHE C 372 21.43 -22.25 -66.94
CA PHE C 372 20.28 -22.96 -67.48
C PHE C 372 20.61 -24.43 -67.74
N TRP C 373 21.81 -24.72 -68.21
CA TRP C 373 22.23 -26.09 -68.46
C TRP C 373 22.66 -26.81 -67.19
N GLN C 374 22.74 -26.11 -66.05
CA GLN C 374 23.12 -26.71 -64.77
C GLN C 374 24.50 -27.34 -64.85
N LYS C 375 25.47 -26.51 -65.21
CA LYS C 375 26.84 -27.00 -65.34
C LYS C 375 27.84 -26.26 -64.47
N MET C 376 27.72 -24.94 -64.34
CA MET C 376 28.61 -24.16 -63.50
C MET C 376 27.81 -23.22 -62.59
N LEU C 377 28.43 -22.84 -61.48
CA LEU C 377 27.78 -22.08 -60.43
C LEU C 377 28.60 -20.84 -60.09
N ALA C 378 27.91 -19.85 -59.52
CA ALA C 378 28.56 -18.61 -59.08
C ALA C 378 28.07 -18.32 -57.67
N LEU C 379 28.90 -18.64 -56.68
CA LEU C 379 28.57 -18.44 -55.27
C LEU C 379 29.12 -17.10 -54.81
N GLY C 380 28.22 -16.13 -54.62
CA GLY C 380 28.63 -14.84 -54.10
C GLY C 380 28.91 -14.87 -52.62
N ASN C 381 29.57 -13.80 -52.14
CA ASN C 381 29.92 -13.69 -50.74
C ASN C 381 29.57 -12.30 -50.24
N GLN C 382 29.37 -12.19 -48.93
CA GLN C 382 29.03 -10.90 -48.32
C GLN C 382 30.14 -9.86 -48.50
N VAL C 383 31.38 -10.30 -48.71
CA VAL C 383 32.48 -9.37 -48.97
C VAL C 383 32.64 -9.20 -50.47
N GLY C 384 31.69 -9.70 -51.26
CA GLY C 384 31.74 -9.61 -52.69
C GLY C 384 32.52 -10.70 -53.40
N LYS C 385 33.10 -11.64 -52.65
CA LYS C 385 33.82 -12.74 -53.26
C LYS C 385 32.86 -13.66 -54.02
N LEU C 386 33.34 -14.24 -55.11
CA LEU C 386 32.55 -15.16 -55.92
C LEU C 386 33.25 -16.50 -55.97
N TYR C 387 32.59 -17.53 -55.45
CA TYR C 387 33.12 -18.90 -55.45
C TYR C 387 32.53 -19.65 -56.63
N VAL C 388 33.39 -20.20 -57.48
CA VAL C 388 32.97 -20.88 -58.70
C VAL C 388 33.47 -22.32 -58.66
N TRP C 389 32.56 -23.26 -58.89
CA TRP C 389 32.88 -24.68 -58.94
C TRP C 389 32.07 -25.32 -60.05
N ASP C 390 32.69 -26.23 -60.79
CA ASP C 390 32.03 -26.89 -61.90
C ASP C 390 31.41 -28.21 -61.46
N LEU C 391 30.32 -28.59 -62.14
CA LEU C 391 29.60 -29.82 -61.85
C LEU C 391 29.75 -30.83 -62.99
N GLU C 392 30.94 -30.88 -63.58
CA GLU C 392 31.25 -31.91 -64.58
C GLU C 392 31.68 -33.19 -63.87
N VAL C 393 32.31 -34.11 -64.61
CA VAL C 393 32.91 -35.27 -63.98
C VAL C 393 33.85 -34.84 -62.86
N GLU C 394 34.50 -33.69 -63.03
CA GLU C 394 35.20 -33.05 -61.92
C GLU C 394 34.21 -32.77 -60.79
N ASP C 395 34.40 -33.44 -59.66
CA ASP C 395 33.42 -33.44 -58.59
C ASP C 395 33.96 -32.72 -57.36
N PRO C 396 33.14 -32.52 -56.32
CA PRO C 396 33.69 -31.98 -55.06
C PRO C 396 34.79 -32.84 -54.45
N HIS C 397 34.92 -34.10 -54.88
CA HIS C 397 36.05 -34.91 -54.44
C HIS C 397 37.38 -34.26 -54.80
N LYS C 398 37.43 -33.53 -55.91
CA LYS C 398 38.57 -32.68 -56.24
C LYS C 398 38.27 -31.20 -56.11
N ALA C 399 37.04 -30.78 -56.36
CA ALA C 399 36.56 -29.43 -56.06
C ALA C 399 37.41 -28.37 -56.77
N LYS C 400 37.33 -28.38 -58.10
CA LYS C 400 38.01 -27.38 -58.92
C LYS C 400 37.61 -25.98 -58.47
N CYS C 401 38.57 -25.21 -57.97
CA CYS C 401 38.29 -23.98 -57.26
C CYS C 401 38.48 -22.76 -58.16
N THR C 402 37.61 -21.76 -57.95
CA THR C 402 37.74 -20.46 -58.61
C THR C 402 37.05 -19.44 -57.71
N THR C 403 37.85 -18.70 -56.95
CA THR C 403 37.33 -17.70 -56.02
C THR C 403 37.46 -16.32 -56.65
N LEU C 404 36.52 -16.01 -57.55
CA LEU C 404 36.47 -14.70 -58.16
C LEU C 404 36.13 -13.65 -57.10
N THR C 405 36.66 -12.44 -57.29
CA THR C 405 36.52 -11.40 -56.30
C THR C 405 36.67 -10.03 -56.96
N HIS C 406 35.90 -9.05 -56.47
CA HIS C 406 36.12 -7.65 -56.82
C HIS C 406 36.28 -6.84 -55.54
N HIS C 407 37.18 -5.86 -55.58
CA HIS C 407 37.54 -5.12 -54.38
C HIS C 407 36.48 -4.12 -53.96
N LYS C 408 35.84 -3.45 -54.93
CA LYS C 408 34.97 -2.33 -54.60
C LYS C 408 33.78 -2.76 -53.76
N CYS C 409 33.13 -3.86 -54.12
CA CYS C 409 31.94 -4.31 -53.40
C CYS C 409 32.35 -5.10 -52.16
N GLY C 410 31.80 -4.71 -51.02
CA GLY C 410 32.03 -5.42 -49.78
C GLY C 410 30.81 -5.48 -48.90
N ALA C 411 29.68 -4.98 -49.40
CA ALA C 411 28.46 -4.91 -48.60
C ALA C 411 27.84 -6.29 -48.40
N ALA C 412 27.39 -6.90 -49.49
CA ALA C 412 26.84 -8.26 -49.49
C ALA C 412 26.49 -8.62 -50.93
N ILE C 413 26.13 -9.88 -51.14
CA ILE C 413 25.63 -10.37 -52.42
C ILE C 413 24.37 -11.18 -52.11
N ARG C 414 23.21 -10.56 -52.31
CA ARG C 414 21.95 -11.24 -52.01
C ARG C 414 21.63 -12.31 -53.05
N GLN C 415 21.96 -12.05 -54.31
CA GLN C 415 21.56 -12.93 -55.40
C GLN C 415 22.55 -12.78 -56.54
N THR C 416 22.60 -13.82 -57.39
CA THR C 416 23.32 -13.77 -58.66
C THR C 416 22.39 -14.28 -59.75
N SER C 417 22.80 -14.11 -61.00
CA SER C 417 21.98 -14.51 -62.14
C SER C 417 22.86 -14.94 -63.29
N PHE C 418 22.95 -16.25 -63.53
CA PHE C 418 23.40 -16.73 -64.83
C PHE C 418 22.39 -16.41 -65.91
N SER C 419 22.90 -16.13 -67.10
CA SER C 419 22.02 -15.90 -68.25
C SER C 419 21.50 -17.22 -68.79
N ARG C 420 20.61 -17.13 -69.78
CA ARG C 420 20.18 -18.33 -70.48
C ARG C 420 21.37 -19.01 -71.16
N ASP C 421 22.21 -18.21 -71.82
CA ASP C 421 23.53 -18.66 -72.23
C ASP C 421 24.50 -18.52 -71.06
N SER C 422 25.71 -19.01 -71.23
CA SER C 422 26.72 -18.93 -70.19
C SER C 422 27.59 -17.68 -70.30
N SER C 423 27.41 -16.89 -71.34
CA SER C 423 28.33 -15.78 -71.60
C SER C 423 28.20 -14.68 -70.54
N ILE C 424 26.99 -14.33 -70.16
CA ILE C 424 26.73 -13.16 -69.31
C ILE C 424 26.40 -13.63 -67.90
N LEU C 425 27.04 -12.99 -66.91
CA LEU C 425 26.78 -13.23 -65.51
C LEU C 425 26.51 -11.90 -64.81
N ILE C 426 25.53 -11.89 -63.91
CA ILE C 426 25.14 -10.69 -63.17
C ILE C 426 25.27 -11.00 -61.69
N ALA C 427 25.99 -10.14 -60.97
CA ALA C 427 26.16 -10.26 -59.53
C ALA C 427 25.61 -9.03 -58.84
N VAL C 428 24.93 -9.25 -57.72
CA VAL C 428 24.26 -8.20 -56.97
C VAL C 428 25.13 -7.79 -55.81
N CYS C 429 25.29 -6.48 -55.62
CA CYS C 429 25.99 -5.94 -54.46
C CYS C 429 24.98 -5.17 -53.61
N ASP C 430 25.03 -5.38 -52.30
CA ASP C 430 23.92 -5.02 -51.42
C ASP C 430 23.59 -3.53 -51.43
N ASP C 431 24.56 -2.67 -51.68
CA ASP C 431 24.30 -1.23 -51.57
C ASP C 431 23.61 -0.70 -52.82
N ALA C 432 22.50 -1.34 -53.20
CA ALA C 432 21.73 -0.96 -54.40
C ALA C 432 22.65 -0.83 -55.61
N SER C 433 23.56 -1.79 -55.76
CA SER C 433 24.54 -1.75 -56.84
C SER C 433 24.63 -3.12 -57.48
N ILE C 434 25.07 -3.13 -58.74
CA ILE C 434 25.13 -4.34 -59.54
C ILE C 434 26.53 -4.47 -60.11
N TRP C 435 26.97 -5.72 -60.28
CA TRP C 435 28.25 -6.02 -60.93
C TRP C 435 28.01 -7.13 -61.94
N ARG C 436 28.23 -6.86 -63.22
CA ARG C 436 27.98 -7.81 -64.28
C ARG C 436 29.31 -8.39 -64.77
N TRP C 437 29.42 -9.71 -64.72
CA TRP C 437 30.61 -10.42 -65.17
C TRP C 437 30.30 -11.13 -66.49
N ASP C 438 31.31 -11.28 -67.33
CA ASP C 438 31.14 -11.93 -68.61
C ASP C 438 32.05 -13.14 -68.72
N ARG C 439 31.51 -14.23 -69.26
CA ARG C 439 32.27 -15.45 -69.44
C ARG C 439 33.27 -15.29 -70.59
N LEU C 440 34.47 -15.80 -70.38
CA LEU C 440 35.50 -15.82 -71.43
C LEU C 440 35.48 -17.17 -72.13
N ARG C 441 34.37 -17.41 -72.83
CA ARG C 441 34.15 -18.67 -73.53
C ARG C 441 35.17 -18.89 -74.63
N LYS D 4 -11.06 2.37 -73.89
CA LYS D 4 -10.03 3.33 -74.23
C LYS D 4 -9.67 4.21 -73.04
N GLU D 5 -9.58 5.52 -73.27
CA GLU D 5 -9.30 6.45 -72.19
C GLU D 5 -10.39 6.42 -71.13
N ALA D 6 -11.65 6.38 -71.56
CA ALA D 6 -12.77 6.40 -70.63
C ALA D 6 -12.74 5.21 -69.68
N ALA D 7 -12.13 4.10 -70.11
CA ALA D 7 -12.02 2.93 -69.22
C ALA D 7 -11.26 3.28 -67.96
N PHE D 8 -10.09 3.90 -68.10
CA PHE D 8 -9.35 4.35 -66.94
C PHE D 8 -9.95 5.62 -66.34
N ASP D 9 -10.58 6.45 -67.17
CA ASP D 9 -11.26 7.63 -66.64
C ASP D 9 -12.41 7.24 -65.74
N ASP D 10 -13.24 6.29 -66.16
CA ASP D 10 -14.27 5.76 -65.28
C ASP D 10 -13.66 4.97 -64.14
N ALA D 11 -12.51 4.33 -64.37
CA ALA D 11 -11.79 3.68 -63.28
C ALA D 11 -11.41 4.68 -62.18
N VAL D 12 -11.15 5.93 -62.57
CA VAL D 12 -10.90 6.97 -61.59
C VAL D 12 -12.17 7.29 -60.81
N GLU D 13 -13.32 7.28 -61.50
CA GLU D 13 -14.54 7.82 -60.90
C GLU D 13 -15.04 7.01 -59.72
N GLU D 14 -14.79 5.70 -59.70
CA GLU D 14 -15.21 4.91 -58.54
C GLU D 14 -14.54 5.41 -57.27
N ARG D 15 -13.26 5.81 -57.36
CA ARG D 15 -12.64 6.52 -56.24
C ARG D 15 -13.36 7.82 -55.96
N VAL D 16 -13.70 8.57 -57.00
CA VAL D 16 -14.30 9.90 -56.81
C VAL D 16 -15.68 9.77 -56.18
N ILE D 17 -16.52 8.88 -56.72
CA ILE D 17 -17.88 8.74 -56.19
C ILE D 17 -17.86 8.15 -54.78
N ASN D 18 -16.85 7.33 -54.47
CA ASN D 18 -16.81 6.68 -53.18
C ASN D 18 -16.72 7.68 -52.03
N GLU D 19 -15.75 8.59 -52.09
CA GLU D 19 -15.59 9.56 -51.02
C GLU D 19 -16.60 10.69 -51.09
N GLU D 20 -17.06 11.05 -52.29
CA GLU D 20 -18.16 12.02 -52.38
C GLU D 20 -19.41 11.48 -51.71
N TYR D 21 -19.71 10.20 -51.92
CA TYR D 21 -20.72 9.52 -51.12
C TYR D 21 -20.34 9.53 -49.65
N LYS D 22 -19.08 9.23 -49.35
CA LYS D 22 -18.62 9.25 -47.97
C LYS D 22 -18.74 10.65 -47.39
N ILE D 23 -18.41 11.67 -48.19
CA ILE D 23 -18.62 13.05 -47.75
C ILE D 23 -20.10 13.29 -47.49
N TRP D 24 -20.95 12.87 -48.42
CA TRP D 24 -22.40 12.90 -48.19
C TRP D 24 -22.77 12.23 -46.87
N LYS D 25 -22.11 11.13 -46.55
CA LYS D 25 -22.53 10.31 -45.40
C LYS D 25 -22.21 11.00 -44.08
N LYS D 26 -21.12 11.77 -44.02
CA LYS D 26 -20.89 12.63 -42.85
C LYS D 26 -21.58 13.98 -42.95
N ASN D 27 -22.06 14.39 -44.13
CA ASN D 27 -22.84 15.62 -44.19
C ASN D 27 -24.16 15.45 -43.46
N THR D 28 -24.85 14.33 -43.66
CA THR D 28 -26.20 14.20 -43.15
C THR D 28 -26.33 14.20 -41.62
N PRO D 29 -25.51 13.46 -40.84
CA PRO D 29 -25.88 13.27 -39.42
C PRO D 29 -25.98 14.56 -38.64
N PHE D 30 -25.12 15.54 -38.91
CA PHE D 30 -25.16 16.84 -38.24
C PHE D 30 -26.20 17.79 -38.86
N LEU D 31 -26.87 17.39 -39.94
CA LEU D 31 -27.77 18.29 -40.68
C LEU D 31 -29.12 17.65 -41.00
N TYR D 32 -29.53 16.59 -40.29
CA TYR D 32 -30.65 15.77 -40.74
C TYR D 32 -31.35 15.00 -39.62
N ASP D 33 -32.47 14.38 -39.98
CA ASP D 33 -33.38 13.75 -39.04
C ASP D 33 -33.36 12.24 -39.03
N LEU D 34 -33.31 11.57 -40.19
CA LEU D 34 -33.52 10.11 -40.24
C LEU D 34 -32.80 9.53 -41.45
N VAL D 35 -31.65 8.90 -41.20
CA VAL D 35 -30.89 8.19 -42.22
C VAL D 35 -31.13 6.71 -42.00
N MET D 36 -31.80 6.06 -42.97
CA MET D 36 -32.02 4.62 -42.95
C MET D 36 -31.62 4.05 -44.30
N THR D 37 -31.17 2.80 -44.30
CA THR D 37 -30.82 2.14 -45.55
C THR D 37 -30.79 0.63 -45.33
N HIS D 38 -30.79 -0.11 -46.43
CA HIS D 38 -30.64 -1.55 -46.40
C HIS D 38 -29.94 -2.02 -47.67
N ALA D 39 -29.25 -3.16 -47.57
CA ALA D 39 -28.61 -3.78 -48.71
C ALA D 39 -29.50 -4.91 -49.21
N LEU D 40 -29.91 -4.84 -50.47
CA LEU D 40 -30.76 -5.86 -51.07
C LEU D 40 -29.91 -7.03 -51.55
N GLU D 41 -30.53 -7.94 -52.31
CA GLU D 41 -29.84 -9.11 -52.85
C GLU D 41 -29.63 -9.00 -54.36
N TRP D 42 -30.67 -8.65 -55.10
CA TRP D 42 -30.61 -8.48 -56.54
C TRP D 42 -31.21 -7.13 -56.91
N PRO D 43 -30.70 -6.49 -57.96
CA PRO D 43 -31.22 -5.17 -58.33
C PRO D 43 -32.68 -5.27 -58.78
N SER D 44 -33.41 -4.18 -58.54
CA SER D 44 -34.82 -4.11 -58.91
C SER D 44 -35.09 -2.78 -59.59
N LEU D 45 -36.13 -2.76 -60.41
CA LEU D 45 -36.51 -1.57 -61.18
C LEU D 45 -37.73 -0.87 -60.63
N THR D 46 -38.62 -1.57 -59.94
CA THR D 46 -39.85 -1.00 -59.39
C THR D 46 -39.77 -0.99 -57.87
N ALA D 47 -40.00 0.19 -57.29
CA ALA D 47 -40.07 0.35 -55.84
C ALA D 47 -41.41 0.99 -55.50
N GLN D 48 -42.09 0.43 -54.50
CA GLN D 48 -43.39 0.93 -54.10
C GLN D 48 -43.66 0.52 -52.66
N TRP D 49 -44.30 1.39 -51.90
CA TRP D 49 -44.68 1.08 -50.53
C TRP D 49 -46.05 0.41 -50.49
N LEU D 50 -46.20 -0.50 -49.54
CA LEU D 50 -47.55 -1.00 -49.24
C LEU D 50 -48.29 0.06 -48.45
N PRO D 51 -49.42 0.58 -48.96
CA PRO D 51 -50.11 1.67 -48.26
C PRO D 51 -50.63 1.29 -46.88
N ASP D 52 -50.85 0.00 -46.60
CA ASP D 52 -51.33 -0.41 -45.29
C ASP D 52 -50.23 -0.18 -44.26
N VAL D 53 -50.52 0.64 -43.26
CA VAL D 53 -49.56 0.99 -42.22
C VAL D 53 -50.13 0.56 -40.88
N THR D 54 -49.31 -0.15 -40.11
CA THR D 54 -49.67 -0.57 -38.76
C THR D 54 -48.79 0.18 -37.78
N ARG D 55 -49.38 1.11 -37.05
CA ARG D 55 -48.63 1.92 -36.09
C ARG D 55 -49.04 1.54 -34.68
N PRO D 56 -48.29 0.69 -33.99
CA PRO D 56 -48.66 0.30 -32.63
C PRO D 56 -48.53 1.48 -31.69
N GLU D 57 -49.58 1.71 -30.89
CA GLU D 57 -49.56 2.80 -29.93
C GLU D 57 -48.46 2.57 -28.91
N GLY D 58 -47.82 3.66 -28.49
CA GLY D 58 -46.68 3.55 -27.57
C GLY D 58 -45.39 3.14 -28.24
N LYS D 59 -45.40 2.05 -29.00
CA LYS D 59 -44.25 1.64 -29.78
C LYS D 59 -43.99 2.69 -30.86
N ASP D 60 -42.92 3.47 -30.69
CA ASP D 60 -42.66 4.56 -31.62
C ASP D 60 -42.34 4.07 -33.02
N PHE D 61 -41.85 2.84 -33.15
CA PHE D 61 -41.47 2.31 -34.47
C PHE D 61 -42.74 2.05 -35.26
N SER D 62 -43.08 2.97 -36.16
CA SER D 62 -44.23 2.83 -37.04
C SER D 62 -43.90 1.86 -38.17
N ILE D 63 -44.70 0.81 -38.30
CA ILE D 63 -44.40 -0.27 -39.24
C ILE D 63 -44.92 0.09 -40.63
N HIS D 64 -44.04 0.01 -41.62
CA HIS D 64 -44.39 0.24 -43.02
C HIS D 64 -43.87 -0.92 -43.86
N ARG D 65 -44.53 -1.14 -45.00
CA ARG D 65 -44.21 -2.25 -45.87
C ARG D 65 -43.96 -1.75 -47.29
N LEU D 66 -43.17 -2.53 -48.04
CA LEU D 66 -42.70 -2.11 -49.36
C LEU D 66 -43.02 -3.19 -50.38
N VAL D 67 -43.09 -2.77 -51.65
CA VAL D 67 -43.35 -3.67 -52.78
C VAL D 67 -42.29 -3.40 -53.84
N LEU D 68 -41.55 -4.44 -54.22
CA LEU D 68 -40.50 -4.29 -55.23
C LEU D 68 -40.45 -5.53 -56.10
N GLY D 69 -39.87 -5.37 -57.30
CA GLY D 69 -39.64 -6.47 -58.20
C GLY D 69 -38.26 -7.08 -58.02
N THR D 70 -37.83 -7.84 -59.02
CA THR D 70 -36.53 -8.50 -58.99
C THR D 70 -35.91 -8.54 -60.38
N HIS D 71 -34.61 -8.25 -60.43
CA HIS D 71 -33.81 -8.39 -61.65
C HIS D 71 -32.48 -9.04 -61.28
N THR D 72 -32.09 -10.07 -62.03
CA THR D 72 -30.85 -10.79 -61.79
C THR D 72 -30.09 -10.98 -63.08
N SER D 73 -28.88 -11.54 -62.96
CA SER D 73 -28.02 -11.73 -64.13
C SER D 73 -28.39 -13.00 -64.90
N ASP D 74 -28.31 -14.16 -64.24
CA ASP D 74 -28.62 -15.42 -64.90
C ASP D 74 -29.43 -16.38 -64.04
N GLU D 75 -29.84 -15.98 -62.84
CA GLU D 75 -30.63 -16.82 -61.96
C GLU D 75 -32.12 -16.57 -62.21
N GLN D 76 -32.96 -17.08 -61.32
CA GLN D 76 -34.41 -16.92 -61.43
C GLN D 76 -34.86 -15.78 -60.53
N ASN D 77 -35.53 -14.79 -61.12
CA ASN D 77 -36.06 -13.67 -60.35
C ASN D 77 -37.28 -14.09 -59.55
N HIS D 78 -37.75 -13.18 -58.70
CA HIS D 78 -38.88 -13.48 -57.84
C HIS D 78 -39.69 -12.20 -57.63
N LEU D 79 -40.58 -12.22 -56.65
CA LEU D 79 -41.38 -11.06 -56.25
C LEU D 79 -41.31 -10.95 -54.74
N VAL D 80 -40.72 -9.85 -54.25
CA VAL D 80 -40.43 -9.69 -52.83
C VAL D 80 -41.25 -8.53 -52.28
N ILE D 81 -41.77 -8.71 -51.07
CA ILE D 81 -42.51 -7.68 -50.36
C ILE D 81 -41.77 -7.40 -49.05
N ALA D 82 -41.39 -6.15 -48.84
CA ALA D 82 -40.57 -5.76 -47.71
C ALA D 82 -41.41 -5.12 -46.61
N SER D 83 -40.78 -4.91 -45.46
CA SER D 83 -41.42 -4.26 -44.33
C SER D 83 -40.37 -3.53 -43.51
N VAL D 84 -40.82 -2.55 -42.73
CA VAL D 84 -39.93 -1.73 -41.92
C VAL D 84 -40.77 -1.02 -40.86
N GLN D 85 -40.22 -0.93 -39.65
CA GLN D 85 -40.80 -0.12 -38.59
C GLN D 85 -39.87 1.05 -38.29
N LEU D 86 -40.42 2.26 -38.24
CA LEU D 86 -39.64 3.47 -38.14
C LEU D 86 -40.16 4.35 -37.01
N PRO D 87 -39.27 5.07 -36.31
CA PRO D 87 -39.71 5.90 -35.18
C PRO D 87 -40.65 7.02 -35.60
N ASN D 88 -41.90 6.94 -35.16
CA ASN D 88 -42.88 7.99 -35.45
C ASN D 88 -42.84 9.12 -34.43
N ASP D 89 -42.14 8.93 -33.32
CA ASP D 89 -42.08 9.94 -32.27
C ASP D 89 -40.76 10.73 -32.40
N ASP D 90 -40.64 11.83 -31.66
CA ASP D 90 -39.48 12.74 -31.67
C ASP D 90 -38.70 12.83 -30.34
N ALA D 91 -39.19 12.27 -29.24
CA ALA D 91 -38.61 12.48 -27.91
C ALA D 91 -37.36 11.62 -27.62
N GLN D 92 -37.12 10.57 -28.39
CA GLN D 92 -35.99 9.65 -28.21
C GLN D 92 -34.67 10.24 -28.73
N PHE D 93 -33.59 9.44 -28.70
CA PHE D 93 -32.23 9.86 -29.07
C PHE D 93 -31.30 8.64 -29.19
N GLY D 106 -32.02 -0.12 -29.22
CA GLY D 106 -31.45 0.02 -30.55
C GLY D 106 -31.09 1.45 -30.90
N GLY D 107 -31.37 2.36 -29.97
CA GLY D 107 -31.14 3.77 -30.18
C GLY D 107 -32.42 4.55 -30.02
N PHE D 108 -33.52 3.99 -30.51
CA PHE D 108 -34.84 4.56 -30.34
C PHE D 108 -35.79 3.50 -29.81
N GLY D 109 -35.45 2.23 -30.02
CA GLY D 109 -36.24 1.12 -29.52
C GLY D 109 -35.40 -0.05 -29.08
N SER D 110 -35.80 -1.26 -29.47
CA SER D 110 -35.05 -2.46 -29.13
C SER D 110 -33.89 -2.65 -30.10
N VAL D 111 -32.89 -3.43 -29.66
CA VAL D 111 -31.75 -3.76 -30.51
C VAL D 111 -32.04 -4.95 -31.42
N SER D 112 -33.27 -5.48 -31.41
CA SER D 112 -33.59 -6.65 -32.21
C SER D 112 -33.51 -6.36 -33.70
N GLY D 113 -34.05 -5.23 -34.13
CA GLY D 113 -34.09 -4.87 -35.54
C GLY D 113 -35.40 -4.23 -35.92
N LYS D 114 -35.40 -3.48 -37.01
CA LYS D 114 -36.57 -2.74 -37.45
C LYS D 114 -37.01 -3.07 -38.87
N ILE D 115 -36.28 -3.93 -39.58
CA ILE D 115 -36.62 -4.31 -40.95
C ILE D 115 -36.68 -5.83 -41.01
N GLU D 116 -37.83 -6.36 -41.42
CA GLU D 116 -38.06 -7.80 -41.49
C GLU D 116 -38.77 -8.11 -42.79
N ILE D 117 -38.15 -8.95 -43.62
CA ILE D 117 -38.66 -9.23 -44.96
C ILE D 117 -38.59 -10.73 -45.21
N GLU D 118 -39.75 -11.36 -45.42
CA GLU D 118 -39.77 -12.73 -45.96
C GLU D 118 -41.06 -12.89 -46.77
N ILE D 119 -40.97 -12.57 -48.06
CA ILE D 119 -42.01 -12.85 -49.05
C ILE D 119 -41.33 -12.99 -50.40
N LYS D 120 -41.62 -14.08 -51.10
CA LYS D 120 -40.96 -14.37 -52.38
C LYS D 120 -41.90 -15.19 -53.25
N ILE D 121 -42.21 -14.66 -54.43
CA ILE D 121 -43.00 -15.37 -55.44
C ILE D 121 -42.25 -15.31 -56.75
N ASN D 122 -42.09 -16.48 -57.40
CA ASN D 122 -41.21 -16.58 -58.56
C ASN D 122 -41.64 -15.64 -59.68
N HIS D 123 -40.66 -15.02 -60.32
CA HIS D 123 -40.87 -14.12 -61.43
C HIS D 123 -39.84 -14.42 -62.52
N GLU D 124 -40.29 -14.52 -63.76
CA GLU D 124 -39.39 -14.76 -64.87
C GLU D 124 -39.01 -13.45 -65.54
N GLY D 125 -37.78 -13.40 -66.06
CA GLY D 125 -37.28 -12.15 -66.59
C GLY D 125 -37.02 -11.16 -65.47
N GLU D 126 -36.97 -9.88 -65.84
CA GLU D 126 -36.79 -8.81 -64.88
C GLU D 126 -38.07 -7.98 -64.78
N VAL D 127 -38.38 -7.54 -63.57
CA VAL D 127 -39.60 -6.78 -63.33
C VAL D 127 -39.41 -5.38 -63.92
N ASN D 128 -40.06 -5.11 -65.06
CA ASN D 128 -39.97 -3.80 -65.68
C ASN D 128 -40.83 -2.78 -64.93
N ARG D 129 -42.12 -3.03 -64.83
CA ARG D 129 -43.06 -2.14 -64.15
C ARG D 129 -44.14 -2.98 -63.50
N ALA D 130 -44.04 -3.17 -62.18
CA ALA D 130 -45.00 -3.92 -61.40
C ALA D 130 -45.71 -2.98 -60.45
N ARG D 131 -47.02 -2.84 -60.63
CA ARG D 131 -47.83 -1.98 -59.75
C ARG D 131 -49.19 -2.61 -59.52
N TYR D 132 -49.64 -2.57 -58.27
CA TYR D 132 -50.99 -3.00 -57.95
C TYR D 132 -51.99 -2.01 -58.50
N MET D 133 -53.25 -2.42 -58.54
CA MET D 133 -54.31 -1.51 -58.96
C MET D 133 -54.89 -0.84 -57.71
N PRO D 134 -55.19 0.46 -57.75
CA PRO D 134 -55.46 1.19 -56.50
C PRO D 134 -56.64 0.66 -55.70
N GLN D 135 -57.67 0.15 -56.37
CA GLN D 135 -58.86 -0.33 -55.67
C GLN D 135 -58.70 -1.74 -55.13
N ASN D 136 -57.61 -2.45 -55.45
CA ASN D 136 -57.32 -3.76 -54.88
C ASN D 136 -55.82 -4.01 -54.94
N PRO D 137 -55.11 -3.80 -53.84
CA PRO D 137 -53.65 -4.03 -53.86
C PRO D 137 -53.28 -5.46 -54.15
N CYS D 138 -54.16 -6.42 -53.84
CA CYS D 138 -53.87 -7.82 -54.13
C CYS D 138 -53.77 -8.11 -55.61
N ILE D 139 -54.30 -7.22 -56.46
CA ILE D 139 -54.25 -7.38 -57.90
C ILE D 139 -53.09 -6.54 -58.43
N ILE D 140 -52.09 -7.19 -59.02
CA ILE D 140 -50.89 -6.52 -59.49
C ILE D 140 -50.63 -6.94 -60.92
N ALA D 141 -50.22 -5.99 -61.76
CA ALA D 141 -49.70 -6.28 -63.09
C ALA D 141 -48.22 -5.94 -63.13
N THR D 142 -47.41 -6.87 -63.65
CA THR D 142 -45.96 -6.73 -63.70
C THR D 142 -45.53 -6.71 -65.15
N LYS D 143 -44.84 -5.63 -65.55
CA LYS D 143 -44.28 -5.57 -66.89
C LYS D 143 -43.00 -6.40 -66.93
N THR D 144 -42.85 -7.20 -67.99
CA THR D 144 -41.79 -8.18 -68.12
C THR D 144 -41.17 -8.05 -69.51
N PRO D 145 -39.95 -8.58 -69.69
CA PRO D 145 -39.39 -8.65 -71.05
C PRO D 145 -40.26 -9.44 -72.00
N SER D 146 -41.02 -10.41 -71.50
CA SER D 146 -41.90 -11.20 -72.33
C SER D 146 -43.09 -10.37 -72.82
N SER D 147 -43.83 -10.93 -73.77
CA SER D 147 -44.99 -10.23 -74.33
C SER D 147 -46.09 -10.06 -73.28
N ASP D 148 -46.46 -11.14 -72.61
CA ASP D 148 -47.58 -11.09 -71.68
C ASP D 148 -47.19 -10.34 -70.40
N VAL D 149 -48.21 -9.97 -69.63
CA VAL D 149 -48.05 -9.23 -68.39
C VAL D 149 -48.38 -10.17 -67.24
N LEU D 150 -47.41 -10.38 -66.35
CA LEU D 150 -47.62 -11.28 -65.23
C LEU D 150 -48.60 -10.69 -64.22
N VAL D 151 -49.47 -11.55 -63.69
CA VAL D 151 -50.42 -11.16 -62.66
C VAL D 151 -50.23 -12.09 -61.47
N PHE D 152 -49.97 -11.52 -60.30
CA PHE D 152 -49.72 -12.28 -59.09
C PHE D 152 -50.49 -11.67 -57.93
N ASP D 153 -50.80 -12.51 -56.94
CA ASP D 153 -51.52 -12.08 -55.74
C ASP D 153 -50.76 -12.58 -54.52
N TYR D 154 -50.45 -11.66 -53.60
CA TYR D 154 -49.75 -12.06 -52.38
C TYR D 154 -50.65 -12.89 -51.47
N THR D 155 -51.96 -12.61 -51.49
CA THR D 155 -52.89 -13.39 -50.67
C THR D 155 -52.92 -14.86 -51.11
N LYS D 156 -52.92 -15.11 -52.42
CA LYS D 156 -52.96 -16.47 -52.94
C LYS D 156 -51.59 -17.12 -52.98
N HIS D 157 -50.61 -16.43 -53.56
CA HIS D 157 -49.28 -17.00 -53.68
C HIS D 157 -48.61 -17.10 -52.31
N PRO D 158 -47.88 -18.18 -52.04
CA PRO D 158 -47.17 -18.29 -50.77
C PRO D 158 -46.03 -17.29 -50.66
N SER D 159 -45.72 -16.90 -49.43
CA SER D 159 -44.56 -16.05 -49.19
C SER D 159 -43.27 -16.78 -49.57
N LYS D 160 -43.24 -18.09 -49.39
CA LYS D 160 -42.07 -18.88 -49.73
C LYS D 160 -41.96 -19.11 -51.23
N PRO D 161 -40.74 -19.17 -51.76
CA PRO D 161 -40.57 -19.52 -53.17
C PRO D 161 -40.99 -20.95 -53.45
N ASP D 162 -41.48 -21.17 -54.66
CA ASP D 162 -41.77 -22.55 -55.08
C ASP D 162 -40.44 -23.27 -55.34
N PRO D 163 -40.18 -24.38 -54.64
CA PRO D 163 -38.88 -25.07 -54.84
C PRO D 163 -38.65 -25.52 -56.27
N SER D 164 -39.71 -25.93 -56.97
CA SER D 164 -39.59 -26.30 -58.37
C SER D 164 -39.40 -25.09 -59.28
N GLY D 165 -39.55 -23.88 -58.76
CA GLY D 165 -39.45 -22.68 -59.56
C GLY D 165 -40.68 -22.35 -60.37
N GLU D 166 -41.78 -23.07 -60.17
CA GLU D 166 -43.00 -22.87 -60.94
C GLU D 166 -43.92 -21.92 -60.18
N CYS D 167 -44.01 -20.68 -60.64
CA CYS D 167 -44.98 -19.74 -60.12
C CYS D 167 -46.32 -19.96 -60.81
N ASN D 168 -47.32 -19.15 -60.42
CA ASN D 168 -48.65 -19.21 -61.01
C ASN D 168 -49.06 -17.82 -61.44
N PRO D 169 -48.51 -17.31 -62.54
CA PRO D 169 -48.93 -15.99 -63.04
C PRO D 169 -50.32 -16.03 -63.64
N ASP D 170 -51.27 -16.53 -62.87
CA ASP D 170 -52.63 -16.77 -63.37
C ASP D 170 -53.30 -15.45 -63.74
N LEU D 171 -54.23 -15.54 -64.68
CA LEU D 171 -55.00 -14.39 -65.16
C LEU D 171 -54.06 -13.33 -65.73
N ARG D 172 -52.97 -13.79 -66.36
CA ARG D 172 -51.95 -12.89 -66.86
C ARG D 172 -52.47 -12.06 -68.03
N LEU D 173 -52.12 -10.78 -68.03
CA LEU D 173 -52.55 -9.88 -69.09
C LEU D 173 -51.67 -10.04 -70.32
N ARG D 174 -52.21 -9.61 -71.46
CA ARG D 174 -51.48 -9.61 -72.72
C ARG D 174 -52.13 -8.60 -73.65
N GLY D 175 -51.51 -8.40 -74.81
CA GLY D 175 -51.94 -7.41 -75.76
C GLY D 175 -50.75 -6.72 -76.40
N HIS D 176 -49.61 -6.77 -75.70
CA HIS D 176 -48.36 -6.23 -76.19
C HIS D 176 -47.43 -7.40 -76.53
N GLN D 177 -46.86 -7.37 -77.73
CA GLN D 177 -46.01 -8.46 -78.17
C GLN D 177 -44.57 -8.35 -77.69
N LYS D 178 -44.18 -7.22 -77.11
CA LYS D 178 -42.83 -7.01 -76.61
C LYS D 178 -42.90 -6.43 -75.19
N GLU D 179 -41.73 -6.19 -74.62
CA GLU D 179 -41.66 -5.55 -73.32
C GLU D 179 -42.02 -4.07 -73.43
N GLY D 180 -42.09 -3.42 -72.27
CA GLY D 180 -42.39 -2.00 -72.25
C GLY D 180 -42.22 -1.41 -70.88
N TYR D 181 -42.06 -0.09 -70.86
CA TYR D 181 -41.93 0.68 -69.63
C TYR D 181 -43.15 1.57 -69.45
N GLY D 182 -43.64 1.63 -68.23
CA GLY D 182 -44.82 2.40 -67.91
C GLY D 182 -46.05 1.52 -67.78
N LEU D 183 -46.40 1.19 -66.53
CA LEU D 183 -47.59 0.42 -66.23
C LEU D 183 -48.47 1.23 -65.30
N SER D 184 -49.71 1.47 -65.70
CA SER D 184 -50.59 2.36 -64.96
C SER D 184 -52.01 1.81 -64.97
N TRP D 185 -52.50 1.44 -63.78
CA TRP D 185 -53.92 1.17 -63.62
C TRP D 185 -54.69 2.48 -63.57
N ASN D 186 -55.99 2.40 -63.79
CA ASN D 186 -56.84 3.58 -63.67
C ASN D 186 -57.06 3.92 -62.22
N PRO D 187 -56.72 5.13 -61.77
CA PRO D 187 -57.08 5.53 -60.40
C PRO D 187 -58.57 5.50 -60.14
N ASN D 188 -59.39 5.81 -61.13
CA ASN D 188 -60.84 5.83 -60.97
C ASN D 188 -61.46 4.48 -61.35
N LEU D 189 -61.25 4.04 -62.58
CA LEU D 189 -61.79 2.75 -63.01
C LEU D 189 -61.03 1.61 -62.35
N SER D 190 -61.68 0.45 -62.30
CA SER D 190 -61.08 -0.77 -61.76
C SER D 190 -61.00 -1.80 -62.87
N GLY D 191 -59.84 -2.45 -62.99
CA GLY D 191 -59.62 -3.44 -64.03
C GLY D 191 -59.23 -2.88 -65.38
N HIS D 192 -59.03 -1.57 -65.49
CA HIS D 192 -58.65 -0.93 -66.74
C HIS D 192 -57.24 -0.37 -66.59
N LEU D 193 -56.29 -0.97 -67.30
CA LEU D 193 -54.88 -0.62 -67.19
C LEU D 193 -54.36 -0.08 -68.53
N LEU D 194 -53.47 0.89 -68.45
CA LEU D 194 -52.76 1.41 -69.62
C LEU D 194 -51.35 0.84 -69.64
N SER D 195 -50.99 0.20 -70.75
CA SER D 195 -49.68 -0.40 -70.91
C SER D 195 -49.02 0.12 -72.17
N ALA D 196 -47.77 0.56 -72.05
CA ALA D 196 -46.99 1.05 -73.18
C ALA D 196 -45.82 0.11 -73.40
N SER D 197 -45.62 -0.33 -74.64
CA SER D 197 -44.59 -1.30 -74.96
C SER D 197 -43.81 -0.91 -76.20
N ASP D 198 -42.95 -1.81 -76.67
CA ASP D 198 -42.17 -1.56 -77.89
C ASP D 198 -43.01 -1.68 -79.15
N ASP D 199 -44.31 -1.90 -79.02
CA ASP D 199 -45.20 -2.16 -80.13
C ASP D 199 -45.93 -0.91 -80.62
N HIS D 200 -45.56 0.26 -80.11
CA HIS D 200 -46.18 1.54 -80.47
C HIS D 200 -47.65 1.60 -80.05
N THR D 201 -48.05 0.75 -79.11
CA THR D 201 -49.44 0.55 -78.79
C THR D 201 -49.73 0.85 -77.32
N ILE D 202 -50.99 1.14 -77.04
CA ILE D 202 -51.48 1.35 -75.69
C ILE D 202 -52.64 0.38 -75.48
N CYS D 203 -52.47 -0.58 -74.59
CA CYS D 203 -53.44 -1.65 -74.40
C CYS D 203 -54.29 -1.40 -73.17
N LEU D 204 -55.53 -1.86 -73.21
CA LEU D 204 -56.49 -1.69 -72.13
C LEU D 204 -57.20 -3.00 -71.86
N TRP D 205 -57.63 -3.17 -70.60
CA TRP D 205 -58.34 -4.37 -70.17
C TRP D 205 -59.57 -3.98 -69.39
N ASP D 206 -60.46 -4.94 -69.19
CA ASP D 206 -61.62 -4.80 -68.30
C ASP D 206 -61.65 -6.03 -67.40
N ILE D 207 -60.89 -6.00 -66.31
CA ILE D 207 -60.77 -7.16 -65.45
C ILE D 207 -62.09 -7.45 -64.74
N SER D 208 -62.82 -6.41 -64.35
CA SER D 208 -64.10 -6.60 -63.69
C SER D 208 -65.07 -7.38 -64.56
N ALA D 209 -64.95 -7.26 -65.88
CA ALA D 209 -65.77 -8.02 -66.82
C ALA D 209 -65.09 -9.30 -67.29
N VAL D 210 -63.90 -9.62 -66.79
CA VAL D 210 -63.14 -10.78 -67.22
C VAL D 210 -63.29 -11.87 -66.17
N PRO D 211 -63.87 -13.02 -66.52
CA PRO D 211 -63.85 -14.17 -65.59
C PRO D 211 -62.61 -15.03 -65.78
N LYS D 212 -62.52 -16.14 -65.06
CA LYS D 212 -61.39 -17.04 -65.16
C LYS D 212 -61.40 -17.71 -66.53
N GLU D 213 -60.50 -17.29 -67.42
CA GLU D 213 -60.42 -17.81 -68.79
C GLU D 213 -58.98 -18.23 -69.09
N GLY D 214 -58.63 -19.47 -68.76
CA GLY D 214 -57.36 -20.03 -69.15
C GLY D 214 -56.14 -19.35 -68.57
N LYS D 215 -56.30 -18.61 -67.47
CA LYS D 215 -55.22 -17.91 -66.77
C LYS D 215 -54.52 -16.88 -67.64
N VAL D 216 -55.08 -16.54 -68.81
CA VAL D 216 -54.47 -15.59 -69.74
C VAL D 216 -55.51 -14.54 -70.10
N VAL D 217 -55.09 -13.28 -70.13
CA VAL D 217 -55.96 -12.16 -70.49
C VAL D 217 -55.33 -11.42 -71.66
N ASP D 218 -56.15 -11.10 -72.65
CA ASP D 218 -55.73 -10.24 -73.75
C ASP D 218 -56.34 -8.85 -73.57
N ALA D 219 -55.74 -7.87 -74.24
CA ALA D 219 -56.16 -6.49 -74.09
C ALA D 219 -57.59 -6.30 -74.59
N LYS D 220 -58.43 -5.69 -73.75
CA LYS D 220 -59.79 -5.37 -74.16
C LYS D 220 -59.79 -4.37 -75.32
N THR D 221 -58.94 -3.35 -75.25
CA THR D 221 -58.83 -2.36 -76.31
C THR D 221 -57.38 -1.93 -76.42
N ILE D 222 -56.93 -1.69 -77.65
CA ILE D 222 -55.54 -1.34 -77.93
C ILE D 222 -55.52 -0.01 -78.67
N PHE D 223 -54.65 0.89 -78.24
CA PHE D 223 -54.51 2.22 -78.83
C PHE D 223 -53.11 2.36 -79.42
N THR D 224 -53.04 2.76 -80.69
CA THR D 224 -51.78 2.79 -81.42
C THR D 224 -51.46 4.21 -81.87
N GLY D 225 -51.60 5.17 -80.96
CA GLY D 225 -51.34 6.56 -81.28
C GLY D 225 -49.94 6.85 -81.81
N HIS D 226 -48.92 6.67 -80.99
CA HIS D 226 -47.56 6.97 -81.42
C HIS D 226 -47.13 6.03 -82.53
N THR D 227 -46.54 6.59 -83.59
CA THR D 227 -45.77 5.78 -84.52
C THR D 227 -44.46 5.33 -83.89
N ALA D 228 -43.86 6.17 -83.07
CA ALA D 228 -42.65 5.83 -82.34
C ALA D 228 -42.98 4.93 -81.15
N VAL D 229 -41.94 4.34 -80.58
CA VAL D 229 -42.11 3.38 -79.49
C VAL D 229 -42.67 4.10 -78.26
N VAL D 230 -43.83 3.65 -77.79
CA VAL D 230 -44.41 4.19 -76.57
C VAL D 230 -43.66 3.62 -75.37
N GLU D 231 -43.25 4.51 -74.46
CA GLU D 231 -42.49 4.09 -73.29
C GLU D 231 -42.99 4.75 -72.01
N ASP D 232 -44.14 5.41 -72.03
CA ASP D 232 -44.66 6.08 -70.84
C ASP D 232 -46.15 6.32 -71.03
N VAL D 233 -46.97 5.67 -70.22
CA VAL D 233 -48.41 5.84 -70.28
C VAL D 233 -48.96 5.90 -68.87
N SER D 234 -49.96 6.76 -68.66
CA SER D 234 -50.59 6.89 -67.36
C SER D 234 -51.92 7.62 -67.52
N TRP D 235 -52.93 7.17 -66.78
CA TRP D 235 -54.17 7.91 -66.72
C TRP D 235 -53.94 9.25 -66.04
N HIS D 236 -54.61 10.29 -66.50
CA HIS D 236 -54.69 11.48 -65.69
C HIS D 236 -55.40 11.13 -64.39
N LEU D 237 -54.68 11.28 -63.28
CA LEU D 237 -55.10 10.69 -62.00
C LEU D 237 -56.42 11.27 -61.50
N LEU D 238 -56.88 12.40 -62.03
CA LEU D 238 -58.14 12.98 -61.61
C LEU D 238 -59.34 12.49 -62.43
N HIS D 239 -59.13 12.07 -63.68
CA HIS D 239 -60.23 11.69 -64.55
C HIS D 239 -59.94 10.34 -65.21
N GLU D 240 -60.89 9.42 -65.11
CA GLU D 240 -60.79 8.16 -65.84
C GLU D 240 -61.03 8.35 -67.32
N SER D 241 -61.86 9.33 -67.71
CA SER D 241 -62.14 9.54 -69.13
C SER D 241 -60.89 9.93 -69.90
N LEU D 242 -60.12 10.86 -69.36
CA LEU D 242 -58.90 11.32 -70.00
C LEU D 242 -57.71 10.54 -69.46
N PHE D 243 -56.70 10.35 -70.32
CA PHE D 243 -55.51 9.63 -69.95
C PHE D 243 -54.38 10.01 -70.90
N GLY D 244 -53.16 10.06 -70.39
CA GLY D 244 -52.02 10.58 -71.12
C GLY D 244 -51.05 9.49 -71.53
N SER D 245 -50.25 9.79 -72.56
CA SER D 245 -49.23 8.86 -73.05
C SER D 245 -48.03 9.65 -73.54
N VAL D 246 -46.84 9.17 -73.19
CA VAL D 246 -45.58 9.81 -73.58
C VAL D 246 -44.68 8.76 -74.21
N ALA D 247 -44.00 9.13 -75.29
CA ALA D 247 -43.15 8.19 -76.01
C ALA D 247 -41.82 8.87 -76.33
N ASP D 248 -40.89 8.07 -76.87
CA ASP D 248 -39.58 8.53 -77.31
C ASP D 248 -39.64 9.34 -78.58
N ASP D 249 -40.83 9.73 -79.01
CA ASP D 249 -41.01 10.60 -80.15
C ASP D 249 -40.71 12.06 -79.82
N GLN D 250 -40.06 12.30 -78.68
CA GLN D 250 -39.70 13.62 -78.17
C GLN D 250 -40.92 14.48 -77.85
N LYS D 251 -42.10 13.87 -77.73
CA LYS D 251 -43.32 14.62 -77.46
C LYS D 251 -44.31 13.72 -76.76
N LEU D 252 -45.12 14.32 -75.89
CA LEU D 252 -46.19 13.59 -75.23
C LEU D 252 -47.43 13.59 -76.12
N MET D 253 -48.35 12.68 -75.81
CA MET D 253 -49.57 12.51 -76.60
C MET D 253 -50.72 12.23 -75.66
N ILE D 254 -51.66 13.16 -75.59
CA ILE D 254 -52.74 13.11 -74.62
C ILE D 254 -53.95 12.45 -75.26
N TRP D 255 -54.67 11.66 -74.47
CA TRP D 255 -55.79 10.87 -74.97
C TRP D 255 -57.05 11.10 -74.13
N ASP D 256 -58.18 10.78 -74.76
CA ASP D 256 -59.47 10.73 -74.11
C ASP D 256 -60.12 9.37 -74.37
N THR D 257 -61.30 9.18 -73.79
CA THR D 257 -62.07 7.96 -73.99
C THR D 257 -62.83 8.12 -75.31
N ARG D 258 -63.73 7.18 -75.62
CA ARG D 258 -64.53 7.12 -76.85
C ARG D 258 -63.71 7.45 -78.09
N SER D 259 -62.43 7.07 -78.10
CA SER D 259 -61.58 7.26 -79.27
C SER D 259 -61.60 5.98 -80.08
N ASN D 260 -62.60 5.86 -80.95
CA ASN D 260 -62.66 4.70 -81.85
C ASN D 260 -61.43 4.66 -82.75
N ASN D 261 -60.98 5.82 -83.23
CA ASN D 261 -59.68 5.95 -83.87
C ASN D 261 -58.62 5.88 -82.78
N THR D 262 -58.28 4.66 -82.38
CA THR D 262 -57.34 4.43 -81.29
C THR D 262 -55.92 4.91 -81.62
N SER D 263 -55.71 5.52 -82.78
CA SER D 263 -54.47 6.19 -83.10
C SER D 263 -54.63 7.70 -83.20
N LYS D 264 -55.85 8.22 -83.09
CA LYS D 264 -56.10 9.65 -83.16
C LYS D 264 -56.28 10.21 -81.75
N PRO D 265 -55.26 10.84 -81.18
CA PRO D 265 -55.32 11.22 -79.75
C PRO D 265 -56.19 12.43 -79.46
N SER D 266 -56.18 12.87 -78.20
CA SER D 266 -56.94 14.05 -77.82
C SER D 266 -56.09 15.31 -77.93
N HIS D 267 -54.83 15.25 -77.49
CA HIS D 267 -53.92 16.38 -77.61
C HIS D 267 -52.51 15.86 -77.81
N SER D 268 -51.69 16.70 -78.44
CA SER D 268 -50.29 16.35 -78.72
C SER D 268 -49.52 17.62 -79.00
N VAL D 269 -48.33 17.73 -78.41
CA VAL D 269 -47.47 18.88 -78.62
C VAL D 269 -46.06 18.52 -78.18
N ASP D 270 -45.07 19.18 -78.77
CA ASP D 270 -43.69 19.04 -78.34
C ASP D 270 -43.49 19.69 -76.98
N ALA D 271 -42.60 19.09 -76.18
CA ALA D 271 -42.28 19.61 -74.86
C ALA D 271 -40.84 20.08 -74.78
N HIS D 272 -39.88 19.25 -75.16
CA HIS D 272 -38.46 19.59 -75.03
C HIS D 272 -37.66 19.10 -76.21
N THR D 273 -36.33 19.10 -76.09
CA THR D 273 -35.44 18.81 -77.21
C THR D 273 -34.72 17.47 -77.05
N ALA D 274 -35.28 16.55 -76.29
CA ALA D 274 -34.69 15.23 -76.12
C ALA D 274 -35.79 14.22 -75.83
N GLU D 275 -35.39 12.98 -75.57
CA GLU D 275 -36.37 11.92 -75.30
C GLU D 275 -37.11 12.20 -73.99
N VAL D 276 -38.43 12.05 -74.03
CA VAL D 276 -39.29 12.26 -72.87
C VAL D 276 -40.07 10.97 -72.63
N ASN D 277 -39.98 10.45 -71.41
CA ASN D 277 -40.76 9.27 -71.04
C ASN D 277 -41.27 9.35 -69.60
N CYS D 278 -41.58 10.54 -69.12
CA CYS D 278 -42.15 10.74 -67.79
C CYS D 278 -43.18 11.86 -67.84
N LEU D 279 -44.29 11.67 -67.13
CA LEU D 279 -45.30 12.71 -66.98
C LEU D 279 -45.84 12.69 -65.56
N SER D 280 -46.46 13.81 -65.16
CA SER D 280 -47.03 13.92 -63.83
C SER D 280 -48.00 15.10 -63.81
N PHE D 281 -49.19 14.89 -63.27
CA PHE D 281 -50.24 15.90 -63.22
C PHE D 281 -50.55 16.28 -61.78
N ASN D 282 -50.92 17.54 -61.58
CA ASN D 282 -51.19 18.04 -60.24
C ASN D 282 -52.43 17.38 -59.67
N PRO D 283 -52.36 16.75 -58.50
CA PRO D 283 -53.59 16.26 -57.86
C PRO D 283 -54.46 17.39 -57.33
N TYR D 284 -53.86 18.35 -56.64
CA TYR D 284 -54.61 19.44 -55.99
C TYR D 284 -55.01 20.55 -56.95
N SER D 285 -54.40 20.62 -58.12
CA SER D 285 -54.82 21.54 -59.17
C SER D 285 -55.26 20.74 -60.38
N GLU D 286 -56.49 20.97 -60.82
CA GLU D 286 -57.08 20.19 -61.90
C GLU D 286 -56.54 20.58 -63.28
N PHE D 287 -55.52 21.44 -63.35
CA PHE D 287 -55.10 21.96 -64.64
C PHE D 287 -53.58 22.07 -64.80
N ILE D 288 -52.79 21.37 -64.00
CA ILE D 288 -51.33 21.49 -64.02
C ILE D 288 -50.72 20.14 -64.35
N LEU D 289 -49.86 20.10 -65.37
CA LEU D 289 -49.17 18.90 -65.81
C LEU D 289 -47.68 19.19 -65.88
N ALA D 290 -46.89 18.47 -65.10
CA ALA D 290 -45.44 18.67 -65.05
C ALA D 290 -44.73 17.40 -65.50
N THR D 291 -43.81 17.54 -66.45
CA THR D 291 -43.04 16.39 -66.94
C THR D 291 -41.57 16.75 -66.96
N GLY D 292 -40.71 15.75 -66.80
CA GLY D 292 -39.28 15.90 -67.00
C GLY D 292 -38.86 15.40 -68.37
N SER D 293 -37.55 15.52 -68.63
CA SER D 293 -37.00 15.06 -69.89
C SER D 293 -35.51 14.80 -69.71
N ALA D 294 -34.98 13.93 -70.58
CA ALA D 294 -33.58 13.51 -70.48
C ALA D 294 -32.60 14.66 -70.61
N ASP D 295 -33.00 15.77 -71.23
CA ASP D 295 -32.07 16.87 -71.44
C ASP D 295 -32.04 17.78 -70.23
N LYS D 296 -31.92 17.20 -69.04
CA LYS D 296 -31.74 17.90 -67.77
C LYS D 296 -32.90 18.82 -67.40
N THR D 297 -33.97 18.85 -68.19
CA THR D 297 -35.05 19.82 -68.00
C THR D 297 -36.21 19.22 -67.22
N VAL D 298 -36.79 20.04 -66.35
CA VAL D 298 -38.05 19.75 -65.68
C VAL D 298 -38.98 20.92 -65.97
N ALA D 299 -40.22 20.62 -66.38
CA ALA D 299 -41.12 21.68 -66.78
C ALA D 299 -42.56 21.29 -66.47
N LEU D 300 -43.44 22.28 -66.50
CA LEU D 300 -44.85 22.09 -66.18
C LEU D 300 -45.71 22.80 -67.23
N TRP D 301 -46.95 22.35 -67.34
CA TRP D 301 -47.90 22.82 -68.34
C TRP D 301 -49.28 23.04 -67.72
N ASP D 302 -49.99 24.02 -68.27
CA ASP D 302 -51.34 24.36 -67.84
C ASP D 302 -52.34 23.87 -68.88
N LEU D 303 -53.45 23.30 -68.41
CA LEU D 303 -54.42 22.69 -69.33
C LEU D 303 -55.04 23.71 -70.26
N ARG D 304 -55.15 24.98 -69.84
CA ARG D 304 -55.74 26.00 -70.68
C ARG D 304 -54.85 26.38 -71.86
N ASN D 305 -53.59 25.94 -71.87
CA ASN D 305 -52.65 26.21 -72.97
C ASN D 305 -51.88 24.93 -73.25
N LEU D 306 -52.34 24.18 -74.26
CA LEU D 306 -51.75 22.87 -74.54
C LEU D 306 -50.30 22.99 -75.01
N LYS D 307 -50.02 23.96 -75.88
CA LYS D 307 -48.69 24.09 -76.45
C LYS D 307 -47.76 24.99 -75.65
N LEU D 308 -48.23 25.50 -74.51
CA LEU D 308 -47.49 26.47 -73.71
C LEU D 308 -47.02 25.84 -72.42
N LYS D 309 -45.74 26.05 -72.09
CA LYS D 309 -45.14 25.56 -70.86
C LYS D 309 -45.05 26.71 -69.86
N LEU D 310 -45.57 26.49 -68.65
CA LEU D 310 -45.57 27.54 -67.65
C LEU D 310 -44.15 27.93 -67.25
N HIS D 311 -43.30 26.95 -67.02
CA HIS D 311 -41.91 27.21 -66.65
C HIS D 311 -41.09 25.96 -66.88
N SER D 312 -39.78 26.14 -66.99
CA SER D 312 -38.84 25.06 -67.22
C SER D 312 -37.74 25.11 -66.18
N PHE D 313 -37.17 23.93 -65.88
CA PHE D 313 -36.11 23.78 -64.88
C PHE D 313 -35.05 22.84 -65.45
N GLU D 314 -34.04 23.41 -66.10
CA GLU D 314 -32.97 22.65 -66.72
C GLU D 314 -31.88 22.27 -65.72
N SER D 315 -32.12 22.44 -64.42
CA SER D 315 -31.07 22.31 -63.43
C SER D 315 -30.57 20.89 -63.23
N HIS D 316 -31.23 19.88 -63.80
CA HIS D 316 -30.79 18.51 -63.61
C HIS D 316 -29.48 18.28 -64.37
N LYS D 317 -28.96 17.05 -64.28
CA LYS D 317 -27.65 16.73 -64.83
C LYS D 317 -27.63 15.44 -65.65
N ASP D 318 -28.74 14.72 -65.78
CA ASP D 318 -28.76 13.46 -66.51
C ASP D 318 -30.19 13.16 -66.93
N GLU D 319 -30.42 11.92 -67.36
CA GLU D 319 -31.75 11.49 -67.78
C GLU D 319 -32.67 11.36 -66.57
N ILE D 320 -33.93 11.77 -66.75
CA ILE D 320 -34.96 11.63 -65.72
C ILE D 320 -36.20 11.02 -66.35
N PHE D 321 -36.73 9.97 -65.73
CA PHE D 321 -38.00 9.40 -66.17
C PHE D 321 -38.89 9.00 -64.99
N GLN D 322 -38.60 9.47 -63.78
CA GLN D 322 -39.37 9.12 -62.59
C GLN D 322 -39.75 10.41 -61.87
N VAL D 323 -41.00 10.84 -62.06
CA VAL D 323 -41.52 12.05 -61.44
C VAL D 323 -42.82 11.71 -60.72
N GLN D 324 -42.97 12.22 -59.50
CA GLN D 324 -44.17 11.99 -58.70
C GLN D 324 -44.53 13.27 -57.96
N TRP D 325 -45.82 13.59 -57.93
CA TRP D 325 -46.28 14.78 -57.22
C TRP D 325 -46.32 14.49 -55.72
N SER D 326 -45.57 15.27 -54.96
CA SER D 326 -45.47 15.03 -53.52
C SER D 326 -46.85 15.08 -52.88
N PRO D 327 -47.24 14.08 -52.11
CA PRO D 327 -48.58 14.07 -51.52
C PRO D 327 -48.69 15.03 -50.35
N HIS D 328 -49.94 15.37 -50.02
CA HIS D 328 -50.29 16.24 -48.90
C HIS D 328 -49.71 17.65 -49.04
N ASN D 329 -49.09 17.96 -50.17
CA ASN D 329 -48.50 19.28 -50.42
C ASN D 329 -48.58 19.57 -51.91
N GLU D 330 -49.12 20.74 -52.24
CA GLU D 330 -49.35 21.09 -53.64
C GLU D 330 -48.13 21.73 -54.29
N THR D 331 -47.45 22.64 -53.59
CA THR D 331 -46.33 23.37 -54.14
C THR D 331 -45.01 22.60 -54.05
N ILE D 332 -45.05 21.28 -53.89
CA ILE D 332 -43.85 20.45 -53.83
C ILE D 332 -44.02 19.26 -54.78
N LEU D 333 -42.97 18.96 -55.55
CA LEU D 333 -42.92 17.78 -56.40
C LEU D 333 -41.53 17.17 -56.31
N ALA D 334 -41.49 15.86 -56.14
CA ALA D 334 -40.24 15.11 -56.02
C ALA D 334 -39.96 14.33 -57.29
N SER D 335 -38.69 13.98 -57.48
CA SER D 335 -38.25 13.36 -58.72
C SER D 335 -37.03 12.48 -58.46
N SER D 336 -36.74 11.61 -59.43
CA SER D 336 -35.56 10.77 -59.41
C SER D 336 -34.80 10.92 -60.72
N GLY D 337 -33.48 10.92 -60.64
CA GLY D 337 -32.64 11.15 -61.80
C GLY D 337 -31.51 10.15 -61.89
N THR D 338 -31.03 9.97 -63.12
CA THR D 338 -29.94 9.04 -63.40
C THR D 338 -28.56 9.63 -63.11
N ASP D 339 -28.49 10.90 -62.71
CA ASP D 339 -27.24 11.50 -62.27
C ASP D 339 -26.89 11.10 -60.85
N ARG D 340 -27.55 10.07 -60.33
CA ARG D 340 -27.41 9.64 -58.94
C ARG D 340 -27.79 10.78 -58.00
N ARG D 341 -28.73 11.62 -58.43
CA ARG D 341 -29.17 12.77 -57.65
C ARG D 341 -30.69 12.79 -57.63
N LEU D 342 -31.24 13.25 -56.50
CA LEU D 342 -32.70 13.37 -56.33
C LEU D 342 -33.01 14.81 -55.97
N ASN D 343 -33.89 15.44 -56.73
CA ASN D 343 -34.19 16.86 -56.55
C ASN D 343 -35.67 17.06 -56.22
N VAL D 344 -35.99 18.28 -55.83
CA VAL D 344 -37.34 18.68 -55.47
C VAL D 344 -37.45 20.18 -55.66
N TRP D 345 -38.66 20.65 -55.97
CA TRP D 345 -38.88 22.04 -56.33
C TRP D 345 -40.09 22.60 -55.59
N ASP D 346 -40.03 23.89 -55.30
CA ASP D 346 -41.15 24.62 -54.72
C ASP D 346 -41.89 25.35 -55.83
N LEU D 347 -43.21 25.17 -55.87
CA LEU D 347 -44.03 25.76 -56.93
C LEU D 347 -44.59 27.13 -56.56
N SER D 348 -44.52 27.52 -55.29
CA SER D 348 -45.04 28.81 -54.86
C SER D 348 -43.99 29.90 -54.81
N LYS D 349 -42.75 29.60 -55.16
CA LYS D 349 -41.66 30.56 -55.12
C LYS D 349 -40.93 30.60 -56.46
N ILE D 350 -41.69 30.54 -57.55
CA ILE D 350 -41.11 30.53 -58.89
C ILE D 350 -40.51 31.90 -59.17
N GLY D 351 -39.18 32.00 -59.15
CA GLY D 351 -38.52 33.25 -59.44
C GLY D 351 -38.85 34.37 -58.48
N GLU D 352 -39.27 34.04 -57.27
CA GLU D 352 -39.67 35.05 -56.29
C GLU D 352 -38.42 35.69 -55.68
N GLU D 353 -38.63 36.54 -54.68
CA GLU D 353 -37.52 37.22 -54.03
C GLU D 353 -36.58 36.23 -53.36
N GLN D 354 -35.28 36.38 -53.61
CA GLN D 354 -34.28 35.55 -52.94
C GLN D 354 -33.01 36.36 -52.78
N SER D 355 -32.22 35.97 -51.78
CA SER D 355 -31.01 36.69 -51.45
C SER D 355 -29.93 36.46 -52.52
N PRO D 356 -28.96 37.37 -52.61
CA PRO D 356 -27.81 37.10 -53.51
C PRO D 356 -27.06 35.84 -53.12
N GLU D 357 -26.99 35.52 -51.82
CA GLU D 357 -26.40 34.25 -51.42
C GLU D 357 -27.26 33.07 -51.85
N ASP D 358 -28.56 33.27 -51.99
CA ASP D 358 -29.41 32.24 -52.57
C ASP D 358 -29.10 32.02 -54.04
N ALA D 359 -28.68 33.08 -54.74
CA ALA D 359 -28.52 33.02 -56.19
C ALA D 359 -27.51 31.96 -56.60
N GLU D 360 -26.35 31.94 -55.95
CA GLU D 360 -25.33 30.97 -56.33
C GLU D 360 -25.76 29.55 -55.99
N ASP D 361 -26.59 29.37 -54.96
CA ASP D 361 -27.09 28.04 -54.64
C ASP D 361 -28.20 27.62 -55.59
N GLY D 362 -29.04 28.55 -56.03
CA GLY D 362 -30.09 28.25 -56.97
C GLY D 362 -31.28 29.18 -56.86
N PRO D 363 -32.22 29.05 -57.78
CA PRO D 363 -33.42 29.89 -57.76
C PRO D 363 -34.28 29.58 -56.54
N PRO D 364 -35.09 30.54 -56.09
CA PRO D 364 -35.89 30.29 -54.87
C PRO D 364 -36.86 29.12 -55.02
N GLU D 365 -37.38 28.88 -56.21
CA GLU D 365 -38.26 27.74 -56.42
C GLU D 365 -37.51 26.42 -56.27
N LEU D 366 -36.24 26.39 -56.63
CA LEU D 366 -35.44 25.18 -56.49
C LEU D 366 -35.24 24.84 -55.02
N LEU D 367 -35.38 23.54 -54.70
CA LEU D 367 -35.19 23.04 -53.35
C LEU D 367 -34.04 22.05 -53.32
N PHE D 368 -33.86 21.40 -52.17
CA PHE D 368 -32.65 20.63 -51.91
C PHE D 368 -32.50 19.47 -52.89
N ILE D 369 -31.25 19.03 -53.03
CA ILE D 369 -30.85 17.95 -53.91
C ILE D 369 -30.38 16.76 -53.07
N HIS D 370 -31.17 15.70 -53.07
CA HIS D 370 -30.73 14.42 -52.55
C HIS D 370 -29.93 13.74 -53.64
N GLY D 371 -29.43 12.54 -53.35
CA GLY D 371 -28.51 11.94 -54.29
C GLY D 371 -27.31 11.25 -53.68
N GLY D 372 -27.36 11.03 -52.38
CA GLY D 372 -26.31 10.27 -51.74
C GLY D 372 -26.42 8.80 -52.10
N HIS D 373 -26.07 8.47 -53.34
CA HIS D 373 -26.20 7.13 -53.87
C HIS D 373 -24.86 6.61 -54.34
N THR D 374 -24.56 5.36 -54.01
CA THR D 374 -23.39 4.66 -54.51
C THR D 374 -23.67 3.88 -55.78
N ALA D 375 -24.93 3.83 -56.20
CA ALA D 375 -25.31 3.09 -57.41
C ALA D 375 -26.46 3.86 -58.08
N LYS D 376 -26.90 3.33 -59.22
CA LYS D 376 -27.96 3.99 -59.97
C LYS D 376 -29.29 3.86 -59.26
N ILE D 377 -30.01 4.97 -59.13
CA ILE D 377 -31.40 4.98 -58.73
C ILE D 377 -32.16 5.91 -59.66
N SER D 378 -33.17 5.37 -60.33
CA SER D 378 -34.06 6.14 -61.19
C SER D 378 -35.51 5.80 -60.89
N ASP D 379 -35.78 5.38 -59.65
CA ASP D 379 -37.12 5.00 -59.23
C ASP D 379 -37.29 5.33 -57.75
N PHE D 380 -38.32 6.08 -57.42
CA PHE D 380 -38.64 6.43 -56.05
C PHE D 380 -40.14 6.35 -55.85
N SER D 381 -40.55 6.19 -54.60
CA SER D 381 -41.98 6.04 -54.30
C SER D 381 -42.25 6.41 -52.85
N TRP D 382 -43.52 6.64 -52.57
CA TRP D 382 -44.03 6.86 -51.22
C TRP D 382 -45.38 6.16 -51.10
N ASN D 383 -46.10 6.47 -50.04
CA ASN D 383 -47.44 5.96 -49.80
C ASN D 383 -48.28 7.05 -49.16
N PRO D 384 -49.60 6.95 -49.25
CA PRO D 384 -50.46 7.95 -48.60
C PRO D 384 -50.22 8.00 -47.10
N ASN D 385 -50.46 9.18 -46.53
CA ASN D 385 -50.25 9.54 -45.13
C ASN D 385 -48.77 9.75 -44.79
N GLU D 386 -47.85 9.51 -45.72
CA GLU D 386 -46.43 9.69 -45.49
C GLU D 386 -45.80 10.43 -46.65
N PRO D 387 -45.97 11.75 -46.71
CA PRO D 387 -45.37 12.51 -47.82
C PRO D 387 -43.86 12.67 -47.71
N TRP D 388 -43.29 12.46 -46.52
CA TRP D 388 -41.92 12.86 -46.24
C TRP D 388 -40.92 11.72 -46.29
N VAL D 389 -41.33 10.54 -46.77
CA VAL D 389 -40.48 9.35 -46.70
C VAL D 389 -40.33 8.77 -48.10
N ILE D 390 -39.13 8.30 -48.42
CA ILE D 390 -38.76 7.85 -49.76
C ILE D 390 -38.05 6.50 -49.65
N CYS D 391 -38.44 5.57 -50.53
CA CYS D 391 -37.73 4.31 -50.68
C CYS D 391 -36.76 4.38 -51.85
N SER D 392 -35.72 3.55 -51.80
CA SER D 392 -34.68 3.54 -52.82
C SER D 392 -34.35 2.12 -53.24
N VAL D 393 -34.07 1.93 -54.53
CA VAL D 393 -33.59 0.66 -55.05
C VAL D 393 -32.51 0.96 -56.08
N SER D 394 -31.40 0.21 -56.01
CA SER D 394 -30.25 0.48 -56.85
C SER D 394 -29.71 -0.80 -57.47
N GLU D 395 -28.76 -0.63 -58.39
CA GLU D 395 -28.07 -1.77 -58.99
C GLU D 395 -27.14 -2.46 -58.01
N ASP D 396 -26.63 -1.74 -57.00
CA ASP D 396 -25.74 -2.32 -56.00
C ASP D 396 -26.52 -2.98 -54.86
N ASN D 397 -27.79 -3.29 -55.09
CA ASN D 397 -28.64 -3.98 -54.12
C ASN D 397 -28.76 -3.18 -52.82
N ILE D 398 -29.31 -1.97 -52.96
CA ILE D 398 -29.40 -1.04 -51.83
C ILE D 398 -30.83 -0.55 -51.70
N MET D 399 -31.35 -0.60 -50.48
CA MET D 399 -32.57 0.11 -50.11
C MET D 399 -32.16 1.28 -49.23
N GLN D 400 -32.84 2.42 -49.39
CA GLN D 400 -32.58 3.58 -48.55
C GLN D 400 -33.90 4.25 -48.19
N VAL D 401 -34.03 4.66 -46.93
CA VAL D 401 -35.17 5.40 -46.45
C VAL D 401 -34.67 6.66 -45.76
N TRP D 402 -35.26 7.80 -46.11
CA TRP D 402 -34.87 9.08 -45.54
C TRP D 402 -36.11 9.92 -45.24
N GLN D 403 -36.04 10.69 -44.15
CA GLN D 403 -37.13 11.54 -43.69
C GLN D 403 -36.60 12.96 -43.57
N MET D 404 -37.13 13.86 -44.40
CA MET D 404 -36.55 15.19 -44.54
C MET D 404 -36.66 15.98 -43.25
N ALA D 405 -35.59 16.74 -42.95
CA ALA D 405 -35.63 17.69 -41.86
C ALA D 405 -36.58 18.83 -42.20
N GLU D 406 -37.41 19.20 -41.22
CA GLU D 406 -38.47 20.17 -41.46
C GLU D 406 -38.04 21.61 -41.20
N ASN D 407 -36.96 21.81 -40.44
CA ASN D 407 -36.49 23.16 -40.14
C ASN D 407 -36.16 23.94 -41.41
N ILE D 408 -35.76 23.24 -42.48
CA ILE D 408 -35.57 23.92 -43.76
C ILE D 408 -36.88 24.54 -44.23
N TYR D 409 -38.01 23.94 -43.85
CA TYR D 409 -39.30 24.40 -44.34
C TYR D 409 -39.89 25.46 -43.40
N ASN D 410 -40.03 25.12 -42.12
CA ASN D 410 -40.51 26.08 -41.13
C ASN D 410 -39.75 25.92 -39.82
N ASN E 164 -28.73 0.11 -28.79
CA ASN E 164 -28.74 0.45 -27.37
C ASN E 164 -29.38 1.81 -27.14
N LYS E 165 -30.11 1.94 -26.02
CA LYS E 165 -30.75 3.20 -25.68
C LYS E 165 -29.71 4.30 -25.47
N ARG E 166 -28.50 3.93 -25.04
CA ARG E 166 -27.42 4.88 -24.79
C ARG E 166 -26.48 5.01 -25.98
N ARG E 167 -26.95 4.78 -27.21
CA ARG E 167 -26.11 4.83 -28.43
C ARG E 167 -25.56 6.24 -28.63
N LYS E 168 -24.25 6.35 -28.80
CA LYS E 168 -23.53 7.61 -28.99
C LYS E 168 -23.52 8.03 -30.46
N LEU E 169 -22.90 9.18 -30.72
CA LEU E 169 -22.52 9.61 -32.07
C LEU E 169 -21.60 8.57 -32.74
N LYS E 170 -21.48 8.69 -34.05
CA LYS E 170 -20.58 7.92 -34.93
C LYS E 170 -19.08 8.17 -34.70
N ASN E 171 -18.58 7.99 -33.48
CA ASN E 171 -17.18 8.10 -33.12
C ASN E 171 -16.80 7.05 -32.09
N LYS E 172 -17.28 5.82 -32.29
CA LYS E 172 -17.06 4.72 -31.33
C LYS E 172 -15.83 3.92 -31.74
N ARG E 173 -14.69 4.61 -31.79
CA ARG E 173 -13.43 4.00 -32.19
C ARG E 173 -12.31 4.53 -31.29
N ARG E 174 -11.15 3.88 -31.37
CA ARG E 174 -10.01 4.20 -30.52
C ARG E 174 -8.89 4.77 -31.39
N ARG E 175 -8.04 5.59 -30.78
CA ARG E 175 -7.04 6.36 -31.51
C ARG E 175 -5.83 5.55 -31.94
N SER E 176 -5.90 4.21 -31.90
CA SER E 176 -4.79 3.37 -32.32
C SER E 176 -5.24 2.18 -33.15
N LEU E 177 -6.41 2.27 -33.77
CA LEU E 177 -6.92 1.17 -34.58
C LEU E 177 -6.20 1.10 -35.92
N PRO E 178 -6.10 -0.09 -36.51
CA PRO E 178 -5.47 -0.20 -37.83
C PRO E 178 -6.26 0.53 -38.89
N ARG E 179 -5.55 1.00 -39.91
CA ARG E 179 -6.16 1.82 -40.94
C ARG E 179 -7.12 0.97 -41.78
N PRO E 180 -8.21 1.57 -42.26
CA PRO E 180 -9.21 0.78 -43.00
C PRO E 180 -8.87 0.59 -44.48
N HIS E 181 -7.60 0.85 -44.85
CA HIS E 181 -7.14 0.69 -46.23
C HIS E 181 -7.97 1.55 -47.19
N ASP E 182 -7.76 2.86 -47.07
CA ASP E 182 -8.46 3.83 -47.89
C ASP E 182 -8.50 3.42 -49.35
N PHE E 183 -9.63 3.68 -49.99
CA PHE E 183 -9.88 3.29 -51.38
C PHE E 183 -9.06 4.11 -52.36
N PHE E 184 -8.36 5.14 -51.88
CA PHE E 184 -7.50 5.97 -52.71
C PHE E 184 -6.34 5.14 -53.28
N ASP E 185 -5.91 5.51 -54.50
CA ASP E 185 -4.75 4.92 -55.14
C ASP E 185 -3.87 6.04 -55.69
N ALA E 186 -2.57 5.76 -55.78
CA ALA E 186 -1.61 6.78 -56.16
C ALA E 186 -1.73 7.18 -57.62
N GLN E 187 -2.04 6.22 -58.50
CA GLN E 187 -1.98 6.47 -59.94
C GLN E 187 -2.99 7.54 -60.36
N THR E 188 -4.22 7.44 -59.86
CA THR E 188 -5.24 8.42 -60.23
C THR E 188 -4.86 9.81 -59.74
N LEU E 189 -4.23 9.91 -58.58
CA LEU E 189 -3.73 11.21 -58.11
C LEU E 189 -2.67 11.75 -59.06
N ASP E 190 -1.80 10.88 -59.55
CA ASP E 190 -0.76 11.32 -60.48
C ASP E 190 -1.35 11.92 -61.75
N ALA E 191 -2.37 11.27 -62.30
CA ALA E 191 -3.07 11.85 -63.44
C ALA E 191 -3.80 13.13 -63.06
N ILE E 192 -4.40 13.15 -61.87
CA ILE E 192 -5.16 14.31 -61.43
C ILE E 192 -4.25 15.52 -61.27
N ARG E 193 -3.10 15.34 -60.59
CA ARG E 193 -2.23 16.49 -60.30
C ARG E 193 -1.67 17.11 -61.57
N HIS E 194 -1.28 16.28 -62.53
CA HIS E 194 -0.90 16.83 -63.84
C HIS E 194 -2.09 17.49 -64.50
N ARG E 195 -3.27 16.88 -64.39
CA ARG E 195 -4.49 17.52 -64.85
C ARG E 195 -4.79 18.78 -64.04
N ALA E 196 -4.61 18.71 -62.71
CA ALA E 196 -4.91 19.84 -61.86
C ALA E 196 -4.08 21.07 -62.24
N ILE E 197 -2.83 20.85 -62.66
CA ILE E 197 -1.96 21.98 -62.96
C ILE E 197 -2.14 22.43 -64.40
N CYS E 198 -2.54 21.54 -65.31
CA CYS E 198 -2.54 21.89 -66.73
C CYS E 198 -3.56 22.98 -67.04
N PHE E 199 -4.81 22.81 -66.59
CA PHE E 199 -5.75 23.90 -66.76
C PHE E 199 -5.49 25.03 -65.78
N ASN E 200 -4.82 24.76 -64.66
CA ASN E 200 -4.42 25.84 -63.77
C ASN E 200 -3.45 26.80 -64.45
N LEU E 201 -2.80 26.36 -65.52
CA LEU E 201 -2.02 27.29 -66.33
C LEU E 201 -2.85 27.88 -67.47
N SER E 202 -3.68 27.06 -68.11
CA SER E 202 -4.51 27.57 -69.20
C SER E 202 -5.67 28.41 -68.68
N ALA E 203 -6.34 27.94 -67.63
CA ALA E 203 -7.50 28.65 -67.08
C ALA E 203 -7.17 29.47 -65.85
N HIS E 204 -5.99 29.27 -65.24
CA HIS E 204 -5.57 30.03 -64.06
C HIS E 204 -6.58 29.89 -62.93
N ILE E 205 -7.08 28.67 -62.72
CA ILE E 205 -8.08 28.42 -61.70
C ILE E 205 -7.51 28.70 -60.31
N GLU E 206 -6.30 28.22 -60.03
CA GLU E 206 -5.71 28.39 -58.71
C GLU E 206 -4.83 29.62 -58.61
N SER E 207 -4.18 30.01 -59.70
CA SER E 207 -3.28 31.16 -59.66
C SER E 207 -4.06 32.47 -59.62
N LEU E 208 -4.87 32.73 -60.63
CA LEU E 208 -5.61 33.99 -60.70
C LEU E 208 -7.00 33.87 -60.10
N GLY E 209 -7.68 32.74 -60.31
CA GLY E 209 -8.99 32.52 -59.76
C GLY E 209 -9.02 31.95 -58.35
N LYS E 210 -7.86 31.61 -57.79
CA LYS E 210 -7.75 31.10 -56.43
C LYS E 210 -8.60 29.85 -56.22
N GLY E 211 -8.61 28.97 -57.22
CA GLY E 211 -9.35 27.73 -57.12
C GLY E 211 -10.85 27.88 -57.29
N HIS E 212 -11.34 29.08 -57.60
CA HIS E 212 -12.77 29.31 -57.75
C HIS E 212 -13.14 30.15 -58.96
N SER E 213 -12.18 30.72 -59.68
CA SER E 213 -12.50 31.59 -60.81
C SER E 213 -11.53 31.31 -61.95
N VAL E 214 -11.92 31.75 -63.14
CA VAL E 214 -11.14 31.56 -64.36
C VAL E 214 -10.95 32.91 -65.04
N VAL E 215 -9.71 33.22 -65.38
CA VAL E 215 -9.41 34.47 -66.06
C VAL E 215 -9.72 34.33 -67.55
N PHE E 216 -9.92 35.47 -68.21
CA PHE E 216 -10.15 35.50 -69.64
C PHE E 216 -9.50 36.75 -70.21
N HIS E 217 -8.64 36.58 -71.21
CA HIS E 217 -8.05 37.69 -71.94
C HIS E 217 -8.70 37.74 -73.31
N SER E 218 -9.39 38.84 -73.59
CA SER E 218 -10.22 38.95 -74.77
C SER E 218 -9.41 38.99 -76.06
N THR E 219 -9.95 38.36 -77.10
CA THR E 219 -9.39 38.43 -78.45
C THR E 219 -10.55 38.65 -79.41
N VAL E 220 -10.59 39.84 -80.02
CA VAL E 220 -11.73 40.22 -80.85
C VAL E 220 -11.73 39.39 -82.14
N ILE E 221 -12.92 39.14 -82.68
CA ILE E 221 -13.09 38.46 -83.97
C ILE E 221 -13.52 39.46 -85.04
N ALA E 222 -14.71 40.03 -84.88
CA ALA E 222 -15.35 40.83 -85.92
C ALA E 222 -15.85 42.14 -85.34
N LYS E 223 -16.26 43.03 -86.24
CA LYS E 223 -16.69 44.38 -85.90
C LYS E 223 -18.13 44.58 -86.37
N ARG E 224 -18.89 45.34 -85.60
CA ARG E 224 -20.29 45.61 -85.93
C ARG E 224 -20.66 47.01 -85.45
N LYS E 225 -21.32 47.78 -86.32
CA LYS E 225 -21.61 49.18 -86.06
C LYS E 225 -23.08 49.49 -86.33
N GLU E 226 -23.69 50.28 -85.45
CA GLU E 226 -25.01 50.84 -85.66
C GLU E 226 -24.92 52.32 -86.03
N ASP E 227 -26.02 52.82 -86.58
CA ASP E 227 -26.16 54.27 -86.78
C ASP E 227 -26.14 55.02 -85.46
N SER E 228 -26.73 54.43 -84.41
CA SER E 228 -26.71 55.04 -83.09
C SER E 228 -25.31 54.97 -82.50
N GLY E 229 -25.16 55.50 -81.29
CA GLY E 229 -23.88 55.50 -80.62
C GLY E 229 -23.53 54.14 -80.06
N LYS E 230 -23.26 53.18 -80.95
CA LYS E 230 -23.04 51.79 -80.54
C LYS E 230 -22.21 51.09 -81.58
N ILE E 231 -21.04 50.60 -81.18
CA ILE E 231 -20.20 49.74 -82.02
C ILE E 231 -19.87 48.49 -81.22
N LYS E 232 -19.76 47.36 -81.90
CA LYS E 232 -19.67 46.05 -81.26
C LYS E 232 -18.40 45.32 -81.65
N LEU E 233 -17.83 44.59 -80.69
CA LEU E 233 -16.57 43.87 -80.85
C LEU E 233 -16.77 42.47 -80.25
N LEU E 234 -16.97 41.47 -81.11
CA LEU E 234 -17.12 40.10 -80.64
C LEU E 234 -15.82 39.63 -80.03
N LEU E 235 -15.90 39.06 -78.81
CA LEU E 235 -14.72 38.80 -77.99
C LEU E 235 -14.56 37.30 -77.74
N HIS E 236 -13.57 36.71 -78.40
CA HIS E 236 -13.02 35.41 -77.99
C HIS E 236 -12.05 35.63 -76.84
N TRP E 237 -11.77 34.55 -76.11
CA TRP E 237 -10.93 34.65 -74.93
C TRP E 237 -9.86 33.56 -75.01
N MET E 238 -8.67 33.87 -74.50
CA MET E 238 -7.50 33.04 -74.76
C MET E 238 -7.50 31.68 -74.05
N PRO E 239 -8.06 31.50 -72.81
CA PRO E 239 -7.80 30.25 -72.08
C PRO E 239 -8.35 28.99 -72.75
N GLU E 240 -9.01 29.14 -73.91
CA GLU E 240 -9.54 28.07 -74.74
C GLU E 240 -10.72 27.34 -74.10
N ASP E 241 -11.10 27.70 -72.87
CA ASP E 241 -12.29 27.15 -72.21
C ASP E 241 -13.12 28.36 -71.76
N ILE E 242 -13.93 28.88 -72.67
CA ILE E 242 -14.53 30.20 -72.52
C ILE E 242 -16.02 30.12 -72.78
N LEU E 243 -16.71 31.21 -72.41
CA LEU E 243 -18.13 31.35 -72.65
C LEU E 243 -18.39 31.62 -74.13
N PRO E 244 -19.63 31.45 -74.59
CA PRO E 244 -19.98 31.93 -75.93
C PRO E 244 -19.64 33.41 -76.08
N ASP E 245 -18.97 33.72 -77.19
CA ASP E 245 -18.42 35.06 -77.39
C ASP E 245 -19.53 36.11 -77.49
N VAL E 246 -19.21 37.32 -77.04
CA VAL E 246 -20.17 38.42 -77.03
C VAL E 246 -19.52 39.64 -77.64
N TRP E 247 -20.36 40.53 -78.18
CA TRP E 247 -19.90 41.76 -78.79
C TRP E 247 -19.83 42.87 -77.74
N VAL E 248 -18.82 43.72 -77.84
CA VAL E 248 -18.59 44.77 -76.86
C VAL E 248 -18.30 46.09 -77.55
N ASN E 249 -18.52 47.18 -76.80
CA ASN E 249 -18.25 48.53 -77.25
C ASN E 249 -16.88 49.00 -76.76
N GLU E 250 -16.38 50.06 -77.38
CA GLU E 250 -15.09 50.61 -77.00
C GLU E 250 -15.06 51.10 -75.56
N SER E 251 -16.22 51.44 -74.99
CA SER E 251 -16.27 51.82 -73.59
C SER E 251 -15.84 50.66 -72.69
N GLU E 252 -16.47 49.49 -72.87
CA GLU E 252 -16.05 48.30 -72.14
C GLU E 252 -14.87 47.60 -72.80
N ARG E 253 -14.52 47.97 -74.03
CA ARG E 253 -13.25 47.55 -74.59
C ARG E 253 -12.12 48.20 -73.82
N HIS E 254 -10.91 47.66 -74.01
CA HIS E 254 -9.70 48.03 -73.25
C HIS E 254 -9.92 47.93 -71.73
N GLN E 255 -10.97 47.21 -71.34
CA GLN E 255 -11.26 46.86 -69.95
C GLN E 255 -11.47 45.37 -69.78
N LEU E 256 -12.10 44.71 -70.76
CA LEU E 256 -12.27 43.27 -70.77
C LEU E 256 -11.02 42.54 -71.22
N LYS E 257 -9.89 43.23 -71.32
CA LYS E 257 -8.65 42.60 -71.75
C LYS E 257 -8.19 41.53 -70.77
N THR E 258 -8.68 41.58 -69.53
CA THR E 258 -8.40 40.56 -68.52
C THR E 258 -9.65 40.45 -67.64
N LYS E 259 -10.48 39.45 -67.90
CA LYS E 259 -11.72 39.24 -67.16
C LYS E 259 -11.67 37.90 -66.46
N VAL E 260 -11.92 37.92 -65.15
CA VAL E 260 -11.91 36.71 -64.33
C VAL E 260 -13.35 36.39 -63.96
N VAL E 261 -13.77 35.15 -64.22
CA VAL E 261 -15.13 34.71 -64.00
C VAL E 261 -15.13 33.54 -63.02
N HIS E 262 -15.97 33.64 -61.99
CA HIS E 262 -16.06 32.58 -60.99
C HIS E 262 -16.72 31.35 -61.59
N LEU E 263 -16.40 30.19 -61.01
CA LEU E 263 -16.88 28.92 -61.55
C LEU E 263 -18.41 28.84 -61.51
N SER E 264 -19.03 29.32 -60.42
CA SER E 264 -20.47 29.20 -60.29
C SER E 264 -21.19 29.94 -61.42
N LYS E 265 -20.70 31.12 -61.78
CA LYS E 265 -21.33 31.90 -62.85
C LYS E 265 -21.20 31.22 -64.21
N LEU E 266 -20.31 30.25 -64.35
CA LEU E 266 -20.13 29.58 -65.63
C LEU E 266 -21.37 28.76 -65.98
N PRO E 267 -21.71 28.70 -67.28
CA PRO E 267 -22.96 28.03 -67.67
C PRO E 267 -22.89 26.51 -67.58
N LYS E 268 -23.99 25.86 -67.94
CA LYS E 268 -24.05 24.39 -67.88
C LYS E 268 -23.08 23.75 -68.86
N ASP E 269 -22.74 24.46 -69.95
CA ASP E 269 -21.78 23.91 -70.91
C ASP E 269 -20.41 23.70 -70.26
N THR E 270 -20.00 24.62 -69.39
CA THR E 270 -18.72 24.57 -68.71
C THR E 270 -18.58 23.39 -67.75
N ALA E 271 -19.59 22.52 -67.66
CA ALA E 271 -19.47 21.36 -66.78
C ALA E 271 -18.31 20.47 -67.19
N LEU E 272 -18.12 20.27 -68.49
CA LEU E 272 -17.01 19.48 -68.99
C LEU E 272 -16.04 20.27 -69.85
N LEU E 273 -16.32 21.55 -70.13
CA LEU E 273 -15.38 22.34 -70.92
C LEU E 273 -14.05 22.49 -70.22
N LEU E 274 -14.07 22.73 -68.91
CA LEU E 274 -12.82 22.78 -68.15
C LEU E 274 -12.12 21.43 -68.17
N ASP E 275 -12.88 20.35 -68.00
CA ASP E 275 -12.32 19.01 -68.03
C ASP E 275 -13.43 17.99 -68.22
N PRO E 276 -13.27 17.05 -69.16
CA PRO E 276 -14.33 16.05 -69.38
C PRO E 276 -14.56 15.14 -68.19
N ASN E 277 -13.61 15.00 -67.28
CA ASN E 277 -13.74 14.12 -66.14
C ASN E 277 -14.43 14.77 -64.94
N ILE E 278 -14.84 16.03 -65.07
CA ILE E 278 -15.52 16.70 -63.97
C ILE E 278 -16.82 15.99 -63.64
N TYR E 279 -17.60 15.65 -64.66
CA TYR E 279 -18.81 14.86 -64.47
C TYR E 279 -18.52 13.37 -64.62
N ARG E 280 -17.82 12.99 -65.68
CA ARG E 280 -17.35 11.62 -65.90
C ARG E 280 -18.53 10.64 -65.89
N THR E 281 -19.36 10.79 -66.93
CA THR E 281 -20.52 9.93 -67.12
C THR E 281 -20.15 8.47 -66.95
N MET E 282 -20.77 7.81 -65.98
CA MET E 282 -20.39 6.43 -65.67
C MET E 282 -20.81 5.45 -66.76
N PRO E 283 -22.09 5.38 -67.18
CA PRO E 283 -22.46 4.36 -68.17
C PRO E 283 -21.83 4.60 -69.54
N GLN E 284 -21.97 5.81 -70.06
CA GLN E 284 -21.46 6.25 -71.36
C GLN E 284 -22.14 5.60 -72.55
N LYS E 285 -23.01 4.62 -72.33
CA LYS E 285 -23.70 3.95 -73.42
C LYS E 285 -24.95 3.28 -72.88
N ARG E 286 -25.87 2.97 -73.79
CA ARG E 286 -27.13 2.32 -73.42
C ARG E 286 -26.99 0.80 -73.50
N LEU E 287 -26.14 0.26 -72.63
CA LEU E 287 -25.96 -1.18 -72.55
C LEU E 287 -27.25 -1.88 -72.13
N LYS E 288 -27.93 -1.33 -71.12
CA LYS E 288 -29.18 -1.89 -70.64
C LYS E 288 -29.95 -0.79 -69.91
N ARG E 289 -31.26 -0.77 -70.12
CA ARG E 289 -32.12 0.20 -69.44
C ARG E 289 -32.61 -0.36 -68.12
N GLN F 20 18.98 -30.55 15.54
CA GLN F 20 18.99 -30.11 14.15
C GLN F 20 18.80 -28.60 14.06
N LEU F 21 17.58 -28.14 14.32
CA LEU F 21 17.20 -26.73 14.29
C LEU F 21 17.50 -26.14 12.91
N ALA F 22 16.74 -26.64 11.93
CA ALA F 22 16.86 -26.13 10.57
C ALA F 22 16.39 -24.68 10.49
N THR F 23 15.30 -24.36 11.16
CA THR F 23 14.75 -23.01 11.17
C THR F 23 14.62 -22.54 12.61
N LYS F 24 14.41 -21.23 12.76
CA LYS F 24 14.25 -20.61 14.06
C LYS F 24 12.99 -19.77 14.08
N ALA F 25 12.26 -19.82 15.19
CA ALA F 25 11.03 -19.06 15.32
C ALA F 25 11.32 -17.58 15.43
N ALA F 26 10.31 -16.77 15.12
CA ALA F 26 10.41 -15.33 15.28
C ALA F 26 9.97 -14.96 16.68
N ARG F 27 10.79 -14.17 17.37
CA ARG F 27 10.53 -13.78 18.75
C ARG F 27 10.75 -12.29 18.92
N LYS F 28 10.09 -11.72 19.94
CA LYS F 28 10.29 -10.33 20.28
C LYS F 28 11.66 -10.13 20.91
N SER F 29 12.29 -8.99 20.60
CA SER F 29 13.67 -8.76 21.00
C SER F 29 13.87 -7.32 21.42
N ALA F 30 14.84 -7.11 22.30
CA ALA F 30 15.26 -5.81 22.79
C ALA F 30 16.79 -5.76 22.79
N PRO F 31 17.35 -4.55 22.78
CA PRO F 31 18.81 -4.42 22.78
C PRO F 31 19.48 -5.28 23.84
N ALA F 32 20.63 -5.89 23.52
CA ALA F 32 21.34 -6.77 24.45
C ALA F 32 22.36 -6.00 25.31
N THR F 33 22.39 -4.69 25.19
CA THR F 33 23.37 -3.81 25.83
C THR F 33 23.32 -3.95 27.35
N GLY F 34 24.50 -4.12 27.95
CA GLY F 34 24.64 -4.42 29.37
C GLY F 34 25.97 -3.99 29.99
N GLY F 35 26.70 -3.10 29.31
CA GLY F 35 28.10 -2.78 29.59
C GLY F 35 28.34 -1.82 30.74
N VAL F 36 29.53 -1.93 31.30
CA VAL F 36 29.92 -1.27 32.54
C VAL F 36 30.41 0.16 32.32
N LYS F 37 30.72 0.83 33.42
CA LYS F 37 31.12 2.23 33.47
C LYS F 37 32.37 2.51 32.62
N LYS F 38 32.38 3.69 31.97
CA LYS F 38 33.53 4.30 31.32
C LYS F 38 34.76 4.44 32.23
N PRO F 39 35.98 4.60 31.69
CA PRO F 39 37.11 5.04 32.51
C PRO F 39 36.90 6.43 33.17
N HIS F 40 37.68 6.71 34.21
CA HIS F 40 37.45 7.81 35.18
C HIS F 40 38.76 8.23 35.81
N ARG F 41 39.36 9.26 35.23
CA ARG F 41 40.73 9.70 35.44
C ARG F 41 40.73 11.22 35.54
N TYR F 42 41.38 11.79 36.53
CA TYR F 42 41.52 13.24 36.62
C TYR F 42 42.25 13.75 35.39
N ARG F 43 41.90 14.97 35.03
CA ARG F 43 42.46 15.62 33.84
C ARG F 43 43.90 16.04 34.14
N PRO F 44 44.75 16.12 33.11
CA PRO F 44 45.98 16.87 33.24
C PRO F 44 45.71 18.27 33.79
N GLY F 45 46.70 18.77 34.50
CA GLY F 45 46.72 19.98 35.28
C GLY F 45 45.97 19.96 36.62
N THR F 46 44.87 19.22 36.75
CA THR F 46 44.01 19.45 37.92
C THR F 46 44.71 19.02 39.20
N VAL F 47 45.19 17.78 39.19
CA VAL F 47 45.86 17.21 40.35
C VAL F 47 47.07 18.03 40.71
N ALA F 48 47.73 18.64 39.74
CA ALA F 48 48.78 19.57 40.03
C ALA F 48 48.33 20.62 41.02
N LEU F 49 47.23 21.31 40.77
CA LEU F 49 46.80 22.36 41.71
C LEU F 49 46.48 21.78 43.07
N ARG F 50 45.94 20.55 43.10
CA ARG F 50 45.81 19.82 44.36
C ARG F 50 47.15 19.71 45.08
N GLU F 51 48.17 19.28 44.37
CA GLU F 51 49.52 19.21 44.93
C GLU F 51 49.97 20.53 45.48
N ILE F 52 49.71 21.62 44.76
CA ILE F 52 50.23 22.90 45.22
C ILE F 52 49.67 23.23 46.60
N ARG F 53 48.35 23.11 46.77
CA ARG F 53 47.77 23.40 48.07
C ARG F 53 48.40 22.49 49.10
N ARG F 54 48.45 21.20 48.83
CA ARG F 54 48.89 20.24 49.84
C ARG F 54 50.26 20.58 50.37
N TYR F 55 51.13 21.03 49.49
CA TYR F 55 52.51 21.26 49.89
C TYR F 55 52.78 22.70 50.31
N GLN F 56 52.12 23.67 49.66
CA GLN F 56 52.30 25.05 50.05
C GLN F 56 51.78 25.30 51.46
N LYS F 57 50.70 24.59 51.82
CA LYS F 57 50.16 24.55 53.17
C LYS F 57 50.83 23.44 53.96
N SER F 58 52.15 23.45 53.96
CA SER F 58 52.89 22.40 54.64
C SER F 58 54.28 22.92 54.96
N THR F 59 55.04 22.10 55.70
CA THR F 59 56.32 22.55 56.21
C THR F 59 57.41 21.48 56.08
N GLU F 60 57.05 20.22 55.90
CA GLU F 60 57.98 19.12 55.96
C GLU F 60 59.07 19.23 54.89
N LEU F 61 60.32 19.02 55.33
CA LEU F 61 61.45 18.94 54.41
C LEU F 61 61.24 17.83 53.39
N LEU F 62 61.60 18.11 52.13
CA LEU F 62 61.17 17.28 51.01
C LEU F 62 62.25 16.35 50.47
N ILE F 63 63.37 16.21 51.15
CA ILE F 63 64.36 15.22 50.76
C ILE F 63 64.51 14.20 51.88
N ARG F 64 64.44 12.92 51.53
CA ARG F 64 64.61 11.87 52.52
C ARG F 64 65.97 11.98 53.18
N LYS F 65 66.03 11.73 54.48
CA LYS F 65 67.22 12.05 55.26
C LYS F 65 68.42 11.20 54.84
N LEU F 66 68.25 9.88 54.76
CA LEU F 66 69.38 9.03 54.42
C LEU F 66 69.96 9.34 53.05
N PRO F 67 69.16 9.54 51.99
CA PRO F 67 69.78 10.00 50.73
C PRO F 67 70.49 11.34 50.84
N PHE F 68 70.00 12.24 51.69
CA PHE F 68 70.66 13.52 51.83
C PHE F 68 71.90 13.40 52.70
N GLN F 69 71.85 12.54 53.73
CA GLN F 69 73.04 12.28 54.54
C GLN F 69 74.17 11.70 53.71
N ARG F 70 73.85 10.73 52.86
CA ARG F 70 74.88 10.09 52.06
C ARG F 70 75.46 11.03 51.02
N LEU F 71 74.64 11.97 50.53
CA LEU F 71 75.14 12.96 49.58
C LEU F 71 76.15 13.90 50.24
N VAL F 72 75.78 14.47 51.38
CA VAL F 72 76.62 15.49 52.01
C VAL F 72 77.91 14.87 52.55
N ARG F 73 77.83 13.65 53.08
CA ARG F 73 79.03 13.02 53.63
C ARG F 73 80.04 12.71 52.52
N GLU F 74 79.57 12.27 51.37
CA GLU F 74 80.49 11.95 50.28
C GLU F 74 81.08 13.21 49.67
N ILE F 75 80.27 14.26 49.51
CA ILE F 75 80.79 15.49 48.91
C ILE F 75 81.78 16.18 49.85
N ALA F 76 81.53 16.14 51.16
CA ALA F 76 82.46 16.77 52.08
C ALA F 76 83.77 15.99 52.17
N GLN F 77 83.70 14.68 51.90
CA GLN F 77 84.91 13.86 51.91
C GLN F 77 85.89 14.23 50.81
N ASP F 78 85.46 14.99 49.80
CA ASP F 78 86.41 15.50 48.82
C ASP F 78 87.38 16.48 49.48
N PHE F 79 86.89 17.30 50.41
CA PHE F 79 87.70 18.37 50.97
C PHE F 79 88.55 17.93 52.15
N LYS F 80 88.14 16.90 52.87
CA LYS F 80 88.92 16.35 53.98
C LYS F 80 88.27 15.03 54.38
N THR F 81 89.08 14.13 54.92
CA THR F 81 88.59 12.83 55.36
C THR F 81 88.28 12.86 56.85
N ASP F 82 87.67 11.77 57.33
CA ASP F 82 87.38 11.54 58.74
C ASP F 82 86.40 12.56 59.31
N LEU F 83 85.64 13.25 58.48
CA LEU F 83 84.67 14.20 58.99
C LEU F 83 83.52 13.49 59.70
N ARG F 84 83.10 14.08 60.81
CA ARG F 84 81.89 13.69 61.49
C ARG F 84 80.93 14.87 61.48
N PHE F 85 79.65 14.58 61.52
CA PHE F 85 78.63 15.62 61.45
C PHE F 85 77.70 15.52 62.64
N GLN F 86 77.46 16.65 63.29
CA GLN F 86 76.37 16.74 64.25
C GLN F 86 75.07 16.52 63.50
N SER F 87 74.22 15.64 64.03
CA SER F 87 72.96 15.35 63.34
C SER F 87 72.13 16.61 63.17
N SER F 88 72.27 17.57 64.07
CA SER F 88 71.60 18.86 63.89
C SER F 88 72.22 19.65 62.76
N ALA F 89 73.51 19.44 62.51
CA ALA F 89 74.19 20.20 61.46
C ALA F 89 73.73 19.78 60.07
N VAL F 90 73.38 18.51 59.89
CA VAL F 90 72.99 18.03 58.57
C VAL F 90 71.66 18.64 58.14
N MET F 91 70.67 18.61 59.03
CA MET F 91 69.37 19.18 58.66
C MET F 91 69.50 20.69 58.45
N ALA F 92 70.54 21.29 59.00
CA ALA F 92 70.81 22.69 58.69
C ALA F 92 71.10 22.87 57.21
N LEU F 93 71.85 21.94 56.62
CA LEU F 93 72.05 21.98 55.17
C LEU F 93 70.74 21.74 54.44
N GLN F 94 69.95 20.77 54.92
CA GLN F 94 68.74 20.40 54.21
C GLN F 94 67.76 21.56 54.15
N GLU F 95 67.48 22.18 55.31
CA GLU F 95 66.51 23.26 55.33
C GLU F 95 67.01 24.45 54.54
N ALA F 96 68.32 24.70 54.57
CA ALA F 96 68.87 25.79 53.78
C ALA F 96 68.71 25.54 52.29
N SER F 97 69.01 24.31 51.85
CA SER F 97 68.94 24.01 50.43
C SER F 97 67.52 24.06 49.91
N GLU F 98 66.57 23.49 50.66
CA GLU F 98 65.19 23.46 50.20
C GLU F 98 64.62 24.86 50.11
N ALA F 99 65.01 25.74 51.03
CA ALA F 99 64.64 27.14 50.90
C ALA F 99 65.26 27.75 49.64
N TYR F 100 66.50 27.37 49.33
CA TYR F 100 67.17 27.96 48.18
C TYR F 100 66.51 27.54 46.88
N LEU F 101 66.29 26.23 46.70
CA LEU F 101 65.67 25.76 45.47
C LEU F 101 64.26 26.30 45.32
N VAL F 102 63.47 26.27 46.39
CA VAL F 102 62.10 26.75 46.32
C VAL F 102 62.08 28.23 45.93
N ALA F 103 63.01 29.00 46.49
CA ALA F 103 63.16 30.39 46.04
C ALA F 103 63.55 30.44 44.58
N LEU F 104 64.43 29.54 44.14
CA LEU F 104 64.83 29.51 42.75
C LEU F 104 63.66 29.14 41.84
N PHE F 105 62.89 28.13 42.24
CA PHE F 105 61.80 27.66 41.37
C PHE F 105 60.70 28.70 41.22
N GLU F 106 60.39 29.46 42.27
CA GLU F 106 59.35 30.48 42.17
C GLU F 106 59.70 31.51 41.11
N ASP F 107 60.92 32.06 41.19
CA ASP F 107 61.31 33.09 40.23
C ASP F 107 61.48 32.49 38.84
N THR F 108 61.92 31.23 38.76
CA THR F 108 62.03 30.57 37.47
C THR F 108 60.69 30.47 36.78
N ASN F 109 59.62 30.23 37.56
CA ASN F 109 58.28 30.17 36.99
C ASN F 109 57.88 31.51 36.41
N LEU F 110 58.24 32.60 37.08
CA LEU F 110 57.90 33.92 36.59
C LEU F 110 58.42 34.13 35.17
N CYS F 111 59.65 33.72 34.92
CA CYS F 111 60.21 33.83 33.57
C CYS F 111 59.47 32.94 32.59
N ALA F 112 59.11 31.74 33.02
CA ALA F 112 58.32 30.85 32.17
C ALA F 112 56.95 31.46 31.85
N ILE F 113 56.32 32.10 32.85
CA ILE F 113 55.06 32.79 32.58
C ILE F 113 55.29 33.95 31.62
N HIS F 114 56.45 34.61 31.74
CA HIS F 114 56.76 35.69 30.83
C HIS F 114 56.84 35.21 29.38
N ALA F 115 57.46 34.05 29.15
CA ALA F 115 57.57 33.48 27.81
C ALA F 115 56.25 32.90 27.31
N LYS F 116 55.14 33.16 28.00
CA LYS F 116 53.82 32.63 27.63
C LYS F 116 53.85 31.10 27.62
N ARG F 117 54.58 30.52 28.55
CA ARG F 117 54.73 29.08 28.66
C ARG F 117 54.25 28.63 30.03
N VAL F 118 53.33 27.67 30.06
CA VAL F 118 52.83 27.15 31.33
C VAL F 118 53.88 26.36 32.10
N THR F 119 54.64 25.51 31.42
CA THR F 119 55.68 24.71 32.03
C THR F 119 56.99 25.48 32.01
N ILE F 120 57.95 25.03 32.81
CA ILE F 120 59.28 25.61 32.80
C ILE F 120 60.20 24.72 31.96
N MET F 121 61.30 25.30 31.49
CA MET F 121 62.31 24.65 30.68
C MET F 121 63.67 24.90 31.30
N PRO F 122 64.64 24.03 31.05
CA PRO F 122 65.96 24.23 31.68
C PRO F 122 66.56 25.58 31.39
N LYS F 123 66.30 26.17 30.21
CA LYS F 123 66.91 27.45 29.89
C LYS F 123 66.39 28.58 30.77
N ASP F 124 65.31 28.35 31.53
CA ASP F 124 64.82 29.41 32.41
C ASP F 124 65.72 29.61 33.62
N ILE F 125 66.29 28.52 34.17
CA ILE F 125 67.09 28.64 35.39
C ILE F 125 68.34 29.47 35.15
N GLN F 126 69.11 29.14 34.10
CA GLN F 126 70.31 29.93 33.82
C GLN F 126 69.97 31.40 33.66
N LEU F 127 68.80 31.71 33.11
CA LEU F 127 68.34 33.10 33.15
C LEU F 127 68.00 33.49 34.57
N ALA F 128 67.34 32.60 35.31
CA ALA F 128 66.97 32.92 36.69
C ALA F 128 68.20 33.17 37.55
N ARG F 129 69.23 32.34 37.41
CA ARG F 129 70.45 32.53 38.20
C ARG F 129 71.24 33.74 37.70
N ARG F 130 71.25 33.96 36.38
CA ARG F 130 72.03 35.06 35.84
C ARG F 130 71.51 36.41 36.33
N ILE F 131 70.19 36.58 36.33
CA ILE F 131 69.62 37.85 36.78
C ILE F 131 69.97 38.10 38.23
N ARG F 132 69.97 37.05 39.04
CA ARG F 132 70.34 37.19 40.43
C ARG F 132 71.80 37.58 40.59
N GLY F 133 72.68 36.98 39.78
CA GLY F 133 74.05 37.44 39.66
C GLY F 133 75.13 36.54 40.22
N GLU F 134 74.77 35.46 40.93
CA GLU F 134 75.81 34.62 41.52
C GLU F 134 76.45 33.66 40.53
N ARG F 135 75.80 33.36 39.40
CA ARG F 135 76.37 32.38 38.47
C ARG F 135 77.11 33.06 37.31
N ALA F 136 76.41 33.86 36.53
CA ALA F 136 77.02 34.52 35.39
C ALA F 136 76.87 36.04 35.49
N LYS H 21 71.17 -2.29 41.65
CA LYS H 21 71.38 -0.88 41.97
C LYS H 21 72.49 -0.71 43.00
N VAL H 22 73.73 -0.89 42.56
CA VAL H 22 74.90 -0.71 43.40
C VAL H 22 75.07 0.79 43.62
N LEU H 23 75.89 1.16 44.60
CA LEU H 23 76.12 2.58 44.90
C LEU H 23 76.63 3.32 43.68
N ARG H 24 76.05 4.50 43.44
CA ARG H 24 76.39 5.33 42.30
C ARG H 24 76.55 6.78 42.75
N ASP H 25 76.63 7.71 41.81
CA ASP H 25 76.64 9.12 42.16
C ASP H 25 75.38 9.46 42.95
N ASN H 26 75.55 9.83 44.22
CA ASN H 26 74.44 10.00 45.13
C ASN H 26 73.60 11.24 44.84
N ILE H 27 74.00 12.07 43.88
CA ILE H 27 73.11 13.15 43.46
C ILE H 27 71.83 12.56 42.88
N GLN H 28 71.89 11.31 42.42
CA GLN H 28 70.69 10.55 42.11
C GLN H 28 69.89 10.19 43.36
N GLY H 29 70.45 10.41 44.55
CA GLY H 29 69.72 10.18 45.77
C GLY H 29 68.46 11.01 45.91
N ILE H 30 68.49 12.25 45.43
CA ILE H 30 67.29 13.07 45.35
C ILE H 30 66.50 12.62 44.14
N THR H 31 65.29 12.13 44.37
CA THR H 31 64.59 11.32 43.39
C THR H 31 63.83 12.19 42.40
N LYS H 32 63.39 11.55 41.32
CA LYS H 32 62.57 12.23 40.32
C LYS H 32 61.31 12.85 40.92
N PRO H 33 60.53 12.16 41.77
CA PRO H 33 59.39 12.85 42.38
C PRO H 33 59.79 13.88 43.41
N ALA H 34 60.89 13.65 44.13
CA ALA H 34 61.27 14.55 45.21
C ALA H 34 61.51 15.96 44.71
N ILE H 35 62.21 16.09 43.58
CA ILE H 35 62.38 17.41 42.97
C ILE H 35 61.03 17.98 42.58
N ARG H 36 60.15 17.16 42.05
CA ARG H 36 58.85 17.66 41.63
C ARG H 36 58.08 18.24 42.82
N ARG H 37 58.12 17.55 43.97
CA ARG H 37 57.49 18.09 45.16
C ARG H 37 58.08 19.45 45.52
N LEU H 38 59.40 19.59 45.40
CA LEU H 38 60.03 20.86 45.69
C LEU H 38 59.52 21.95 44.79
N ALA H 39 59.33 21.63 43.50
CA ALA H 39 58.77 22.59 42.57
C ALA H 39 57.35 22.98 42.96
N ARG H 40 56.56 22.02 43.43
CA ARG H 40 55.17 22.30 43.76
C ARG H 40 55.07 23.37 44.81
N ARG H 41 55.95 23.34 45.81
CA ARG H 41 55.95 24.37 46.84
C ARG H 41 56.18 25.74 46.23
N GLY H 42 56.91 25.80 45.12
CA GLY H 42 57.21 27.02 44.42
C GLY H 42 56.19 27.47 43.42
N GLY H 43 54.98 26.91 43.48
CA GLY H 43 53.95 27.29 42.54
C GLY H 43 54.21 26.91 41.11
N VAL H 44 54.69 25.69 40.89
CA VAL H 44 54.99 25.22 39.55
C VAL H 44 53.85 24.34 39.05
N LYS H 45 53.35 24.62 37.84
CA LYS H 45 52.28 23.83 37.21
C LYS H 45 52.82 22.61 36.51
N ARG H 46 53.78 22.78 35.60
CA ARG H 46 54.24 21.67 34.78
C ARG H 46 55.74 21.64 34.74
N ILE H 47 56.27 20.44 34.80
CA ILE H 47 57.71 20.20 34.86
C ILE H 47 58.17 19.55 33.58
N SER H 48 59.20 20.11 32.97
CA SER H 48 59.78 19.53 31.77
C SER H 48 60.64 18.33 32.12
N GLY H 49 60.96 17.53 31.12
CA GLY H 49 61.80 16.36 31.35
C GLY H 49 63.23 16.74 31.70
N LEU H 50 63.76 17.77 31.06
CA LEU H 50 65.17 18.08 31.18
C LEU H 50 65.51 18.92 32.42
N ILE H 51 64.51 19.30 33.22
CA ILE H 51 64.77 20.18 34.36
C ILE H 51 65.58 19.44 35.41
N TYR H 52 65.51 18.10 35.40
CA TYR H 52 66.01 17.32 36.53
C TYR H 52 67.53 17.24 36.54
N GLU H 53 68.15 17.20 35.36
CA GLU H 53 69.60 17.23 35.31
C GLU H 53 70.14 18.59 35.73
N GLU H 54 69.38 19.66 35.48
CA GLU H 54 69.81 20.98 35.90
C GLU H 54 69.70 21.17 37.40
N THR H 55 68.59 20.75 38.00
CA THR H 55 68.38 21.00 39.42
C THR H 55 69.43 20.30 40.26
N ARG H 56 69.94 19.17 39.78
CA ARG H 56 71.07 18.52 40.45
C ARG H 56 72.30 19.41 40.38
N GLY H 57 72.53 20.04 39.23
CA GLY H 57 73.69 20.89 39.08
C GLY H 57 73.67 22.09 40.01
N VAL H 58 72.53 22.78 40.08
CA VAL H 58 72.45 23.97 40.91
C VAL H 58 72.47 23.59 42.39
N LEU H 59 71.81 22.49 42.73
CA LEU H 59 71.88 22.01 44.11
C LEU H 59 73.28 21.51 44.43
N LYS H 60 73.98 20.98 43.42
CA LYS H 60 75.35 20.53 43.64
C LYS H 60 76.27 21.71 43.93
N VAL H 61 76.23 22.75 43.09
CA VAL H 61 77.18 23.85 43.24
C VAL H 61 76.89 24.66 44.48
N PHE H 62 75.60 24.91 44.76
CA PHE H 62 75.25 25.67 45.96
C PHE H 62 75.69 24.92 47.23
N LEU H 63 75.42 23.62 47.27
CA LEU H 63 75.81 22.83 48.43
C LEU H 63 77.31 22.55 48.42
N GLU H 64 77.97 22.77 47.28
CA GLU H 64 79.42 22.72 47.26
C GLU H 64 80.04 23.89 48.03
N ASN H 65 79.60 25.11 47.73
CA ASN H 65 80.23 26.29 48.31
C ASN H 65 80.02 26.35 49.82
N VAL H 66 78.82 25.99 50.28
CA VAL H 66 78.51 26.10 51.70
C VAL H 66 79.45 25.23 52.53
N ILE H 67 79.59 23.97 52.14
CA ILE H 67 80.44 23.07 52.92
C ILE H 67 81.89 23.53 52.89
N ARG H 68 82.37 23.97 51.71
CA ARG H 68 83.75 24.43 51.62
C ARG H 68 84.02 25.54 52.62
N ASP H 69 83.10 26.50 52.74
CA ASP H 69 83.18 27.46 53.82
C ASP H 69 82.97 26.78 55.16
N ALA H 70 82.02 25.84 55.23
CA ALA H 70 81.73 25.17 56.49
C ALA H 70 82.91 24.36 56.99
N VAL H 71 83.60 23.66 56.08
CA VAL H 71 84.74 22.84 56.49
C VAL H 71 85.85 23.73 57.05
N THR H 72 86.11 24.86 56.39
CA THR H 72 87.24 25.70 56.80
C THR H 72 87.07 26.21 58.23
N TYR H 73 85.84 26.49 58.64
CA TYR H 73 85.61 26.90 60.03
C TYR H 73 86.01 25.78 60.98
N THR H 74 85.66 24.54 60.64
CA THR H 74 86.10 23.40 61.44
C THR H 74 87.61 23.27 61.44
N GLU H 75 88.24 23.53 60.29
CA GLU H 75 89.70 23.47 60.22
C GLU H 75 90.31 24.45 61.20
N HIS H 76 89.75 25.66 61.29
CA HIS H 76 90.30 26.67 62.17
C HIS H 76 90.23 26.24 63.63
N ALA H 77 89.09 25.66 64.03
CA ALA H 77 88.95 25.23 65.42
C ALA H 77 89.66 23.91 65.68
N LYS H 78 90.17 23.26 64.64
CA LYS H 78 90.80 21.94 64.68
C LYS H 78 89.84 20.83 65.02
N ARG H 79 88.55 21.13 65.23
CA ARG H 79 87.59 20.05 65.49
C ARG H 79 87.31 19.28 64.21
N LYS H 80 87.34 17.96 64.32
CA LYS H 80 87.08 17.10 63.17
C LYS H 80 85.59 16.93 62.90
N THR H 81 84.73 17.53 63.70
CA THR H 81 83.29 17.40 63.53
C THR H 81 82.71 18.73 63.08
N VAL H 82 82.06 18.74 61.94
CA VAL H 82 81.34 19.92 61.48
C VAL H 82 80.16 20.17 62.42
N THR H 83 80.04 21.40 62.90
CA THR H 83 79.01 21.73 63.87
C THR H 83 77.92 22.53 63.18
N ALA H 84 76.78 22.65 63.87
CA ALA H 84 75.69 23.48 63.37
C ALA H 84 76.10 24.95 63.31
N MET H 85 76.92 25.38 64.27
CA MET H 85 77.37 26.76 64.29
C MET H 85 78.08 27.13 62.99
N ASP H 86 78.98 26.25 62.52
CA ASP H 86 79.73 26.55 61.32
C ASP H 86 78.83 26.72 60.10
N VAL H 87 77.87 25.81 59.94
CA VAL H 87 77.00 25.87 58.76
C VAL H 87 76.19 27.16 58.77
N VAL H 88 75.71 27.57 59.94
CA VAL H 88 74.97 28.82 60.04
C VAL H 88 75.85 29.97 59.61
N TYR H 89 77.11 29.95 60.04
CA TYR H 89 78.03 31.04 59.72
C TYR H 89 78.50 30.99 58.28
N ALA H 90 78.56 29.80 57.69
CA ALA H 90 78.85 29.70 56.27
C ALA H 90 77.72 30.32 55.45
N LEU H 91 76.48 30.10 55.87
CA LEU H 91 75.33 30.68 55.18
C LEU H 91 75.34 32.20 55.24
N LYS H 92 75.74 32.76 56.38
CA LYS H 92 75.71 34.22 56.52
C LYS H 92 76.59 34.89 55.49
N ARG H 93 77.73 34.27 55.16
CA ARG H 93 78.63 34.85 54.17
C ARG H 93 77.97 34.97 52.81
N GLN H 94 77.21 33.96 52.38
CA GLN H 94 76.47 34.04 51.13
C GLN H 94 75.26 34.95 51.24
N GLY H 95 75.00 35.51 52.42
CA GLY H 95 73.83 36.33 52.62
C GLY H 95 72.55 35.55 52.83
N ARG H 96 72.61 34.23 52.79
CA ARG H 96 71.46 33.38 53.03
C ARG H 96 71.39 33.01 54.52
N THR H 97 71.24 34.05 55.33
CA THR H 97 71.24 33.86 56.78
C THR H 97 70.12 32.93 57.20
N LEU H 98 70.39 32.16 58.25
CA LEU H 98 69.47 31.13 58.69
C LEU H 98 69.22 31.33 60.18
N TYR H 99 67.97 31.13 60.57
CA TYR H 99 67.55 31.22 61.97
C TYR H 99 67.30 29.84 62.53
N GLY H 100 67.01 29.79 63.82
CA GLY H 100 66.51 28.59 64.46
C GLY H 100 67.55 27.62 64.96
N PHE H 101 68.83 27.85 64.75
CA PHE H 101 69.82 26.87 65.19
C PHE H 101 70.79 27.41 66.23
N GLY H 102 70.82 28.72 66.43
CA GLY H 102 71.65 29.26 67.50
C GLY H 102 72.55 30.37 67.04
N GLY H 103 73.07 31.15 67.99
CA GLY H 103 74.01 32.21 67.69
C GLY H 103 73.34 33.40 67.03
N ALA I 16 74.07 49.97 99.60
CA ALA I 16 72.68 50.35 99.37
C ALA I 16 71.83 49.13 99.04
N LYS I 17 70.81 49.33 98.21
CA LYS I 17 69.90 48.27 97.79
C LYS I 17 70.03 48.05 96.29
N ALA I 18 70.11 46.78 95.89
CA ALA I 18 70.38 46.44 94.49
C ALA I 18 69.08 46.34 93.70
N LYS I 19 68.93 47.22 92.71
CA LYS I 19 67.79 47.18 91.80
C LYS I 19 68.28 47.40 90.37
N THR I 20 67.72 46.61 89.45
CA THR I 20 68.24 46.56 88.09
C THR I 20 67.96 47.84 87.33
N ARG I 21 68.74 48.05 86.27
CA ARG I 21 68.53 49.21 85.42
C ARG I 21 67.33 49.05 84.51
N SER I 22 66.89 47.82 84.26
CA SER I 22 65.71 47.61 83.42
C SER I 22 64.47 48.18 84.08
N SER I 23 64.33 47.98 85.40
CA SER I 23 63.24 48.61 86.12
C SER I 23 63.40 50.13 86.12
N ARG I 24 64.64 50.61 86.20
CA ARG I 24 64.88 52.05 86.15
C ARG I 24 64.39 52.67 84.86
N ALA I 25 64.63 52.03 83.73
CA ALA I 25 64.25 52.64 82.47
C ALA I 25 62.85 52.24 82.03
N GLY I 26 62.13 51.46 82.84
CA GLY I 26 60.77 51.09 82.52
C GLY I 26 60.60 50.26 81.27
N LEU I 27 61.48 49.29 81.03
CA LEU I 27 61.28 48.34 79.95
C LEU I 27 61.78 46.97 80.41
N GLN I 28 61.73 46.00 79.52
CA GLN I 28 61.96 44.60 79.88
C GLN I 28 63.28 44.05 79.38
N PHE I 29 63.70 44.38 78.16
CA PHE I 29 64.89 43.78 77.60
C PHE I 29 66.12 44.20 78.40
N PRO I 30 67.14 43.35 78.48
CA PRO I 30 68.16 43.50 79.53
C PRO I 30 69.17 44.59 79.29
N VAL I 31 68.86 45.83 79.71
CA VAL I 31 69.91 46.86 79.67
C VAL I 31 71.09 46.43 80.52
N GLY I 32 70.86 45.58 81.52
CA GLY I 32 71.97 45.06 82.29
C GLY I 32 72.90 44.18 81.49
N ARG I 33 72.36 43.25 80.71
CA ARG I 33 73.22 42.37 79.92
C ARG I 33 73.77 43.07 78.68
N VAL I 34 72.98 43.93 78.05
CA VAL I 34 73.41 44.57 76.81
C VAL I 34 74.70 45.34 77.04
N HIS I 35 74.79 46.03 78.18
CA HIS I 35 76.01 46.76 78.50
C HIS I 35 77.24 45.86 78.50
N ARG I 36 77.24 44.80 79.31
CA ARG I 36 78.42 43.96 79.40
C ARG I 36 78.70 43.29 78.05
N LEU I 37 77.66 42.81 77.39
CA LEU I 37 77.83 42.16 76.10
C LEU I 37 78.39 43.13 75.07
N LEU I 38 77.90 44.37 75.09
CA LEU I 38 78.40 45.35 74.13
C LEU I 38 79.82 45.77 74.45
N ARG I 39 80.22 45.70 75.71
CA ARG I 39 81.60 45.99 76.08
C ARG I 39 82.56 45.00 75.43
N LYS I 40 82.23 43.72 75.42
CA LYS I 40 83.02 42.70 74.73
C LYS I 40 82.68 42.63 73.25
N GLY I 41 81.65 43.37 72.81
CA GLY I 41 81.19 43.23 71.44
C GLY I 41 82.17 43.75 70.42
N ASN I 42 83.15 44.53 70.86
CA ASN I 42 84.19 45.07 69.97
C ASN I 42 83.57 45.97 68.91
N TYR I 43 82.95 47.05 69.35
CA TYR I 43 82.39 48.04 68.43
C TYR I 43 83.02 49.41 68.55
N ALA I 44 83.53 49.79 69.73
CA ALA I 44 84.23 51.05 69.90
C ALA I 44 85.04 50.97 71.19
N GLU I 45 85.83 52.00 71.44
CA GLU I 45 86.61 52.06 72.68
C GLU I 45 85.70 52.15 73.89
N ARG I 46 84.65 52.95 73.83
CA ARG I 46 83.74 53.13 74.94
C ARG I 46 82.30 53.05 74.45
N VAL I 47 81.41 52.75 75.38
CA VAL I 47 79.97 52.75 75.12
C VAL I 47 79.30 53.63 76.16
N GLY I 48 78.41 54.51 75.71
CA GLY I 48 77.77 55.42 76.63
C GLY I 48 76.87 54.71 77.61
N ALA I 49 76.57 55.41 78.71
CA ALA I 49 75.63 54.86 79.67
C ALA I 49 74.25 54.67 79.05
N GLY I 50 73.82 55.63 78.25
CA GLY I 50 72.55 55.54 77.58
C GLY I 50 72.54 54.66 76.34
N ALA I 51 73.69 54.13 75.94
CA ALA I 51 73.73 53.29 74.74
C ALA I 51 72.88 52.04 74.86
N PRO I 52 72.98 51.23 75.93
CA PRO I 52 72.18 50.01 75.97
C PRO I 52 70.71 50.25 76.20
N VAL I 53 70.35 51.35 76.88
CA VAL I 53 68.93 51.64 77.13
C VAL I 53 68.23 51.96 75.82
N TYR I 54 68.81 52.86 75.02
CA TYR I 54 68.18 53.18 73.75
C TYR I 54 68.09 51.95 72.87
N LEU I 55 69.13 51.12 72.89
CA LEU I 55 69.10 49.90 72.11
C LEU I 55 68.03 48.95 72.62
N ALA I 56 67.90 48.83 73.94
CA ALA I 56 67.04 47.79 74.50
C ALA I 56 65.59 47.99 74.09
N ALA I 57 65.15 49.23 73.91
CA ALA I 57 63.79 49.47 73.43
C ALA I 57 63.59 48.90 72.03
N VAL I 58 64.59 49.06 71.17
CA VAL I 58 64.45 48.61 69.78
C VAL I 58 64.27 47.10 69.72
N LEU I 59 64.97 46.36 70.58
CA LEU I 59 64.68 44.94 70.67
C LEU I 59 63.28 44.70 71.22
N GLU I 60 62.85 45.50 72.18
CA GLU I 60 61.48 45.38 72.67
C GLU I 60 60.48 45.68 71.55
N TYR I 61 60.73 46.74 70.78
CA TYR I 61 59.80 47.07 69.70
C TYR I 61 59.77 45.99 68.64
N LEU I 62 60.94 45.49 68.24
CA LEU I 62 60.99 44.48 67.18
C LEU I 62 60.42 43.15 67.65
N THR I 63 60.71 42.75 68.88
CA THR I 63 60.15 41.51 69.40
C THR I 63 58.63 41.61 69.56
N ALA I 64 58.15 42.80 69.94
CA ALA I 64 56.72 42.95 70.17
C ALA I 64 55.92 42.71 68.90
N GLU I 65 56.25 43.42 67.82
CA GLU I 65 55.47 43.30 66.59
C GLU I 65 55.57 41.90 66.00
N ILE I 66 56.79 41.34 65.98
CA ILE I 66 56.96 40.01 65.42
C ILE I 66 56.13 38.99 66.18
N LEU I 67 56.11 39.09 67.51
CA LEU I 67 55.27 38.19 68.29
C LEU I 67 53.80 38.58 68.25
N GLU I 68 53.49 39.87 68.21
CA GLU I 68 52.10 40.28 68.04
C GLU I 68 51.52 39.73 66.75
N LEU I 69 52.27 39.82 65.66
CA LEU I 69 51.83 39.17 64.42
C LEU I 69 51.89 37.67 64.53
N ALA I 70 52.86 37.12 65.27
CA ALA I 70 52.89 35.69 65.51
C ALA I 70 51.67 35.26 66.31
N GLY I 71 51.27 36.06 67.30
CA GLY I 71 50.05 35.77 68.04
C GLY I 71 48.82 35.89 67.18
N ASN I 72 48.79 36.88 66.28
CA ASN I 72 47.63 37.09 65.43
C ASN I 72 47.44 35.93 64.46
N ALA I 73 48.54 35.41 63.92
CA ALA I 73 48.43 34.30 62.97
C ALA I 73 47.94 33.03 63.67
N ALA I 74 48.35 32.83 64.93
CA ALA I 74 48.00 31.60 65.64
C ALA I 74 46.50 31.46 65.82
N ARG I 75 45.81 32.56 66.14
CA ARG I 75 44.37 32.49 66.40
C ARG I 75 43.62 32.06 65.15
N ASP I 76 44.14 32.39 63.98
CA ASP I 76 43.48 31.98 62.73
C ASP I 76 43.59 30.48 62.51
N ASN I 77 44.71 29.88 62.90
CA ASN I 77 44.92 28.44 62.76
C ASN I 77 44.45 27.68 63.99
N LYS I 78 43.76 28.36 64.92
CA LYS I 78 43.13 27.76 66.11
C LYS I 78 44.14 27.22 67.14
N LYS I 79 45.43 27.16 66.80
CA LYS I 79 46.45 26.72 67.73
C LYS I 79 46.78 27.80 68.73
N THR I 80 47.44 27.41 69.80
CA THR I 80 47.69 28.22 71.00
C THR I 80 49.16 28.30 71.34
N ARG I 81 49.94 27.33 70.89
CA ARG I 81 51.38 27.40 70.84
C ARG I 81 51.81 28.05 69.52
N ILE I 82 52.81 28.91 69.55
CA ILE I 82 53.32 29.52 68.33
C ILE I 82 54.22 28.52 67.61
N ILE I 83 53.69 27.91 66.57
CA ILE I 83 54.46 27.02 65.70
C ILE I 83 55.57 27.83 65.07
N PRO I 84 56.77 27.31 64.87
CA PRO I 84 57.78 28.11 64.16
C PRO I 84 57.34 28.52 62.77
N ARG I 85 56.38 27.78 62.20
CA ARG I 85 55.78 28.16 60.93
C ARG I 85 55.06 29.50 61.03
N HIS I 86 54.40 29.75 62.16
CA HIS I 86 53.57 30.94 62.29
C HIS I 86 54.38 32.20 62.04
N LEU I 87 55.67 32.18 62.38
CA LEU I 87 56.52 33.33 62.13
C LEU I 87 56.62 33.63 60.64
N GLN I 88 56.84 32.59 59.84
CA GLN I 88 56.90 32.76 58.39
C GLN I 88 55.59 33.30 57.85
N LEU I 89 54.47 32.81 58.39
CA LEU I 89 53.16 33.26 57.92
C LEU I 89 52.81 34.65 58.45
N ALA I 90 53.63 35.20 59.34
CA ALA I 90 53.40 36.56 59.80
C ALA I 90 54.46 37.52 59.28
N VAL I 91 55.71 37.05 59.16
CA VAL I 91 56.78 37.93 58.71
C VAL I 91 56.63 38.29 57.24
N ARG I 92 56.15 37.36 56.42
CA ARG I 92 56.03 37.58 54.99
C ARG I 92 54.71 38.23 54.60
N ASN I 93 54.02 38.86 55.54
CA ASN I 93 52.83 39.64 55.22
C ASN I 93 53.01 41.12 55.48
N ASP I 94 53.88 41.52 56.39
CA ASP I 94 54.21 42.93 56.60
C ASP I 94 55.40 43.25 55.70
N GLU I 95 55.19 44.17 54.76
CA GLU I 95 56.21 44.45 53.75
C GLU I 95 57.49 45.01 54.39
N GLU I 96 57.37 45.87 55.40
CA GLU I 96 58.57 46.36 56.06
C GLU I 96 59.27 45.26 56.84
N LEU I 97 58.52 44.44 57.58
CA LEU I 97 59.14 43.31 58.26
C LEU I 97 59.68 42.29 57.26
N ASN I 98 58.96 42.09 56.15
CA ASN I 98 59.49 41.27 55.07
C ASN I 98 60.78 41.88 54.53
N LYS I 99 60.79 43.20 54.36
CA LYS I 99 61.97 43.87 53.83
C LYS I 99 63.16 43.71 54.76
N LEU I 100 62.94 43.80 56.08
CA LEU I 100 64.02 43.60 57.02
C LEU I 100 64.59 42.19 56.93
N LEU I 101 63.73 41.21 56.67
CA LEU I 101 64.14 39.82 56.58
C LEU I 101 63.97 39.28 55.16
N GLY I 102 64.18 40.12 54.16
CA GLY I 102 63.96 39.70 52.78
C GLY I 102 64.87 38.57 52.35
N ARG I 103 66.14 38.64 52.74
CA ARG I 103 67.11 37.60 52.42
C ARG I 103 67.24 36.58 53.54
N VAL I 104 66.21 36.40 54.37
CA VAL I 104 66.28 35.61 55.58
C VAL I 104 65.34 34.42 55.46
N THR I 105 65.89 33.23 55.69
CA THR I 105 65.10 32.01 55.73
C THR I 105 65.08 31.46 57.14
N ILE I 106 63.98 30.81 57.49
CA ILE I 106 63.79 30.30 58.85
C ILE I 106 63.49 28.82 58.77
N ALA I 107 64.12 28.05 59.64
CA ALA I 107 63.95 26.60 59.62
C ALA I 107 62.51 26.22 59.88
N GLN I 108 62.06 25.18 59.18
CA GLN I 108 60.68 24.70 59.25
C GLN I 108 59.71 25.85 58.96
N GLY I 109 59.96 26.55 57.86
CA GLY I 109 59.23 27.77 57.59
C GLY I 109 58.12 27.65 56.56
N GLY I 110 58.31 26.80 55.57
CA GLY I 110 57.33 26.74 54.50
C GLY I 110 57.35 28.02 53.70
N VAL I 111 56.19 28.39 53.14
CA VAL I 111 56.08 29.60 52.34
C VAL I 111 54.64 30.05 52.36
N LEU I 112 54.42 31.34 52.12
CA LEU I 112 53.08 31.89 52.09
C LEU I 112 52.30 31.30 50.92
N PRO I 113 51.01 31.00 51.08
CA PRO I 113 50.25 30.40 49.98
C PRO I 113 49.99 31.39 48.86
N ASN I 114 50.34 30.99 47.63
CA ASN I 114 50.12 31.80 46.45
C ASN I 114 50.22 30.93 45.21
N ILE I 115 49.40 31.24 44.21
CA ILE I 115 49.43 30.60 42.91
C ILE I 115 49.27 31.69 41.85
N GLN I 116 50.01 31.55 40.75
CA GLN I 116 50.00 32.53 39.66
C GLN I 116 48.62 32.57 39.02
N SER I 117 48.25 33.73 38.48
CA SER I 117 46.92 33.90 37.91
C SER I 117 46.71 33.00 36.70
N VAL I 118 47.70 32.92 35.80
CA VAL I 118 47.55 32.14 34.59
C VAL I 118 47.43 30.64 34.87
N LEU I 119 48.11 30.14 35.88
CA LEU I 119 48.15 28.71 36.15
C LEU I 119 46.80 28.15 36.56
N LEU I 120 45.85 29.01 36.93
CA LEU I 120 44.53 28.57 37.32
C LEU I 120 43.74 28.09 36.10
N PRO I 121 42.71 27.26 36.30
CA PRO I 121 41.84 26.82 35.21
C PRO I 121 41.19 28.03 34.54
N LYS I 122 40.93 27.96 33.22
CA LYS I 122 40.42 29.08 32.45
C LYS I 122 39.04 29.56 32.92
N CYS I 123 38.29 28.71 33.62
CA CYS I 123 36.96 29.09 34.09
C CYS I 123 36.73 28.65 35.53
N ARG J 28 76.24 19.33 84.70
CA ARG J 28 76.20 20.72 85.14
C ARG J 28 77.48 21.47 84.74
N LYS J 29 77.39 22.22 83.66
CA LYS J 29 78.54 22.97 83.15
C LYS J 29 78.05 23.93 82.08
N THR J 30 78.99 24.69 81.52
CA THR J 30 78.80 25.58 80.38
C THR J 30 77.46 26.33 80.44
N ARG J 31 77.31 27.13 81.50
CA ARG J 31 76.14 27.99 81.61
C ARG J 31 76.09 28.95 80.43
N LYS J 32 75.11 28.77 79.56
CA LYS J 32 75.00 29.52 78.31
C LYS J 32 74.02 30.66 78.45
N GLU J 33 74.07 31.58 77.50
CA GLU J 33 73.25 32.78 77.51
C GLU J 33 72.19 32.70 76.43
N SER J 34 70.94 32.91 76.82
CA SER J 34 69.83 32.95 75.89
C SER J 34 68.82 33.98 76.37
N TYR J 35 68.02 34.47 75.44
CA TYR J 35 66.93 35.40 75.74
C TYR J 35 65.64 34.68 76.05
N ALA J 36 65.73 33.53 76.73
CA ALA J 36 64.56 32.68 76.91
C ALA J 36 63.46 33.37 77.70
N ILE J 37 63.72 33.74 78.95
CA ILE J 37 62.64 34.25 79.79
C ILE J 37 62.10 35.56 79.22
N TYR J 38 62.99 36.36 78.63
CA TYR J 38 62.62 37.72 78.24
C TYR J 38 61.57 37.73 77.13
N VAL J 39 61.78 36.96 76.07
CA VAL J 39 60.79 36.87 75.01
C VAL J 39 59.52 36.23 75.53
N TYR J 40 59.67 35.21 76.38
CA TYR J 40 58.50 34.56 76.96
C TYR J 40 57.72 35.53 77.85
N LYS J 41 58.44 36.33 78.64
CA LYS J 41 57.76 37.26 79.54
C LYS J 41 57.14 38.43 78.78
N VAL J 42 57.82 38.91 77.75
CA VAL J 42 57.29 40.05 77.01
C VAL J 42 56.09 39.63 76.17
N LEU J 43 55.96 38.34 75.88
CA LEU J 43 54.85 37.91 75.02
C LEU J 43 53.52 38.06 75.74
N LYS J 44 53.52 38.10 77.08
CA LYS J 44 52.30 38.33 77.83
C LYS J 44 51.68 39.69 77.54
N GLN J 45 52.42 40.62 76.94
CA GLN J 45 51.83 41.86 76.49
C GLN J 45 50.74 41.66 75.45
N VAL J 46 50.94 40.77 74.49
CA VAL J 46 50.02 40.69 73.36
C VAL J 46 49.01 39.55 73.54
N HIS J 47 49.46 38.42 74.08
CA HIS J 47 48.60 37.28 74.36
C HIS J 47 48.98 36.75 75.73
N PRO J 48 48.18 37.03 76.75
CA PRO J 48 48.56 36.61 78.11
C PRO J 48 48.70 35.11 78.27
N ASP J 49 47.99 34.32 77.47
CA ASP J 49 47.86 32.90 77.72
C ASP J 49 48.57 32.00 76.71
N THR J 50 48.97 32.51 75.55
CA THR J 50 49.53 31.64 74.51
C THR J 50 50.95 31.23 74.85
N GLY J 51 51.26 29.96 74.63
CA GLY J 51 52.61 29.46 74.76
C GLY J 51 53.33 29.41 73.43
N ILE J 52 54.60 29.01 73.49
CA ILE J 52 55.47 28.98 72.32
C ILE J 52 56.43 27.81 72.42
N SER J 53 56.75 27.23 71.28
CA SER J 53 57.54 26.00 71.24
C SER J 53 58.98 26.23 71.66
N SER J 54 59.62 25.16 72.16
CA SER J 54 61.02 25.28 72.54
C SER J 54 61.91 25.53 71.32
N LYS J 55 61.60 24.90 70.18
CA LYS J 55 62.31 25.25 68.96
C LYS J 55 62.01 26.69 68.56
N ALA J 56 60.76 27.14 68.74
CA ALA J 56 60.43 28.53 68.47
C ALA J 56 61.17 29.47 69.41
N MET J 57 61.72 28.94 70.50
CA MET J 57 62.53 29.78 71.38
C MET J 57 63.84 30.13 70.68
N SER J 58 64.38 29.19 69.90
CA SER J 58 65.67 29.40 69.28
C SER J 58 65.61 30.40 68.13
N ILE J 59 64.53 30.43 67.35
CA ILE J 59 64.46 31.36 66.23
C ILE J 59 64.44 32.79 66.74
N MET J 60 63.67 33.07 67.79
CA MET J 60 63.71 34.40 68.40
C MET J 60 65.08 34.67 68.99
N ASN J 61 65.72 33.64 69.55
CA ASN J 61 67.08 33.78 70.02
C ASN J 61 68.00 34.14 68.86
N SER J 62 67.76 33.52 67.70
CA SER J 62 68.60 33.81 66.54
C SER J 62 68.22 35.13 65.89
N PHE J 63 66.92 35.46 65.88
CA PHE J 63 66.48 36.68 65.21
C PHE J 63 66.92 37.92 65.97
N VAL J 64 66.67 37.96 67.28
CA VAL J 64 67.02 39.13 68.06
C VAL J 64 68.54 39.32 68.10
N ASN J 65 69.27 38.22 68.24
CA ASN J 65 70.73 38.28 68.22
C ASN J 65 71.23 38.77 66.87
N ASP J 66 70.57 38.34 65.79
CA ASP J 66 70.97 38.76 64.46
C ASP J 66 70.83 40.27 64.29
N VAL J 67 69.67 40.81 64.68
CA VAL J 67 69.44 42.25 64.52
C VAL J 67 70.37 43.04 65.41
N PHE J 68 70.66 42.52 66.60
CA PHE J 68 71.61 43.18 67.49
C PHE J 68 72.97 43.34 66.84
N GLU J 69 73.42 42.31 66.12
CA GLU J 69 74.70 42.39 65.44
C GLU J 69 74.70 43.49 64.39
N ARG J 70 73.62 43.56 63.60
CA ARG J 70 73.62 44.47 62.46
C ARG J 70 73.51 45.93 62.90
N ILE J 71 72.70 46.20 63.92
CA ILE J 71 72.62 47.56 64.43
C ILE J 71 73.94 48.00 65.03
N ALA J 72 74.49 47.19 65.94
CA ALA J 72 75.75 47.55 66.56
C ALA J 72 76.88 47.56 65.54
N GLY J 73 76.86 46.61 64.61
CA GLY J 73 77.87 46.60 63.55
C GLY J 73 77.83 47.87 62.71
N GLU J 74 76.64 48.41 62.49
CA GLU J 74 76.53 49.69 61.80
C GLU J 74 77.06 50.82 62.67
N ALA J 75 76.78 50.79 63.97
CA ALA J 75 77.19 51.88 64.85
C ALA J 75 78.70 52.01 64.87
N SER J 76 79.41 50.88 64.85
CA SER J 76 80.87 50.92 64.85
C SER J 76 81.42 51.72 63.68
N ARG J 77 80.74 51.68 62.53
CA ARG J 77 81.25 52.39 61.36
C ARG J 77 80.97 53.89 61.43
N LEU J 78 79.80 54.28 61.91
CA LEU J 78 79.47 55.70 62.00
C LEU J 78 80.38 56.41 63.00
N ALA J 79 80.66 55.75 64.13
CA ALA J 79 81.67 56.30 65.03
C ALA J 79 83.02 56.36 64.35
N HIS J 80 83.34 55.36 63.55
CA HIS J 80 84.61 55.34 62.82
C HIS J 80 84.67 56.47 61.80
N TYR J 81 83.57 56.73 61.10
CA TYR J 81 83.59 57.77 60.07
C TYR J 81 83.88 59.13 60.67
N ASN J 82 83.27 59.44 61.82
CA ASN J 82 83.52 60.68 62.52
C ASN J 82 84.72 60.58 63.45
N LYS J 83 85.35 59.42 63.53
CA LYS J 83 86.55 59.20 64.33
C LYS J 83 86.30 59.54 65.80
N ARG J 84 85.39 58.78 66.40
CA ARG J 84 85.01 58.94 67.79
C ARG J 84 85.17 57.61 68.51
N SER J 85 85.27 57.68 69.84
CA SER J 85 85.61 56.52 70.63
C SER J 85 84.49 56.04 71.53
N THR J 86 83.29 56.63 71.42
CA THR J 86 82.17 56.26 72.28
C THR J 86 80.91 56.03 71.45
N ILE J 87 80.09 55.10 71.93
CA ILE J 87 78.78 54.85 71.35
C ILE J 87 77.74 55.38 72.32
N THR J 88 77.02 56.41 71.90
CA THR J 88 75.96 57.02 72.70
C THR J 88 74.64 56.93 71.94
N SER J 89 73.63 57.60 72.48
CA SER J 89 72.28 57.42 71.96
C SER J 89 72.14 57.89 70.52
N ARG J 90 72.83 58.97 70.15
CA ARG J 90 72.57 59.61 68.86
C ARG J 90 72.86 58.67 67.70
N GLU J 91 74.05 58.07 67.68
CA GLU J 91 74.42 57.23 66.54
C GLU J 91 73.61 55.96 66.50
N ILE J 92 73.25 55.40 67.67
CA ILE J 92 72.29 54.30 67.68
C ILE J 92 70.95 54.78 67.14
N GLN J 93 70.60 56.03 67.45
CA GLN J 93 69.33 56.57 66.96
C GLN J 93 69.33 56.63 65.44
N THR J 94 70.43 57.07 64.85
CA THR J 94 70.50 57.08 63.39
C THR J 94 70.75 55.68 62.85
N ALA J 95 71.41 54.82 63.63
CA ALA J 95 71.69 53.47 63.16
C ALA J 95 70.39 52.72 62.91
N VAL J 96 69.46 52.79 63.85
CA VAL J 96 68.16 52.14 63.67
C VAL J 96 67.29 52.94 62.71
N ARG J 97 67.65 54.19 62.43
CA ARG J 97 66.94 54.95 61.42
C ARG J 97 67.38 54.55 60.01
N LEU J 98 68.59 54.02 59.88
CA LEU J 98 69.05 53.49 58.60
C LEU J 98 68.60 52.06 58.37
N LEU J 99 68.78 51.19 59.37
CA LEU J 99 68.60 49.76 59.15
C LEU J 99 67.13 49.38 58.98
N LEU J 100 66.24 50.03 59.71
CA LEU J 100 64.83 49.64 59.73
C LEU J 100 64.04 50.50 58.76
N PRO J 101 63.54 49.95 57.66
CA PRO J 101 62.85 50.78 56.67
C PRO J 101 61.48 51.22 57.13
N GLY J 102 60.94 52.21 56.43
CA GLY J 102 59.56 52.60 56.63
C GLY J 102 59.29 53.23 57.98
N GLU J 103 58.06 53.06 58.46
CA GLU J 103 57.63 53.65 59.71
C GLU J 103 58.07 52.85 60.93
N LEU J 104 58.80 51.75 60.73
CA LEU J 104 59.31 50.99 61.87
C LEU J 104 60.23 51.85 62.73
N ALA J 105 61.09 52.64 62.08
CA ALA J 105 62.02 53.48 62.84
C ALA J 105 61.29 54.56 63.63
N LYS J 106 60.22 55.11 63.06
CA LYS J 106 59.53 56.24 63.69
C LYS J 106 59.05 55.90 65.09
N HIS J 107 58.33 54.77 65.23
CA HIS J 107 58.00 54.30 66.57
C HIS J 107 59.24 53.80 67.30
N ALA J 108 60.19 53.21 66.56
CA ALA J 108 61.44 52.78 67.18
C ALA J 108 62.20 53.96 67.76
N VAL J 109 62.23 55.09 67.05
CA VAL J 109 62.74 56.31 67.65
C VAL J 109 61.90 56.70 68.85
N SER J 110 60.58 56.57 68.73
CA SER J 110 59.70 56.88 69.85
C SER J 110 59.97 55.97 71.04
N GLU J 111 60.12 54.67 70.78
CA GLU J 111 60.36 53.73 71.87
C GLU J 111 61.66 54.05 72.58
N GLY J 112 62.73 54.31 71.82
CA GLY J 112 63.99 54.67 72.45
C GLY J 112 63.94 56.00 73.16
N THR J 113 63.20 56.96 72.58
CA THR J 113 63.11 58.29 73.20
C THR J 113 62.47 58.19 74.59
N LYS J 114 61.42 57.39 74.72
CA LYS J 114 60.87 57.12 76.04
C LYS J 114 61.87 56.36 76.90
N ALA J 115 62.58 55.41 76.29
CA ALA J 115 63.50 54.58 77.06
C ALA J 115 64.60 55.39 77.72
N VAL J 116 65.20 56.34 76.99
CA VAL J 116 66.29 57.13 77.56
C VAL J 116 65.76 58.07 78.63
N THR J 117 64.56 58.64 78.41
CA THR J 117 64.03 59.63 79.34
C THR J 117 63.79 59.02 80.72
N LYS J 118 63.25 57.80 80.75
CA LYS J 118 63.00 57.15 82.03
C LYS J 118 64.30 56.90 82.77
N TYR J 119 65.35 56.50 82.05
CA TYR J 119 66.63 56.23 82.69
C TYR J 119 67.27 57.51 83.22
N THR J 120 67.26 58.58 82.42
CA THR J 120 67.91 59.82 82.85
C THR J 120 67.08 60.52 83.93
N SER J 121 65.78 60.23 83.99
CA SER J 121 64.96 60.80 85.04
C SER J 121 65.26 60.15 86.39
N ALA J 122 65.58 58.86 86.40
CA ALA J 122 65.88 58.14 87.63
C ALA J 122 67.38 57.98 87.87
N LYS J 123 68.22 58.65 87.09
CA LYS J 123 69.68 58.56 87.28
C LYS J 123 70.09 59.10 88.64
N ALA L 16 118.32 53.72 66.89
CA ALA L 16 119.66 53.22 66.59
C ALA L 16 119.60 52.13 65.52
N LYS L 17 119.99 52.50 64.29
CA LYS L 17 119.95 51.59 63.14
C LYS L 17 118.55 51.02 62.95
N ALA L 18 117.60 51.89 62.63
CA ALA L 18 116.22 51.46 62.44
C ALA L 18 115.98 51.05 61.00
N LYS L 19 115.06 50.09 60.83
CA LYS L 19 114.60 49.69 59.51
C LYS L 19 113.14 49.27 59.64
N THR L 20 112.31 49.78 58.74
CA THR L 20 110.89 49.53 58.82
C THR L 20 110.57 48.07 58.55
N ARG L 21 109.45 47.61 59.11
CA ARG L 21 109.09 46.20 58.97
C ARG L 21 108.88 45.81 57.52
N SER L 22 108.45 46.76 56.68
CA SER L 22 108.34 46.46 55.26
C SER L 22 109.71 46.16 54.67
N SER L 23 110.73 46.90 55.12
CA SER L 23 112.10 46.58 54.71
C SER L 23 112.53 45.23 55.28
N ARG L 24 112.06 44.88 56.47
CA ARG L 24 112.40 43.60 57.08
C ARG L 24 111.94 42.43 56.22
N ALA L 25 110.72 42.48 55.70
CA ALA L 25 110.24 41.47 54.76
C ALA L 25 110.49 41.85 53.32
N GLY L 26 111.04 43.04 53.07
CA GLY L 26 111.26 43.50 51.71
C GLY L 26 109.98 43.64 50.91
N LEU L 27 108.89 44.02 51.56
CA LEU L 27 107.59 44.05 50.91
C LEU L 27 107.02 45.45 50.99
N GLN L 28 106.74 46.05 49.82
CA GLN L 28 106.41 47.47 49.75
C GLN L 28 104.96 47.69 50.17
N PHE L 29 104.67 47.29 51.40
CA PHE L 29 103.36 47.53 51.99
C PHE L 29 103.52 47.83 53.46
N PRO L 30 102.64 48.61 54.05
CA PRO L 30 102.85 49.24 55.35
C PRO L 30 102.80 48.22 56.49
N VAL L 31 103.82 47.36 56.56
CA VAL L 31 103.83 46.36 57.62
C VAL L 31 103.80 47.05 58.99
N GLY L 32 104.40 48.23 59.09
CA GLY L 32 104.23 49.03 60.29
C GLY L 32 102.84 49.60 60.41
N ARG L 33 102.33 50.20 59.34
CA ARG L 33 101.06 50.89 59.42
C ARG L 33 99.88 49.92 59.46
N VAL L 34 99.93 48.85 58.66
CA VAL L 34 98.85 47.87 58.68
C VAL L 34 98.72 47.27 60.08
N HIS L 35 99.85 47.07 60.74
CA HIS L 35 99.79 46.56 62.11
C HIS L 35 99.07 47.53 63.03
N ARG L 36 99.21 48.83 62.75
CA ARG L 36 98.54 49.83 63.59
C ARG L 36 97.05 49.87 63.32
N LEU L 37 96.65 49.78 62.05
CA LEU L 37 95.24 49.92 61.71
C LEU L 37 94.42 48.76 62.27
N LEU L 38 95.04 47.59 62.43
CA LEU L 38 94.34 46.47 63.05
C LEU L 38 93.97 46.78 64.48
N ARG L 39 94.91 47.38 65.23
CA ARG L 39 94.60 47.80 66.59
C ARG L 39 93.50 48.85 66.62
N LYS L 40 93.55 49.83 65.72
CA LYS L 40 92.65 50.98 65.77
C LYS L 40 91.23 50.63 65.39
N GLY L 41 91.03 49.68 64.48
CA GLY L 41 89.70 49.37 64.01
C GLY L 41 88.85 48.54 64.95
N ASN L 42 89.39 48.21 66.11
CA ASN L 42 88.74 47.36 67.12
C ASN L 42 88.36 46.00 66.54
N TYR L 43 89.27 45.36 65.80
CA TYR L 43 88.96 44.04 65.27
C TYR L 43 89.31 42.93 66.26
N ALA L 44 90.27 43.16 67.15
CA ALA L 44 90.58 42.19 68.18
C ALA L 44 91.31 42.86 69.33
N GLU L 45 91.22 42.23 70.50
CA GLU L 45 91.89 42.75 71.69
C GLU L 45 93.40 42.67 71.54
N ARG L 46 93.88 41.61 70.89
CA ARG L 46 95.29 41.44 70.60
C ARG L 46 95.47 41.16 69.12
N VAL L 47 96.58 41.62 68.57
CA VAL L 47 96.95 41.31 67.19
C VAL L 47 98.34 40.69 67.20
N GLY L 48 98.49 39.58 66.48
CA GLY L 48 99.69 38.79 66.58
C GLY L 48 100.91 39.47 66.00
N ALA L 49 102.08 38.99 66.41
CA ALA L 49 103.33 39.51 65.87
C ALA L 49 103.45 39.21 64.38
N GLY L 50 103.13 38.00 63.97
CA GLY L 50 103.12 37.67 62.56
C GLY L 50 101.84 38.03 61.85
N ALA L 51 100.86 38.56 62.57
CA ALA L 51 99.53 38.75 61.99
C ALA L 51 99.50 39.78 60.88
N PRO L 52 99.87 41.05 61.11
CA PRO L 52 99.82 42.01 59.99
C PRO L 52 100.77 41.66 58.86
N VAL L 53 101.88 41.00 59.18
CA VAL L 53 102.85 40.63 58.15
C VAL L 53 102.19 39.74 57.11
N TYR L 54 101.40 38.77 57.57
CA TYR L 54 100.72 37.86 56.65
C TYR L 54 99.75 38.61 55.77
N LEU L 55 99.05 39.60 56.34
CA LEU L 55 98.06 40.34 55.56
C LEU L 55 98.72 41.30 54.58
N ALA L 56 99.86 41.87 54.96
CA ALA L 56 100.50 42.85 54.09
C ALA L 56 100.85 42.25 52.74
N ALA L 57 101.37 41.02 52.74
CA ALA L 57 101.61 40.34 51.47
C ALA L 57 100.31 40.08 50.73
N VAL L 58 99.24 39.73 51.46
CA VAL L 58 97.98 39.37 50.83
C VAL L 58 97.45 40.53 50.01
N LEU L 59 97.48 41.74 50.56
CA LEU L 59 97.16 42.90 49.74
C LEU L 59 98.14 43.05 48.59
N GLU L 60 99.42 42.77 48.85
CA GLU L 60 100.44 42.96 47.82
C GLU L 60 100.18 42.07 46.63
N TYR L 61 100.05 40.77 46.86
CA TYR L 61 99.81 39.87 45.75
C TYR L 61 98.51 40.22 45.05
N LEU L 62 97.49 40.56 45.83
CA LEU L 62 96.19 40.85 45.23
C LEU L 62 96.28 42.09 44.35
N THR L 63 96.97 43.13 44.83
CA THR L 63 97.08 44.35 44.03
C THR L 63 98.09 44.18 42.90
N ALA L 64 99.08 43.31 43.07
CA ALA L 64 100.04 43.07 42.00
C ALA L 64 99.36 42.40 40.82
N GLU L 65 98.47 41.45 41.09
CA GLU L 65 97.79 40.74 40.01
C GLU L 65 96.81 41.65 39.29
N ILE L 66 96.05 42.46 40.04
CA ILE L 66 95.09 43.36 39.40
C ILE L 66 95.82 44.44 38.63
N LEU L 67 96.96 44.90 39.13
CA LEU L 67 97.66 45.98 38.45
C LEU L 67 98.34 45.50 37.18
N GLU L 68 98.84 44.26 37.18
CA GLU L 68 99.44 43.71 35.97
C GLU L 68 98.42 43.59 34.85
N LEU L 69 97.24 43.06 35.16
CA LEU L 69 96.21 42.92 34.13
C LEU L 69 95.79 44.27 33.59
N ALA L 70 95.67 45.27 34.46
CA ALA L 70 95.44 46.63 33.99
C ALA L 70 96.60 47.10 33.12
N GLY L 71 97.84 46.85 33.56
CA GLY L 71 98.98 47.14 32.71
C GLY L 71 98.98 46.31 31.45
N ASN L 72 98.55 45.05 31.57
CA ASN L 72 98.38 44.21 30.39
C ASN L 72 97.38 44.84 29.42
N ALA L 73 96.31 45.41 29.95
CA ALA L 73 95.32 46.07 29.10
C ALA L 73 95.86 47.37 28.53
N ALA L 74 96.71 48.06 29.30
CA ALA L 74 97.18 49.38 28.89
C ALA L 74 97.92 49.33 27.57
N ARG L 75 98.78 48.34 27.37
CA ARG L 75 99.50 48.22 26.11
C ARG L 75 98.56 47.81 24.98
N ASP L 76 97.46 47.14 25.32
CA ASP L 76 96.54 46.69 24.29
C ASP L 76 95.88 47.87 23.59
N ASN L 77 95.50 48.90 24.33
CA ASN L 77 94.86 50.09 23.77
C ASN L 77 95.89 51.09 23.25
N LYS L 78 97.18 50.74 23.32
CA LYS L 78 98.27 51.63 22.94
C LYS L 78 98.19 52.93 23.73
N LYS L 79 98.35 52.82 25.04
CA LYS L 79 98.36 53.97 25.94
C LYS L 79 99.35 53.70 27.06
N THR L 80 100.19 54.69 27.37
CA THR L 80 101.18 54.52 28.41
C THR L 80 100.66 54.85 29.80
N ARG L 81 99.51 55.49 29.92
CA ARG L 81 98.94 55.87 31.20
C ARG L 81 97.65 55.10 31.43
N ILE L 82 97.59 54.39 32.54
CA ILE L 82 96.39 53.64 32.88
C ILE L 82 95.30 54.59 33.33
N ILE L 83 94.17 54.57 32.64
CA ILE L 83 93.02 55.40 33.01
C ILE L 83 92.02 54.50 33.70
N PRO L 84 90.92 55.05 34.23
CA PRO L 84 89.91 54.17 34.85
C PRO L 84 89.43 53.05 33.96
N ARG L 85 89.37 53.27 32.65
CA ARG L 85 88.89 52.23 31.75
C ARG L 85 89.72 50.95 31.86
N HIS L 86 91.04 51.09 31.87
CA HIS L 86 91.90 49.92 31.92
C HIS L 86 91.68 49.13 33.20
N LEU L 87 91.28 49.81 34.27
CA LEU L 87 90.85 49.09 35.47
C LEU L 87 89.59 48.28 35.19
N GLN L 88 88.64 48.88 34.46
CA GLN L 88 87.38 48.18 34.20
C GLN L 88 87.62 46.87 33.47
N LEU L 89 88.52 46.87 32.49
CA LEU L 89 88.81 45.63 31.76
C LEU L 89 89.44 44.59 32.68
N ALA L 90 90.45 44.99 33.46
CA ALA L 90 91.20 44.03 34.25
C ALA L 90 90.31 43.34 35.27
N VAL L 91 89.43 44.09 35.93
CA VAL L 91 88.57 43.49 36.94
C VAL L 91 87.54 42.57 36.30
N ARG L 92 87.07 42.94 35.12
CA ARG L 92 85.89 42.28 34.56
C ARG L 92 86.23 41.10 33.66
N ASN L 93 87.25 41.21 32.80
CA ASN L 93 87.51 40.15 31.85
C ASN L 93 87.90 38.85 32.56
N ASP L 94 88.72 38.94 33.61
CA ASP L 94 89.02 37.77 34.43
C ASP L 94 87.92 37.59 35.46
N GLU L 95 87.26 36.43 35.41
CA GLU L 95 86.06 36.23 36.24
C GLU L 95 86.40 36.02 37.71
N GLU L 96 87.59 35.47 38.01
CA GLU L 96 87.95 35.23 39.40
C GLU L 96 88.06 36.53 40.17
N LEU L 97 88.61 37.58 39.54
CA LEU L 97 88.49 38.91 40.12
C LEU L 97 87.05 39.42 39.99
N ASN L 98 86.38 39.07 38.89
CA ASN L 98 85.06 39.60 38.63
C ASN L 98 84.07 39.17 39.71
N LYS L 99 84.09 37.89 40.08
CA LYS L 99 83.20 37.43 41.13
C LYS L 99 83.61 38.02 42.47
N LEU L 100 84.92 38.24 42.67
CA LEU L 100 85.38 38.97 43.84
C LEU L 100 84.86 40.41 43.85
N LEU L 101 84.51 40.94 42.70
CA LEU L 101 84.08 42.33 42.56
C LEU L 101 82.71 42.42 41.89
N GLY L 102 81.81 41.50 42.25
CA GLY L 102 80.49 41.48 41.62
C GLY L 102 79.54 42.51 42.17
N ARG L 103 79.93 43.19 43.26
CA ARG L 103 79.09 44.21 43.88
C ARG L 103 79.61 45.62 43.68
N VAL L 104 80.64 45.82 42.86
CA VAL L 104 81.31 47.10 42.78
C VAL L 104 81.15 47.66 41.37
N THR L 105 81.26 48.98 41.26
CA THR L 105 81.35 49.66 39.97
C THR L 105 82.52 50.63 40.03
N ILE L 106 82.97 51.05 38.85
CA ILE L 106 84.14 51.91 38.73
C ILE L 106 83.73 53.18 38.00
N ALA L 107 84.07 54.32 38.60
CA ALA L 107 83.78 55.59 37.96
C ALA L 107 84.44 55.67 36.59
N GLN L 108 83.68 56.11 35.60
CA GLN L 108 84.09 56.12 34.19
C GLN L 108 84.49 54.73 33.71
N GLY L 109 84.07 53.69 34.43
CA GLY L 109 84.44 52.34 34.02
C GLY L 109 83.79 51.94 32.70
N GLY L 110 82.54 52.33 32.49
CA GLY L 110 81.85 51.93 31.30
C GLY L 110 81.40 50.48 31.39
N VAL L 111 80.96 49.97 30.24
CA VAL L 111 80.44 48.61 30.15
C VAL L 111 81.29 47.84 29.15
N LEU L 112 81.49 46.56 29.43
CA LEU L 112 82.32 45.70 28.61
C LEU L 112 81.79 45.68 27.19
N PRO L 113 82.65 45.70 26.17
CA PRO L 113 82.16 45.65 24.79
C PRO L 113 81.58 44.29 24.44
N ASN L 114 80.27 44.22 24.26
CA ASN L 114 79.62 42.97 23.91
C ASN L 114 78.28 43.25 23.26
N ILE L 115 77.81 42.30 22.45
CA ILE L 115 76.49 42.35 21.85
C ILE L 115 76.02 40.91 21.65
N GLN L 116 74.71 40.70 21.76
CA GLN L 116 74.12 39.39 21.55
C GLN L 116 73.96 39.09 20.06
N SER L 117 73.91 37.80 19.74
CA SER L 117 73.79 37.39 18.34
C SER L 117 72.47 37.85 17.74
N VAL L 118 71.38 37.77 18.50
CA VAL L 118 70.08 38.17 17.98
C VAL L 118 70.06 39.66 17.68
N LEU L 119 70.77 40.45 18.48
CA LEU L 119 70.81 41.90 18.28
C LEU L 119 71.53 42.26 16.98
N LEU L 120 72.37 41.38 16.47
CA LEU L 120 73.08 41.65 15.24
C LEU L 120 72.12 41.61 14.05
N PRO L 121 72.52 42.21 12.92
CA PRO L 121 71.71 42.07 11.70
C PRO L 121 71.55 40.61 11.31
N LYS L 122 70.56 40.37 10.45
CA LYS L 122 70.08 39.03 10.16
C LYS L 122 70.96 38.26 9.18
N CYS L 123 72.20 38.68 8.97
CA CYS L 123 73.11 37.96 8.09
C CYS L 123 74.46 37.75 8.77
N LYS M 29 99.74 72.60 54.97
CA LYS M 29 99.00 72.03 56.10
C LYS M 29 98.01 70.97 55.63
N THR M 30 97.10 70.58 56.52
CA THR M 30 96.07 69.58 56.26
C THR M 30 96.69 68.23 55.87
N ARG M 31 97.40 67.64 56.84
CA ARG M 31 98.05 66.35 56.60
C ARG M 31 97.02 65.24 56.52
N LYS M 32 96.95 64.58 55.36
CA LYS M 32 96.04 63.47 55.12
C LYS M 32 96.88 62.25 54.76
N GLU M 33 96.22 61.12 54.50
CA GLU M 33 96.95 59.92 54.17
C GLU M 33 96.37 59.31 52.90
N SER M 34 97.14 58.38 52.34
CA SER M 34 96.76 57.63 51.13
C SER M 34 97.74 56.46 51.01
N TYR M 35 97.44 55.55 50.08
CA TYR M 35 98.41 54.54 49.67
C TYR M 35 98.91 54.74 48.26
N ALA M 36 98.89 55.99 47.76
CA ALA M 36 99.29 56.23 46.38
C ALA M 36 100.73 55.84 46.12
N ILE M 37 101.63 56.15 47.06
CA ILE M 37 103.05 55.87 46.87
C ILE M 37 103.29 54.38 46.73
N TYR M 38 102.61 53.58 47.56
CA TYR M 38 102.96 52.17 47.69
C TYR M 38 102.51 51.36 46.48
N VAL M 39 101.30 51.62 45.98
CA VAL M 39 100.88 50.99 44.73
C VAL M 39 101.79 51.42 43.59
N TYR M 40 102.18 52.69 43.60
CA TYR M 40 103.04 53.21 42.54
C TYR M 40 104.37 52.48 42.55
N LYS M 41 104.88 52.17 43.74
CA LYS M 41 106.09 51.36 43.84
C LYS M 41 105.84 49.96 43.29
N VAL M 42 104.62 49.45 43.45
CA VAL M 42 104.32 48.11 42.96
C VAL M 42 104.32 48.07 41.43
N LEU M 43 103.85 49.14 40.80
CA LEU M 43 103.75 49.13 39.34
C LEU M 43 105.14 48.99 38.71
N LYS M 44 106.08 49.84 39.12
CA LYS M 44 107.44 49.75 38.57
C LYS M 44 108.10 48.42 38.89
N GLN M 45 107.61 47.70 39.89
CA GLN M 45 108.05 46.33 40.11
C GLN M 45 107.62 45.42 38.96
N VAL M 46 106.62 45.83 38.18
CA VAL M 46 106.05 45.00 37.14
C VAL M 46 106.21 45.64 35.76
N HIS M 47 105.58 46.78 35.52
CA HIS M 47 105.65 47.48 34.24
C HIS M 47 106.22 48.88 34.45
N PRO M 48 107.55 49.00 34.49
CA PRO M 48 108.15 50.31 34.82
C PRO M 48 107.87 51.38 33.78
N ASP M 49 107.49 51.00 32.56
CA ASP M 49 107.40 51.97 31.48
C ASP M 49 106.15 52.83 31.56
N THR M 50 105.14 52.39 32.30
CA THR M 50 103.83 53.02 32.26
C THR M 50 103.53 53.79 33.55
N GLY M 51 102.73 54.84 33.43
CA GLY M 51 102.33 55.65 34.55
C GLY M 51 100.88 55.45 34.94
N ILE M 52 100.43 56.23 35.92
CA ILE M 52 99.10 56.08 36.49
C ILE M 52 98.44 57.44 36.53
N SER M 53 97.17 57.49 36.15
CA SER M 53 96.37 58.70 36.21
C SER M 53 95.82 58.90 37.62
N SER M 54 95.57 60.16 37.97
CA SER M 54 95.16 60.48 39.33
C SER M 54 93.88 59.76 39.71
N LYS M 55 92.90 59.74 38.81
CA LYS M 55 91.64 59.08 39.11
C LYS M 55 91.84 57.59 39.30
N ALA M 56 92.71 56.98 38.50
CA ALA M 56 92.93 55.54 38.63
C ALA M 56 93.50 55.19 39.99
N MET M 57 94.38 56.04 40.53
CA MET M 57 95.06 55.71 41.77
C MET M 57 94.07 55.63 42.93
N SER M 58 93.15 56.59 43.01
CA SER M 58 92.20 56.60 44.13
C SER M 58 91.32 55.37 44.10
N ILE M 59 91.03 54.84 42.92
CA ILE M 59 90.32 53.57 42.82
C ILE M 59 91.13 52.47 43.50
N MET M 60 92.42 52.39 43.18
CA MET M 60 93.27 51.42 43.84
C MET M 60 93.38 51.72 45.33
N ASN M 61 93.43 53.01 45.68
CA ASN M 61 93.47 53.38 47.09
C ASN M 61 92.21 52.90 47.81
N SER M 62 91.04 53.16 47.22
CA SER M 62 89.80 52.68 47.80
C SER M 62 89.74 51.16 47.78
N PHE M 63 90.17 50.57 46.67
CA PHE M 63 90.14 49.11 46.53
C PHE M 63 90.92 48.43 47.63
N VAL M 64 92.18 48.81 47.81
CA VAL M 64 92.97 48.17 48.86
C VAL M 64 92.42 48.51 50.24
N ASN M 65 91.74 49.64 50.38
CA ASN M 65 91.02 49.90 51.62
C ASN M 65 89.81 48.99 51.74
N ASP M 66 89.14 48.71 50.63
CA ASP M 66 87.98 47.82 50.67
C ASP M 66 88.37 46.41 51.10
N VAL M 67 89.40 45.84 50.46
CA VAL M 67 89.81 44.48 50.79
C VAL M 67 90.29 44.41 52.23
N PHE M 68 90.94 45.47 52.70
CA PHE M 68 91.37 45.53 54.09
C PHE M 68 90.19 45.43 55.05
N GLU M 69 89.12 46.16 54.76
CA GLU M 69 87.96 46.11 55.64
C GLU M 69 87.29 44.74 55.58
N ARG M 70 87.28 44.11 54.41
CA ARG M 70 86.71 42.77 54.30
C ARG M 70 87.54 41.74 55.04
N ILE M 71 88.85 41.72 54.79
CA ILE M 71 89.69 40.71 55.41
C ILE M 71 89.70 40.87 56.93
N ALA M 72 89.75 42.11 57.41
CA ALA M 72 89.62 42.33 58.85
C ALA M 72 88.24 41.91 59.35
N GLY M 73 87.22 42.04 58.49
CA GLY M 73 85.86 41.76 58.93
C GLY M 73 85.68 40.32 59.38
N GLU M 74 85.79 39.39 58.44
CA GLU M 74 85.63 37.97 58.79
C GLU M 74 86.74 37.49 59.72
N ALA M 75 87.92 38.11 59.66
CA ALA M 75 88.96 37.75 60.60
C ALA M 75 88.54 38.04 62.03
N SER M 76 87.98 39.24 62.26
CA SER M 76 87.50 39.58 63.60
C SER M 76 86.33 38.70 64.00
N ARG M 77 85.40 38.47 63.08
CA ARG M 77 84.24 37.62 63.39
C ARG M 77 84.68 36.20 63.69
N LEU M 78 85.72 35.73 63.01
CA LEU M 78 86.21 34.37 63.25
C LEU M 78 86.72 34.23 64.68
N ALA M 79 87.51 35.19 65.15
CA ALA M 79 88.09 35.09 66.48
C ALA M 79 87.00 35.12 67.55
N HIS M 80 85.89 35.79 67.26
CA HIS M 80 84.83 35.94 68.25
C HIS M 80 84.16 34.60 68.54
N TYR M 81 83.73 33.89 67.50
CA TYR M 81 83.06 32.61 67.72
C TYR M 81 83.96 31.59 68.37
N ASN M 82 85.27 31.66 68.11
CA ASN M 82 86.22 30.74 68.70
C ASN M 82 86.55 31.08 70.15
N LYS M 83 85.93 32.13 70.69
CA LYS M 83 86.17 32.56 72.06
C LYS M 83 87.65 32.84 72.28
N ARG M 84 88.26 33.47 71.28
CA ARG M 84 89.64 33.90 71.33
C ARG M 84 89.70 35.40 71.08
N SER M 85 90.55 36.09 71.84
CA SER M 85 90.61 37.54 71.78
C SER M 85 91.85 38.04 71.06
N THR M 86 92.63 37.17 70.44
CA THR M 86 93.84 37.54 69.72
C THR M 86 93.69 37.15 68.26
N ILE M 87 94.02 38.07 67.35
CA ILE M 87 94.04 37.78 65.93
C ILE M 87 95.49 37.56 65.50
N THR M 88 95.75 36.41 64.87
CA THR M 88 97.09 36.09 64.42
C THR M 88 97.06 35.77 62.94
N SER M 89 98.18 35.22 62.45
CA SER M 89 98.28 34.89 61.03
C SER M 89 97.29 33.79 60.65
N ARG M 90 96.91 32.95 61.61
CA ARG M 90 96.02 31.83 61.29
C ARG M 90 94.66 32.34 60.84
N GLU M 91 94.07 33.28 61.58
CA GLU M 91 92.75 33.79 61.23
C GLU M 91 92.77 34.46 59.87
N ILE M 92 93.82 35.22 59.59
CA ILE M 92 93.95 35.83 58.26
C ILE M 92 94.05 34.75 57.20
N GLN M 93 94.78 33.67 57.50
CA GLN M 93 94.90 32.56 56.55
C GLN M 93 93.54 31.92 56.32
N THR M 94 92.77 31.75 57.39
CA THR M 94 91.39 31.30 57.22
C THR M 94 90.56 32.37 56.53
N ALA M 95 90.80 33.64 56.84
CA ALA M 95 90.01 34.70 56.23
C ALA M 95 90.20 34.73 54.71
N VAL M 96 91.47 34.68 54.27
CA VAL M 96 91.72 34.69 52.83
C VAL M 96 91.26 33.39 52.21
N ARG M 97 91.19 32.32 53.00
CA ARG M 97 90.61 31.07 52.52
C ARG M 97 89.17 31.28 52.07
N LEU M 98 88.38 32.00 52.88
CA LEU M 98 86.96 32.18 52.59
C LEU M 98 86.69 33.21 51.51
N LEU M 99 87.36 34.36 51.54
CA LEU M 99 86.99 35.50 50.73
C LEU M 99 87.34 35.35 49.26
N LEU M 100 88.44 34.71 48.95
CA LEU M 100 88.91 34.61 47.58
C LEU M 100 88.64 33.24 46.96
N PRO M 101 88.37 33.19 45.65
CA PRO M 101 88.27 31.92 44.95
C PRO M 101 89.53 31.10 45.10
N GLY M 102 89.45 29.82 44.77
CA GLY M 102 90.57 28.91 44.91
C GLY M 102 91.89 29.38 44.31
N GLU M 103 91.85 29.83 43.06
CA GLU M 103 93.08 30.20 42.37
C GLU M 103 93.73 31.41 43.03
N LEU M 104 92.95 32.40 43.44
CA LEU M 104 93.50 33.49 44.22
C LEU M 104 93.94 33.01 45.59
N ALA M 105 93.16 32.10 46.19
CA ALA M 105 93.48 31.65 47.54
C ALA M 105 94.84 31.00 47.61
N LYS M 106 95.09 30.00 46.75
CA LYS M 106 96.32 29.22 46.89
C LYS M 106 97.56 30.05 46.56
N HIS M 107 97.43 31.01 45.64
CA HIS M 107 98.53 31.93 45.39
C HIS M 107 98.76 32.84 46.58
N ALA M 108 97.69 33.41 47.13
CA ALA M 108 97.84 34.32 48.27
C ALA M 108 98.39 33.60 49.49
N VAL M 109 97.96 32.35 49.72
CA VAL M 109 98.48 31.58 50.83
C VAL M 109 99.98 31.37 50.67
N SER M 110 100.41 31.00 49.47
CA SER M 110 101.84 30.79 49.24
C SER M 110 102.63 32.08 49.46
N GLU M 111 102.10 33.20 48.98
CA GLU M 111 102.73 34.49 49.25
C GLU M 111 102.67 34.81 50.74
N GLY M 112 101.56 34.46 51.39
CA GLY M 112 101.42 34.79 52.79
C GLY M 112 102.42 34.06 53.68
N THR M 113 102.57 32.75 53.48
CA THR M 113 103.53 32.01 54.30
C THR M 113 104.97 32.40 53.94
N LYS M 114 105.23 32.69 52.67
CA LYS M 114 106.57 33.13 52.28
C LYS M 114 106.96 34.40 53.00
N ALA M 115 106.03 35.35 53.13
CA ALA M 115 106.34 36.61 53.79
C ALA M 115 106.66 36.40 55.26
N VAL M 116 105.88 35.57 55.95
CA VAL M 116 106.08 35.38 57.38
C VAL M 116 107.42 34.71 57.65
N THR M 117 107.76 33.70 56.84
CA THR M 117 109.03 33.00 57.04
C THR M 117 110.22 33.94 56.88
N LYS M 118 110.16 34.89 55.94
CA LYS M 118 111.21 35.89 55.85
C LYS M 118 111.19 36.80 57.07
N TYR M 119 110.00 37.13 57.56
CA TYR M 119 109.90 37.95 58.76
C TYR M 119 110.40 37.20 59.99
N THR M 120 110.00 35.94 60.15
CA THR M 120 110.36 35.20 61.35
C THR M 120 111.84 34.89 61.42
N SER M 121 112.57 35.04 60.32
CA SER M 121 114.00 34.76 60.35
C SER M 121 114.74 35.73 61.27
N ALA M 122 114.40 37.00 61.20
CA ALA M 122 115.01 38.05 62.02
C ALA M 122 113.96 39.00 62.57
N LYS M 123 112.89 38.44 63.14
CA LYS M 123 111.78 39.23 63.65
C LYS M 123 112.22 40.19 64.75
N LYS N 38 65.05 58.16 -3.00
CA LYS N 38 66.32 57.86 -3.65
C LYS N 38 67.61 58.25 -2.89
N PRO N 39 67.56 59.19 -1.93
CA PRO N 39 68.75 59.40 -1.09
C PRO N 39 69.09 58.13 -0.33
N HIS N 40 70.40 57.89 -0.16
CA HIS N 40 70.84 56.67 0.49
C HIS N 40 70.41 56.65 1.95
N ARG N 41 69.93 55.50 2.40
CA ARG N 41 69.45 55.29 3.75
C ARG N 41 70.09 54.05 4.35
N TYR N 42 69.72 53.76 5.59
CA TYR N 42 70.06 52.52 6.25
C TYR N 42 68.78 51.78 6.60
N ARG N 43 68.84 50.45 6.58
CA ARG N 43 67.72 49.67 7.08
C ARG N 43 67.51 49.98 8.56
N PRO N 44 66.26 49.97 9.04
CA PRO N 44 66.02 50.25 10.46
C PRO N 44 66.84 49.34 11.37
N GLY N 45 67.38 49.94 12.43
CA GLY N 45 68.26 49.25 13.34
C GLY N 45 69.74 49.40 13.03
N THR N 46 70.09 49.77 11.80
CA THR N 46 71.49 49.89 11.45
C THR N 46 72.15 51.03 12.22
N VAL N 47 71.45 52.15 12.38
CA VAL N 47 72.00 53.25 13.16
C VAL N 47 72.20 52.83 14.60
N ALA N 48 71.34 51.94 15.11
CA ALA N 48 71.49 51.46 16.48
C ALA N 48 72.81 50.73 16.67
N LEU N 49 73.12 49.75 15.81
CA LEU N 49 74.30 48.93 16.01
C LEU N 49 75.58 49.77 15.97
N ARG N 50 75.59 50.82 15.14
CA ARG N 50 76.67 51.79 15.22
C ARG N 50 76.67 52.50 16.56
N GLU N 51 75.49 52.88 17.05
CA GLU N 51 75.41 53.66 18.27
C GLU N 51 75.62 52.78 19.50
N ILE N 52 75.44 51.45 19.35
CA ILE N 52 75.78 50.54 20.43
C ILE N 52 77.30 50.40 20.57
N ARG N 53 77.97 50.03 19.48
CA ARG N 53 79.40 49.76 19.57
C ARG N 53 80.17 51.02 19.95
N ARG N 54 79.72 52.17 19.47
CA ARG N 54 80.34 53.44 19.84
C ARG N 54 80.18 53.71 21.33
N TYR N 55 78.99 53.49 21.87
CA TYR N 55 78.74 53.80 23.27
C TYR N 55 79.37 52.79 24.22
N GLN N 56 79.50 51.53 23.80
CA GLN N 56 80.27 50.57 24.60
C GLN N 56 81.74 50.94 24.60
N LYS N 57 82.25 51.44 23.47
CA LYS N 57 83.66 51.87 23.42
C LYS N 57 83.89 53.08 24.31
N SER N 58 83.06 54.11 24.17
CA SER N 58 83.22 55.31 24.97
C SER N 58 82.83 55.04 26.42
N THR N 59 83.26 55.93 27.32
CA THR N 59 83.07 55.71 28.75
C THR N 59 82.50 56.91 29.48
N GLU N 60 82.02 57.93 28.77
CA GLU N 60 81.58 59.15 29.42
C GLU N 60 80.17 58.98 29.96
N LEU N 61 79.78 59.89 30.85
CA LEU N 61 78.44 59.88 31.41
C LEU N 61 77.44 60.40 30.37
N LEU N 62 76.29 59.72 30.30
CA LEU N 62 75.39 59.85 29.16
C LEU N 62 74.30 60.88 29.36
N ILE N 63 74.03 61.32 30.59
CA ILE N 63 72.99 62.29 30.87
C ILE N 63 73.65 63.65 31.07
N ARG N 64 73.03 64.68 30.52
CA ARG N 64 73.56 66.03 30.70
C ARG N 64 73.59 66.37 32.18
N LYS N 65 74.66 67.06 32.59
CA LYS N 65 74.90 67.21 34.03
C LYS N 65 73.79 68.01 34.70
N LEU N 66 73.43 69.15 34.12
CA LEU N 66 72.51 70.06 34.78
C LEU N 66 71.14 69.44 35.03
N PRO N 67 70.48 68.77 34.07
CA PRO N 67 69.20 68.14 34.40
C PRO N 67 69.33 67.13 35.53
N PHE N 68 70.43 66.39 35.57
CA PHE N 68 70.67 65.49 36.69
C PHE N 68 70.94 66.27 37.96
N GLN N 69 71.75 67.32 37.87
CA GLN N 69 72.04 68.14 39.04
C GLN N 69 70.77 68.80 39.57
N ARG N 70 69.94 69.31 38.67
CA ARG N 70 68.73 70.01 39.10
C ARG N 70 67.74 69.05 39.76
N LEU N 71 67.79 67.78 39.37
CA LEU N 71 66.85 66.81 39.94
C LEU N 71 67.27 66.37 41.34
N VAL N 72 68.57 66.16 41.55
CA VAL N 72 69.01 65.56 42.81
C VAL N 72 68.76 66.50 43.97
N ARG N 73 68.89 67.81 43.74
CA ARG N 73 68.53 68.76 44.79
C ARG N 73 67.03 68.72 45.06
N GLU N 74 66.23 68.51 44.03
CA GLU N 74 64.78 68.46 44.20
C GLU N 74 64.39 67.31 45.12
N ILE N 75 65.01 66.14 44.95
CA ILE N 75 64.71 65.02 45.83
C ILE N 75 65.20 65.31 47.24
N ALA N 76 66.41 65.87 47.36
CA ALA N 76 66.98 66.10 48.69
C ALA N 76 66.15 67.08 49.51
N GLN N 77 65.63 68.14 48.88
CA GLN N 77 64.91 69.16 49.65
C GLN N 77 63.62 68.63 50.24
N ASP N 78 63.13 67.51 49.73
CA ASP N 78 61.99 66.84 50.35
C ASP N 78 62.32 66.28 51.73
N PHE N 79 63.60 66.15 52.07
CA PHE N 79 64.00 65.55 53.34
C PHE N 79 64.58 66.54 54.33
N LYS N 80 65.15 67.65 53.88
CA LYS N 80 65.76 68.62 54.81
C LYS N 80 65.80 69.96 54.08
N THR N 81 66.53 70.93 54.65
CA THR N 81 66.49 72.32 54.18
C THR N 81 67.68 72.67 53.27
N ASP N 82 67.54 72.35 51.99
CA ASP N 82 68.45 72.82 50.94
C ASP N 82 69.91 72.51 51.26
N LEU N 83 70.18 71.22 51.39
CA LEU N 83 71.54 70.77 51.68
C LEU N 83 72.46 71.03 50.50
N ARG N 84 73.64 71.55 50.81
CA ARG N 84 74.62 71.85 49.77
C ARG N 84 75.31 70.58 49.29
N PHE N 85 75.36 70.39 47.98
CA PHE N 85 76.06 69.26 47.39
C PHE N 85 77.42 69.69 46.88
N GLN N 86 78.45 68.95 47.28
CA GLN N 86 79.77 69.14 46.69
C GLN N 86 79.74 68.68 45.24
N SER N 87 80.52 69.36 44.39
CA SER N 87 80.55 69.01 42.98
C SER N 87 81.00 67.56 42.77
N SER N 88 81.83 67.04 43.68
CA SER N 88 82.24 65.64 43.58
C SER N 88 81.07 64.70 43.87
N ALA N 89 80.21 65.09 44.82
CA ALA N 89 79.13 64.20 45.23
C ALA N 89 78.17 63.91 44.09
N VAL N 90 77.80 64.95 43.33
CA VAL N 90 76.80 64.76 42.26
C VAL N 90 77.34 63.79 41.22
N MET N 91 78.61 63.96 40.84
CA MET N 91 79.21 63.01 39.92
C MET N 91 79.23 61.61 40.51
N ALA N 92 79.67 61.49 41.77
CA ALA N 92 79.74 60.18 42.41
C ALA N 92 78.36 59.57 42.57
N LEU N 93 77.36 60.40 42.89
CA LEU N 93 75.99 59.90 42.93
C LEU N 93 75.55 59.45 41.56
N GLN N 94 76.04 60.12 40.51
CA GLN N 94 75.65 59.73 39.16
C GLN N 94 76.29 58.42 38.73
N GLU N 95 77.59 58.25 39.02
CA GLU N 95 78.30 57.07 38.53
C GLU N 95 77.65 55.79 39.02
N ALA N 96 77.28 55.76 40.31
CA ALA N 96 76.63 54.58 40.86
C ALA N 96 75.27 54.36 40.21
N SER N 97 74.52 55.44 39.98
CA SER N 97 73.18 55.30 39.41
C SER N 97 73.24 54.76 37.99
N GLU N 98 74.04 55.39 37.13
CA GLU N 98 74.11 54.95 35.74
C GLU N 98 74.58 53.51 35.65
N ALA N 99 75.64 53.16 36.39
CA ALA N 99 76.10 51.79 36.41
C ALA N 99 75.02 50.85 36.91
N TYR N 100 74.28 51.29 37.93
CA TYR N 100 73.13 50.49 38.36
C TYR N 100 72.06 50.45 37.27
N LEU N 101 71.76 51.60 36.67
CA LEU N 101 70.71 51.65 35.66
C LEU N 101 71.11 50.85 34.43
N VAL N 102 72.36 50.98 33.98
CA VAL N 102 72.77 50.25 32.78
C VAL N 102 72.81 48.75 33.07
N ALA N 103 73.19 48.37 34.29
CA ALA N 103 73.18 46.95 34.65
C ALA N 103 71.76 46.39 34.59
N LEU N 104 70.76 47.25 34.79
CA LEU N 104 69.38 46.80 34.74
C LEU N 104 68.97 46.43 33.32
N PHE N 105 69.36 47.24 32.33
CA PHE N 105 69.11 46.91 30.93
C PHE N 105 69.84 45.65 30.50
N GLU N 106 70.98 45.36 31.10
CA GLU N 106 71.65 44.09 30.84
C GLU N 106 70.76 42.93 31.24
N ASP N 107 70.08 43.04 32.38
CA ASP N 107 69.16 42.01 32.81
C ASP N 107 67.84 42.08 32.04
N THR N 108 67.32 43.28 31.81
CA THR N 108 66.05 43.43 31.11
C THR N 108 66.13 42.94 29.68
N ASN N 109 67.18 43.37 28.96
CA ASN N 109 67.33 42.94 27.57
C ASN N 109 67.53 41.44 27.46
N LEU N 110 68.29 40.86 28.40
CA LEU N 110 68.54 39.42 28.36
C LEU N 110 67.25 38.64 28.53
N CYS N 111 66.36 39.09 29.41
CA CYS N 111 65.05 38.46 29.52
C CYS N 111 64.21 38.70 28.27
N ALA N 112 64.32 39.89 27.68
CA ALA N 112 63.55 40.22 26.49
C ALA N 112 63.89 39.30 25.33
N ILE N 113 65.17 38.95 25.17
CA ILE N 113 65.56 37.98 24.16
C ILE N 113 64.89 36.64 24.43
N HIS N 114 64.83 36.26 25.71
CA HIS N 114 64.24 34.98 26.09
C HIS N 114 62.78 34.89 25.69
N ALA N 115 62.07 36.01 25.64
CA ALA N 115 60.68 36.06 25.18
C ALA N 115 60.57 36.22 23.68
N LYS N 116 61.59 35.82 22.92
CA LYS N 116 61.64 35.89 21.45
C LYS N 116 61.22 37.26 20.92
N ARG N 117 61.52 38.33 21.66
CA ARG N 117 61.28 39.68 21.17
C ARG N 117 62.56 40.50 21.28
N VAL N 118 62.96 41.10 20.15
CA VAL N 118 64.11 42.00 20.16
C VAL N 118 63.75 43.33 20.81
N THR N 119 62.48 43.70 20.75
CA THR N 119 62.01 44.92 21.40
C THR N 119 62.13 44.78 22.91
N ILE N 120 62.04 45.91 23.60
CA ILE N 120 62.02 45.91 25.06
C ILE N 120 60.64 46.39 25.51
N MET N 121 60.18 45.88 26.65
CA MET N 121 58.85 46.22 27.11
C MET N 121 58.80 46.38 28.63
N PRO N 122 57.82 47.13 29.13
CA PRO N 122 57.71 47.29 30.59
C PRO N 122 57.50 45.99 31.34
N LYS N 123 56.76 45.03 30.81
CA LYS N 123 56.55 43.80 31.56
C LYS N 123 57.85 43.02 31.66
N ASP N 124 58.85 43.39 30.86
CA ASP N 124 60.22 42.96 31.15
C ASP N 124 60.77 43.65 32.39
N ILE N 125 60.76 44.97 32.42
CA ILE N 125 61.48 45.71 33.45
C ILE N 125 60.86 45.47 34.82
N GLN N 126 59.56 45.19 34.86
CA GLN N 126 58.96 44.68 36.10
C GLN N 126 59.54 43.34 36.48
N LEU N 127 59.74 42.45 35.51
CA LEU N 127 60.25 41.13 35.83
C LEU N 127 61.74 41.17 36.14
N ALA N 128 62.45 42.13 35.55
CA ALA N 128 63.90 42.17 35.72
C ALA N 128 64.29 42.32 37.19
N ARG N 129 63.69 43.28 37.90
CA ARG N 129 64.09 43.55 39.27
C ARG N 129 63.52 42.52 40.24
N ARG N 130 62.44 41.84 39.85
CA ARG N 130 61.75 40.99 40.81
C ARG N 130 62.55 39.73 41.13
N ILE N 131 63.26 39.18 40.14
CA ILE N 131 64.24 38.15 40.44
C ILE N 131 65.40 38.74 41.24
N ARG N 132 65.77 39.99 40.96
CA ARG N 132 66.85 40.62 41.71
C ARG N 132 66.55 40.74 43.19
N GLY N 133 65.29 40.68 43.58
CA GLY N 133 64.93 40.88 44.96
C GLY N 133 64.91 42.32 45.42
N GLU N 134 65.18 43.26 44.50
CA GLU N 134 65.12 44.68 44.87
C GLU N 134 63.70 45.08 45.25
N ARG N 135 62.70 44.65 44.47
CA ARG N 135 61.32 44.97 44.74
C ARG N 135 60.75 44.16 45.91
N ALA N 136 61.36 43.02 46.22
CA ALA N 136 60.93 42.20 47.36
C ALA N 136 61.34 42.84 48.68
N LYS O 17 64.16 85.48 42.83
CA LYS O 17 64.06 85.26 44.26
C LYS O 17 65.45 85.14 44.89
N ARG O 18 65.61 85.73 46.07
CA ARG O 18 66.91 85.68 46.73
C ARG O 18 67.21 84.28 47.26
N HIS O 19 66.21 83.60 47.80
CA HIS O 19 66.41 82.29 48.40
C HIS O 19 65.29 81.36 47.99
N ARG O 20 65.56 80.05 48.13
CA ARG O 20 64.60 78.98 47.86
C ARG O 20 64.24 78.88 46.38
N LYS O 21 63.85 77.69 45.94
CA LYS O 21 63.52 77.46 44.54
C LYS O 21 62.30 76.55 44.46
N VAL O 22 61.61 76.63 43.32
CA VAL O 22 60.43 75.81 43.07
C VAL O 22 60.88 74.46 42.56
N LEU O 23 60.19 73.41 42.98
CA LEU O 23 60.55 72.03 42.64
C LEU O 23 59.46 71.47 41.72
N ARG O 24 59.76 71.43 40.42
CA ARG O 24 58.82 70.92 39.44
C ARG O 24 59.57 70.63 38.14
N ASP O 25 58.97 69.75 37.33
CA ASP O 25 59.44 69.45 35.98
C ASP O 25 60.84 68.86 35.94
N ASN O 26 61.35 68.45 37.10
CA ASN O 26 62.74 67.98 37.16
C ASN O 26 62.90 66.62 36.51
N ILE O 27 61.92 65.74 36.66
CA ILE O 27 62.01 64.45 35.99
C ILE O 27 61.93 64.61 34.48
N GLN O 28 61.26 65.68 34.01
CA GLN O 28 61.16 65.92 32.58
C GLN O 28 62.53 66.20 31.95
N GLY O 29 63.51 66.61 32.75
CA GLY O 29 64.85 66.84 32.23
C GLY O 29 65.55 65.59 31.78
N ILE O 30 65.11 64.41 32.22
CA ILE O 30 65.68 63.15 31.77
C ILE O 30 64.99 62.84 30.45
N THR O 31 65.49 63.46 29.38
CA THR O 31 64.77 63.48 28.12
C THR O 31 64.81 62.12 27.44
N LYS O 32 63.89 61.91 26.49
CA LYS O 32 63.80 60.64 25.79
C LYS O 32 65.09 60.24 25.08
N PRO O 33 65.84 61.12 24.42
CA PRO O 33 67.14 60.65 23.89
C PRO O 33 68.07 60.18 24.99
N ALA O 34 68.00 60.82 26.16
CA ALA O 34 68.85 60.39 27.27
C ALA O 34 68.52 58.97 27.69
N ILE O 35 67.23 58.62 27.74
CA ILE O 35 66.86 57.23 28.02
C ILE O 35 67.38 56.30 26.94
N ARG O 36 67.32 56.74 25.68
CA ARG O 36 67.88 55.93 24.61
C ARG O 36 69.34 55.63 24.84
N ARG O 37 70.14 56.67 25.13
CA ARG O 37 71.57 56.48 25.28
C ARG O 37 71.90 55.51 26.42
N LEU O 38 71.17 55.62 27.53
CA LEU O 38 71.38 54.68 28.63
C LEU O 38 71.11 53.26 28.19
N ALA O 39 70.02 53.04 27.47
CA ALA O 39 69.76 51.71 26.92
C ALA O 39 70.83 51.33 25.91
N ARG O 40 71.35 52.31 25.18
CA ARG O 40 72.37 52.02 24.17
C ARG O 40 73.62 51.42 24.79
N ARG O 41 74.05 51.92 25.94
CA ARG O 41 75.28 51.39 26.52
C ARG O 41 75.05 49.94 26.91
N GLY O 42 73.85 49.65 27.42
CA GLY O 42 73.51 48.26 27.73
C GLY O 42 73.42 47.38 26.50
N GLY O 43 72.82 47.90 25.43
CA GLY O 43 72.82 47.20 24.16
C GLY O 43 71.46 46.65 23.79
N VAL O 44 70.72 47.41 22.99
CA VAL O 44 69.38 47.05 22.53
C VAL O 44 69.18 47.63 21.15
N LYS O 45 68.26 47.04 20.40
CA LYS O 45 67.85 47.55 19.09
C LYS O 45 66.59 48.39 19.18
N ARG O 46 65.52 47.84 19.76
CA ARG O 46 64.21 48.46 19.78
C ARG O 46 63.78 48.76 21.21
N ILE O 47 63.36 49.99 21.44
CA ILE O 47 62.87 50.45 22.74
C ILE O 47 61.42 50.87 22.58
N SER O 48 60.54 50.31 23.38
CA SER O 48 59.14 50.72 23.34
C SER O 48 58.99 52.13 23.88
N GLY O 49 57.99 52.85 23.36
CA GLY O 49 57.76 54.21 23.80
C GLY O 49 57.28 54.30 25.23
N LEU O 50 56.71 53.22 25.76
CA LEU O 50 56.17 53.24 27.10
C LEU O 50 57.26 53.15 28.16
N ILE O 51 58.47 52.71 27.78
CA ILE O 51 59.56 52.60 28.73
C ILE O 51 59.93 53.96 29.31
N TYR O 52 59.72 55.03 28.54
CA TYR O 52 60.35 56.31 28.85
C TYR O 52 59.90 56.83 30.21
N GLU O 53 58.60 56.88 30.47
CA GLU O 53 58.15 57.38 31.77
C GLU O 53 58.47 56.42 32.89
N GLU O 54 58.37 55.10 32.66
CA GLU O 54 58.47 54.16 33.78
C GLU O 54 59.90 54.09 34.31
N THR O 55 60.88 53.97 33.41
CA THR O 55 62.27 53.89 33.84
C THR O 55 62.70 55.19 34.53
N ARG O 56 62.05 56.30 34.20
CA ARG O 56 62.23 57.51 34.98
C ARG O 56 61.83 57.27 36.43
N GLY O 57 60.70 56.58 36.64
CA GLY O 57 60.28 56.24 37.98
C GLY O 57 61.29 55.35 38.69
N VAL O 58 61.87 54.39 37.96
CA VAL O 58 62.88 53.51 38.54
C VAL O 58 64.08 54.32 38.98
N LEU O 59 64.51 55.28 38.15
CA LEU O 59 65.57 56.18 38.56
C LEU O 59 65.16 57.00 39.78
N LYS O 60 63.91 57.45 39.81
CA LYS O 60 63.41 58.16 40.98
C LYS O 60 63.43 57.25 42.21
N VAL O 61 62.98 56.01 42.06
CA VAL O 61 62.95 55.10 43.20
C VAL O 61 64.35 54.80 43.70
N PHE O 62 65.28 54.47 42.80
CA PHE O 62 66.63 54.15 43.23
C PHE O 62 67.31 55.33 43.89
N LEU O 63 67.18 56.52 43.27
CA LEU O 63 67.89 57.69 43.77
C LEU O 63 67.43 58.07 45.16
N GLU O 64 66.13 58.03 45.42
CA GLU O 64 65.63 58.51 46.71
C GLU O 64 66.03 57.57 47.83
N ASN O 65 66.20 56.28 47.52
CA ASN O 65 66.66 55.35 48.55
C ASN O 65 68.06 55.70 49.02
N VAL O 66 68.95 56.03 48.09
CA VAL O 66 70.36 56.22 48.47
C VAL O 66 70.58 57.62 49.03
N ILE O 67 69.91 58.63 48.45
CA ILE O 67 70.13 60.00 48.92
C ILE O 67 69.59 60.18 50.33
N ARG O 68 68.45 59.54 50.63
CA ARG O 68 67.91 59.62 51.98
C ARG O 68 68.85 59.00 52.99
N ASP O 69 69.43 57.84 52.65
CA ASP O 69 70.44 57.27 53.53
C ASP O 69 71.65 58.19 53.62
N ALA O 70 72.02 58.80 52.49
CA ALA O 70 73.17 59.70 52.48
C ALA O 70 72.94 60.91 53.36
N VAL O 71 71.72 61.46 53.33
CA VAL O 71 71.42 62.64 54.15
C VAL O 71 71.58 62.31 55.63
N THR O 72 71.17 61.10 56.03
CA THR O 72 71.21 60.74 57.44
C THR O 72 72.64 60.76 57.99
N TYR O 73 73.63 60.43 57.17
CA TYR O 73 75.02 60.64 57.59
C TYR O 73 75.31 62.12 57.79
N THR O 74 74.87 62.97 56.86
CA THR O 74 75.11 64.40 57.04
C THR O 74 74.42 64.91 58.29
N GLU O 75 73.21 64.45 58.56
CA GLU O 75 72.53 64.85 59.77
C GLU O 75 73.29 64.37 61.00
N HIS O 76 73.82 63.15 60.94
CA HIS O 76 74.55 62.59 62.07
C HIS O 76 75.76 63.44 62.45
N ALA O 77 76.61 63.77 61.49
CA ALA O 77 77.80 64.58 61.77
C ALA O 77 77.46 66.04 62.00
N LYS O 78 76.18 66.39 62.05
CA LYS O 78 75.65 67.72 62.34
C LYS O 78 75.91 68.71 61.21
N ARG O 79 76.58 68.30 60.14
CA ARG O 79 76.88 69.18 59.03
C ARG O 79 75.62 69.41 58.20
N LYS O 80 75.68 70.41 57.33
CA LYS O 80 74.53 70.80 56.52
C LYS O 80 74.87 70.79 55.03
N THR O 81 75.96 70.11 54.67
CA THR O 81 76.35 69.94 53.28
C THR O 81 76.62 68.47 53.04
N VAL O 82 76.20 67.98 51.87
CA VAL O 82 76.34 66.58 51.52
C VAL O 82 77.57 66.41 50.64
N THR O 83 78.36 65.38 50.92
CA THR O 83 79.67 65.21 50.31
C THR O 83 79.74 63.93 49.49
N ALA O 84 80.94 63.59 49.01
CA ALA O 84 81.18 62.33 48.34
C ALA O 84 81.49 61.20 49.31
N MET O 85 82.00 61.53 50.49
CA MET O 85 82.33 60.49 51.47
C MET O 85 81.10 59.72 51.93
N ASP O 86 80.03 60.41 52.30
CA ASP O 86 78.84 59.70 52.76
C ASP O 86 78.21 58.88 51.64
N VAL O 87 78.14 59.45 50.43
CA VAL O 87 77.52 58.75 49.32
C VAL O 87 78.24 57.45 49.03
N VAL O 88 79.56 57.46 49.16
CA VAL O 88 80.32 56.22 49.06
C VAL O 88 79.85 55.23 50.12
N TYR O 89 79.69 55.71 51.36
CA TYR O 89 79.23 54.81 52.40
C TYR O 89 77.77 54.39 52.17
N ALA O 90 76.92 55.32 51.75
CA ALA O 90 75.51 55.00 51.57
C ALA O 90 75.33 53.90 50.55
N LEU O 91 76.10 53.94 49.46
CA LEU O 91 76.09 52.84 48.50
C LEU O 91 76.51 51.54 49.17
N LYS O 92 77.54 51.60 50.02
CA LYS O 92 78.04 50.40 50.66
C LYS O 92 76.96 49.69 51.45
N ARG O 93 76.05 50.46 52.06
CA ARG O 93 74.94 49.85 52.77
C ARG O 93 74.02 49.10 51.81
N GLN O 94 73.72 49.66 50.65
CA GLN O 94 72.74 49.10 49.72
C GLN O 94 73.37 48.09 48.76
N GLY O 95 74.46 47.45 49.19
CA GLY O 95 75.01 46.34 48.43
C GLY O 95 75.74 46.73 47.17
N ARG O 96 75.98 48.02 46.96
CA ARG O 96 76.71 48.50 45.80
C ARG O 96 77.96 49.22 46.30
N THR O 97 78.95 49.34 45.43
CA THR O 97 80.16 50.05 45.79
C THR O 97 80.71 50.73 44.54
N LEU O 98 81.20 51.95 44.71
CA LEU O 98 81.80 52.69 43.61
C LEU O 98 83.19 53.14 44.03
N TYR O 99 84.14 53.03 43.12
CA TYR O 99 85.52 53.39 43.39
C TYR O 99 85.88 54.64 42.60
N GLY O 100 86.70 55.50 43.20
CA GLY O 100 87.15 56.68 42.52
C GLY O 100 86.77 57.95 43.26
N PHE O 101 86.36 57.81 44.52
CA PHE O 101 85.99 58.98 45.30
C PHE O 101 86.47 58.85 46.74
N GLY O 102 87.64 58.25 46.94
CA GLY O 102 88.26 58.23 48.26
C GLY O 102 87.48 57.50 49.32
N GLY O 103 86.89 56.35 49.00
CA GLY O 103 86.10 55.61 49.95
C GLY O 103 86.83 55.18 51.19
N UNK P 1 2.65 -45.83 9.87
CA UNK P 1 2.76 -44.51 10.46
C UNK P 1 1.76 -43.55 9.84
N UNK P 2 1.17 -43.98 8.71
CA UNK P 2 0.24 -43.09 8.01
C UNK P 2 -1.10 -42.98 8.73
N UNK P 3 -1.48 -44.02 9.49
CA UNK P 3 -2.72 -43.96 10.24
C UNK P 3 -2.72 -42.85 11.29
N UNK P 4 -1.54 -42.45 11.77
CA UNK P 4 -1.45 -41.39 12.77
C UNK P 4 -1.72 -40.02 12.19
N UNK P 5 -1.86 -39.90 10.87
CA UNK P 5 -2.24 -38.63 10.24
C UNK P 5 -3.76 -38.55 10.21
N UNK P 6 -4.32 -37.60 10.95
CA UNK P 6 -5.75 -37.39 11.00
C UNK P 6 -6.03 -35.92 10.72
N UNK P 7 -6.79 -35.65 9.66
CA UNK P 7 -7.31 -34.32 9.36
C UNK P 7 -8.77 -34.54 8.97
N UNK P 8 -9.66 -34.53 9.95
CA UNK P 8 -11.01 -35.03 9.74
C UNK P 8 -12.12 -34.20 10.36
N M3L P 9 -12.16 -32.92 10.02
CA M3L P 9 -13.29 -32.08 10.35
CB M3L P 9 -13.12 -30.64 9.87
CG M3L P 9 -14.22 -29.76 10.41
CD M3L P 9 -13.76 -29.01 11.65
CE M3L P 9 -14.71 -29.30 12.80
NZ M3L P 9 -15.76 -28.26 13.17
C M3L P 9 -14.54 -32.67 9.74
O M3L P 9 -15.65 -32.71 10.27
CM1 M3L P 9 -17.14 -28.81 13.00
CM2 M3L P 9 -15.62 -27.00 12.40
CM3 M3L P 9 -15.56 -27.93 14.62
N UNK P 10 -14.34 -33.15 8.52
CA UNK P 10 -15.35 -33.92 7.80
C UNK P 10 -14.76 -35.27 7.43
N UNK P 11 -15.16 -35.78 6.27
CA UNK P 11 -14.62 -37.03 5.77
C UNK P 11 -13.25 -36.80 5.14
N UNK P 12 -12.53 -37.90 4.93
CA UNK P 12 -11.22 -37.83 4.32
C UNK P 12 -11.23 -37.45 2.86
N ALA Q 15 -21.36 -8.80 -13.06
CA ALA Q 15 -22.35 -9.83 -12.75
C ALA Q 15 -23.76 -9.28 -12.89
N ASP Q 16 -24.73 -10.03 -12.38
CA ASP Q 16 -26.13 -9.63 -12.48
C ASP Q 16 -26.39 -8.40 -11.62
N HIS Q 17 -27.13 -7.44 -12.16
CA HIS Q 17 -27.45 -6.23 -11.41
C HIS Q 17 -28.51 -6.45 -10.35
N GLU Q 18 -29.22 -7.58 -10.38
CA GLU Q 18 -30.18 -7.88 -9.33
C GLU Q 18 -29.48 -8.01 -7.98
N LEU Q 19 -28.34 -8.70 -7.95
CA LEU Q 19 -27.53 -8.78 -6.74
C LEU Q 19 -26.63 -7.57 -6.56
N PHE Q 20 -26.49 -6.72 -7.58
CA PHE Q 20 -25.77 -5.47 -7.42
C PHE Q 20 -26.48 -4.57 -6.42
N LEU Q 21 -27.82 -4.53 -6.48
CA LEU Q 21 -28.59 -3.66 -5.60
C LEU Q 21 -28.84 -4.28 -4.24
N GLN Q 22 -28.80 -5.61 -4.14
CA GLN Q 22 -29.22 -6.26 -2.91
C GLN Q 22 -28.37 -5.84 -1.72
N ALA Q 23 -27.11 -5.47 -1.96
CA ALA Q 23 -26.26 -4.97 -0.90
C ALA Q 23 -26.41 -3.46 -0.71
N PHE Q 24 -27.25 -2.82 -1.51
CA PHE Q 24 -27.40 -1.37 -1.46
C PHE Q 24 -28.62 -0.92 -0.68
N GLU Q 25 -29.65 -1.76 -0.55
CA GLU Q 25 -30.91 -1.28 0.00
C GLU Q 25 -30.79 -0.89 1.46
N LYS Q 26 -29.89 -1.54 2.20
CA LYS Q 26 -29.83 -1.37 3.65
C LYS Q 26 -29.73 0.10 4.02
N PRO Q 27 -28.69 0.83 3.58
CA PRO Q 27 -28.59 2.23 4.00
C PRO Q 27 -29.57 3.14 3.28
N THR Q 28 -29.94 2.82 2.04
CA THR Q 28 -30.78 3.72 1.27
C THR Q 28 -32.15 3.89 1.91
N GLN Q 29 -32.82 2.77 2.21
CA GLN Q 29 -34.15 2.86 2.81
C GLN Q 29 -34.09 3.53 4.18
N ILE Q 30 -32.98 3.38 4.89
CA ILE Q 30 -32.75 4.19 6.09
C ILE Q 30 -32.83 5.65 5.71
N TYR Q 31 -31.99 6.08 4.77
CA TYR Q 31 -32.07 7.44 4.26
C TYR Q 31 -33.47 7.76 3.78
N ARG Q 32 -34.14 6.79 3.16
CA ARG Q 32 -35.54 6.99 2.79
C ARG Q 32 -36.39 7.27 4.01
N PHE Q 33 -36.21 6.46 5.06
CA PHE Q 33 -36.89 6.75 6.32
C PHE Q 33 -36.42 8.06 6.90
N LEU Q 34 -35.11 8.32 6.84
CA LEU Q 34 -34.55 9.49 7.48
C LEU Q 34 -35.14 10.77 6.90
N ARG Q 35 -35.19 10.86 5.57
CA ARG Q 35 -35.68 12.08 4.94
C ARG Q 35 -37.11 12.37 5.34
N THR Q 36 -37.91 11.32 5.50
CA THR Q 36 -39.27 11.52 5.98
C THR Q 36 -39.26 12.15 7.36
N ARG Q 37 -38.53 11.56 8.29
CA ARG Q 37 -38.50 12.10 9.64
C ARG Q 37 -37.65 13.35 9.73
N ASN Q 38 -36.48 13.37 9.10
CA ASN Q 38 -35.56 14.48 9.30
C ASN Q 38 -36.13 15.77 8.77
N LEU Q 39 -36.74 15.73 7.58
CA LEU Q 39 -37.34 16.93 7.03
C LEU Q 39 -38.55 17.38 7.84
N ILE Q 40 -39.07 16.54 8.71
CA ILE Q 40 -40.11 16.93 9.65
C ILE Q 40 -39.54 17.13 11.04
N ALA Q 41 -38.78 16.15 11.53
CA ALA Q 41 -38.10 16.29 12.81
C ALA Q 41 -36.63 16.52 12.52
N PRO Q 42 -36.19 17.77 12.44
CA PRO Q 42 -34.82 18.07 12.02
C PRO Q 42 -33.81 17.75 13.11
N ILE Q 43 -32.56 17.59 12.67
CA ILE Q 43 -31.42 17.50 13.57
C ILE Q 43 -30.65 18.80 13.44
N PHE Q 44 -30.79 19.45 12.29
CA PHE Q 44 -30.13 20.72 12.02
C PHE Q 44 -30.80 21.35 10.82
N LEU Q 45 -30.77 22.68 10.76
CA LEU Q 45 -31.40 23.41 9.67
C LEU Q 45 -30.54 23.41 8.43
N HIS Q 46 -31.18 23.72 7.31
CA HIS Q 46 -30.44 23.92 6.07
C HIS Q 46 -30.32 25.38 5.68
N ARG Q 47 -30.75 26.31 6.53
CA ARG Q 47 -30.43 27.70 6.32
C ARG Q 47 -29.30 28.18 7.22
N THR Q 48 -28.55 27.24 7.80
CA THR Q 48 -27.38 27.57 8.60
C THR Q 48 -26.07 27.25 7.92
N LEU Q 49 -26.06 26.46 6.85
CA LEU Q 49 -24.85 26.24 6.09
C LEU Q 49 -24.37 27.54 5.46
N THR Q 50 -23.05 27.78 5.54
CA THR Q 50 -22.46 28.77 4.66
C THR Q 50 -22.57 28.35 3.21
N TYR Q 51 -23.26 27.25 2.95
CA TYR Q 51 -23.36 26.67 1.62
C TYR Q 51 -24.66 27.07 0.96
N MET Q 52 -25.73 27.15 1.76
CA MET Q 52 -27.04 27.64 1.34
C MET Q 52 -27.26 29.05 1.84
N SER Q 53 -26.20 29.86 1.88
CA SER Q 53 -26.24 31.16 2.54
C SER Q 53 -27.33 32.06 2.00
N HIS Q 54 -27.72 31.88 0.74
CA HIS Q 54 -28.84 32.64 0.18
C HIS Q 54 -30.08 32.52 1.05
N ARG Q 55 -30.28 31.37 1.66
CA ARG Q 55 -31.37 31.22 2.61
C ARG Q 55 -31.12 32.09 3.83
N ASN Q 56 -32.11 32.92 4.16
CA ASN Q 56 -32.02 33.87 5.28
C ASN Q 56 -30.76 34.72 5.17
N SER Q 57 -30.42 35.08 3.94
CA SER Q 57 -29.19 35.81 3.66
C SER Q 57 -29.19 37.22 4.23
N ARG Q 58 -30.34 37.70 4.69
CA ARG Q 58 -30.46 39.08 5.15
C ARG Q 58 -29.64 39.31 6.41
N THR Q 59 -29.16 40.54 6.57
CA THR Q 59 -28.29 40.88 7.68
C THR Q 59 -29.10 41.08 8.96
N ASN Q 60 -28.51 40.65 10.07
CA ASN Q 60 -29.16 40.78 11.39
C ASN Q 60 -29.07 42.23 11.82
N ILE Q 61 -30.06 43.02 11.42
CA ILE Q 61 -30.12 44.43 11.79
C ILE Q 61 -30.79 44.48 13.16
N LYS Q 62 -29.99 44.24 14.19
CA LYS Q 62 -30.49 44.15 15.56
C LYS Q 62 -30.84 45.51 16.14
N ARG Q 63 -30.52 46.60 15.45
CA ARG Q 63 -30.84 47.93 15.94
C ARG Q 63 -32.35 48.13 16.08
N LYS Q 64 -33.15 47.32 15.42
CA LYS Q 64 -34.60 47.44 15.49
C LYS Q 64 -35.09 47.16 16.91
N THR Q 65 -35.86 48.08 17.47
CA THR Q 65 -36.44 47.90 18.79
C THR Q 65 -37.73 47.10 18.68
N PHE Q 66 -38.21 46.63 19.83
CA PHE Q 66 -39.35 45.74 19.87
C PHE Q 66 -40.46 46.18 20.81
N LYS Q 67 -40.34 47.35 21.42
CA LYS Q 67 -41.44 47.87 22.23
C LYS Q 67 -42.70 48.09 21.41
N VAL Q 68 -42.55 48.28 20.09
CA VAL Q 68 -43.69 48.50 19.23
C VAL Q 68 -44.48 47.24 18.96
N ASP Q 69 -44.07 46.11 19.54
CA ASP Q 69 -44.78 44.85 19.30
C ASP Q 69 -46.25 44.98 19.66
N ASP Q 70 -46.54 45.49 20.86
CA ASP Q 70 -47.93 45.74 21.24
C ASP Q 70 -48.54 46.81 20.35
N MET Q 71 -47.77 47.85 20.04
CA MET Q 71 -48.23 48.84 19.08
C MET Q 71 -48.48 48.21 17.72
N LEU Q 72 -47.58 47.34 17.27
CA LEU Q 72 -47.78 46.71 15.96
C LEU Q 72 -48.85 45.64 16.02
N SER Q 73 -48.86 44.83 17.08
CA SER Q 73 -49.85 43.75 17.17
C SER Q 73 -51.26 44.32 17.25
N LYS Q 74 -51.44 45.40 18.00
CA LYS Q 74 -52.77 46.00 18.08
C LYS Q 74 -53.23 46.55 16.74
N VAL Q 75 -52.29 46.87 15.84
CA VAL Q 75 -52.67 47.44 14.54
C VAL Q 75 -53.56 46.47 13.77
N GLU Q 76 -53.28 45.18 13.89
CA GLU Q 76 -54.08 44.21 13.16
C GLU Q 76 -55.39 43.86 13.87
N LYS Q 77 -55.55 44.29 15.12
CA LYS Q 77 -56.70 43.84 15.90
C LYS Q 77 -58.01 44.35 15.31
N MET Q 78 -58.13 45.66 15.09
CA MET Q 78 -59.36 46.14 14.46
C MET Q 78 -59.37 45.82 12.98
N LYS Q 79 -58.20 45.64 12.36
CA LYS Q 79 -58.15 45.17 10.99
C LYS Q 79 -58.69 43.75 10.89
N GLY Q 80 -58.32 42.88 11.84
CA GLY Q 80 -58.78 41.52 11.84
C GLY Q 80 -59.92 41.26 12.81
N GLU Q 81 -60.60 42.32 13.24
CA GLU Q 81 -61.68 42.19 14.21
C GLU Q 81 -62.83 41.38 13.63
N GLN Q 82 -63.06 40.20 14.18
CA GLN Q 82 -64.11 39.30 13.71
C GLN Q 82 -65.38 39.46 14.55
N GLU Q 83 -66.42 38.78 14.11
CA GLU Q 83 -67.70 38.82 14.80
C GLU Q 83 -68.48 37.56 14.45
N SER Q 84 -69.47 37.25 15.27
CA SER Q 84 -70.27 36.05 15.09
C SER Q 84 -71.70 36.32 15.51
N HIS Q 85 -72.63 35.56 14.94
CA HIS Q 85 -74.04 35.70 15.27
C HIS Q 85 -74.40 34.85 16.48
N SER Q 86 -75.57 35.12 17.05
CA SER Q 86 -76.06 34.38 18.21
C SER Q 86 -77.49 33.90 17.99
N HIS Q 90 -76.26 31.58 19.92
CA HIS Q 90 -77.53 30.86 19.93
C HIS Q 90 -77.91 30.39 18.54
N LEU Q 91 -77.29 29.29 18.12
CA LEU Q 91 -77.48 28.78 16.78
C LEU Q 91 -78.87 28.16 16.62
N GLN Q 92 -79.42 28.30 15.42
CA GLN Q 92 -80.74 27.75 15.12
C GLN Q 92 -80.68 27.07 13.76
N LEU Q 93 -81.68 26.22 13.50
CA LEU Q 93 -81.70 25.46 12.26
C LEU Q 93 -83.08 24.84 12.08
N THR Q 94 -83.55 24.83 10.83
CA THR Q 94 -84.82 24.22 10.49
C THR Q 94 -84.59 22.77 10.04
N PHE Q 95 -85.67 22.11 9.65
CA PHE Q 95 -85.65 20.70 9.31
C PHE Q 95 -86.17 20.50 7.89
N THR Q 96 -85.50 19.62 7.15
CA THR Q 96 -85.90 19.26 5.79
C THR Q 96 -85.83 17.75 5.65
N GLY Q 97 -86.64 17.22 4.72
CA GLY Q 97 -86.84 15.79 4.59
C GLY Q 97 -85.59 14.95 4.37
N PHE Q 98 -85.45 13.88 5.14
CA PHE Q 98 -84.36 12.93 4.93
C PHE Q 98 -84.58 12.14 3.65
N PHE Q 99 -83.48 11.76 3.01
CA PHE Q 99 -83.52 11.02 1.75
C PHE Q 99 -82.63 9.80 1.85
N HIS Q 100 -83.20 8.63 1.57
CA HIS Q 100 -82.44 7.39 1.47
C HIS Q 100 -83.28 6.36 0.74
N LYS Q 101 -82.59 5.44 0.06
CA LYS Q 101 -83.24 4.38 -0.68
C LYS Q 101 -83.72 3.27 0.25
N VAL Q 116 -87.27 6.25 10.83
CA VAL Q 116 -86.58 6.20 12.09
C VAL Q 116 -86.23 7.62 12.55
N THR Q 117 -86.48 7.89 13.83
CA THR Q 117 -86.17 9.20 14.39
C THR Q 117 -84.67 9.46 14.38
N LEU Q 118 -84.31 10.74 14.45
CA LEU Q 118 -82.92 11.15 14.46
C LEU Q 118 -82.54 11.66 15.85
N GLU Q 119 -81.31 11.38 16.24
CA GLU Q 119 -80.77 11.81 17.52
C GLU Q 119 -79.49 12.60 17.29
N VAL Q 120 -79.40 13.75 17.95
CA VAL Q 120 -78.30 14.67 17.73
C VAL Q 120 -77.60 14.94 19.05
N LEU Q 121 -76.28 14.90 19.03
CA LEU Q 121 -75.46 15.06 20.22
C LEU Q 121 -74.33 16.04 19.93
N LEU Q 122 -74.02 16.87 20.93
CA LEU Q 122 -72.93 17.83 20.86
C LEU Q 122 -71.73 17.30 21.64
N VAL Q 123 -70.59 17.21 20.97
CA VAL Q 123 -69.38 16.67 21.57
C VAL Q 123 -68.36 17.78 21.73
N LYS Q 124 -67.60 17.73 22.81
CA LYS Q 124 -66.74 18.84 23.21
C LYS Q 124 -65.31 18.32 23.27
N VAL Q 125 -64.50 18.73 22.30
CA VAL Q 125 -63.12 18.29 22.15
C VAL Q 125 -62.22 19.22 22.95
N CYS Q 126 -61.17 18.65 23.54
CA CYS Q 126 -60.23 19.40 24.36
C CYS Q 126 -58.81 19.15 23.90
N HIS Q 127 -57.89 19.97 24.39
CA HIS Q 127 -56.48 19.79 24.07
C HIS Q 127 -55.86 18.70 24.92
N LYS Q 128 -54.57 18.48 24.72
CA LYS Q 128 -53.82 17.48 25.47
C LYS Q 128 -53.21 18.08 26.73
N LYS Q 129 -53.26 17.31 27.81
CA LYS Q 129 -52.74 17.75 29.10
C LYS Q 129 -51.47 16.98 29.44
N ARG Q 130 -50.99 17.19 30.66
CA ARG Q 130 -49.75 16.55 31.09
C ARG Q 130 -49.95 15.07 31.38
N LYS Q 131 -51.02 14.72 32.09
CA LYS Q 131 -51.16 13.37 32.61
C LYS Q 131 -51.94 12.44 31.71
N ASP Q 132 -52.82 12.98 30.86
CA ASP Q 132 -53.63 12.15 29.99
C ASP Q 132 -52.76 11.48 28.92
N VAL Q 133 -53.31 10.42 28.33
CA VAL Q 133 -52.62 9.68 27.28
C VAL Q 133 -53.06 10.21 25.93
N SER Q 134 -54.28 10.72 25.87
CA SER Q 134 -54.83 11.28 24.63
C SER Q 134 -55.89 12.29 24.98
N CYS Q 135 -56.24 13.12 24.00
CA CYS Q 135 -57.22 14.17 24.22
C CYS Q 135 -58.61 13.57 24.36
N PRO Q 136 -59.31 13.79 25.47
CA PRO Q 136 -60.66 13.29 25.62
C PRO Q 136 -61.70 14.28 25.11
N ILE Q 137 -62.90 13.75 24.88
CA ILE Q 137 -64.04 14.52 24.42
C ILE Q 137 -65.26 14.12 25.25
N ARG Q 138 -65.98 15.13 25.75
CA ARG Q 138 -67.18 14.91 26.54
C ARG Q 138 -68.41 15.35 25.76
N GLN Q 139 -69.54 14.76 26.12
CA GLN Q 139 -70.73 14.74 25.28
C GLN Q 139 -71.94 15.23 26.05
N VAL Q 140 -72.83 15.94 25.37
CA VAL Q 140 -74.07 16.40 25.97
C VAL Q 140 -75.22 16.13 25.02
N PRO Q 141 -76.40 15.76 25.53
CA PRO Q 141 -77.56 15.46 24.66
C PRO Q 141 -78.17 16.74 24.10
N THR Q 142 -77.60 17.21 23.00
CA THR Q 142 -77.99 18.49 22.46
C THR Q 142 -79.40 18.51 21.89
N GLY Q 143 -80.05 17.37 21.76
CA GLY Q 143 -81.43 17.32 21.34
C GLY Q 143 -81.73 16.05 20.57
N LYS Q 144 -82.89 16.05 19.93
CA LYS Q 144 -83.37 14.94 19.13
C LYS Q 144 -84.68 15.35 18.47
N LYS Q 145 -85.05 14.64 17.41
CA LYS Q 145 -86.28 14.93 16.69
C LYS Q 145 -86.68 13.73 15.86
N GLN Q 146 -87.98 13.48 15.78
CA GLN Q 146 -88.51 12.40 14.95
C GLN Q 146 -88.39 12.77 13.49
N VAL Q 147 -87.48 12.11 12.77
CA VAL Q 147 -87.35 12.29 11.34
C VAL Q 147 -88.18 11.20 10.65
N PRO Q 148 -89.06 11.55 9.72
CA PRO Q 148 -89.88 10.54 9.05
C PRO Q 148 -89.04 9.57 8.24
N LEU Q 149 -89.69 8.48 7.82
CA LEU Q 149 -89.03 7.40 7.10
C LEU Q 149 -88.78 7.86 5.67
N ASN Q 150 -87.66 8.57 5.49
CA ASN Q 150 -87.27 9.17 4.22
C ASN Q 150 -88.40 9.99 3.62
N PRO Q 151 -88.71 11.15 4.20
CA PRO Q 151 -89.74 12.03 3.62
C PRO Q 151 -89.20 12.79 2.42
N ASP Q 152 -89.64 12.41 1.23
CA ASP Q 152 -89.13 13.03 0.01
C ASP Q 152 -89.83 14.36 -0.29
N LEU Q 153 -91.15 14.30 -0.50
CA LEU Q 153 -91.91 15.48 -0.89
C LEU Q 153 -93.33 15.34 -0.36
N ASN Q 154 -93.94 16.48 -0.04
CA ASN Q 154 -95.33 16.54 0.43
C ASN Q 154 -95.55 15.70 1.68
N GLN Q 155 -94.55 15.63 2.56
CA GLN Q 155 -94.68 14.82 3.76
C GLN Q 155 -95.58 15.48 4.79
N THR Q 156 -95.44 16.79 4.98
CA THR Q 156 -96.21 17.51 5.99
C THR Q 156 -96.17 19.00 5.66
N LYS Q 157 -96.75 19.80 6.55
CA LYS Q 157 -96.81 21.24 6.38
C LYS Q 157 -95.67 21.94 7.12
N PRO Q 162 -90.84 23.13 8.77
CA PRO Q 162 -92.03 23.14 9.62
C PRO Q 162 -91.67 23.10 11.11
N SER Q 163 -90.46 22.64 11.40
CA SER Q 163 -89.99 22.52 12.77
C SER Q 163 -88.62 23.16 12.90
N LEU Q 164 -88.33 23.69 14.09
CA LEU Q 164 -87.12 24.44 14.37
C LEU Q 164 -86.43 23.88 15.60
N ALA Q 165 -85.11 23.82 15.56
CA ALA Q 165 -84.29 23.42 16.70
C ALA Q 165 -83.49 24.61 17.20
N VAL Q 166 -83.55 24.85 18.51
CA VAL Q 166 -82.98 26.03 19.14
C VAL Q 166 -81.79 25.61 19.97
N SER Q 167 -80.72 26.40 19.90
CA SER Q 167 -79.55 26.20 20.74
C SER Q 167 -79.26 27.48 21.51
N SER Q 168 -78.78 27.33 22.75
CA SER Q 168 -78.43 28.46 23.58
C SER Q 168 -76.95 28.79 23.41
N ASN Q 169 -76.41 29.63 24.30
CA ASN Q 169 -75.00 29.98 24.27
C ASN Q 169 -74.17 28.90 24.95
N GLU Q 170 -74.38 27.64 24.57
CA GLU Q 170 -73.58 26.55 25.13
C GLU Q 170 -72.11 26.71 24.73
N PHE Q 171 -71.86 27.11 23.50
CA PHE Q 171 -70.52 27.49 23.09
C PHE Q 171 -70.01 28.62 23.97
N GLU Q 172 -68.74 28.55 24.34
CA GLU Q 172 -68.19 29.53 25.26
C GLU Q 172 -66.72 29.79 24.96
N PRO Q 173 -66.37 31.01 24.55
CA PRO Q 173 -64.96 31.31 24.27
C PRO Q 173 -64.05 31.09 25.47
N SER Q 174 -64.52 31.45 26.67
CA SER Q 174 -63.72 31.19 27.87
C SER Q 174 -63.57 29.69 28.10
N ASN Q 175 -64.64 28.92 27.92
CA ASN Q 175 -64.53 27.47 27.98
C ASN Q 175 -63.65 26.95 26.84
N SER Q 176 -63.82 27.50 25.63
CA SER Q 176 -63.02 27.07 24.50
C SER Q 176 -61.57 27.54 24.60
N HIS Q 177 -61.26 28.41 25.56
CA HIS Q 177 -59.90 28.93 25.68
C HIS Q 177 -58.90 27.81 25.95
N MET Q 178 -59.28 26.86 26.79
CA MET Q 178 -58.40 25.77 27.19
C MET Q 178 -58.84 24.42 26.66
N VAL Q 179 -59.78 24.38 25.72
CA VAL Q 179 -60.20 23.14 25.08
C VAL Q 179 -60.25 23.36 23.58
N LYS Q 180 -60.27 22.26 22.85
CA LYS Q 180 -60.41 22.36 21.41
C LYS Q 180 -61.81 22.85 21.05
N SER Q 181 -61.98 23.19 19.77
CA SER Q 181 -63.30 23.58 19.29
C SER Q 181 -64.26 22.40 19.37
N TYR Q 182 -65.53 22.72 19.62
CA TYR Q 182 -66.54 21.69 19.75
C TYR Q 182 -66.76 21.00 18.40
N SER Q 183 -67.43 19.86 18.45
CA SER Q 183 -67.91 19.20 17.25
C SER Q 183 -69.32 18.68 17.56
N LEU Q 184 -69.90 17.95 16.61
CA LEU Q 184 -71.26 17.46 16.78
C LEU Q 184 -71.43 16.14 16.06
N LEU Q 185 -72.36 15.33 16.56
CA LEU Q 185 -72.58 13.97 16.10
C LEU Q 185 -74.04 13.77 15.72
N PHE Q 186 -74.29 12.90 14.74
CA PHE Q 186 -75.63 12.55 14.30
C PHE Q 186 -75.84 11.04 14.38
N ARG Q 187 -77.04 10.64 14.79
CA ARG Q 187 -77.48 9.25 14.74
C ARG Q 187 -78.95 9.21 14.37
N VAL Q 188 -79.37 8.10 13.79
CA VAL Q 188 -80.77 7.91 13.42
C VAL Q 188 -81.36 6.71 14.13
N PHE Q 229 -75.91 3.77 12.08
CA PHE Q 229 -76.45 5.07 11.70
C PHE Q 229 -75.72 6.19 12.43
N VAL Q 230 -74.68 6.74 11.80
CA VAL Q 230 -73.80 7.71 12.43
C VAL Q 230 -73.49 8.86 11.49
N ALA Q 231 -73.07 9.98 12.07
CA ALA Q 231 -72.54 11.13 11.33
C ALA Q 231 -71.92 12.09 12.33
N GLN Q 232 -70.95 12.86 11.86
CA GLN Q 232 -70.21 13.80 12.68
C GLN Q 232 -70.13 15.14 11.96
N MET Q 233 -70.01 16.21 12.75
CA MET Q 233 -69.78 17.53 12.18
C MET Q 233 -69.09 18.39 13.23
N THR Q 234 -68.26 19.32 12.78
CA THR Q 234 -67.50 20.20 13.66
C THR Q 234 -67.88 21.65 13.38
N VAL Q 235 -67.83 22.48 14.43
CA VAL Q 235 -68.40 23.81 14.38
C VAL Q 235 -67.35 24.88 14.11
N PHE Q 236 -66.22 24.85 14.81
CA PHE Q 236 -65.29 25.96 14.80
C PHE Q 236 -63.88 25.45 14.52
N ASP Q 237 -63.00 26.38 14.13
CA ASP Q 237 -61.64 26.06 13.75
C ASP Q 237 -60.66 26.96 14.50
N LYS Q 238 -59.40 26.54 14.50
CA LYS Q 238 -58.35 27.30 15.17
C LYS Q 238 -58.12 28.66 14.54
N ASN Q 239 -58.67 28.89 13.35
CA ASN Q 239 -58.55 30.17 12.67
C ASN Q 239 -59.39 31.26 13.30
N ARG Q 240 -60.08 30.97 14.41
CA ARG Q 240 -60.96 31.95 15.06
C ARG Q 240 -62.07 32.42 14.13
N ARG Q 241 -62.47 31.55 13.20
CA ARG Q 241 -63.55 31.81 12.27
C ARG Q 241 -64.54 30.67 12.32
N LEU Q 242 -65.83 31.00 12.21
CA LEU Q 242 -66.85 29.96 12.22
C LEU Q 242 -66.78 29.14 10.96
N GLN Q 243 -66.83 27.82 11.12
CA GLN Q 243 -66.77 26.94 9.96
C GLN Q 243 -68.08 26.91 9.18
N LEU Q 244 -69.15 27.44 9.76
CA LEU Q 244 -70.48 27.36 9.16
C LEU Q 244 -71.07 28.74 9.01
N LEU Q 245 -72.22 28.80 8.34
CA LEU Q 245 -72.91 30.06 8.05
C LEU Q 245 -74.32 29.74 7.61
N ASP Q 246 -75.07 30.79 7.27
CA ASP Q 246 -76.51 30.71 7.06
C ASP Q 246 -76.89 29.86 5.84
N GLY Q 247 -75.93 29.28 5.13
CA GLY Q 247 -76.25 28.52 3.94
C GLY Q 247 -76.96 27.22 4.26
N GLU Q 248 -77.68 26.72 3.25
CA GLU Q 248 -78.38 25.45 3.38
C GLU Q 248 -77.38 24.31 3.54
N TYR Q 249 -77.79 23.28 4.27
CA TYR Q 249 -76.92 22.18 4.61
C TYR Q 249 -77.54 20.85 4.23
N GLU Q 250 -76.83 20.08 3.40
CA GLU Q 250 -77.24 18.74 2.98
C GLU Q 250 -76.19 17.78 3.51
N VAL Q 251 -76.36 17.34 4.75
CA VAL Q 251 -75.35 16.58 5.47
C VAL Q 251 -75.66 15.09 5.35
N ALA Q 252 -74.68 14.34 4.87
CA ALA Q 252 -74.81 12.89 4.78
C ALA Q 252 -74.65 12.25 6.16
N MET Q 253 -74.74 10.93 6.18
CA MET Q 253 -74.55 10.21 7.44
C MET Q 253 -74.17 8.77 7.13
N GLN Q 254 -73.27 8.22 7.94
CA GLN Q 254 -72.80 6.86 7.78
C GLN Q 254 -73.59 5.92 8.68
N GLU Q 255 -73.17 4.66 8.77
CA GLU Q 255 -73.81 3.69 9.62
C GLU Q 255 -72.75 2.90 10.37
N MET Q 256 -72.96 2.72 11.67
CA MET Q 256 -71.94 2.17 12.57
C MET Q 256 -70.56 2.77 12.33
N GLN Q 285 -75.87 9.86 -2.65
CA GLN Q 285 -74.67 9.17 -2.21
C GLN Q 285 -74.80 8.72 -0.76
N GLY Q 286 -75.60 7.68 -0.54
CA GLY Q 286 -75.84 7.17 0.79
C GLY Q 286 -76.88 7.99 1.53
N PRO Q 287 -77.24 7.56 2.73
CA PRO Q 287 -78.23 8.31 3.52
C PRO Q 287 -77.72 9.70 3.87
N THR Q 288 -78.64 10.66 3.88
CA THR Q 288 -78.27 12.07 3.99
C THR Q 288 -79.46 12.86 4.54
N LEU Q 289 -79.16 13.88 5.34
CA LEU Q 289 -80.17 14.80 5.86
C LEU Q 289 -79.95 16.20 5.31
N GLN Q 290 -81.05 16.89 5.05
CA GLN Q 290 -81.03 18.26 4.53
C GLN Q 290 -81.59 19.20 5.58
N PHE Q 291 -81.02 20.39 5.67
CA PHE Q 291 -81.50 21.44 6.55
C PHE Q 291 -80.76 22.73 6.20
N THR Q 292 -80.95 23.76 7.02
CA THR Q 292 -80.20 25.01 6.86
C THR Q 292 -79.96 25.61 8.22
N LEU Q 293 -79.11 26.62 8.25
CA LEU Q 293 -78.68 27.29 9.47
C LEU Q 293 -79.58 28.48 9.78
N ARG Q 294 -79.71 28.79 11.06
CA ARG Q 294 -80.40 29.99 11.52
C ARG Q 294 -79.69 30.51 12.76
N TRP Q 295 -80.04 31.74 13.16
CA TRP Q 295 -79.37 32.36 14.30
C TRP Q 295 -80.34 33.08 15.23
N THR Q 296 -81.63 32.75 15.18
CA THR Q 296 -82.63 33.37 16.06
C THR Q 296 -82.41 33.03 17.53
N LEU Q 360 -24.75 21.49 -15.53
CA LEU Q 360 -24.85 20.36 -16.45
C LEU Q 360 -25.08 19.02 -15.75
N ARG Q 361 -25.65 18.08 -16.50
CA ARG Q 361 -25.96 16.70 -16.06
C ARG Q 361 -24.76 15.94 -15.49
N ILE Q 362 -25.04 15.09 -14.52
CA ILE Q 362 -24.08 14.26 -13.79
C ILE Q 362 -24.47 12.79 -13.85
N PHE Q 363 -23.52 11.92 -14.16
CA PHE Q 363 -23.76 10.49 -14.32
C PHE Q 363 -23.47 9.73 -13.02
N TYR Q 364 -24.46 9.06 -12.45
CA TYR Q 364 -24.41 8.47 -11.11
C TYR Q 364 -23.85 7.07 -11.22
N GLN Q 365 -22.56 6.89 -10.99
CA GLN Q 365 -21.88 5.62 -11.06
C GLN Q 365 -21.87 4.90 -9.71
N PHE Q 366 -21.93 3.57 -9.74
CA PHE Q 366 -21.99 2.72 -8.57
C PHE Q 366 -21.14 1.48 -8.85
N LEU Q 367 -20.34 1.07 -7.86
CA LEU Q 367 -19.37 0.00 -8.07
C LEU Q 367 -19.44 -1.02 -6.94
N TYR Q 368 -19.37 -2.29 -7.34
CA TYR Q 368 -19.23 -3.42 -6.42
C TYR Q 368 -18.04 -4.22 -6.92
N ASN Q 369 -16.85 -3.91 -6.39
CA ASN Q 369 -15.60 -4.55 -6.76
C ASN Q 369 -15.40 -4.60 -8.27
N ASN Q 370 -16.02 -3.67 -8.99
CA ASN Q 370 -15.97 -3.61 -10.45
C ASN Q 370 -16.52 -4.88 -11.09
N ASN Q 371 -17.13 -5.76 -10.29
CA ASN Q 371 -17.77 -6.94 -10.86
C ASN Q 371 -18.96 -6.53 -11.71
N THR Q 372 -19.76 -5.61 -11.22
CA THR Q 372 -20.92 -5.08 -11.92
C THR Q 372 -21.14 -3.63 -11.51
N ARG Q 373 -21.48 -2.80 -12.48
CA ARG Q 373 -21.65 -1.38 -12.24
C ARG Q 373 -22.93 -0.91 -12.91
N GLN Q 374 -23.59 0.05 -12.28
CA GLN Q 374 -24.79 0.65 -12.83
C GLN Q 374 -24.64 2.16 -12.82
N GLN Q 375 -25.05 2.79 -13.91
CA GLN Q 375 -24.94 4.22 -14.11
C GLN Q 375 -26.33 4.83 -14.32
N THR Q 376 -26.78 5.71 -13.43
CA THR Q 376 -28.05 6.40 -13.57
C THR Q 376 -27.79 7.86 -13.88
N GLU Q 377 -28.58 8.42 -14.79
CA GLU Q 377 -28.33 9.75 -15.30
C GLU Q 377 -28.90 10.80 -14.35
N ALA Q 378 -28.48 12.05 -14.54
CA ALA Q 378 -28.91 13.15 -13.70
C ALA Q 378 -30.35 13.53 -14.03
N ARG Q 379 -31.27 13.19 -13.15
CA ARG Q 379 -32.66 13.61 -13.28
C ARG Q 379 -32.69 15.09 -12.92
N ASP Q 380 -32.21 15.91 -13.87
CA ASP Q 380 -31.92 17.33 -13.68
C ASP Q 380 -30.74 17.49 -12.73
N ASP Q 381 -29.96 18.55 -12.94
CA ASP Q 381 -28.74 18.75 -12.17
C ASP Q 381 -28.99 19.56 -10.90
N LEU Q 382 -27.92 19.71 -10.10
CA LEU Q 382 -27.94 20.48 -8.87
C LEU Q 382 -29.06 20.04 -7.93
N HIS Q 383 -29.46 18.78 -8.03
CA HIS Q 383 -30.54 18.25 -7.24
C HIS Q 383 -30.08 17.02 -6.49
N CYS Q 384 -30.56 16.86 -5.26
CA CYS Q 384 -30.16 15.74 -4.44
C CYS Q 384 -31.14 14.60 -4.58
N PRO Q 385 -30.73 13.44 -5.09
CA PRO Q 385 -31.62 12.28 -5.06
C PRO Q 385 -31.95 11.81 -3.66
N TRP Q 386 -31.04 11.96 -2.70
CA TRP Q 386 -31.25 11.40 -1.35
C TRP Q 386 -31.97 12.37 -0.43
N CYS Q 387 -31.34 13.49 -0.12
CA CYS Q 387 -31.95 14.44 0.80
C CYS Q 387 -32.82 15.45 0.08
N THR Q 388 -33.00 15.29 -1.23
CA THR Q 388 -33.95 16.09 -2.01
C THR Q 388 -33.67 17.58 -1.91
N LEU Q 389 -32.40 17.96 -1.91
CA LEU Q 389 -32.02 19.34 -1.70
C LEU Q 389 -31.55 19.96 -3.01
N ASN Q 390 -32.02 21.18 -3.29
CA ASN Q 390 -31.55 21.98 -4.41
C ASN Q 390 -30.26 22.71 -4.01
N CYS Q 391 -29.15 22.01 -4.15
CA CYS Q 391 -27.86 22.60 -3.80
C CYS Q 391 -27.57 23.84 -4.63
N ARG Q 392 -27.89 23.79 -5.93
CA ARG Q 392 -27.72 24.91 -6.85
C ARG Q 392 -26.25 25.20 -7.12
N LYS Q 393 -25.35 24.51 -6.41
CA LYS Q 393 -23.92 24.73 -6.57
C LYS Q 393 -23.24 23.38 -6.62
N LEU Q 394 -22.28 23.22 -7.54
CA LEU Q 394 -21.47 22.02 -7.66
C LEU Q 394 -20.63 21.79 -6.41
N TYR Q 395 -20.13 22.85 -5.79
CA TYR Q 395 -19.39 22.71 -4.56
C TYR Q 395 -20.30 22.33 -3.41
N SER Q 396 -21.42 23.04 -3.28
CA SER Q 396 -22.40 22.67 -2.27
C SER Q 396 -22.92 21.25 -2.53
N LEU Q 397 -22.99 20.87 -3.80
CA LEU Q 397 -23.42 19.52 -4.14
C LEU Q 397 -22.50 18.48 -3.52
N LEU Q 398 -21.20 18.62 -3.75
CA LEU Q 398 -20.26 17.60 -3.28
C LEU Q 398 -20.30 17.47 -1.78
N LYS Q 399 -20.32 18.59 -1.06
CA LYS Q 399 -20.41 18.52 0.39
C LYS Q 399 -21.72 17.86 0.81
N HIS Q 400 -22.84 18.38 0.30
CA HIS Q 400 -24.13 17.82 0.70
C HIS Q 400 -24.21 16.35 0.35
N LEU Q 401 -23.56 15.95 -0.73
CA LEU Q 401 -23.36 14.53 -1.00
C LEU Q 401 -22.71 13.85 0.19
N LYS Q 402 -21.60 14.41 0.68
CA LYS Q 402 -20.79 13.70 1.65
C LYS Q 402 -21.44 13.68 3.03
N LEU Q 403 -21.66 14.86 3.60
CA LEU Q 403 -22.02 14.93 5.01
C LEU Q 403 -23.37 14.28 5.28
N CYS Q 404 -24.35 14.49 4.41
CA CYS Q 404 -25.72 14.11 4.70
C CYS Q 404 -25.90 12.60 4.79
N HIS Q 405 -25.05 11.84 4.13
CA HIS Q 405 -25.25 10.40 3.98
C HIS Q 405 -23.95 9.65 4.21
N SER Q 406 -23.31 9.94 5.35
CA SER Q 406 -21.96 9.48 5.61
C SER Q 406 -21.81 7.96 5.58
N ARG Q 407 -22.91 7.22 5.67
CA ARG Q 407 -22.77 5.76 5.63
C ARG Q 407 -22.30 5.23 4.26
N PHE Q 408 -21.96 6.11 3.32
CA PHE Q 408 -21.62 5.75 1.96
C PHE Q 408 -20.45 6.60 1.51
N ILE Q 409 -19.53 6.04 0.73
CA ILE Q 409 -18.40 6.86 0.31
C ILE Q 409 -18.73 7.47 -1.04
N PHE Q 410 -18.09 8.60 -1.33
CA PHE Q 410 -18.44 9.43 -2.47
C PHE Q 410 -17.18 9.92 -3.16
N ASN Q 411 -17.23 10.07 -4.48
CA ASN Q 411 -16.13 10.59 -5.28
C ASN Q 411 -16.65 11.40 -6.48
N TYR Q 412 -15.76 12.21 -7.05
CA TYR Q 412 -15.97 12.97 -8.29
C TYR Q 412 -14.85 12.68 -9.29
N VAL Q 413 -15.21 12.49 -10.55
CA VAL Q 413 -14.27 12.10 -11.62
C VAL Q 413 -14.41 12.89 -12.92
N TYR Q 414 -15.26 13.94 -12.91
CA TYR Q 414 -15.60 14.75 -14.09
C TYR Q 414 -16.29 13.96 -15.23
N HIS Q 415 -17.09 14.66 -16.04
CA HIS Q 415 -17.69 14.16 -17.27
C HIS Q 415 -17.48 15.23 -18.35
N PRO Q 416 -17.53 14.93 -19.65
CA PRO Q 416 -17.58 15.96 -20.69
C PRO Q 416 -18.72 17.00 -20.48
N LYS Q 417 -19.79 16.60 -19.79
CA LYS Q 417 -20.85 17.49 -19.25
C LYS Q 417 -20.46 18.12 -17.90
N GLY Q 418 -19.21 18.55 -17.74
CA GLY Q 418 -18.63 19.12 -16.51
C GLY Q 418 -18.44 18.18 -15.32
N ALA Q 419 -19.22 17.09 -15.18
CA ALA Q 419 -19.27 16.33 -13.94
C ALA Q 419 -19.85 14.92 -14.09
N ARG Q 420 -19.19 13.90 -13.53
CA ARG Q 420 -19.70 12.53 -13.37
C ARG Q 420 -19.35 12.07 -11.95
N ILE Q 421 -20.29 11.40 -11.29
CA ILE Q 421 -20.25 11.06 -9.86
C ILE Q 421 -20.19 9.58 -9.65
N ASP Q 422 -19.13 9.07 -9.08
CA ASP Q 422 -19.00 7.67 -8.72
C ASP Q 422 -18.92 7.55 -7.19
N VAL Q 423 -19.71 6.66 -6.62
CA VAL Q 423 -19.87 6.59 -5.19
C VAL Q 423 -20.00 5.12 -4.79
N SER Q 424 -19.50 4.79 -3.59
CA SER Q 424 -19.48 3.41 -3.13
C SER Q 424 -19.82 3.34 -1.65
N ILE Q 425 -19.83 2.13 -1.12
CA ILE Q 425 -20.22 1.95 0.27
C ILE Q 425 -19.09 2.38 1.21
N ASN Q 426 -19.46 2.68 2.44
CA ASN Q 426 -18.49 3.02 3.48
C ASN Q 426 -18.16 1.73 4.23
N GLU Q 427 -17.10 1.05 3.78
CA GLU Q 427 -16.73 -0.23 4.37
C GLU Q 427 -16.33 -0.08 5.83
N CYS Q 428 -15.55 0.94 6.15
CA CYS Q 428 -15.06 1.17 7.51
C CYS Q 428 -15.84 2.28 8.20
N TYR Q 429 -17.16 2.32 7.97
CA TYR Q 429 -17.99 3.39 8.46
C TYR Q 429 -18.00 3.44 9.98
N ASP Q 430 -18.16 4.64 10.52
CA ASP Q 430 -18.17 4.84 11.96
C ASP Q 430 -19.40 4.22 12.63
N GLY Q 431 -20.38 3.78 11.86
CA GLY Q 431 -21.62 3.25 12.39
C GLY Q 431 -21.43 2.30 13.55
N SER Q 432 -21.89 2.71 14.72
CA SER Q 432 -21.65 2.01 15.98
C SER Q 432 -22.59 2.61 17.02
N TYR Q 433 -22.36 2.28 18.28
CA TYR Q 433 -23.01 3.00 19.37
C TYR Q 433 -22.08 4.07 19.91
N ALA Q 434 -22.66 5.15 20.42
CA ALA Q 434 -21.86 6.27 20.89
C ALA Q 434 -22.37 6.88 22.19
N GLY Q 435 -23.19 6.17 22.96
CA GLY Q 435 -23.59 6.66 24.26
C GLY Q 435 -22.80 6.03 25.38
N ASN Q 436 -23.49 5.40 26.31
CA ASN Q 436 -22.82 4.73 27.41
C ASN Q 436 -22.18 3.44 26.94
N PRO Q 437 -20.86 3.28 27.10
CA PRO Q 437 -20.24 2.00 26.76
C PRO Q 437 -20.80 0.84 27.57
N GLN Q 438 -21.19 1.08 28.82
CA GLN Q 438 -21.71 0.00 29.65
C GLN Q 438 -22.99 -0.58 29.07
N ASP Q 439 -23.82 0.25 28.44
CA ASP Q 439 -25.18 -0.15 28.09
C ASP Q 439 -25.22 -1.32 27.11
N ILE Q 440 -24.18 -1.49 26.30
CA ILE Q 440 -24.24 -2.47 25.21
C ILE Q 440 -24.51 -3.87 25.75
N HIS Q 441 -23.78 -4.26 26.79
CA HIS Q 441 -23.83 -5.64 27.22
C HIS Q 441 -24.95 -5.91 28.22
N ARG Q 442 -25.68 -4.88 28.64
CA ARG Q 442 -26.76 -5.08 29.59
C ARG Q 442 -27.92 -5.79 28.90
N GLN Q 443 -28.61 -6.63 29.66
CA GLN Q 443 -29.71 -7.42 29.11
C GLN Q 443 -30.85 -6.52 28.67
N PRO Q 444 -31.62 -6.92 27.66
CA PRO Q 444 -32.77 -6.13 27.24
C PRO Q 444 -33.85 -6.15 28.31
N GLY Q 445 -34.76 -5.20 28.21
CA GLY Q 445 -35.61 -4.84 29.30
C GLY Q 445 -34.97 -3.89 30.29
N PHE Q 446 -33.64 -3.75 30.21
CA PHE Q 446 -32.91 -2.73 30.92
C PHE Q 446 -31.88 -2.03 30.06
N ALA Q 447 -31.43 -2.65 28.97
CA ALA Q 447 -30.54 -1.97 28.03
C ALA Q 447 -31.24 -0.74 27.48
N PHE Q 448 -30.48 0.36 27.40
CA PHE Q 448 -31.05 1.66 27.05
C PHE Q 448 -32.19 2.00 28.01
N SER Q 449 -31.91 1.83 29.31
CA SER Q 449 -32.94 2.09 30.32
C SER Q 449 -33.50 3.49 30.16
N ARG Q 450 -32.63 4.49 30.08
CA ARG Q 450 -33.05 5.87 29.83
C ARG Q 450 -34.05 6.34 30.89
N ASN Q 451 -33.95 5.79 32.09
CA ASN Q 451 -34.93 6.08 33.13
C ASN Q 451 -34.31 6.33 34.49
N GLY Q 452 -32.98 6.35 34.59
CA GLY Q 452 -32.35 6.55 35.87
C GLY Q 452 -30.87 6.86 35.74
N PRO Q 453 -30.24 7.24 36.85
CA PRO Q 453 -28.81 7.52 36.83
C PRO Q 453 -27.99 6.30 36.47
N VAL Q 454 -26.88 6.53 35.78
CA VAL Q 454 -25.96 5.48 35.37
C VAL Q 454 -24.54 5.95 35.66
N LYS Q 455 -23.89 5.33 36.64
CA LYS Q 455 -22.52 5.68 36.96
C LYS Q 455 -21.59 5.26 35.83
N ARG Q 456 -20.71 6.15 35.43
CA ARG Q 456 -19.75 5.83 34.38
C ARG Q 456 -18.55 6.74 34.50
N THR Q 457 -17.45 6.32 33.91
CA THR Q 457 -16.21 7.08 33.99
C THR Q 457 -16.37 8.42 33.28
N PRO Q 458 -15.64 9.45 33.73
CA PRO Q 458 -15.70 10.75 33.06
C PRO Q 458 -14.81 10.77 31.83
N ILE Q 459 -15.37 11.19 30.71
CA ILE Q 459 -14.64 11.33 29.45
C ILE Q 459 -15.03 12.65 28.82
N THR Q 460 -14.05 13.33 28.24
CA THR Q 460 -14.27 14.61 27.60
C THR Q 460 -13.74 14.56 26.17
N HIS Q 461 -14.48 15.17 25.24
CA HIS Q 461 -14.01 15.32 23.89
C HIS Q 461 -14.20 16.76 23.42
N ILE Q 462 -13.28 17.21 22.59
CA ILE Q 462 -13.38 18.50 21.92
C ILE Q 462 -13.30 18.22 20.43
N LEU Q 463 -14.39 18.51 19.72
CA LEU Q 463 -14.45 18.21 18.30
C LEU Q 463 -14.23 19.41 17.41
N VAL Q 464 -14.18 20.61 17.97
CA VAL Q 464 -13.89 21.81 17.19
C VAL Q 464 -12.96 22.70 17.98
N CYS Q 465 -11.87 23.14 17.34
CA CYS Q 465 -11.03 24.19 17.88
C CYS Q 465 -11.39 25.55 17.28
N ARG Q 466 -11.42 25.65 15.96
CA ARG Q 466 -11.81 26.87 15.29
C ARG Q 466 -12.27 26.52 13.89
N PRO Q 467 -13.36 27.14 13.42
CA PRO Q 467 -13.82 26.88 12.05
C PRO Q 467 -12.85 27.43 11.03
N LYS Q 468 -12.47 26.60 10.06
CA LYS Q 468 -11.58 27.05 9.01
C LYS Q 468 -12.25 28.09 8.12
N ARG Q 469 -13.44 27.78 7.62
CA ARG Q 469 -14.25 28.69 6.81
C ARG Q 469 -13.44 29.28 5.66
N THR Q 470 -12.77 28.42 4.91
CA THR Q 470 -12.05 28.85 3.72
C THR Q 470 -13.03 29.11 2.58
N LYS Q 471 -12.48 29.33 1.38
CA LYS Q 471 -13.32 29.63 0.23
C LYS Q 471 -13.99 28.37 -0.33
N ALA Q 472 -14.78 28.56 -1.38
CA ALA Q 472 -15.69 27.52 -1.83
C ALA Q 472 -15.21 26.83 -3.11
N SER Q 473 -13.99 27.10 -3.56
CA SER Q 473 -13.49 26.54 -4.81
C SER Q 473 -13.58 25.02 -4.83
N MET Q 474 -14.02 24.46 -5.96
CA MET Q 474 -14.19 23.02 -6.05
C MET Q 474 -12.87 22.29 -5.92
N SER Q 475 -11.76 23.01 -6.11
CA SER Q 475 -10.45 22.42 -5.92
C SER Q 475 -10.24 21.95 -4.49
N GLU Q 476 -11.04 22.46 -3.55
CA GLU Q 476 -10.96 21.99 -2.17
C GLU Q 476 -11.15 20.49 -2.11
N PHE Q 477 -12.22 19.98 -2.72
CA PHE Q 477 -12.43 18.54 -2.75
C PHE Q 477 -11.59 17.88 -3.83
N LEU Q 478 -11.35 18.59 -4.94
CA LEU Q 478 -10.63 18.00 -6.06
C LEU Q 478 -9.23 17.57 -5.63
N GLU Q 479 -8.45 18.50 -5.06
CA GLU Q 479 -7.13 18.14 -4.58
C GLU Q 479 -7.20 17.18 -3.41
N SER Q 480 -8.26 17.28 -2.59
CA SER Q 480 -8.41 16.36 -1.47
C SER Q 480 -8.58 14.92 -1.96
N GLU Q 481 -9.31 14.73 -3.06
CA GLU Q 481 -9.56 13.37 -3.51
C GLU Q 481 -8.56 12.96 -4.60
N ASP Q 482 -8.21 13.87 -5.49
CA ASP Q 482 -7.21 13.58 -6.51
C ASP Q 482 -5.82 13.50 -5.88
N THR Q 490 -11.42 15.61 17.53
CA THR Q 490 -11.04 14.27 17.96
C THR Q 490 -10.22 14.31 19.23
N TYR Q 491 -10.21 15.47 19.89
CA TYR Q 491 -9.37 15.68 21.07
C TYR Q 491 -9.99 14.92 22.23
N SER Q 492 -9.81 13.60 22.21
CA SER Q 492 -10.31 12.77 23.29
C SER Q 492 -9.48 12.96 24.54
N SER Q 493 -10.06 12.55 25.66
CA SER Q 493 -9.38 12.63 26.95
C SER Q 493 -10.05 11.66 27.90
N GLY Q 494 -9.34 11.34 28.98
CA GLY Q 494 -9.92 10.40 29.92
C GLY Q 494 -9.88 8.98 29.38
N HIS Q 495 -10.69 8.13 30.02
CA HIS Q 495 -10.74 6.71 29.70
C HIS Q 495 -11.97 6.48 28.82
N ASN Q 496 -11.79 6.65 27.50
CA ASN Q 496 -12.93 6.72 26.60
C ASN Q 496 -13.58 5.35 26.40
N ARG Q 497 -12.85 4.41 25.83
CA ARG Q 497 -13.47 3.19 25.37
C ARG Q 497 -13.87 2.29 26.55
N LEU Q 498 -14.76 1.35 26.26
CA LEU Q 498 -15.22 0.41 27.27
C LEU Q 498 -14.08 -0.53 27.65
N TYR Q 499 -14.16 -1.09 28.86
CA TYR Q 499 -13.10 -1.95 29.36
C TYR Q 499 -13.63 -3.29 29.87
N PHE Q 500 -12.78 -4.05 30.55
CA PHE Q 500 -13.09 -5.43 30.86
C PHE Q 500 -12.28 -5.83 32.10
N HIS Q 501 -12.87 -6.66 32.96
CA HIS Q 501 -12.12 -7.21 34.07
C HIS Q 501 -11.08 -8.19 33.54
N SER Q 502 -9.81 -7.85 33.72
CA SER Q 502 -8.76 -8.65 33.11
C SER Q 502 -8.51 -9.91 33.92
N ASP Q 503 -9.58 -10.60 34.28
CA ASP Q 503 -9.49 -11.90 34.92
C ASP Q 503 -10.45 -12.93 34.36
N THR Q 504 -11.56 -12.52 33.75
CA THR Q 504 -12.50 -13.43 33.11
C THR Q 504 -13.03 -12.88 31.82
N CYS Q 505 -12.52 -11.74 31.35
CA CYS Q 505 -13.04 -11.01 30.19
C CYS Q 505 -14.46 -10.51 30.41
N LEU Q 506 -14.88 -10.41 31.65
CA LEU Q 506 -16.21 -9.86 31.91
C LEU Q 506 -16.19 -8.34 31.78
N PRO Q 507 -17.29 -7.76 31.31
CA PRO Q 507 -17.35 -6.30 31.16
C PRO Q 507 -17.12 -5.58 32.48
N LEU Q 508 -16.30 -4.53 32.42
CA LEU Q 508 -15.85 -3.83 33.62
C LEU Q 508 -16.76 -2.65 33.93
N ARG Q 509 -17.14 -2.52 35.21
CA ARG Q 509 -17.98 -1.43 35.67
C ARG Q 509 -17.14 -0.32 36.27
N PRO Q 510 -17.47 0.93 35.95
CA PRO Q 510 -16.71 2.06 36.51
C PRO Q 510 -16.81 2.16 38.02
N GLN Q 511 -17.80 1.51 38.63
CA GLN Q 511 -18.00 1.63 40.07
C GLN Q 511 -16.78 1.16 40.84
N GLU Q 512 -16.09 0.14 40.33
CA GLU Q 512 -15.00 -0.51 41.03
C GLU Q 512 -13.70 -0.49 40.23
N MET Q 513 -13.64 0.34 39.18
CA MET Q 513 -12.55 0.30 38.23
C MET Q 513 -11.17 0.51 38.85
N GLU Q 514 -11.09 0.86 40.14
CA GLU Q 514 -9.82 1.06 40.80
C GLU Q 514 -9.40 -0.14 41.65
N VAL Q 515 -10.24 -0.52 42.62
CA VAL Q 515 -9.90 -1.58 43.56
C VAL Q 515 -9.69 -2.92 42.88
N ASP Q 516 -10.18 -3.07 41.66
CA ASP Q 516 -10.12 -4.34 40.92
C ASP Q 516 -8.71 -4.58 40.36
N SER Q 517 -7.75 -4.66 41.28
CA SER Q 517 -6.37 -4.87 40.86
C SER Q 517 -6.20 -6.19 40.11
N GLU Q 518 -6.82 -7.25 40.63
CA GLU Q 518 -6.58 -8.62 40.18
C GLU Q 518 -5.11 -9.00 40.26
N ASP Q 519 -4.31 -8.26 41.03
CA ASP Q 519 -2.88 -8.49 41.15
C ASP Q 519 -2.45 -8.35 42.59
N GLU Q 520 -1.54 -9.22 42.99
CA GLU Q 520 -1.04 -9.34 44.35
C GLU Q 520 0.09 -10.37 44.35
N LYS Q 521 0.62 -10.64 45.54
CA LYS Q 521 1.87 -11.39 45.63
C LYS Q 521 1.68 -12.86 45.23
N ASP Q 522 0.68 -13.53 45.79
CA ASP Q 522 0.61 -14.98 45.57
C ASP Q 522 -0.79 -15.45 45.20
N PRO Q 523 -1.03 -15.81 43.95
CA PRO Q 523 -2.36 -16.30 43.56
C PRO Q 523 -2.66 -17.65 44.16
N GLU Q 524 -3.95 -17.94 44.26
CA GLU Q 524 -4.40 -19.14 44.97
C GLU Q 524 -3.85 -20.40 44.33
N TRP Q 525 -3.85 -20.46 43.00
CA TRP Q 525 -3.48 -21.69 42.32
C TRP Q 525 -2.02 -22.05 42.56
N LEU Q 526 -1.16 -21.05 42.69
CA LEU Q 526 0.25 -21.32 42.93
C LEU Q 526 0.45 -22.08 44.23
N ARG Q 527 -0.18 -21.62 45.31
CA ARG Q 527 0.04 -22.25 46.61
C ARG Q 527 -0.47 -23.68 46.62
N GLU Q 528 -1.58 -23.94 45.94
CA GLU Q 528 -2.11 -25.29 45.89
C GLU Q 528 -1.31 -26.18 44.96
N LYS Q 529 -0.90 -25.67 43.80
CA LYS Q 529 -0.16 -26.50 42.87
C LYS Q 529 1.16 -26.94 43.45
N THR Q 530 1.84 -26.06 44.19
CA THR Q 530 3.10 -26.46 44.79
C THR Q 530 2.89 -27.46 45.90
N ILE Q 531 1.80 -27.31 46.68
CA ILE Q 531 1.49 -28.29 47.71
C ILE Q 531 1.43 -29.68 47.10
N THR Q 532 0.74 -29.80 45.97
CA THR Q 532 0.75 -31.04 45.23
C THR Q 532 2.15 -31.39 44.75
N GLN Q 533 2.87 -30.38 44.24
CA GLN Q 533 4.24 -30.61 43.82
C GLN Q 533 5.10 -31.06 45.00
N ILE Q 534 4.82 -30.53 46.19
CA ILE Q 534 5.51 -30.97 47.38
C ILE Q 534 5.27 -32.45 47.60
N GLU Q 535 4.02 -32.88 47.55
CA GLU Q 535 3.69 -34.27 47.82
C GLU Q 535 4.30 -35.22 46.80
N GLU Q 536 4.72 -34.71 45.65
CA GLU Q 536 5.28 -35.57 44.61
C GLU Q 536 6.48 -36.35 45.11
N PHE Q 537 7.37 -35.69 45.83
CA PHE Q 537 8.61 -36.34 46.23
C PHE Q 537 8.35 -37.38 47.30
N SER Q 538 9.17 -38.43 47.30
CA SER Q 538 8.97 -39.54 48.22
C SER Q 538 9.79 -39.36 49.50
N ASP Q 539 11.11 -39.29 49.37
CA ASP Q 539 12.00 -39.47 50.52
C ASP Q 539 12.00 -38.23 51.42
N VAL Q 540 10.81 -37.91 51.91
CA VAL Q 540 10.61 -36.87 52.93
C VAL Q 540 9.55 -37.38 53.89
N ASN Q 541 9.77 -37.16 55.19
CA ASN Q 541 8.68 -37.38 56.12
C ASN Q 541 7.68 -36.24 56.02
N GLU Q 542 6.41 -36.58 56.27
CA GLU Q 542 5.31 -35.67 55.97
C GLU Q 542 5.40 -34.40 56.80
N GLY Q 543 5.91 -34.49 58.03
CA GLY Q 543 6.01 -33.29 58.85
C GLY Q 543 6.84 -32.23 58.18
N GLU Q 544 7.94 -32.63 57.55
CA GLU Q 544 8.72 -31.69 56.78
C GLU Q 544 7.89 -31.09 55.66
N LYS Q 545 7.30 -31.93 54.81
CA LYS Q 545 6.50 -31.40 53.71
C LYS Q 545 5.45 -30.45 54.23
N GLU Q 546 4.80 -30.80 55.33
CA GLU Q 546 3.86 -29.89 55.94
C GLU Q 546 4.52 -28.56 56.26
N VAL Q 547 5.68 -28.61 56.93
CA VAL Q 547 6.27 -27.36 57.35
C VAL Q 547 6.75 -26.56 56.15
N MET Q 548 7.22 -27.22 55.08
CA MET Q 548 7.52 -26.44 53.88
C MET Q 548 6.28 -25.77 53.33
N LYS Q 549 5.11 -26.37 53.54
CA LYS Q 549 3.91 -25.84 52.90
C LYS Q 549 3.68 -24.40 53.31
N LEU Q 550 3.42 -24.19 54.59
CA LEU Q 550 3.01 -22.87 55.04
C LEU Q 550 4.14 -21.86 54.89
N TRP Q 551 5.37 -22.26 55.21
CA TRP Q 551 6.46 -21.29 55.19
C TRP Q 551 6.71 -20.77 53.78
N ASN Q 552 6.76 -21.67 52.80
CA ASN Q 552 7.07 -21.25 51.44
C ASN Q 552 6.01 -20.29 50.92
N LEU Q 553 4.74 -20.58 51.18
CA LEU Q 553 3.69 -19.71 50.70
C LEU Q 553 3.67 -18.40 51.48
N HIS Q 554 3.96 -18.45 52.77
CA HIS Q 554 3.82 -17.26 53.62
C HIS Q 554 4.70 -16.12 53.13
N VAL Q 555 5.99 -16.39 52.95
CA VAL Q 555 6.89 -15.39 52.39
C VAL Q 555 6.44 -15.01 50.99
N MET Q 556 6.09 -16.00 50.18
CA MET Q 556 5.62 -15.72 48.83
C MET Q 556 4.31 -14.96 48.87
N LYS Q 557 3.50 -15.19 49.91
CA LYS Q 557 2.34 -14.34 50.13
C LYS Q 557 2.75 -12.89 50.37
N HIS Q 558 3.98 -12.65 50.79
CA HIS Q 558 4.42 -11.30 51.10
C HIS Q 558 5.70 -10.87 50.39
N GLY Q 559 6.38 -11.78 49.69
CA GLY Q 559 7.52 -11.38 48.88
C GLY Q 559 8.70 -10.87 49.68
N PHE Q 560 9.36 -11.74 50.42
CA PHE Q 560 10.53 -11.37 51.19
C PHE Q 560 11.78 -11.78 50.41
N ILE Q 561 12.64 -10.81 50.12
CA ILE Q 561 13.84 -11.10 49.34
C ILE Q 561 15.13 -10.68 50.02
N ALA Q 562 15.10 -9.72 50.92
CA ALA Q 562 16.32 -9.11 51.42
C ALA Q 562 16.89 -9.90 52.59
N ASP Q 563 18.17 -9.65 52.85
CA ASP Q 563 18.83 -10.26 54.00
C ASP Q 563 18.20 -9.79 55.29
N ASN Q 564 17.94 -8.49 55.41
CA ASN Q 564 17.21 -7.99 56.58
C ASN Q 564 15.77 -8.48 56.57
N GLN Q 565 15.16 -8.52 55.38
CA GLN Q 565 13.75 -8.88 55.28
C GLN Q 565 13.49 -10.27 55.81
N MET Q 566 14.35 -11.23 55.45
CA MET Q 566 14.18 -12.60 55.90
C MET Q 566 14.32 -12.73 57.40
N ASN Q 567 15.06 -11.82 58.03
CA ASN Q 567 15.08 -11.81 59.50
C ASN Q 567 13.71 -11.45 60.05
N HIS Q 568 13.06 -10.44 59.47
CA HIS Q 568 11.68 -10.15 59.86
C HIS Q 568 10.75 -11.29 59.52
N ALA Q 569 11.11 -12.12 58.54
CA ALA Q 569 10.21 -13.20 58.14
C ALA Q 569 10.04 -14.22 59.26
N CYS Q 570 11.07 -14.41 60.09
CA CYS Q 570 11.04 -15.48 61.07
C CYS Q 570 9.91 -15.29 62.07
N MET Q 571 9.96 -14.20 62.85
CA MET Q 571 8.93 -14.02 63.87
C MET Q 571 7.58 -13.69 63.24
N LEU Q 572 7.56 -12.85 62.21
CA LEU Q 572 6.29 -12.45 61.62
C LEU Q 572 5.50 -13.66 61.14
N PHE Q 573 6.19 -14.70 60.66
CA PHE Q 573 5.51 -15.96 60.42
C PHE Q 573 4.99 -16.56 61.72
N VAL Q 574 5.90 -16.88 62.64
CA VAL Q 574 5.50 -17.64 63.82
C VAL Q 574 4.58 -16.82 64.71
N GLU Q 575 4.48 -15.51 64.49
CA GLU Q 575 3.46 -14.74 65.17
C GLU Q 575 2.06 -15.18 64.80
N ASN Q 576 1.91 -15.89 63.68
CA ASN Q 576 0.60 -16.27 63.19
C ASN Q 576 0.36 -17.77 63.13
N TYR Q 577 1.40 -18.57 63.00
CA TYR Q 577 1.24 -19.97 62.64
C TYR Q 577 1.90 -20.94 63.62
N GLY Q 578 2.48 -20.42 64.71
CA GLY Q 578 3.04 -21.31 65.71
C GLY Q 578 1.97 -22.17 66.38
N GLN Q 579 0.82 -21.58 66.68
CA GLN Q 579 -0.29 -22.38 67.20
C GLN Q 579 -0.68 -23.45 66.21
N LYS Q 580 -0.64 -23.13 64.92
CA LYS Q 580 -0.76 -24.17 63.91
C LYS Q 580 0.35 -25.19 64.06
N ILE Q 581 1.58 -24.72 64.24
CA ILE Q 581 2.69 -25.64 64.50
C ILE Q 581 2.44 -26.37 65.80
N ILE Q 582 1.95 -25.66 66.82
CA ILE Q 582 1.65 -26.30 68.10
C ILE Q 582 0.60 -27.39 67.90
N LYS Q 583 -0.47 -27.08 67.18
CA LYS Q 583 -1.47 -28.09 66.85
C LYS Q 583 -0.86 -29.21 66.04
N LYS Q 584 -0.04 -28.86 65.05
CA LYS Q 584 0.69 -29.88 64.31
C LYS Q 584 1.73 -30.57 65.17
N ASN Q 585 2.21 -29.91 66.23
CA ASN Q 585 3.24 -30.43 67.13
C ASN Q 585 4.45 -30.97 66.37
N LEU Q 586 4.82 -30.30 65.28
CA LEU Q 586 6.08 -30.54 64.60
C LEU Q 586 7.19 -29.61 65.07
N CYS Q 587 7.19 -29.23 66.35
CA CYS Q 587 8.17 -28.28 66.85
C CYS Q 587 9.59 -28.79 66.67
N ARG Q 588 9.83 -30.05 67.06
CA ARG Q 588 11.18 -30.59 66.99
C ARG Q 588 11.69 -30.65 65.56
N ASN Q 589 10.80 -30.71 64.57
CA ASN Q 589 11.21 -30.65 63.17
C ASN Q 589 11.27 -29.24 62.63
N PHE Q 590 10.42 -28.33 63.13
CA PHE Q 590 10.40 -26.97 62.62
C PHE Q 590 11.73 -26.26 62.89
N MET Q 591 12.27 -26.46 64.08
CA MET Q 591 13.60 -25.94 64.38
C MET Q 591 14.66 -26.52 63.46
N LEU Q 592 14.45 -27.76 63.00
CA LEU Q 592 15.39 -28.34 62.05
C LEU Q 592 15.46 -27.50 60.79
N HIS Q 593 14.31 -27.03 60.31
CA HIS Q 593 14.33 -26.03 59.25
C HIS Q 593 15.02 -24.77 59.73
N LEU Q 594 14.76 -24.38 60.97
CA LEU Q 594 15.42 -23.20 61.53
C LEU Q 594 16.91 -23.45 61.70
N VAL Q 595 17.32 -24.71 61.83
CA VAL Q 595 18.74 -25.04 61.88
C VAL Q 595 19.41 -24.59 60.59
N SER Q 596 18.74 -24.77 59.46
CA SER Q 596 19.36 -24.52 58.16
C SER Q 596 19.73 -23.06 57.98
N MET Q 597 18.85 -22.15 58.39
CA MET Q 597 19.05 -20.73 58.09
C MET Q 597 20.32 -20.20 58.75
N HIS Q 598 20.56 -20.61 60.00
CA HIS Q 598 21.84 -20.30 60.63
C HIS Q 598 22.97 -21.00 59.90
N ASP Q 599 22.75 -22.24 59.48
CA ASP Q 599 23.70 -22.91 58.61
C ASP Q 599 23.79 -22.21 57.26
N PHE Q 600 22.77 -21.44 56.91
CA PHE Q 600 22.78 -20.64 55.69
C PHE Q 600 23.11 -19.18 55.97
N ASN Q 601 23.47 -18.85 57.21
CA ASN Q 601 23.83 -17.50 57.63
C ASN Q 601 22.64 -16.56 57.47
N LEU Q 602 21.45 -17.10 57.24
CA LEU Q 602 20.29 -16.24 57.05
C LEU Q 602 19.87 -15.58 58.35
N ILE Q 603 19.91 -16.31 59.45
CA ILE Q 603 19.56 -15.79 60.76
C ILE Q 603 20.62 -16.22 61.75
N SER Q 604 21.06 -15.30 62.60
CA SER Q 604 22.05 -15.60 63.62
C SER Q 604 21.37 -16.18 64.86
N ILE Q 605 22.12 -16.33 65.94
CA ILE Q 605 21.57 -16.94 67.15
C ILE Q 605 20.50 -16.04 67.75
N MET Q 606 20.59 -14.73 67.53
CA MET Q 606 19.76 -13.79 68.29
C MET Q 606 18.27 -14.05 68.07
N SER Q 607 17.87 -14.32 66.83
CA SER Q 607 16.46 -14.60 66.59
C SER Q 607 16.08 -16.05 66.88
N ILE Q 608 17.06 -16.93 67.10
CA ILE Q 608 16.75 -18.31 67.44
C ILE Q 608 15.93 -18.37 68.71
N ASP Q 609 16.34 -17.60 69.73
CA ASP Q 609 15.60 -17.60 70.99
C ASP Q 609 14.15 -17.19 70.77
N LYS Q 610 13.93 -16.23 69.87
CA LYS Q 610 12.57 -15.73 69.62
C LYS Q 610 11.62 -16.87 69.31
N ALA Q 611 12.02 -17.76 68.41
CA ALA Q 611 11.12 -18.80 67.95
C ALA Q 611 10.73 -19.75 69.08
N VAL Q 612 11.72 -20.21 69.85
CA VAL Q 612 11.44 -21.15 70.92
C VAL Q 612 10.53 -20.51 71.96
N THR Q 613 10.75 -19.23 72.24
CA THR Q 613 9.87 -18.50 73.13
C THR Q 613 8.45 -18.46 72.60
N LYS Q 614 8.29 -18.17 71.31
CA LYS Q 614 6.95 -18.05 70.75
C LYS Q 614 6.23 -19.40 70.74
N LEU Q 615 6.98 -20.51 70.73
CA LEU Q 615 6.36 -21.80 70.99
C LEU Q 615 5.70 -21.81 72.36
N ARG Q 616 6.37 -21.25 73.35
CA ARG Q 616 5.91 -21.32 74.72
C ARG Q 616 5.29 -19.99 75.14
N LYS R 19 9.75 -65.23 19.68
CA LYS R 19 9.74 -65.54 21.10
C LYS R 19 9.52 -64.29 21.93
N ARG R 20 8.33 -64.18 22.54
CA ARG R 20 7.97 -63.01 23.32
C ARG R 20 6.88 -63.42 24.31
N VAL R 21 6.62 -62.52 25.27
CA VAL R 21 5.65 -62.79 26.33
C VAL R 21 4.23 -62.39 25.96
N LYS R 22 4.03 -61.73 24.82
CA LYS R 22 2.71 -61.19 24.49
C LYS R 22 1.64 -62.28 24.42
N SER R 23 1.91 -63.34 23.65
CA SER R 23 0.92 -64.40 23.50
C SER R 23 0.67 -65.12 24.82
N GLU R 24 1.73 -65.39 25.59
CA GLU R 24 1.53 -65.90 26.94
C GLU R 24 0.76 -64.90 27.78
N TYR R 25 1.12 -63.61 27.68
CA TYR R 25 0.34 -62.58 28.34
C TYR R 25 -1.11 -62.63 27.88
N MET R 26 -1.33 -62.83 26.58
CA MET R 26 -2.69 -63.06 26.09
C MET R 26 -3.28 -64.31 26.74
N ARG R 27 -2.49 -65.38 26.80
CA ARG R 27 -2.96 -66.61 27.44
C ARG R 27 -3.18 -66.42 28.93
N LEU R 28 -2.36 -65.59 29.57
CA LEU R 28 -2.61 -65.25 30.96
C LEU R 28 -3.76 -64.25 31.10
N ARG R 29 -3.84 -63.29 30.19
CA ARG R 29 -4.93 -62.31 30.26
C ARG R 29 -6.28 -62.97 30.05
N GLN R 30 -6.34 -63.96 29.15
CA GLN R 30 -7.63 -64.59 28.87
C GLN R 30 -8.14 -65.34 30.09
N LEU R 31 -7.26 -66.00 30.84
CA LEU R 31 -7.70 -66.71 32.03
C LEU R 31 -8.23 -65.75 33.09
N LYS R 32 -7.52 -64.65 33.32
CA LYS R 32 -8.07 -63.65 34.24
C LYS R 32 -9.26 -62.95 33.62
N ARG R 33 -9.31 -62.84 32.30
CA ARG R 33 -10.53 -62.38 31.65
C ARG R 33 -11.67 -63.36 31.86
N PHE R 34 -11.35 -64.67 31.90
CA PHE R 34 -12.39 -65.67 32.11
C PHE R 34 -13.10 -65.47 33.44
N ARG R 35 -12.35 -65.21 34.50
CA ARG R 35 -12.96 -64.97 35.80
C ARG R 35 -13.62 -63.60 35.89
N ARG R 36 -13.38 -62.71 34.91
CA ARG R 36 -13.95 -61.38 34.95
C ARG R 36 -15.35 -61.29 34.35
N ALA R 37 -15.84 -62.37 33.73
CA ALA R 37 -17.13 -62.29 33.03
C ALA R 37 -18.26 -61.95 33.98
N ASP R 38 -18.38 -62.70 35.07
CA ASP R 38 -19.35 -62.33 36.10
C ASP R 38 -18.98 -61.00 36.73
N GLU R 39 -17.67 -60.74 36.85
CA GLU R 39 -17.22 -59.47 37.40
C GLU R 39 -17.67 -58.30 36.54
N VAL R 40 -17.39 -58.35 35.23
CA VAL R 40 -17.84 -57.27 34.37
C VAL R 40 -19.35 -57.22 34.33
N LYS R 41 -20.01 -58.36 34.44
CA LYS R 41 -21.47 -58.36 34.57
C LYS R 41 -21.90 -57.73 35.88
N SER R 42 -21.07 -57.83 36.92
CA SER R 42 -21.48 -57.40 38.25
C SER R 42 -21.77 -55.90 38.28
N MET R 43 -20.75 -55.08 38.03
CA MET R 43 -20.98 -53.64 38.15
C MET R 43 -21.94 -53.14 37.09
N PHE R 44 -21.94 -53.76 35.90
CA PHE R 44 -22.88 -53.37 34.87
C PHE R 44 -24.30 -53.54 35.38
N SER R 45 -24.60 -54.72 35.93
CA SER R 45 -25.89 -54.94 36.56
C SER R 45 -26.09 -54.01 37.74
N SER R 46 -25.05 -53.87 38.57
CA SER R 46 -25.17 -52.99 39.74
C SER R 46 -25.45 -51.57 39.31
N ASN R 47 -24.75 -51.09 38.30
CA ASN R 47 -24.93 -49.71 37.85
C ASN R 47 -26.39 -49.45 37.48
N ARG R 48 -27.02 -50.42 36.80
CA ARG R 48 -28.41 -50.23 36.40
C ARG R 48 -29.31 -50.00 37.61
N GLN R 49 -29.08 -50.74 38.70
CA GLN R 49 -29.83 -50.47 39.91
C GLN R 49 -29.61 -49.03 40.37
N LYS R 50 -28.37 -48.57 40.32
CA LYS R 50 -28.12 -47.17 40.60
C LYS R 50 -28.82 -46.30 39.58
N ILE R 51 -28.83 -46.72 38.32
CA ILE R 51 -29.59 -46.02 37.30
C ILE R 51 -31.07 -46.06 37.63
N LEU R 52 -31.56 -47.23 38.06
CA LEU R 52 -32.99 -47.39 38.31
C LEU R 52 -33.52 -46.32 39.24
N GLU R 53 -32.87 -46.14 40.39
CA GLU R 53 -33.29 -45.11 41.32
C GLU R 53 -33.10 -43.72 40.72
N ARG R 54 -31.99 -43.51 40.02
CA ARG R 54 -31.69 -42.18 39.51
C ARG R 54 -32.73 -41.72 38.51
N THR R 55 -33.06 -42.58 37.54
CA THR R 55 -33.93 -42.16 36.46
C THR R 55 -35.30 -41.75 36.97
N GLU R 56 -35.88 -42.52 37.90
CA GLU R 56 -37.24 -42.22 38.32
C GLU R 56 -37.25 -40.99 39.22
N ILE R 57 -36.22 -40.85 40.05
CA ILE R 57 -36.13 -39.68 40.93
C ILE R 57 -36.21 -38.41 40.09
N LEU R 58 -35.42 -38.35 39.01
CA LEU R 58 -35.53 -37.23 38.11
C LEU R 58 -36.83 -37.27 37.32
N ASN R 59 -37.35 -38.48 37.08
CA ASN R 59 -38.67 -38.58 36.46
C ASN R 59 -39.74 -38.02 37.38
N GLN R 60 -39.62 -38.28 38.70
CA GLN R 60 -40.62 -37.78 39.63
C GLN R 60 -40.76 -36.28 39.52
N GLU R 61 -39.64 -35.56 39.68
CA GLU R 61 -39.65 -34.11 39.54
C GLU R 61 -40.03 -33.70 38.13
N TRP R 62 -39.61 -34.47 37.12
CA TRP R 62 -40.10 -34.22 35.77
C TRP R 62 -41.61 -34.33 35.72
N LYS R 63 -42.16 -35.32 36.43
CA LYS R 63 -43.61 -35.39 36.57
C LYS R 63 -44.15 -34.23 37.40
N GLN R 64 -43.39 -33.79 38.39
CA GLN R 64 -43.88 -32.69 39.23
C GLN R 64 -43.95 -31.39 38.44
N ARG R 65 -42.97 -31.13 37.58
CA ARG R 65 -42.86 -29.85 36.89
C ARG R 65 -43.69 -29.89 35.62
N ARG R 66 -44.75 -29.08 35.58
CA ARG R 66 -45.57 -28.96 34.39
C ARG R 66 -44.82 -28.23 33.29
N ILE R 67 -45.08 -28.65 32.05
CA ILE R 67 -44.48 -28.02 30.87
C ILE R 67 -45.57 -27.27 30.11
N GLN R 68 -45.15 -26.23 29.39
CA GLN R 68 -46.09 -25.44 28.60
C GLN R 68 -46.09 -25.95 27.16
N PRO R 69 -47.25 -26.31 26.61
CA PRO R 69 -47.29 -26.69 25.19
C PRO R 69 -46.89 -25.52 24.30
N VAL R 70 -46.17 -25.84 23.23
CA VAL R 70 -45.69 -24.81 22.33
C VAL R 70 -46.79 -24.44 21.34
N HIS R 71 -46.71 -23.22 20.82
CA HIS R 71 -47.63 -22.74 19.80
C HIS R 71 -46.85 -22.30 18.56
N ILE R 72 -47.41 -22.58 17.39
CA ILE R 72 -46.76 -22.28 16.13
C ILE R 72 -46.86 -20.79 15.83
N LEU R 73 -46.08 -20.33 14.85
CA LEU R 73 -46.12 -18.94 14.46
C LEU R 73 -47.43 -18.59 13.75
N THR R 74 -47.84 -17.34 13.89
CA THR R 74 -48.88 -16.73 13.07
C THR R 74 -48.28 -15.60 12.26
N SER R 75 -49.02 -15.14 11.26
CA SER R 75 -48.51 -14.09 10.39
C SER R 75 -48.24 -12.80 11.15
N VAL R 76 -47.10 -12.19 10.87
CA VAL R 76 -46.69 -10.94 11.51
C VAL R 76 -46.91 -9.83 10.50
N SER R 77 -47.83 -8.91 10.82
CA SER R 77 -48.24 -7.90 9.85
C SER R 77 -47.11 -6.92 9.54
N SER R 78 -46.49 -6.34 10.59
CA SER R 78 -45.47 -5.33 10.38
C SER R 78 -44.16 -5.93 9.85
N LEU R 79 -44.04 -7.24 9.86
CA LEU R 79 -42.84 -7.94 9.38
C LEU R 79 -43.16 -8.75 8.13
N ARG R 80 -44.03 -8.24 7.28
CA ARG R 80 -44.42 -8.98 6.07
C ARG R 80 -43.24 -9.17 5.14
N GLY R 81 -42.42 -8.14 4.96
CA GLY R 81 -41.30 -8.21 4.05
C GLY R 81 -40.15 -9.03 4.57
N THR R 82 -40.35 -10.34 4.67
CA THR R 82 -39.32 -11.24 5.19
C THR R 82 -39.20 -12.45 4.28
N ARG R 83 -38.17 -13.26 4.55
CA ARG R 83 -37.94 -14.46 3.78
C ARG R 83 -38.87 -15.58 4.21
N GLU R 84 -39.15 -16.49 3.27
CA GLU R 84 -39.95 -17.67 3.52
C GLU R 84 -39.14 -18.91 3.17
N CYS R 85 -39.39 -20.01 3.89
CA CYS R 85 -38.68 -21.25 3.65
C CYS R 85 -39.67 -22.40 3.71
N SER R 86 -39.17 -23.59 3.41
CA SER R 86 -40.00 -24.79 3.40
C SER R 86 -39.09 -26.01 3.52
N VAL R 87 -39.38 -26.88 4.49
CA VAL R 87 -38.60 -28.10 4.64
C VAL R 87 -39.08 -29.11 3.61
N THR R 88 -38.17 -29.60 2.80
CA THR R 88 -38.52 -30.57 1.77
C THR R 88 -38.74 -31.93 2.40
N SER R 89 -39.96 -32.43 2.28
CA SER R 89 -40.24 -33.80 2.66
C SER R 89 -39.50 -34.74 1.70
N ASP R 90 -38.55 -35.49 2.23
CA ASP R 90 -37.87 -36.47 1.39
C ASP R 90 -38.83 -37.52 0.88
N LEU R 91 -39.96 -37.70 1.56
CA LEU R 91 -41.01 -38.60 1.12
C LEU R 91 -42.02 -37.83 0.28
N ASP R 92 -43.15 -38.47 0.00
CA ASP R 92 -44.24 -37.86 -0.76
C ASP R 92 -45.06 -36.89 0.07
N PHE R 93 -44.68 -36.63 1.32
CA PHE R 93 -45.46 -35.76 2.16
C PHE R 93 -45.42 -34.33 1.64
N PRO R 94 -46.44 -33.53 1.93
CA PRO R 94 -46.45 -32.13 1.48
C PRO R 94 -45.27 -31.37 2.06
N THR R 95 -44.74 -30.44 1.25
CA THR R 95 -43.60 -29.62 1.64
C THR R 95 -44.13 -28.41 2.39
N GLN R 96 -44.12 -28.48 3.71
CA GLN R 96 -44.72 -27.43 4.53
C GLN R 96 -43.88 -26.15 4.45
N VAL R 97 -44.56 -24.99 4.49
CA VAL R 97 -43.94 -23.70 4.24
C VAL R 97 -44.14 -22.79 5.45
N ILE R 98 -43.08 -22.09 5.83
CA ILE R 98 -43.14 -21.12 6.92
C ILE R 98 -42.27 -19.91 6.59
N PRO R 99 -42.63 -18.71 7.05
CA PRO R 99 -41.71 -17.59 6.94
C PRO R 99 -40.49 -17.76 7.82
N LEU R 100 -39.38 -17.18 7.37
CA LEU R 100 -38.23 -17.03 8.25
C LEU R 100 -38.51 -15.96 9.29
N LYS R 101 -37.74 -15.99 10.37
CA LYS R 101 -37.74 -14.90 11.33
C LYS R 101 -36.34 -14.78 11.91
N THR R 102 -35.85 -13.55 11.97
CA THR R 102 -34.47 -13.29 12.35
C THR R 102 -34.30 -13.47 13.85
N LEU R 103 -33.15 -13.02 14.34
CA LEU R 103 -32.74 -13.21 15.72
C LEU R 103 -32.12 -11.92 16.24
N ASN R 104 -31.88 -11.86 17.55
CA ASN R 104 -31.37 -10.65 18.15
C ASN R 104 -29.89 -10.45 17.80
N ALA R 105 -29.40 -9.25 18.08
CA ALA R 105 -28.04 -8.84 17.72
C ALA R 105 -27.17 -8.72 18.96
N VAL R 106 -25.97 -9.28 18.87
CA VAL R 106 -24.98 -9.23 19.95
C VAL R 106 -23.65 -8.76 19.36
N ALA R 107 -23.00 -7.83 20.05
CA ALA R 107 -21.70 -7.35 19.60
C ALA R 107 -20.64 -8.43 19.81
N SER R 108 -19.77 -8.58 18.82
CA SER R 108 -18.72 -9.57 18.90
C SER R 108 -17.58 -9.07 19.78
N VAL R 109 -16.80 -10.02 20.29
CA VAL R 109 -15.61 -9.71 21.08
C VAL R 109 -14.44 -10.46 20.47
N PRO R 110 -13.22 -9.94 20.57
CA PRO R 110 -12.08 -10.63 19.97
C PRO R 110 -11.82 -11.96 20.66
N ILE R 111 -11.26 -12.88 19.88
CA ILE R 111 -10.94 -14.20 20.41
C ILE R 111 -9.78 -14.09 21.39
N MET R 112 -9.74 -15.04 22.32
CA MET R 112 -8.61 -15.14 23.24
C MET R 112 -8.52 -16.56 23.74
N TYR R 113 -7.31 -17.11 23.81
CA TYR R 113 -7.11 -18.40 24.42
C TYR R 113 -7.44 -18.34 25.90
N SER R 114 -7.97 -19.44 26.43
CA SER R 114 -8.11 -19.54 27.88
C SER R 114 -6.74 -19.46 28.51
N TRP R 115 -6.45 -18.37 29.22
CA TRP R 115 -5.12 -18.09 29.71
C TRP R 115 -5.13 -17.99 31.23
N SER R 116 -4.00 -18.30 31.82
CA SER R 116 -3.92 -18.33 33.26
C SER R 116 -3.05 -17.19 33.79
N PRO R 117 -3.49 -16.52 34.84
CA PRO R 117 -2.70 -15.42 35.40
C PRO R 117 -1.35 -15.88 35.93
N LEU R 118 -0.37 -14.99 35.85
CA LEU R 118 0.98 -15.28 36.32
C LEU R 118 1.69 -13.99 36.69
N GLN R 119 2.54 -14.07 37.71
CA GLN R 119 3.36 -12.96 38.15
C GLN R 119 4.81 -13.36 38.37
N GLN R 120 5.19 -14.57 37.99
CA GLN R 120 6.48 -15.14 38.34
C GLN R 120 7.02 -15.89 37.12
N ASN R 121 8.03 -16.72 37.34
CA ASN R 121 8.64 -17.46 36.25
C ASN R 121 8.91 -18.90 36.68
N PHE R 122 8.77 -19.79 35.71
CA PHE R 122 8.80 -21.23 35.98
C PHE R 122 9.58 -21.89 34.84
N MET R 123 10.14 -23.07 35.12
CA MET R 123 10.84 -23.85 34.12
C MET R 123 10.07 -25.12 33.85
N VAL R 124 9.80 -25.41 32.59
CA VAL R 124 9.27 -26.69 32.17
C VAL R 124 10.33 -27.38 31.32
N GLU R 125 10.57 -28.65 31.60
CA GLU R 125 11.54 -29.40 30.82
C GLU R 125 11.04 -29.58 29.39
N ASP R 126 11.99 -29.77 28.48
CA ASP R 126 11.65 -29.92 27.06
C ASP R 126 10.79 -31.15 26.84
N GLU R 127 9.81 -31.00 25.96
CA GLU R 127 8.87 -32.07 25.67
C GLU R 127 9.43 -33.00 24.61
N THR R 128 9.63 -34.27 24.97
CA THR R 128 10.27 -35.23 24.09
C THR R 128 9.28 -36.05 23.27
N VAL R 129 7.98 -35.77 23.39
CA VAL R 129 6.96 -36.54 22.68
C VAL R 129 6.00 -35.57 22.00
N LEU R 130 5.48 -36.00 20.85
CA LEU R 130 4.47 -35.21 20.14
C LEU R 130 3.29 -34.89 21.04
N HIS R 131 2.58 -35.93 21.49
CA HIS R 131 1.48 -35.85 22.45
C HIS R 131 0.38 -34.87 22.02
N ASN R 132 0.40 -34.44 20.76
CA ASN R 132 -0.59 -33.50 20.26
C ASN R 132 -0.47 -33.39 18.76
N ILE R 133 -1.60 -33.45 18.07
CA ILE R 133 -1.67 -33.14 16.65
C ILE R 133 -2.77 -32.12 16.46
N PRO R 134 -2.48 -30.84 16.67
CA PRO R 134 -3.54 -29.83 16.71
C PRO R 134 -4.23 -29.66 15.37
N TYR R 135 -5.50 -29.27 15.44
CA TYR R 135 -6.26 -28.94 14.26
C TYR R 135 -5.82 -27.60 13.70
N MET R 136 -6.01 -27.42 12.39
CA MET R 136 -5.91 -26.12 11.77
C MET R 136 -6.99 -26.02 10.71
N GLY R 137 -7.29 -24.78 10.30
CA GLY R 137 -8.41 -24.50 9.42
C GLY R 137 -8.50 -25.33 8.15
N ASP R 138 -7.41 -26.01 7.80
CA ASP R 138 -7.33 -26.99 6.72
C ASP R 138 -7.31 -26.35 5.33
N GLU R 139 -6.96 -25.07 5.21
CA GLU R 139 -6.82 -24.46 3.91
C GLU R 139 -5.37 -24.47 3.42
N VAL R 140 -4.41 -24.50 4.34
CA VAL R 140 -3.00 -24.45 3.98
C VAL R 140 -2.39 -25.85 3.86
N LEU R 141 -2.93 -26.82 4.60
CA LEU R 141 -2.42 -28.19 4.53
C LEU R 141 -2.48 -28.75 3.11
N ASP R 142 -3.37 -28.23 2.27
CA ASP R 142 -3.41 -28.64 0.88
C ASP R 142 -2.09 -28.37 0.16
N GLN R 143 -1.29 -27.46 0.69
CA GLN R 143 -0.02 -27.08 0.06
C GLN R 143 1.17 -27.44 0.94
N ASP R 144 1.17 -27.02 2.21
CA ASP R 144 2.31 -27.23 3.09
C ASP R 144 2.10 -28.42 4.02
N GLY R 145 1.20 -29.33 3.67
CA GLY R 145 0.80 -30.42 4.55
C GLY R 145 1.95 -31.27 5.06
N THR R 146 3.16 -31.09 4.56
CA THR R 146 4.28 -31.87 5.04
C THR R 146 4.81 -31.38 6.39
N PHE R 147 4.53 -30.14 6.76
CA PHE R 147 5.14 -29.56 7.95
C PHE R 147 4.76 -30.33 9.21
N ILE R 148 3.56 -30.89 9.24
CA ILE R 148 3.14 -31.65 10.42
C ILE R 148 4.04 -32.86 10.62
N GLU R 149 4.33 -33.60 9.55
CA GLU R 149 5.28 -34.69 9.70
C GLU R 149 6.71 -34.17 9.75
N GLU R 150 6.95 -32.94 9.31
CA GLU R 150 8.20 -32.29 9.66
C GLU R 150 8.25 -32.03 11.15
N LEU R 151 7.09 -31.71 11.76
CA LEU R 151 7.04 -31.49 13.19
C LEU R 151 7.41 -32.75 13.95
N ILE R 152 6.81 -33.89 13.59
CA ILE R 152 7.14 -35.14 14.27
C ILE R 152 8.59 -35.51 14.00
N LYS R 153 9.15 -35.07 12.88
CA LYS R 153 10.58 -35.22 12.67
C LYS R 153 11.35 -34.41 13.71
N ASN R 154 10.89 -33.20 14.01
CA ASN R 154 11.48 -32.44 15.11
C ASN R 154 11.31 -33.18 16.42
N TYR R 155 10.17 -33.85 16.58
CA TYR R 155 9.94 -34.73 17.71
C TYR R 155 10.52 -36.11 17.49
N ASP R 156 11.13 -36.36 16.33
CA ASP R 156 11.86 -37.60 16.05
C ASP R 156 10.94 -38.81 16.10
N GLY R 157 9.81 -38.71 15.41
CA GLY R 157 8.90 -39.84 15.28
C GLY R 157 8.32 -40.34 16.58
N LYS R 158 8.34 -39.52 17.63
CA LYS R 158 7.81 -39.92 18.93
C LYS R 158 6.39 -39.38 19.07
N VAL R 159 5.45 -40.05 18.42
CA VAL R 159 4.05 -39.65 18.45
C VAL R 159 3.39 -40.26 19.68
N HIS R 160 2.31 -39.62 20.13
CA HIS R 160 1.56 -40.11 21.27
C HIS R 160 0.83 -41.40 20.90
N GLY R 161 0.65 -42.27 21.90
CA GLY R 161 -0.11 -43.48 21.71
C GLY R 161 0.50 -44.47 20.73
N ASP R 162 1.80 -44.73 20.86
CA ASP R 162 2.52 -45.63 19.96
C ASP R 162 2.68 -46.99 20.62
N ARG R 163 1.83 -47.94 20.22
CA ARG R 163 1.99 -49.36 20.59
C ARG R 163 2.07 -49.58 22.09
N GLU R 164 1.34 -48.76 22.87
CA GLU R 164 1.39 -48.92 24.32
C GLU R 164 0.62 -50.16 24.77
N CYS R 165 -0.69 -50.17 24.52
CA CYS R 165 -1.59 -51.28 24.85
C CYS R 165 -1.37 -51.75 26.29
N GLY R 166 -1.70 -50.86 27.22
CA GLY R 166 -1.51 -51.18 28.62
C GLY R 166 -0.05 -51.46 28.93
N PHE R 167 0.18 -52.46 29.77
CA PHE R 167 1.53 -52.89 30.11
C PHE R 167 1.45 -54.26 30.76
N ILE R 168 2.59 -54.73 31.25
CA ILE R 168 2.72 -56.05 31.87
C ILE R 168 2.91 -55.85 33.36
N ASN R 169 2.16 -56.61 34.16
CA ASN R 169 2.24 -56.49 35.61
C ASN R 169 1.92 -57.84 36.25
N ASP R 170 2.03 -57.86 37.57
CA ASP R 170 1.61 -59.00 38.39
C ASP R 170 2.40 -60.25 38.05
N GLU R 171 1.71 -61.39 37.96
CA GLU R 171 2.39 -62.64 37.65
C GLU R 171 3.01 -62.62 36.26
N ILE R 172 2.36 -61.93 35.31
CA ILE R 172 2.94 -61.82 33.97
C ILE R 172 4.24 -61.03 34.03
N PHE R 173 4.31 -60.03 34.90
CA PHE R 173 5.58 -59.36 35.17
C PHE R 173 6.58 -60.34 35.77
N VAL R 174 6.13 -61.20 36.67
CA VAL R 174 7.01 -62.25 37.19
C VAL R 174 7.45 -63.18 36.07
N GLU R 175 6.55 -63.45 35.12
CA GLU R 175 6.89 -64.28 33.98
C GLU R 175 7.97 -63.66 33.11
N LEU R 176 8.12 -62.33 33.15
CA LEU R 176 9.22 -61.70 32.43
C LEU R 176 10.57 -62.12 33.02
N VAL R 177 10.64 -62.25 34.34
CA VAL R 177 11.88 -62.68 34.98
C VAL R 177 12.26 -64.09 34.53
N ASN R 178 11.29 -65.00 34.46
CA ASN R 178 11.55 -66.34 34.00
C ASN R 178 12.03 -66.38 32.56
N ALA R 179 11.70 -65.35 31.76
CA ALA R 179 12.20 -65.31 30.40
C ALA R 179 13.69 -65.10 30.34
N LEU R 180 14.27 -64.42 31.34
CA LEU R 180 15.72 -64.21 31.36
C LEU R 180 16.47 -65.53 31.42
N GLY R 181 16.02 -66.44 32.28
CA GLY R 181 16.67 -67.73 32.35
C GLY R 181 16.33 -68.61 31.15
N GLN R 182 17.15 -69.64 30.97
CA GLN R 182 17.00 -70.57 29.86
C GLN R 182 16.33 -71.84 30.36
N TYR R 183 15.15 -72.13 29.84
CA TYR R 183 14.38 -73.29 30.27
C TYR R 183 13.72 -73.96 29.07
N SER R 222 13.34 -69.09 25.48
CA SER R 222 13.77 -68.62 26.78
C SER R 222 14.97 -67.68 26.66
N ASP R 223 15.35 -67.37 25.42
CA ASP R 223 16.42 -66.43 25.14
C ASP R 223 15.93 -65.21 24.37
N LYS R 224 15.24 -65.43 23.24
CA LYS R 224 14.66 -64.29 22.52
C LYS R 224 13.46 -63.72 23.24
N ILE R 225 12.90 -64.44 24.21
CA ILE R 225 11.72 -63.97 24.91
C ILE R 225 12.03 -62.69 25.68
N PHE R 226 13.09 -62.70 26.49
CA PHE R 226 13.38 -61.53 27.31
C PHE R 226 13.95 -60.39 26.48
N GLU R 227 14.68 -60.71 25.41
CA GLU R 227 15.12 -59.66 24.49
C GLU R 227 13.92 -59.01 23.80
N ALA R 228 12.90 -59.82 23.47
CA ALA R 228 11.69 -59.26 22.89
C ALA R 228 10.97 -58.33 23.86
N ILE R 229 10.99 -58.66 25.16
CA ILE R 229 10.36 -57.80 26.15
C ILE R 229 10.98 -56.41 26.12
N SER R 230 12.29 -56.34 25.95
CA SER R 230 13.00 -55.07 25.91
C SER R 230 13.08 -54.48 24.50
N SER R 231 12.20 -54.91 23.60
CA SER R 231 12.33 -54.47 22.21
C SER R 231 11.10 -53.74 21.69
N MET R 232 9.89 -54.27 21.87
CA MET R 232 8.73 -53.71 21.20
C MET R 232 8.08 -52.58 22.01
N PHE R 233 7.68 -52.87 23.25
CA PHE R 233 6.86 -51.95 24.00
C PHE R 233 7.59 -50.62 24.22
N PRO R 234 6.86 -49.49 24.18
CA PRO R 234 7.52 -48.20 24.43
C PRO R 234 8.17 -48.13 25.79
N ASP R 235 7.61 -48.82 26.79
CA ASP R 235 8.20 -48.89 28.12
C ASP R 235 8.95 -50.20 28.33
N LYS R 236 9.60 -50.68 27.27
CA LYS R 236 10.31 -51.96 27.34
C LYS R 236 11.44 -51.93 28.35
N GLY R 237 12.04 -50.75 28.56
CA GLY R 237 13.23 -50.70 29.40
C GLY R 237 14.34 -51.53 28.77
N THR R 238 14.90 -52.43 29.57
CA THR R 238 15.93 -53.33 29.09
C THR R 238 15.88 -54.62 29.90
N ALA R 239 16.51 -55.66 29.36
CA ALA R 239 16.54 -56.94 30.05
C ALA R 239 17.23 -56.84 31.40
N GLU R 240 18.14 -55.87 31.54
CA GLU R 240 18.76 -55.62 32.84
C GLU R 240 17.73 -55.14 33.85
N GLU R 241 16.78 -54.31 33.40
CA GLU R 241 15.70 -53.88 34.29
C GLU R 241 14.85 -55.06 34.74
N LEU R 242 14.82 -56.14 33.94
CA LEU R 242 14.16 -57.36 34.39
C LEU R 242 14.95 -58.03 35.51
N LYS R 243 16.28 -58.05 35.39
CA LYS R 243 17.09 -58.66 36.44
C LYS R 243 16.98 -57.88 37.75
N GLU R 244 16.98 -56.55 37.67
CA GLU R 244 16.81 -55.75 38.89
C GLU R 244 15.41 -55.95 39.47
N LYS R 245 14.40 -56.05 38.61
CA LYS R 245 13.05 -56.33 39.08
C LYS R 245 12.93 -57.74 39.62
N TYR R 246 13.76 -58.66 39.11
CA TYR R 246 13.87 -59.97 39.73
C TYR R 246 14.38 -59.85 41.16
N LYS R 247 15.34 -58.96 41.38
CA LYS R 247 15.75 -58.63 42.73
C LYS R 247 14.66 -57.83 43.46
N GLU R 248 13.96 -56.96 42.73
CA GLU R 248 12.82 -56.27 43.31
C GLU R 248 11.66 -57.21 43.61
N LEU R 249 11.68 -58.42 43.05
CA LEU R 249 10.63 -59.39 43.31
C LEU R 249 10.64 -59.87 44.76
N THR R 250 11.72 -59.62 45.49
CA THR R 250 11.77 -60.01 46.90
C THR R 250 10.82 -59.19 47.76
N GLU R 251 10.44 -58.00 47.33
CA GLU R 251 9.52 -57.14 48.08
C GLU R 251 8.25 -56.82 47.31
N GLN R 252 8.34 -56.55 46.01
CA GLN R 252 7.21 -56.31 45.12
C GLN R 252 6.42 -55.06 45.48
N GLN R 253 6.95 -54.22 46.37
CA GLN R 253 6.25 -52.99 46.74
C GLN R 253 7.27 -51.99 47.25
N LEU R 254 6.95 -50.71 47.08
CA LEU R 254 7.85 -49.65 47.50
C LEU R 254 8.01 -49.66 49.02
N PRO R 255 9.23 -49.64 49.55
CA PRO R 255 9.39 -49.66 51.02
C PRO R 255 8.72 -48.49 51.72
N GLY R 256 8.70 -47.31 51.10
CA GLY R 256 8.04 -46.17 51.70
C GLY R 256 8.52 -44.88 51.09
N ALA R 257 7.87 -43.79 51.51
CA ALA R 257 8.24 -42.45 51.07
C ALA R 257 9.42 -41.93 51.89
N LEU R 258 10.53 -42.64 51.75
CA LEU R 258 11.77 -42.42 52.49
C LEU R 258 12.83 -43.33 51.89
N PRO R 259 14.10 -43.14 52.21
CA PRO R 259 15.08 -44.18 51.94
C PRO R 259 14.76 -45.42 52.76
N PRO R 260 15.21 -46.60 52.33
CA PRO R 260 14.80 -47.83 53.03
C PRO R 260 15.13 -47.83 54.51
N GLU R 261 16.16 -47.11 54.92
CA GLU R 261 16.49 -47.01 56.34
C GLU R 261 15.45 -46.14 57.06
N CYS R 262 15.43 -46.28 58.39
CA CYS R 262 14.44 -45.60 59.23
C CYS R 262 14.88 -44.16 59.45
N THR R 263 14.26 -43.22 58.75
CA THR R 263 14.51 -41.79 58.94
C THR R 263 13.20 -41.03 59.11
N PRO R 264 12.43 -41.33 60.16
CA PRO R 264 11.21 -40.56 60.40
C PRO R 264 11.57 -39.18 60.92
N ASN R 265 10.66 -38.25 60.72
CA ASN R 265 10.82 -36.93 61.32
C ASN R 265 10.85 -37.06 62.83
N ILE R 266 11.61 -36.15 63.47
CA ILE R 266 11.87 -36.28 64.90
C ILE R 266 10.58 -36.23 65.69
N ASP R 267 9.67 -35.32 65.33
CA ASP R 267 8.41 -35.22 66.05
C ASP R 267 7.60 -36.51 65.97
N GLY R 268 7.87 -37.35 64.97
CA GLY R 268 7.42 -38.72 64.99
C GLY R 268 8.16 -39.49 66.05
N PRO R 269 7.41 -40.09 66.98
CA PRO R 269 8.07 -40.76 68.13
C PRO R 269 9.03 -41.87 67.72
N ASN R 270 8.75 -42.56 66.62
CA ASN R 270 9.61 -43.65 66.16
C ASN R 270 10.80 -43.17 65.36
N ALA R 271 11.17 -41.90 65.46
CA ALA R 271 12.31 -41.39 64.71
C ALA R 271 13.59 -42.03 65.20
N LYS R 272 14.40 -42.52 64.27
CA LYS R 272 15.69 -43.10 64.59
C LYS R 272 16.69 -42.00 64.95
N SER R 273 17.71 -42.38 65.72
CA SER R 273 18.79 -41.45 66.06
C SER R 273 19.66 -41.21 64.84
N VAL R 274 19.10 -40.53 63.84
CA VAL R 274 19.79 -40.29 62.59
C VAL R 274 20.87 -39.24 62.79
N GLN R 275 22.05 -39.48 62.19
CA GLN R 275 23.16 -38.57 62.38
C GLN R 275 22.89 -37.22 61.74
N ARG R 276 23.78 -36.27 62.00
CA ARG R 276 23.55 -34.88 61.61
C ARG R 276 23.36 -34.75 60.11
N GLU R 277 24.32 -35.24 59.33
CA GLU R 277 24.27 -35.02 57.89
C GLU R 277 23.06 -35.70 57.28
N GLN R 278 22.83 -36.96 57.64
CA GLN R 278 21.69 -37.69 57.08
C GLN R 278 20.39 -37.00 57.43
N SER R 279 20.23 -36.57 58.68
CA SER R 279 19.05 -35.84 59.07
C SER R 279 18.94 -34.53 58.30
N LEU R 280 20.05 -33.80 58.20
CA LEU R 280 20.05 -32.58 57.42
C LEU R 280 20.00 -32.84 55.92
N HIS R 281 20.24 -34.07 55.49
CA HIS R 281 20.36 -34.35 54.06
C HIS R 281 19.08 -33.99 53.31
N SER R 282 17.93 -34.14 53.97
CA SER R 282 16.67 -33.85 53.31
C SER R 282 16.57 -32.39 52.91
N PHE R 283 16.97 -31.48 53.80
CA PHE R 283 16.69 -30.06 53.60
C PHE R 283 17.41 -29.52 52.38
N HIS R 284 18.74 -29.60 52.39
CA HIS R 284 19.51 -29.06 51.28
C HIS R 284 19.09 -29.66 49.96
N THR R 285 18.83 -30.97 49.95
CA THR R 285 18.38 -31.62 48.74
C THR R 285 17.11 -30.97 48.22
N LEU R 286 16.17 -30.69 49.11
CA LEU R 286 14.89 -30.15 48.70
C LEU R 286 14.76 -28.65 48.94
N PHE R 287 15.82 -27.99 49.36
CA PHE R 287 15.82 -26.55 49.50
C PHE R 287 16.72 -25.89 48.47
N CYS R 288 16.37 -24.66 48.11
CA CYS R 288 17.16 -23.84 47.19
C CYS R 288 17.39 -22.49 47.83
N ARG R 289 18.66 -22.20 48.13
CA ARG R 289 19.01 -20.92 48.73
C ARG R 289 19.01 -19.81 47.69
N ARG R 290 19.09 -20.16 46.40
CA ARG R 290 19.14 -19.15 45.35
C ARG R 290 17.91 -18.27 45.34
N CYS R 291 16.73 -18.88 45.47
CA CYS R 291 15.53 -18.11 45.78
C CYS R 291 14.99 -18.52 47.14
N PHE R 292 15.90 -18.91 48.04
CA PHE R 292 15.62 -19.06 49.46
C PHE R 292 14.31 -19.78 49.73
N LYS R 293 14.03 -20.82 48.95
CA LYS R 293 12.80 -21.58 49.12
C LYS R 293 13.05 -23.05 48.85
N TYR R 294 12.12 -23.88 49.31
CA TYR R 294 12.13 -25.29 48.99
C TYR R 294 11.52 -25.52 47.61
N ASP R 295 12.26 -26.22 46.76
CA ASP R 295 11.89 -26.42 45.37
C ASP R 295 11.58 -25.09 44.69
N CYS R 296 12.60 -24.25 44.58
CA CYS R 296 12.45 -23.00 43.84
C CYS R 296 12.18 -23.34 42.38
N PHE R 297 10.93 -23.21 41.98
CA PHE R 297 10.45 -23.66 40.69
C PHE R 297 11.02 -22.82 39.56
N LEU R 298 11.97 -21.94 39.90
CA LEU R 298 12.67 -21.15 38.91
C LEU R 298 14.17 -21.38 38.97
N HIS R 299 14.62 -22.44 39.63
CA HIS R 299 16.02 -22.83 39.60
C HIS R 299 16.19 -24.33 39.48
N PHE R 306 16.30 -30.81 40.45
CA PHE R 306 17.33 -29.78 40.49
C PHE R 306 18.13 -29.86 41.79
N HIS R 307 19.42 -29.49 41.70
CA HIS R 307 20.31 -29.50 42.85
C HIS R 307 21.19 -28.27 42.77
N ALA R 308 21.65 -27.81 43.94
CA ALA R 308 22.43 -26.57 43.96
C ALA R 308 23.89 -26.76 44.38
N THR R 309 24.12 -27.23 45.60
CA THR R 309 25.46 -27.31 46.15
C THR R 309 25.39 -27.94 47.53
N PRO R 310 26.49 -28.58 47.97
CA PRO R 310 26.65 -28.81 49.41
C PRO R 310 26.81 -27.47 50.12
N ASN R 311 26.32 -27.39 51.36
CA ASN R 311 26.33 -26.13 52.06
C ASN R 311 27.51 -25.96 53.00
N THR R 312 28.49 -26.88 52.97
CA THR R 312 29.69 -26.71 53.77
C THR R 312 30.39 -25.40 53.42
N TYR R 313 30.86 -24.69 54.45
CA TYR R 313 31.46 -23.38 54.24
C TYR R 313 32.39 -23.07 55.40
N LYS R 314 33.18 -22.01 55.23
CA LYS R 314 34.05 -21.54 56.30
C LYS R 314 33.37 -20.42 57.08
N ARG R 315 33.53 -20.45 58.40
CA ARG R 315 33.00 -19.37 59.23
C ARG R 315 33.75 -19.34 60.55
N LYS R 316 33.97 -18.14 61.07
CA LYS R 316 34.61 -17.98 62.37
C LYS R 316 33.66 -18.40 63.49
N ASN R 317 34.23 -18.98 64.55
CA ASN R 317 33.43 -19.45 65.67
C ASN R 317 33.51 -18.57 66.91
N THR R 318 34.45 -17.63 66.96
CA THR R 318 34.63 -16.78 68.13
C THR R 318 33.71 -15.56 68.14
N GLU R 319 32.61 -15.59 67.39
CA GLU R 319 31.65 -14.50 67.41
C GLU R 319 30.83 -14.45 68.68
N THR R 320 31.11 -15.33 69.64
CA THR R 320 30.34 -15.42 70.88
C THR R 320 31.06 -14.68 72.00
N ALA R 321 30.31 -13.89 72.76
CA ALA R 321 30.88 -13.19 73.92
C ALA R 321 31.34 -14.18 74.98
N LEU R 322 30.69 -15.33 75.09
CA LEU R 322 31.10 -16.42 75.97
C LEU R 322 31.07 -15.98 77.44
N ASP R 323 29.89 -15.57 77.89
CA ASP R 323 29.66 -15.24 79.29
C ASP R 323 29.18 -16.49 80.05
N ASN R 324 30.05 -17.50 80.05
CA ASN R 324 29.71 -18.78 80.67
C ASN R 324 29.59 -18.63 82.19
N LYS R 325 28.38 -18.86 82.69
CA LYS R 325 28.07 -18.76 84.10
C LYS R 325 27.18 -19.93 84.50
N PRO R 326 27.13 -20.26 85.79
CA PRO R 326 26.14 -21.25 86.26
C PRO R 326 24.73 -20.71 86.20
N CYS R 327 24.33 -20.22 85.03
CA CYS R 327 23.04 -19.58 84.83
C CYS R 327 21.90 -20.59 84.75
N GLY R 328 22.20 -21.87 84.85
CA GLY R 328 21.20 -22.90 84.92
C GLY R 328 21.59 -23.97 85.90
N PRO R 329 20.68 -24.31 86.82
CA PRO R 329 20.96 -25.39 87.78
C PRO R 329 21.52 -26.63 87.10
N GLN R 330 22.69 -27.10 87.57
CA GLN R 330 23.46 -28.13 86.89
C GLN R 330 23.75 -27.71 85.44
N CYS R 331 24.50 -26.62 85.34
CA CYS R 331 25.01 -26.16 84.07
C CYS R 331 26.29 -26.94 83.77
N TYR R 332 27.04 -26.51 82.75
CA TYR R 332 28.44 -26.90 82.70
C TYR R 332 29.17 -26.37 83.92
N GLN R 333 28.74 -25.22 84.42
CA GLN R 333 29.18 -24.69 85.71
C GLN R 333 28.39 -25.35 86.83
N HIS R 334 28.45 -24.75 88.02
CA HIS R 334 28.00 -25.26 89.31
C HIS R 334 28.97 -26.32 89.82
N LEU R 335 29.96 -26.71 89.03
CA LEU R 335 30.98 -27.66 89.46
C LEU R 335 32.28 -27.22 88.82
N GLU R 336 33.25 -26.82 89.67
CA GLU R 336 34.51 -26.31 89.15
C GLU R 336 35.19 -27.33 88.26
N GLY R 337 35.36 -28.55 88.77
CA GLY R 337 35.99 -29.60 87.96
C GLY R 337 35.25 -29.84 86.67
N ALA R 338 33.92 -29.94 86.74
CA ALA R 338 33.13 -30.08 85.52
C ALA R 338 33.32 -28.90 84.59
N LYS R 339 33.40 -27.69 85.16
CA LYS R 339 33.76 -26.54 84.35
C LYS R 339 35.18 -26.65 83.81
N GLU R 340 36.11 -27.17 84.63
CA GLU R 340 37.50 -27.29 84.19
C GLU R 340 37.63 -28.21 82.99
N PHE R 341 36.94 -29.35 83.01
CA PHE R 341 37.08 -30.31 81.91
C PHE R 341 36.45 -29.80 80.62
N ALA R 342 35.61 -28.77 80.70
CA ALA R 342 34.97 -28.25 79.50
C ALA R 342 36.00 -27.69 78.52
N ALA R 343 36.87 -26.80 79.01
CA ALA R 343 37.89 -26.21 78.13
C ALA R 343 38.89 -27.26 77.68
N ALA R 344 39.23 -28.21 78.55
CA ALA R 344 40.25 -29.20 78.22
C ALA R 344 39.80 -30.10 77.08
N LEU R 345 38.53 -30.47 77.06
CA LEU R 345 38.02 -31.40 76.07
C LEU R 345 37.49 -30.71 74.82
N THR R 346 37.66 -29.39 74.71
CA THR R 346 37.25 -28.66 73.52
C THR R 346 37.96 -29.19 72.28
N PRO R 433 31.07 -39.79 84.89
CA PRO R 433 29.90 -40.56 85.32
C PRO R 433 28.60 -39.77 85.25
N PRO R 434 27.94 -39.80 84.09
CA PRO R 434 26.67 -39.08 83.96
C PRO R 434 25.56 -39.72 84.79
N GLU R 435 24.49 -38.96 84.97
CA GLU R 435 23.39 -39.40 85.82
C GLU R 435 22.64 -40.56 85.18
N ASN R 436 21.84 -41.24 86.00
CA ASN R 436 21.10 -42.42 85.55
C ASN R 436 20.05 -42.07 84.50
N VAL R 437 19.71 -40.78 84.36
CA VAL R 437 18.70 -40.39 83.38
C VAL R 437 19.18 -40.73 81.98
N GLU R 438 18.27 -41.20 81.15
CA GLU R 438 18.60 -41.69 79.82
C GLU R 438 18.30 -40.64 78.76
N TRP R 439 18.66 -40.97 77.53
CA TRP R 439 18.46 -40.11 76.37
C TRP R 439 17.75 -40.90 75.28
N SER R 440 16.69 -40.32 74.73
CA SER R 440 16.06 -40.92 73.57
C SER R 440 16.94 -40.75 72.34
N GLY R 441 16.84 -41.69 71.40
CA GLY R 441 17.53 -41.54 70.13
C GLY R 441 17.09 -40.29 69.41
N ALA R 442 15.79 -39.97 69.49
CA ALA R 442 15.31 -38.70 68.97
C ALA R 442 15.96 -37.53 69.70
N GLU R 443 16.10 -37.65 71.02
CA GLU R 443 16.84 -36.64 71.76
C GLU R 443 18.29 -36.59 71.29
N ALA R 444 18.89 -37.74 71.03
CA ALA R 444 20.26 -37.77 70.53
C ALA R 444 20.37 -37.12 69.16
N SER R 445 19.27 -37.05 68.42
CA SER R 445 19.32 -36.52 67.06
C SER R 445 19.74 -35.07 67.04
N MET R 446 19.06 -34.22 67.82
CA MET R 446 19.44 -32.82 67.80
C MET R 446 20.83 -32.65 68.39
N PHE R 447 21.26 -33.59 69.22
CA PHE R 447 22.56 -33.48 69.87
C PHE R 447 23.66 -33.42 68.83
N ARG R 448 23.58 -34.29 67.82
CA ARG R 448 24.50 -34.18 66.69
C ARG R 448 24.08 -33.05 65.75
N VAL R 449 22.81 -32.65 65.78
CA VAL R 449 22.40 -31.48 65.01
C VAL R 449 22.97 -30.21 65.64
N LEU R 450 22.93 -30.11 66.97
CA LEU R 450 23.28 -28.87 67.64
C LEU R 450 24.77 -28.74 67.92
N ILE R 451 25.51 -29.85 67.96
CA ILE R 451 26.94 -29.76 68.23
C ILE R 451 27.64 -29.04 67.09
N GLY R 452 27.16 -29.23 65.86
CA GLY R 452 27.68 -28.45 64.75
C GLY R 452 27.31 -26.99 64.87
N THR R 453 26.12 -26.70 65.40
CA THR R 453 25.68 -25.31 65.52
C THR R 453 26.67 -24.50 66.32
N TYR R 454 27.05 -24.97 67.48
CA TYR R 454 27.96 -24.18 68.29
C TYR R 454 29.16 -24.97 68.78
N TYR R 455 28.98 -26.24 69.12
CA TYR R 455 29.96 -27.13 69.73
C TYR R 455 30.31 -26.69 71.15
N ASP R 456 29.82 -25.56 71.60
CA ASP R 456 30.31 -25.05 72.88
C ASP R 456 29.21 -24.70 73.88
N ASN R 457 28.10 -24.10 73.42
CA ASN R 457 27.12 -23.57 74.35
C ASN R 457 26.16 -24.68 74.76
N PHE R 458 26.55 -25.40 75.81
CA PHE R 458 25.64 -26.40 76.37
C PHE R 458 24.43 -25.75 77.00
N CYS R 459 24.58 -24.53 77.53
CA CYS R 459 23.46 -23.83 78.14
C CYS R 459 22.38 -23.56 77.11
N ALA R 460 22.76 -23.11 75.92
CA ALA R 460 21.78 -22.89 74.87
C ALA R 460 21.05 -24.18 74.52
N ILE R 461 21.77 -25.30 74.56
CA ILE R 461 21.12 -26.58 74.34
C ILE R 461 20.06 -26.78 75.40
N ALA R 462 20.42 -26.53 76.66
CA ALA R 462 19.43 -26.58 77.72
C ALA R 462 18.33 -25.56 77.48
N ARG R 463 18.69 -24.37 77.03
CA ARG R 463 17.65 -23.40 76.69
C ARG R 463 16.81 -23.84 75.50
N LEU R 464 17.28 -24.83 74.74
CA LEU R 464 16.47 -25.39 73.66
C LEU R 464 15.59 -26.53 74.15
N ILE R 465 16.20 -27.59 74.66
CA ILE R 465 15.47 -28.79 75.05
C ILE R 465 15.23 -28.74 76.55
N GLY R 466 13.98 -28.87 76.96
CA GLY R 466 13.61 -28.80 78.35
C GLY R 466 13.62 -30.10 79.10
N THR R 467 14.09 -31.19 78.48
CA THR R 467 14.04 -32.49 79.14
C THR R 467 14.98 -32.53 80.35
N LYS R 468 16.23 -32.12 80.17
CA LYS R 468 17.23 -32.20 81.24
C LYS R 468 17.93 -30.86 81.37
N THR R 469 18.89 -30.81 82.28
CA THR R 469 19.66 -29.60 82.55
C THR R 469 20.72 -29.42 81.48
N CYS R 470 21.49 -28.34 81.61
CA CYS R 470 22.72 -28.24 80.84
C CYS R 470 23.65 -29.39 81.17
N ARG R 471 23.83 -29.67 82.45
CA ARG R 471 24.42 -30.95 82.83
C ARG R 471 23.50 -32.07 82.42
N GLN R 472 24.07 -33.26 82.22
CA GLN R 472 23.37 -34.43 81.69
C GLN R 472 23.06 -34.19 80.23
N VAL R 473 23.35 -32.98 79.76
CA VAL R 473 23.45 -32.68 78.34
C VAL R 473 24.92 -32.43 78.06
N TYR R 474 25.48 -31.42 78.74
CA TYR R 474 26.92 -31.18 78.69
C TYR R 474 27.68 -32.44 79.05
N GLU R 475 27.13 -33.24 79.98
CA GLU R 475 27.68 -34.56 80.24
C GLU R 475 27.58 -35.43 78.99
N PHE R 476 26.38 -35.51 78.41
CA PHE R 476 26.22 -36.31 77.21
C PHE R 476 26.97 -35.71 76.03
N ARG R 477 26.96 -34.38 75.92
CA ARG R 477 27.76 -33.73 74.90
C ARG R 477 29.22 -34.14 75.03
N VAL R 478 29.71 -34.21 76.26
CA VAL R 478 31.01 -34.83 76.49
C VAL R 478 30.95 -36.30 76.10
N LYS R 479 29.88 -36.99 76.51
CA LYS R 479 29.78 -38.41 76.24
C LYS R 479 29.65 -38.69 74.75
N GLU R 480 28.81 -37.92 74.05
CA GLU R 480 28.73 -38.06 72.60
C GLU R 480 30.06 -37.73 71.95
N SER R 481 30.71 -36.65 72.39
CA SER R 481 31.99 -36.27 71.81
C SER R 481 33.09 -37.27 72.11
N SER R 482 32.90 -38.11 73.13
CA SER R 482 33.89 -39.14 73.44
C SER R 482 34.00 -40.17 72.33
N ILE R 483 33.06 -40.19 71.39
CA ILE R 483 33.03 -41.19 70.34
C ILE R 483 33.21 -40.57 68.95
N ILE R 484 32.65 -39.38 68.74
CA ILE R 484 32.55 -38.82 67.40
C ILE R 484 33.82 -38.08 67.03
N ALA R 485 33.96 -37.80 65.73
CA ALA R 485 35.13 -37.10 65.22
C ALA R 485 35.08 -35.62 65.59
N PRO R 486 36.22 -34.95 65.62
CA PRO R 486 36.24 -33.52 65.97
C PRO R 486 35.65 -32.66 64.86
N ALA R 487 35.36 -31.39 65.21
CA ALA R 487 34.74 -30.39 64.36
C ALA R 487 35.76 -29.34 63.93
N PRO R 488 35.56 -28.72 62.74
CA PRO R 488 36.55 -27.72 62.26
C PRO R 488 36.70 -26.53 63.18
N ALA R 489 35.62 -25.79 63.38
CA ALA R 489 35.58 -24.61 64.26
C ALA R 489 36.82 -23.73 64.08
N GLU R 490 37.02 -23.27 62.85
CA GLU R 490 38.24 -22.58 62.46
C GLU R 490 38.00 -21.10 62.27
N ASP R 491 39.07 -20.32 62.45
CA ASP R 491 39.04 -18.87 62.33
C ASP R 491 40.16 -18.40 61.40
N VAL R 492 39.82 -17.46 60.51
CA VAL R 492 40.77 -16.90 59.55
C VAL R 492 40.58 -15.40 59.48
N ASP R 493 41.50 -14.73 58.80
CA ASP R 493 41.42 -13.28 58.60
C ASP R 493 41.75 -12.83 57.18
N THR R 494 42.33 -13.70 56.34
CA THR R 494 42.65 -13.48 54.92
C THR R 494 43.76 -12.45 54.73
N PRO R 495 44.63 -12.63 53.75
CA PRO R 495 45.67 -11.63 53.47
C PRO R 495 45.10 -10.27 53.12
N PRO R 496 44.04 -10.17 52.31
CA PRO R 496 43.48 -8.84 52.03
C PRO R 496 42.69 -8.32 53.22
N ARG R 497 43.08 -7.15 53.73
CA ARG R 497 42.40 -6.50 54.84
C ARG R 497 41.86 -5.14 54.46
N LYS R 498 42.67 -4.29 53.84
CA LYS R 498 42.23 -2.97 53.41
C LYS R 498 43.12 -2.52 52.24
N LYS R 499 42.57 -1.64 51.42
CA LYS R 499 43.25 -1.09 50.25
C LYS R 499 43.51 -2.22 49.26
N LYS R 500 44.07 -1.91 48.08
CA LYS R 500 44.25 -2.82 46.96
C LYS R 500 42.95 -3.28 46.36
N ARG R 501 41.81 -2.75 46.82
CA ARG R 501 40.50 -3.17 46.35
C ARG R 501 39.72 -1.98 45.81
N LYS R 502 40.44 -1.01 45.25
CA LYS R 502 39.86 0.11 44.53
C LYS R 502 39.08 -0.43 43.35
N HIS R 503 37.84 -0.01 43.23
CA HIS R 503 36.88 -0.60 42.30
C HIS R 503 37.31 -0.45 40.84
N ARG R 504 38.16 0.55 40.54
CA ARG R 504 38.82 0.66 39.25
C ARG R 504 39.59 -0.59 38.81
N LEU R 505 40.12 -1.44 39.68
CA LEU R 505 40.79 -2.68 39.29
C LEU R 505 39.78 -3.71 38.78
N TRP R 506 38.62 -3.80 39.42
CA TRP R 506 37.47 -4.51 38.87
C TRP R 506 37.08 -3.89 37.54
N ALA R 507 37.10 -2.59 37.38
CA ALA R 507 36.94 -2.06 36.05
C ALA R 507 38.12 -2.41 35.14
N ALA R 508 39.33 -2.54 35.69
CA ALA R 508 40.51 -3.01 34.97
C ALA R 508 40.36 -4.48 34.62
N HIS R 509 39.80 -5.27 35.54
CA HIS R 509 39.39 -6.62 35.18
C HIS R 509 38.35 -6.57 34.06
N CYS R 510 37.42 -5.62 34.18
CA CYS R 510 36.38 -5.41 33.21
C CYS R 510 36.93 -5.04 31.86
N ARG R 511 38.05 -4.36 31.79
CA ARG R 511 38.74 -4.15 30.52
C ARG R 511 39.10 -5.50 29.93
N LYS R 512 39.70 -6.44 30.65
CA LYS R 512 39.92 -7.81 30.26
C LYS R 512 38.60 -8.52 30.00
N ILE R 513 37.59 -8.25 30.83
CA ILE R 513 36.29 -8.87 30.60
C ILE R 513 35.72 -8.42 29.27
N GLN R 514 35.97 -7.18 28.86
CA GLN R 514 35.50 -6.65 27.59
C GLN R 514 36.45 -6.83 26.45
N LEU R 515 37.74 -6.79 26.72
CA LEU R 515 38.66 -6.85 25.60
C LEU R 515 38.74 -8.22 24.95
N LYS R 516 38.14 -9.25 25.55
CA LYS R 516 38.19 -10.56 24.94
C LYS R 516 36.81 -11.21 24.77
N LYS R 517 35.89 -11.01 25.71
CA LYS R 517 34.66 -11.77 25.72
C LYS R 517 33.39 -10.95 25.60
N ASP R 518 33.37 -9.71 26.10
CA ASP R 518 32.17 -8.90 26.10
C ASP R 518 32.10 -7.92 24.93
N GLY R 519 33.07 -7.95 24.02
CA GLY R 519 33.09 -6.99 22.93
C GLY R 519 31.89 -7.12 22.00
N SER R 520 31.39 -8.34 21.82
CA SER R 520 30.18 -8.53 21.01
C SER R 520 29.00 -7.81 21.63
N SER R 521 28.93 -7.78 22.97
CA SER R 521 27.83 -7.20 23.75
C SER R 521 26.47 -7.81 23.41
N ASN R 522 26.45 -9.04 22.87
CA ASN R 522 25.23 -9.80 22.65
C ASN R 522 25.25 -11.18 23.27
N HIS R 523 26.43 -11.76 23.53
CA HIS R 523 26.55 -13.07 24.13
C HIS R 523 26.15 -13.02 25.60
N VAL R 524 24.90 -13.32 25.88
CA VAL R 524 24.37 -13.30 27.24
C VAL R 524 23.92 -14.71 27.60
N TYR R 525 24.29 -15.14 28.81
CA TYR R 525 24.06 -16.50 29.23
C TYR R 525 23.44 -16.54 30.61
N ASN R 526 22.78 -17.67 30.90
CA ASN R 526 22.18 -17.87 32.21
C ASN R 526 23.23 -17.79 33.31
N TYR R 527 22.88 -17.11 34.38
CA TYR R 527 23.77 -17.06 35.54
C TYR R 527 23.96 -18.44 36.11
N GLN R 528 25.17 -18.72 36.58
CA GLN R 528 25.46 -19.94 37.29
C GLN R 528 26.35 -19.62 38.48
N PRO R 529 26.29 -20.42 39.54
CA PRO R 529 27.15 -20.17 40.70
C PRO R 529 28.60 -20.50 40.44
N CYS R 530 29.46 -19.48 40.30
CA CYS R 530 30.88 -19.71 40.06
C CYS R 530 31.51 -20.17 41.36
N ASP R 531 31.48 -21.48 41.58
CA ASP R 531 31.89 -22.08 42.83
C ASP R 531 33.23 -22.75 42.63
N HIS R 532 34.20 -22.39 43.46
CA HIS R 532 35.60 -22.76 43.28
C HIS R 532 36.02 -23.58 44.50
N PRO R 533 35.90 -24.90 44.44
CA PRO R 533 36.19 -25.71 45.63
C PRO R 533 37.58 -25.50 46.19
N ARG R 534 38.58 -25.40 45.31
CA ARG R 534 39.93 -25.11 45.78
C ARG R 534 40.57 -23.99 44.97
N GLN R 535 40.20 -23.90 43.69
CA GLN R 535 40.80 -22.92 42.80
C GLN R 535 40.40 -21.51 43.19
N PRO R 536 41.16 -20.52 42.77
CA PRO R 536 40.70 -19.13 42.87
C PRO R 536 39.76 -18.81 41.72
N CYS R 537 39.30 -17.56 41.69
CA CYS R 537 38.46 -17.08 40.60
C CYS R 537 39.34 -16.91 39.37
N ASP R 538 39.65 -18.03 38.73
CA ASP R 538 40.67 -18.07 37.70
C ASP R 538 40.10 -17.61 36.36
N SER R 539 40.88 -17.80 35.29
CA SER R 539 40.39 -17.52 33.94
C SER R 539 39.26 -18.47 33.58
N SER R 540 39.33 -19.71 34.04
CA SER R 540 38.26 -20.67 33.82
C SER R 540 37.17 -20.57 34.85
N CYS R 541 37.05 -19.44 35.55
CA CYS R 541 35.99 -19.27 36.53
C CYS R 541 34.64 -19.40 35.84
N PRO R 542 33.69 -20.12 36.44
CA PRO R 542 32.43 -20.38 35.75
C PRO R 542 31.70 -19.12 35.32
N CYS R 543 31.70 -18.09 36.16
CA CYS R 543 31.08 -16.84 35.73
C CYS R 543 31.97 -16.07 34.77
N VAL R 544 33.29 -16.24 34.87
CA VAL R 544 34.19 -15.57 33.95
C VAL R 544 33.96 -16.08 32.53
N ILE R 545 33.96 -17.40 32.38
CA ILE R 545 33.62 -17.96 31.09
C ILE R 545 32.18 -17.64 30.73
N ALA R 546 31.34 -17.40 31.75
CA ALA R 546 30.02 -16.86 31.51
C ALA R 546 30.03 -15.35 31.36
N GLN R 547 31.14 -14.70 31.70
CA GLN R 547 31.31 -13.25 31.53
C GLN R 547 30.32 -12.45 32.37
N ASN R 548 30.33 -12.70 33.68
CA ASN R 548 29.52 -11.92 34.62
C ASN R 548 30.18 -11.95 35.99
N PHE R 549 29.58 -11.26 36.94
CA PHE R 549 30.12 -11.16 38.28
C PHE R 549 30.20 -12.50 38.97
N CYS R 550 31.09 -12.59 39.95
CA CYS R 550 30.95 -13.58 40.98
C CYS R 550 29.82 -13.16 41.92
N GLU R 551 28.61 -13.72 41.77
CA GLU R 551 27.47 -13.35 42.61
C GLU R 551 27.68 -13.77 44.07
N LYS R 552 27.06 -13.07 45.03
CA LYS R 552 27.09 -13.44 46.45
C LYS R 552 26.56 -14.84 46.74
N PHE R 553 25.66 -15.33 45.89
CA PHE R 553 25.15 -16.69 45.95
C PHE R 553 26.21 -17.69 45.51
N CYS R 554 27.14 -17.27 44.65
CA CYS R 554 28.24 -18.14 44.29
C CYS R 554 29.14 -18.34 45.51
N GLN R 555 30.18 -19.16 45.32
CA GLN R 555 31.20 -19.45 46.33
C GLN R 555 32.60 -18.94 45.96
N CYS R 556 32.73 -18.04 44.98
CA CYS R 556 33.85 -17.10 44.98
C CYS R 556 33.78 -16.23 46.22
N SER R 557 34.72 -16.41 47.12
CA SER R 557 34.73 -15.74 48.42
C SER R 557 34.90 -14.22 48.30
N SER R 558 34.68 -13.52 49.40
CA SER R 558 34.58 -12.05 49.48
C SER R 558 35.77 -11.29 48.88
N GLU R 559 36.96 -11.88 48.89
CA GLU R 559 38.17 -11.32 48.29
C GLU R 559 38.07 -11.18 46.76
N CYS R 560 37.13 -11.87 46.13
CA CYS R 560 36.99 -11.89 44.68
C CYS R 560 36.70 -10.52 44.07
N GLN R 561 37.62 -10.02 43.25
CA GLN R 561 37.43 -8.76 42.55
C GLN R 561 36.32 -8.79 41.50
N ASN R 562 35.94 -9.97 41.02
CA ASN R 562 34.80 -10.09 40.13
C ASN R 562 33.45 -9.92 40.81
N ARG R 563 33.42 -9.75 42.13
CA ARG R 563 32.21 -9.34 42.81
C ARG R 563 31.82 -7.93 42.37
N PHE R 564 30.55 -7.66 42.12
CA PHE R 564 30.11 -6.30 41.84
C PHE R 564 30.35 -5.41 43.04
N PRO R 565 30.98 -4.24 42.88
CA PRO R 565 31.31 -3.38 44.00
C PRO R 565 30.09 -2.94 44.80
N GLY R 566 29.16 -2.25 44.17
CA GLY R 566 28.15 -1.56 44.93
C GLY R 566 27.55 -0.40 44.19
N CYS R 567 26.51 0.13 44.81
CA CYS R 567 25.45 0.80 44.08
C CYS R 567 25.38 2.30 44.41
N ARG R 568 26.49 2.91 44.83
CA ARG R 568 26.70 4.12 45.71
C ARG R 568 26.08 5.47 45.32
N CYS R 569 24.97 5.43 44.61
CA CYS R 569 24.28 6.57 44.07
C CYS R 569 23.46 7.28 45.15
N LYS R 570 24.00 8.39 45.68
CA LYS R 570 23.47 9.10 46.85
C LYS R 570 22.28 9.99 46.57
N ALA R 571 22.07 10.46 45.35
CA ALA R 571 20.76 10.94 44.99
C ALA R 571 19.81 9.74 44.80
N GLN R 572 20.01 8.94 43.75
CA GLN R 572 19.20 7.76 43.46
C GLN R 572 19.81 6.81 42.42
N CYS R 573 19.64 5.50 42.60
CA CYS R 573 19.94 4.60 41.50
C CYS R 573 18.86 4.58 40.46
N ASN R 574 18.96 5.46 39.49
CA ASN R 574 17.89 5.54 38.54
C ASN R 574 18.25 6.23 37.21
N THR R 575 19.49 6.67 37.03
CA THR R 575 19.85 7.57 35.92
C THR R 575 21.35 7.50 35.59
N LYS R 576 21.78 8.03 34.44
CA LYS R 576 23.05 7.73 33.76
C LYS R 576 24.32 7.58 34.62
N GLN R 577 24.57 8.47 35.59
CA GLN R 577 25.81 8.36 36.39
C GLN R 577 25.83 7.13 37.33
N CYS R 578 24.68 6.58 37.67
CA CYS R 578 24.53 5.37 38.48
C CYS R 578 24.97 4.14 37.66
N PRO R 579 26.10 3.49 37.98
CA PRO R 579 26.62 2.44 37.13
C PRO R 579 25.88 1.14 37.36
N CYS R 580 25.32 0.99 38.55
CA CYS R 580 24.29 0.04 38.85
C CYS R 580 23.01 0.28 38.04
N TYR R 581 22.66 1.52 37.69
CA TYR R 581 21.54 1.83 36.78
C TYR R 581 21.89 1.43 35.34
N LEU R 582 23.15 1.64 34.97
CA LEU R 582 23.67 1.06 33.75
C LEU R 582 23.80 -0.45 33.84
N ALA R 583 24.02 -0.98 35.04
CA ALA R 583 23.97 -2.40 35.27
C ALA R 583 22.55 -2.87 34.97
N VAL R 584 22.45 -4.07 34.41
CA VAL R 584 21.17 -4.64 33.98
C VAL R 584 20.24 -4.96 35.17
N ARG R 585 20.81 -4.94 36.39
CA ARG R 585 20.23 -5.45 37.64
C ARG R 585 19.48 -4.41 38.43
N GLU R 586 18.44 -4.84 39.16
CA GLU R 586 17.84 -3.96 40.15
C GLU R 586 18.86 -3.63 41.23
N CYS R 587 18.86 -2.41 41.73
CA CYS R 587 19.85 -1.96 42.70
C CYS R 587 19.73 -2.76 43.97
N ASP R 588 20.76 -3.51 44.32
CA ASP R 588 20.63 -4.54 45.35
C ASP R 588 20.28 -3.90 46.69
N PRO R 589 19.33 -4.45 47.45
CA PRO R 589 19.02 -3.86 48.76
C PRO R 589 20.25 -3.74 49.65
N ASP R 590 21.16 -4.70 49.57
CA ASP R 590 22.38 -4.65 50.37
C ASP R 590 23.34 -3.57 49.91
N LEU R 591 23.19 -3.03 48.71
CA LEU R 591 24.20 -2.15 48.16
C LEU R 591 23.75 -0.72 48.14
N CYS R 592 22.55 -0.43 47.63
CA CYS R 592 22.13 0.97 47.47
C CYS R 592 21.45 1.55 48.70
N LEU R 593 22.16 1.49 49.81
CA LEU R 593 21.86 2.26 51.01
C LEU R 593 21.86 3.76 50.68
N THR R 594 22.62 4.15 49.66
CA THR R 594 22.65 5.50 49.11
C THR R 594 21.33 5.92 48.43
N CYS R 595 20.49 4.98 47.95
CA CYS R 595 19.19 5.26 47.32
C CYS R 595 17.97 4.62 48.01
N GLY R 596 18.09 4.18 49.26
CA GLY R 596 17.00 3.49 49.92
C GLY R 596 16.61 2.18 49.29
N ALA R 597 17.57 1.38 48.85
CA ALA R 597 17.24 0.10 48.24
C ALA R 597 16.54 -0.85 49.22
N ALA R 598 17.09 -1.06 50.42
CA ALA R 598 16.43 -1.87 51.42
C ALA R 598 15.60 -1.05 52.40
N ASP R 599 15.65 0.28 52.29
CA ASP R 599 14.97 1.15 53.25
C ASP R 599 13.46 1.01 53.10
N HIS R 600 12.82 0.45 54.12
CA HIS R 600 11.37 0.25 54.13
C HIS R 600 10.93 -0.52 52.89
N TRP R 601 11.48 -1.73 52.76
CA TRP R 601 11.11 -2.58 51.63
C TRP R 601 9.62 -2.89 51.63
N ASP R 602 8.95 -2.75 52.77
CA ASP R 602 7.50 -2.85 52.82
C ASP R 602 6.82 -1.60 52.28
N SER R 603 7.44 -0.42 52.45
CA SER R 603 6.86 0.82 52.00
C SER R 603 6.99 0.93 50.48
N LYS R 604 6.45 2.02 49.93
CA LYS R 604 6.40 2.21 48.48
C LYS R 604 6.98 3.53 48.00
N ASN R 605 7.62 4.30 48.87
CA ASN R 605 8.14 5.61 48.52
C ASN R 605 9.66 5.62 48.69
N VAL R 606 10.37 6.01 47.63
CA VAL R 606 11.83 6.11 47.67
C VAL R 606 12.27 6.93 46.46
N SER R 607 13.47 7.52 46.52
CA SER R 607 14.04 8.31 45.42
C SER R 607 14.46 7.48 44.22
N CYS R 608 15.02 6.28 44.44
CA CYS R 608 15.40 5.41 43.34
C CYS R 608 14.20 4.91 42.55
N LYS R 609 14.44 4.55 41.30
CA LYS R 609 13.45 3.98 40.41
C LYS R 609 13.76 2.54 40.03
N ASN R 610 15.01 2.12 40.06
CA ASN R 610 15.39 0.73 39.81
C ASN R 610 15.09 -0.17 41.02
N CYS R 611 13.85 -0.12 41.50
CA CYS R 611 13.41 -0.79 42.71
C CYS R 611 12.02 -1.39 42.53
N SER R 612 11.71 -1.86 41.33
CA SER R 612 10.34 -2.28 41.02
C SER R 612 10.12 -3.76 41.35
N ILE R 613 10.92 -4.63 40.73
CA ILE R 613 10.71 -6.07 40.88
C ILE R 613 10.89 -6.49 42.33
N GLN R 614 11.71 -5.76 43.07
CA GLN R 614 11.99 -6.14 44.46
C GLN R 614 10.76 -6.06 45.34
N ARG R 615 9.72 -5.32 44.92
CA ARG R 615 8.47 -5.30 45.67
C ARG R 615 7.30 -5.63 44.76
N GLY R 616 7.36 -5.21 43.50
CA GLY R 616 6.23 -5.35 42.61
C GLY R 616 5.40 -4.08 42.51
N SER R 617 6.06 -2.96 42.24
CA SER R 617 5.36 -1.70 42.06
C SER R 617 4.60 -1.70 40.74
N LYS R 618 3.51 -2.46 40.68
CA LYS R 618 2.79 -2.66 39.44
C LYS R 618 1.72 -1.59 39.26
N LYS R 619 1.39 -1.31 38.01
CA LYS R 619 0.35 -0.34 37.70
C LYS R 619 -1.00 -1.04 37.66
N HIS R 620 -2.03 -0.31 37.24
CA HIS R 620 -3.37 -0.86 37.09
C HIS R 620 -3.70 -0.91 35.60
N LEU R 621 -3.74 -2.12 35.07
CA LEU R 621 -3.90 -2.32 33.63
C LEU R 621 -5.38 -2.22 33.25
N LEU R 622 -5.65 -2.32 31.96
CA LEU R 622 -7.02 -2.41 31.47
C LEU R 622 -7.13 -3.51 30.43
N LEU R 623 -8.32 -4.09 30.35
CA LEU R 623 -8.64 -5.11 29.35
C LEU R 623 -9.76 -4.60 28.47
N ALA R 624 -9.57 -4.72 27.15
CA ALA R 624 -10.52 -4.24 26.15
C ALA R 624 -10.03 -4.60 24.76
N PRO R 625 -10.86 -4.47 23.73
CA PRO R 625 -10.34 -4.53 22.36
C PRO R 625 -9.39 -3.37 22.12
N SER R 626 -8.45 -3.58 21.20
CA SER R 626 -7.48 -2.56 20.85
C SER R 626 -7.85 -1.88 19.54
N ASP R 627 -7.30 -0.68 19.34
CA ASP R 627 -7.51 0.01 18.08
C ASP R 627 -6.91 -0.77 16.92
N VAL R 628 -5.76 -1.40 17.14
CA VAL R 628 -4.99 -1.98 16.05
C VAL R 628 -5.40 -3.42 15.78
N ALA R 629 -5.50 -4.25 16.82
CA ALA R 629 -5.77 -5.66 16.60
C ALA R 629 -6.36 -6.25 17.88
N GLY R 630 -7.59 -6.75 17.78
CA GLY R 630 -8.19 -7.57 18.82
C GLY R 630 -8.12 -6.93 20.18
N TRP R 631 -7.84 -7.77 21.19
CA TRP R 631 -7.77 -7.33 22.56
C TRP R 631 -6.67 -6.29 22.74
N GLY R 632 -6.67 -5.65 23.91
CA GLY R 632 -5.67 -4.63 24.19
C GLY R 632 -5.52 -4.39 25.67
N ILE R 633 -4.42 -3.70 26.00
CA ILE R 633 -4.11 -3.30 27.36
C ILE R 633 -3.95 -1.78 27.39
N PHE R 634 -4.47 -1.16 28.44
CA PHE R 634 -4.39 0.29 28.60
C PHE R 634 -4.01 0.64 30.03
N ILE R 635 -3.42 1.81 30.18
CA ILE R 635 -2.99 2.32 31.47
C ILE R 635 -4.10 3.16 32.08
N LYS R 636 -4.12 3.23 33.40
CA LYS R 636 -5.14 3.99 34.11
C LYS R 636 -4.72 5.43 34.40
N ASP R 637 -3.49 5.61 34.88
CA ASP R 637 -3.08 6.90 35.39
C ASP R 637 -1.87 7.42 34.64
N PRO R 638 -1.68 8.74 34.58
CA PRO R 638 -0.54 9.30 33.84
C PRO R 638 0.79 8.86 34.43
N VAL R 639 1.76 8.63 33.55
CA VAL R 639 3.13 8.31 33.94
C VAL R 639 4.07 9.11 33.06
N GLN R 640 5.31 9.23 33.50
CA GLN R 640 6.33 10.00 32.81
C GLN R 640 7.29 9.07 32.09
N LYS R 641 7.97 9.64 31.10
CA LYS R 641 9.00 8.96 30.33
C LYS R 641 10.01 8.34 31.28
N ASN R 642 10.61 7.26 30.85
CA ASN R 642 11.66 6.57 31.57
C ASN R 642 11.20 6.18 32.97
N GLU R 643 10.05 5.54 33.03
CA GLU R 643 9.47 5.05 34.27
C GLU R 643 9.06 3.59 34.09
N PHE R 644 9.00 2.87 35.21
CA PHE R 644 8.83 1.44 35.17
C PHE R 644 7.41 1.05 34.77
N ILE R 645 7.30 -0.04 34.02
CA ILE R 645 6.04 -0.73 33.78
C ILE R 645 6.27 -2.21 34.04
N SER R 646 5.23 -2.86 34.55
CA SER R 646 5.34 -4.21 35.11
C SER R 646 6.09 -5.15 34.18
N GLU R 647 6.85 -6.05 34.78
CA GLU R 647 7.73 -6.94 34.03
C GLU R 647 6.93 -7.92 33.19
N TYR R 648 7.51 -8.31 32.06
CA TYR R 648 6.92 -9.30 31.15
C TYR R 648 7.16 -10.68 31.73
N CYS R 649 6.34 -11.03 32.71
CA CYS R 649 6.45 -12.32 33.37
C CYS R 649 6.00 -13.44 32.45
N GLY R 650 6.58 -14.62 32.63
CA GLY R 650 6.17 -15.77 31.84
C GLY R 650 7.00 -16.99 32.15
N GLU R 651 6.53 -18.11 31.61
CA GLU R 651 7.26 -19.37 31.67
C GLU R 651 8.59 -19.22 30.95
N ILE R 652 9.58 -19.98 31.41
CA ILE R 652 10.90 -19.99 30.80
C ILE R 652 11.12 -21.33 30.13
N ILE R 653 11.42 -21.31 28.83
CA ILE R 653 11.57 -22.53 28.05
C ILE R 653 12.84 -22.42 27.21
N SER R 654 13.15 -23.52 26.52
CA SER R 654 14.35 -23.58 25.70
C SER R 654 14.05 -23.15 24.28
N GLN R 655 15.12 -22.99 23.49
CA GLN R 655 14.99 -22.50 22.13
C GLN R 655 14.26 -23.50 21.25
N ASP R 656 14.71 -24.76 21.28
CA ASP R 656 14.22 -25.76 20.34
C ASP R 656 12.73 -26.02 20.50
N GLU R 657 12.28 -26.22 21.75
CA GLU R 657 10.86 -26.42 21.98
C GLU R 657 10.07 -25.22 21.51
N ALA R 658 10.55 -24.02 21.82
CA ALA R 658 9.93 -22.81 21.29
C ALA R 658 9.98 -22.80 19.78
N ASP R 659 11.14 -23.14 19.21
CA ASP R 659 11.22 -23.29 17.76
C ASP R 659 10.23 -24.35 17.29
N ARG R 660 10.14 -25.46 18.02
CA ARG R 660 9.09 -26.42 17.76
C ARG R 660 7.72 -25.81 17.98
N ARG R 661 7.58 -25.01 19.04
CA ARG R 661 6.29 -24.37 19.30
C ARG R 661 6.04 -23.23 18.33
N GLY R 662 7.07 -22.43 18.04
CA GLY R 662 6.86 -21.23 17.25
C GLY R 662 6.33 -21.54 15.86
N LYS R 663 6.91 -22.53 15.19
CA LYS R 663 6.43 -22.89 13.86
C LYS R 663 4.97 -23.31 13.91
N VAL R 664 4.61 -24.07 14.94
CA VAL R 664 3.20 -24.33 15.19
C VAL R 664 2.50 -23.04 15.58
N TYR R 665 3.12 -22.26 16.47
CA TYR R 665 2.55 -20.99 16.87
C TYR R 665 2.34 -20.08 15.67
N ASP R 666 3.37 -19.99 14.82
CA ASP R 666 3.27 -19.13 13.64
C ASP R 666 2.29 -19.69 12.62
N LYS R 667 2.09 -21.01 12.61
CA LYS R 667 1.10 -21.57 11.70
C LYS R 667 -0.28 -21.03 12.03
N TYR R 668 -0.58 -20.91 13.32
CA TYR R 668 -1.73 -20.14 13.78
C TYR R 668 -1.38 -18.68 14.04
N MET R 669 -0.15 -18.29 13.73
CA MET R 669 0.33 -16.93 13.92
C MET R 669 0.27 -16.53 15.39
N CYS R 670 1.04 -17.25 16.20
CA CYS R 670 1.09 -17.05 17.63
C CYS R 670 2.51 -16.70 18.07
N SER R 671 2.61 -15.74 18.99
CA SER R 671 3.92 -15.42 19.58
C SER R 671 3.68 -14.86 20.98
N PHE R 672 3.77 -15.73 21.99
CA PHE R 672 3.86 -15.31 23.37
C PHE R 672 5.28 -15.49 23.89
N LEU R 673 6.25 -15.23 23.03
CA LEU R 673 7.64 -15.56 23.29
C LEU R 673 8.49 -14.30 23.16
N PHE R 674 9.32 -14.05 24.17
CA PHE R 674 10.34 -13.02 24.10
C PHE R 674 11.71 -13.65 24.16
N ASN R 675 12.61 -13.20 23.30
CA ASN R 675 13.98 -13.69 23.32
C ASN R 675 14.59 -13.41 24.68
N LEU R 676 14.78 -14.44 25.49
CA LEU R 676 15.34 -14.24 26.82
C LEU R 676 16.83 -13.95 26.73
N ASN R 677 17.61 -14.92 26.27
CA ASN R 677 19.04 -14.76 26.15
C ASN R 677 19.53 -15.66 25.04
N ASN R 678 20.85 -15.76 24.89
CA ASN R 678 21.43 -16.66 23.92
C ASN R 678 21.13 -18.12 24.22
N ASP R 679 20.67 -18.42 25.44
CA ASP R 679 20.47 -19.78 25.88
C ASP R 679 19.02 -20.16 26.14
N PHE R 680 18.14 -19.21 26.39
CA PHE R 680 16.77 -19.54 26.77
C PHE R 680 15.82 -18.49 26.23
N VAL R 681 14.53 -18.75 26.42
CA VAL R 681 13.45 -17.92 25.90
C VAL R 681 12.26 -18.03 26.85
N VAL R 682 11.55 -16.93 27.03
CA VAL R 682 10.44 -16.88 27.97
C VAL R 682 9.13 -17.19 27.25
N ASP R 683 8.40 -18.16 27.77
CA ASP R 683 7.08 -18.53 27.25
C ASP R 683 6.02 -17.79 28.05
N ALA R 684 4.98 -17.35 27.35
CA ALA R 684 3.84 -16.71 27.99
C ALA R 684 2.54 -17.17 27.35
N THR R 685 2.46 -18.45 27.01
CA THR R 685 1.31 -18.92 26.26
C THR R 685 0.11 -19.16 27.18
N ARG R 686 0.25 -20.09 28.12
CA ARG R 686 -0.85 -20.44 29.01
C ARG R 686 -0.79 -19.60 30.29
N LYS R 687 0.30 -19.72 31.04
CA LYS R 687 0.59 -18.77 32.09
C LYS R 687 1.05 -17.47 31.46
N GLY R 688 0.80 -16.36 32.15
CA GLY R 688 1.23 -15.08 31.62
C GLY R 688 0.94 -13.93 32.55
N ASN R 689 1.55 -12.80 32.22
CA ASN R 689 1.41 -11.57 32.97
C ASN R 689 0.09 -10.90 32.61
N LYS R 690 -0.04 -9.63 33.00
CA LYS R 690 -1.19 -8.84 32.58
C LYS R 690 -0.91 -7.99 31.34
N ILE R 691 0.36 -7.75 31.02
CA ILE R 691 0.69 -6.96 29.83
C ILE R 691 0.73 -7.81 28.57
N ARG R 692 0.52 -9.12 28.70
CA ARG R 692 0.67 -10.02 27.55
C ARG R 692 -0.31 -9.71 26.43
N PHE R 693 -1.35 -8.93 26.69
CA PHE R 693 -2.42 -8.70 25.74
C PHE R 693 -2.39 -7.30 25.14
N ALA R 694 -1.23 -6.64 25.16
CA ALA R 694 -1.07 -5.34 24.52
C ALA R 694 -0.70 -5.54 23.05
N ASN R 695 -0.29 -4.47 22.37
CA ASN R 695 -0.07 -4.52 20.94
C ASN R 695 1.18 -3.70 20.60
N HIS R 696 1.36 -3.40 19.31
CA HIS R 696 2.63 -2.95 18.75
C HIS R 696 2.52 -1.57 18.11
N SER R 697 3.63 -0.83 18.20
CA SER R 697 3.84 0.39 17.42
C SER R 697 5.30 0.47 17.00
N VAL R 698 5.53 1.18 15.90
CA VAL R 698 6.91 1.52 15.54
C VAL R 698 7.40 2.72 16.33
N ASN R 699 6.50 3.59 16.78
CA ASN R 699 6.84 4.72 17.63
C ASN R 699 5.92 4.76 18.85
N PRO R 700 6.03 3.76 19.72
CA PRO R 700 5.13 3.66 20.86
C PRO R 700 5.51 4.65 21.97
N ASN R 701 4.61 4.77 22.93
CA ASN R 701 4.83 5.62 24.09
C ASN R 701 5.71 4.97 25.15
N CYS R 702 5.98 3.67 25.01
CA CYS R 702 6.76 2.97 26.01
C CYS R 702 7.58 1.87 25.34
N TYR R 703 8.63 1.45 26.05
CA TYR R 703 9.61 0.51 25.51
C TYR R 703 10.04 -0.45 26.60
N ALA R 704 10.65 -1.55 26.17
CA ALA R 704 11.08 -2.62 27.07
C ALA R 704 12.58 -2.58 27.28
N LYS R 705 13.00 -2.75 28.53
CA LYS R 705 14.41 -2.77 28.92
C LYS R 705 14.79 -4.12 29.51
N VAL R 706 15.89 -4.67 29.03
CA VAL R 706 16.33 -5.99 29.47
C VAL R 706 16.83 -5.90 30.90
N MET R 707 16.34 -6.77 31.76
CA MET R 707 16.62 -6.73 33.19
C MET R 707 17.39 -7.95 33.63
N MET R 708 18.19 -7.79 34.68
CA MET R 708 18.88 -8.88 35.34
C MET R 708 18.46 -8.86 36.81
N VAL R 709 17.31 -9.46 37.10
CA VAL R 709 16.71 -9.35 38.42
C VAL R 709 17.40 -10.38 39.32
N ASN R 710 18.45 -9.95 40.02
CA ASN R 710 19.11 -10.77 41.02
C ASN R 710 19.60 -12.08 40.40
N GLY R 711 20.24 -11.97 39.25
CA GLY R 711 20.70 -13.14 38.53
C GLY R 711 19.67 -13.79 37.64
N ASP R 712 18.48 -13.21 37.52
CA ASP R 712 17.44 -13.72 36.63
C ASP R 712 17.27 -12.76 35.46
N HIS R 713 17.41 -13.29 34.25
CA HIS R 713 17.16 -12.49 33.06
C HIS R 713 15.68 -12.19 32.97
N ARG R 714 15.31 -10.91 33.10
CA ARG R 714 13.92 -10.51 33.05
C ARG R 714 13.77 -9.30 32.15
N ILE R 715 12.53 -8.92 31.91
CA ILE R 715 12.20 -7.93 30.91
C ILE R 715 10.99 -7.10 31.30
N GLY R 716 11.21 -5.82 31.60
CA GLY R 716 10.15 -4.89 31.93
C GLY R 716 9.85 -3.94 30.80
N ILE R 717 9.03 -2.94 31.10
CA ILE R 717 8.61 -1.94 30.14
C ILE R 717 8.85 -0.56 30.72
N PHE R 718 9.33 0.36 29.87
CA PHE R 718 9.58 1.73 30.27
C PHE R 718 9.02 2.70 29.24
N ALA R 719 8.60 3.87 29.72
CA ALA R 719 7.83 4.81 28.93
C ALA R 719 8.74 5.60 28.00
N LYS R 720 8.40 5.59 26.70
CA LYS R 720 9.18 6.35 25.74
C LYS R 720 8.92 7.84 25.86
N ARG R 721 7.68 8.22 26.15
CA ARG R 721 7.29 9.62 26.15
C ARG R 721 6.38 9.87 27.34
N ALA R 722 5.68 11.00 27.30
CA ALA R 722 4.69 11.32 28.32
C ALA R 722 3.41 10.52 28.11
N ILE R 723 2.82 10.08 29.21
CA ILE R 723 1.55 9.36 29.21
C ILE R 723 0.59 10.03 30.18
N GLN R 724 -0.63 10.27 29.71
CA GLN R 724 -1.73 10.69 30.56
C GLN R 724 -2.81 9.62 30.49
N THR R 725 -3.96 9.92 31.09
CA THR R 725 -5.01 8.91 31.24
C THR R 725 -5.53 8.47 29.88
N GLY R 726 -5.97 7.21 29.83
CA GLY R 726 -6.62 6.68 28.66
C GLY R 726 -5.75 6.56 27.42
N GLU R 727 -4.55 6.02 27.55
CA GLU R 727 -3.69 5.81 26.39
C GLU R 727 -3.50 4.33 26.10
N GLU R 728 -3.31 4.01 24.83
CA GLU R 728 -2.86 2.70 24.41
C GLU R 728 -1.45 2.42 24.92
N LEU R 729 -1.09 1.14 24.88
CA LEU R 729 0.22 0.68 25.34
C LEU R 729 0.82 -0.22 24.28
N PHE R 730 1.84 0.28 23.58
CA PHE R 730 2.52 -0.50 22.54
C PHE R 730 4.02 -0.56 22.83
N PHE R 731 4.68 -1.45 22.10
CA PHE R 731 6.14 -1.49 22.09
C PHE R 731 6.59 -2.17 20.81
N ASP R 732 7.86 -1.91 20.45
CA ASP R 732 8.49 -2.47 19.26
C ASP R 732 8.85 -3.93 19.50
N TYR R 733 8.18 -4.84 18.80
CA TYR R 733 8.51 -6.25 18.95
C TYR R 733 9.85 -6.61 18.33
N ARG R 734 10.36 -5.80 17.40
CA ARG R 734 11.68 -5.99 16.82
C ARG R 734 11.80 -7.36 16.15
N TYR R 735 11.02 -7.52 15.07
CA TYR R 735 11.10 -8.67 14.19
C TYR R 735 11.82 -8.30 12.90
N SER R 736 11.88 -9.25 11.98
CA SER R 736 12.31 -8.95 10.63
C SER R 736 11.26 -8.11 9.91
N GLN R 737 11.73 -7.35 8.92
CA GLN R 737 10.81 -6.50 8.18
C GLN R 737 9.78 -7.32 7.44
N ALA R 738 10.20 -8.42 6.80
CA ALA R 738 9.24 -9.34 6.21
C ALA R 738 8.33 -9.91 7.28
N ASP R 739 8.90 -10.22 8.46
CA ASP R 739 8.09 -10.66 9.57
C ASP R 739 7.13 -9.56 10.02
N ALA R 740 7.64 -8.34 10.15
CA ALA R 740 6.83 -7.25 10.68
C ALA R 740 5.60 -7.02 9.81
N LEU R 741 5.79 -6.95 8.50
CA LEU R 741 4.64 -6.86 7.60
C LEU R 741 3.76 -8.09 7.73
N LYS R 742 4.38 -9.27 7.84
CA LYS R 742 3.59 -10.48 8.01
C LYS R 742 2.82 -10.47 9.32
N TYR R 743 3.45 -10.01 10.39
CA TYR R 743 2.87 -10.13 11.73
C TYR R 743 2.23 -8.85 12.24
N VAL R 744 2.94 -7.73 12.16
CA VAL R 744 2.49 -6.52 12.84
C VAL R 744 2.29 -5.40 11.85
N GLY R 745 1.84 -5.74 10.64
CA GLY R 745 1.81 -4.77 9.56
C GLY R 745 1.02 -3.51 9.87
N ILE R 746 -0.03 -3.62 10.67
CA ILE R 746 -0.87 -2.46 10.94
C ILE R 746 -0.10 -1.45 11.77
N GLU R 747 -0.11 -0.19 11.32
CA GLU R 747 0.66 0.87 11.93
C GLU R 747 -0.15 2.05 12.41
N ARG R 748 -1.41 2.19 11.95
CA ARG R 748 -2.32 3.23 12.44
C ARG R 748 -1.75 4.63 12.21
N GLU R 749 -1.65 4.98 10.92
CA GLU R 749 -1.24 6.33 10.56
C GLU R 749 -1.64 6.60 9.11
N MET R 750 -1.77 7.88 8.78
CA MET R 750 -2.09 8.34 7.43
C MET R 750 -0.92 9.13 6.85
N GLU R 751 -1.13 9.67 5.65
CA GLU R 751 -0.09 10.40 4.92
C GLU R 751 -0.31 11.90 5.09
N ILE R 752 0.49 12.52 5.95
CA ILE R 752 0.44 13.96 6.17
C ILE R 752 1.11 14.68 5.01
N PRO R 753 2.37 14.37 4.65
CA PRO R 753 2.93 15.13 3.53
C PRO R 753 2.51 14.58 2.17
N TYR S 80 -33.07 -52.48 17.96
CA TYR S 80 -32.93 -53.80 17.36
C TYR S 80 -34.09 -54.14 16.44
N SER S 81 -35.26 -53.54 16.71
CA SER S 81 -36.45 -53.73 15.87
C SER S 81 -37.02 -52.35 15.55
N PHE S 82 -36.48 -51.72 14.51
CA PHE S 82 -36.86 -50.36 14.13
C PHE S 82 -36.86 -50.25 12.61
N LYS S 83 -37.19 -49.06 12.12
CA LYS S 83 -37.17 -48.77 10.69
C LYS S 83 -37.28 -47.28 10.50
N CYS S 84 -36.52 -46.75 9.55
CA CYS S 84 -36.70 -45.36 9.14
C CYS S 84 -37.99 -45.25 8.35
N VAL S 85 -38.96 -44.54 8.90
CA VAL S 85 -40.28 -44.47 8.29
C VAL S 85 -40.56 -43.11 7.63
N ASN S 86 -39.84 -42.05 8.02
CA ASN S 86 -39.98 -40.77 7.33
C ASN S 86 -38.62 -40.09 7.25
N SER S 87 -38.50 -39.16 6.31
CA SER S 87 -37.30 -38.36 6.16
C SER S 87 -37.67 -37.04 5.48
N LEU S 88 -36.96 -35.97 5.88
CA LEU S 88 -37.22 -34.63 5.38
C LEU S 88 -35.89 -33.94 5.14
N LYS S 89 -35.94 -32.78 4.50
CA LYS S 89 -34.73 -31.99 4.30
C LYS S 89 -35.08 -30.51 4.25
N GLU S 90 -34.21 -29.69 4.82
CA GLU S 90 -34.35 -28.24 4.78
C GLU S 90 -33.57 -27.68 3.60
N ASP S 91 -34.11 -26.62 2.99
CA ASP S 91 -33.57 -26.08 1.74
C ASP S 91 -32.27 -25.30 1.94
N HIS S 92 -31.86 -25.02 3.18
CA HIS S 92 -30.70 -24.17 3.39
C HIS S 92 -29.42 -24.79 2.85
N ASN S 93 -29.36 -26.11 2.79
CA ASN S 93 -28.29 -26.92 2.19
C ASN S 93 -26.98 -26.85 2.96
N GLN S 94 -26.89 -26.05 4.01
CA GLN S 94 -25.69 -26.05 4.82
C GLN S 94 -25.68 -27.27 5.72
N PRO S 95 -24.52 -27.64 6.25
CA PRO S 95 -24.46 -28.82 7.12
C PRO S 95 -25.36 -28.67 8.32
N LEU S 96 -25.93 -29.79 8.75
CA LEU S 96 -26.80 -29.82 9.91
C LEU S 96 -25.98 -30.05 11.18
N PHE S 97 -26.59 -29.71 12.31
CA PHE S 97 -25.85 -29.65 13.57
C PHE S 97 -26.80 -30.03 14.69
N GLY S 98 -26.44 -29.64 15.92
CA GLY S 98 -27.00 -30.17 17.15
C GLY S 98 -28.48 -30.50 17.15
N VAL S 99 -28.79 -31.74 17.48
CA VAL S 99 -30.16 -32.21 17.59
C VAL S 99 -30.52 -32.30 19.06
N GLN S 100 -31.79 -32.07 19.37
CA GLN S 100 -32.23 -32.07 20.76
C GLN S 100 -33.69 -32.46 20.82
N PHE S 101 -34.02 -33.38 21.73
CA PHE S 101 -35.40 -33.78 21.98
C PHE S 101 -35.80 -33.32 23.37
N ASN S 102 -36.97 -32.69 23.46
CA ASN S 102 -37.39 -32.04 24.68
C ASN S 102 -37.78 -33.08 25.72
N TRP S 103 -36.76 -33.69 26.32
CA TRP S 103 -37.03 -34.60 27.43
C TRP S 103 -37.66 -33.86 28.59
N HIS S 104 -37.31 -32.60 28.77
CA HIS S 104 -37.95 -31.75 29.77
C HIS S 104 -39.33 -31.39 29.24
N SER S 105 -40.33 -32.16 29.63
CA SER S 105 -41.67 -32.05 29.05
C SER S 105 -42.66 -32.65 30.04
N LYS S 106 -43.87 -32.94 29.55
CA LYS S 106 -44.86 -33.67 30.32
C LYS S 106 -45.51 -34.72 29.43
N GLU S 107 -45.91 -35.82 30.06
CA GLU S 107 -46.47 -36.94 29.32
C GLU S 107 -47.79 -36.54 28.67
N GLY S 108 -48.06 -37.13 27.51
CA GLY S 108 -49.30 -36.87 26.81
C GLY S 108 -49.23 -35.57 26.03
N ASP S 109 -48.37 -34.66 26.46
CA ASP S 109 -48.21 -33.41 25.75
C ASP S 109 -47.60 -33.67 24.39
N PRO S 110 -47.90 -32.83 23.41
CA PRO S 110 -47.34 -33.02 22.07
C PRO S 110 -45.83 -32.91 22.08
N LEU S 111 -45.15 -34.03 21.84
CA LEU S 111 -43.70 -34.04 21.88
C LEU S 111 -43.13 -33.26 20.71
N VAL S 112 -42.24 -32.32 21.00
CA VAL S 112 -41.62 -31.45 20.00
C VAL S 112 -40.12 -31.58 20.12
N PHE S 113 -39.44 -31.73 18.97
CA PHE S 113 -37.99 -31.81 18.93
C PHE S 113 -37.44 -30.57 18.23
N ALA S 114 -36.13 -30.36 18.41
CA ALA S 114 -35.50 -29.17 17.86
C ALA S 114 -34.07 -29.48 17.47
N THR S 115 -33.54 -28.66 16.56
CA THR S 115 -32.22 -28.87 15.98
C THR S 115 -31.79 -27.57 15.31
N VAL S 116 -30.48 -27.35 15.25
CA VAL S 116 -29.92 -26.17 14.62
C VAL S 116 -29.07 -26.59 13.43
N GLY S 117 -29.05 -25.74 12.41
CA GLY S 117 -28.15 -25.87 11.28
C GLY S 117 -27.01 -24.87 11.37
N SER S 118 -26.63 -24.32 10.21
CA SER S 118 -25.57 -23.33 10.18
C SER S 118 -25.98 -22.07 10.92
N ASN S 119 -27.04 -21.42 10.45
CA ASN S 119 -27.54 -20.22 11.10
C ASN S 119 -29.04 -20.28 11.34
N ARG S 120 -29.68 -21.40 11.04
CA ARG S 120 -31.11 -21.57 11.24
C ARG S 120 -31.36 -22.46 12.45
N VAL S 121 -32.20 -22.00 13.36
CA VAL S 121 -32.67 -22.81 14.47
C VAL S 121 -33.99 -23.44 14.08
N THR S 122 -34.13 -24.75 14.29
CA THR S 122 -35.29 -25.48 13.81
C THR S 122 -35.94 -26.25 14.95
N LEU S 123 -37.27 -26.21 14.99
CA LEU S 123 -38.06 -26.87 16.01
C LEU S 123 -39.22 -27.56 15.31
N TYR S 124 -39.47 -28.82 15.63
CA TYR S 124 -40.48 -29.56 14.89
C TYR S 124 -41.08 -30.64 15.77
N GLU S 125 -42.21 -31.18 15.32
CA GLU S 125 -42.90 -32.26 16.01
C GLU S 125 -43.37 -33.31 15.00
N CYS S 126 -43.05 -34.56 15.28
CA CYS S 126 -43.52 -35.68 14.48
C CYS S 126 -44.91 -36.11 14.93
N HIS S 127 -45.53 -36.95 14.13
CA HIS S 127 -46.86 -37.47 14.41
C HIS S 127 -47.02 -38.83 13.77
N SER S 128 -48.14 -39.47 14.09
CA SER S 128 -48.45 -40.77 13.51
C SER S 128 -48.65 -40.63 12.00
N GLN S 129 -48.83 -41.78 11.34
CA GLN S 129 -48.94 -41.86 9.89
C GLN S 129 -47.71 -41.30 9.19
N GLY S 130 -46.58 -41.26 9.88
CA GLY S 130 -45.34 -40.85 9.28
C GLY S 130 -45.18 -39.37 9.03
N GLU S 131 -46.06 -38.53 9.57
CA GLU S 131 -46.02 -37.11 9.31
C GLU S 131 -45.35 -36.36 10.46
N ILE S 132 -44.57 -35.34 10.10
CA ILE S 132 -43.90 -34.48 11.05
C ILE S 132 -44.30 -33.06 10.72
N ARG S 133 -45.20 -32.49 11.49
CA ARG S 133 -45.68 -31.15 11.19
C ARG S 133 -44.54 -30.15 11.33
N LEU S 134 -44.40 -29.29 10.33
CA LEU S 134 -43.51 -28.15 10.45
C LEU S 134 -43.92 -27.29 11.63
N LEU S 135 -42.95 -26.83 12.39
CA LEU S 135 -43.21 -25.97 13.52
C LEU S 135 -42.44 -24.66 13.37
N GLN S 136 -42.66 -23.76 14.33
CA GLN S 136 -42.00 -22.47 14.32
C GLN S 136 -40.50 -22.63 14.50
N SER S 137 -39.75 -21.84 13.74
CA SER S 137 -38.29 -21.95 13.75
C SER S 137 -37.71 -20.66 13.18
N TYR S 138 -36.55 -20.27 13.70
CA TYR S 138 -35.95 -19.00 13.35
C TYR S 138 -34.59 -19.22 12.70
N VAL S 139 -33.85 -18.13 12.48
CA VAL S 139 -32.61 -18.18 11.72
C VAL S 139 -31.81 -16.92 12.02
N ASP S 140 -30.49 -17.07 12.06
CA ASP S 140 -29.59 -15.93 12.18
C ASP S 140 -29.56 -15.14 10.88
N ALA S 141 -29.42 -13.82 11.00
CA ALA S 141 -29.41 -12.95 9.84
C ALA S 141 -28.31 -11.89 9.86
N ASP S 142 -27.62 -11.68 10.99
CA ASP S 142 -26.58 -10.66 11.06
C ASP S 142 -25.21 -11.29 11.28
N ALA S 143 -25.05 -12.09 12.32
CA ALA S 143 -23.75 -12.69 12.61
C ALA S 143 -23.45 -13.75 11.56
N ASP S 144 -22.47 -13.46 10.70
CA ASP S 144 -22.08 -14.44 9.68
C ASP S 144 -21.33 -15.57 10.36
N GLU S 145 -22.06 -16.35 11.16
CA GLU S 145 -21.47 -17.29 12.10
C GLU S 145 -22.27 -18.59 12.00
N ASN S 146 -21.55 -19.70 11.99
CA ASN S 146 -22.19 -21.01 11.92
C ASN S 146 -22.49 -21.49 13.33
N PHE S 147 -23.74 -21.90 13.56
CA PHE S 147 -24.09 -22.49 14.84
C PHE S 147 -23.84 -23.98 14.86
N TYR S 148 -23.39 -24.46 16.02
CA TYR S 148 -22.87 -25.81 16.17
C TYR S 148 -23.69 -26.65 17.13
N THR S 149 -23.95 -26.16 18.33
CA THR S 149 -24.57 -26.97 19.37
C THR S 149 -25.77 -26.25 19.96
N CYS S 150 -26.62 -27.02 20.64
CA CYS S 150 -27.86 -26.49 21.18
C CYS S 150 -28.41 -27.46 22.23
N ALA S 151 -29.33 -26.95 23.04
CA ALA S 151 -30.03 -27.78 24.03
C ALA S 151 -31.26 -27.06 24.54
N TRP S 152 -32.22 -27.84 25.01
CA TRP S 152 -33.47 -27.29 25.50
C TRP S 152 -33.25 -26.50 26.78
N THR S 153 -34.29 -25.77 27.18
CA THR S 153 -34.24 -24.96 28.39
C THR S 153 -35.65 -24.89 28.97
N TYR S 154 -35.72 -24.65 30.28
CA TYR S 154 -37.03 -24.47 30.90
C TYR S 154 -36.90 -23.54 32.09
N ASP S 155 -37.90 -22.69 32.27
CA ASP S 155 -37.95 -21.74 33.38
C ASP S 155 -39.09 -22.11 34.33
N SER S 156 -38.76 -22.23 35.61
CA SER S 156 -39.78 -22.52 36.61
C SER S 156 -40.70 -21.34 36.87
N ASN S 157 -40.15 -20.12 36.87
CA ASN S 157 -40.96 -18.95 37.18
C ASN S 157 -42.08 -18.75 36.17
N THR S 158 -41.74 -18.82 34.88
CA THR S 158 -42.73 -18.66 33.83
C THR S 158 -43.44 -19.96 33.48
N SER S 159 -42.93 -21.09 33.96
CA SER S 159 -43.44 -22.41 33.57
C SER S 159 -43.35 -22.63 32.07
N HIS S 160 -42.48 -21.90 31.40
CA HIS S 160 -42.33 -22.07 29.96
C HIS S 160 -40.97 -22.68 29.67
N PRO S 161 -40.92 -23.70 28.83
CA PRO S 161 -39.63 -24.19 28.35
C PRO S 161 -38.98 -23.21 27.40
N LEU S 162 -37.67 -23.35 27.24
CA LEU S 162 -36.89 -22.55 26.32
C LEU S 162 -35.89 -23.46 25.63
N LEU S 163 -34.89 -22.87 24.99
CA LEU S 163 -33.88 -23.68 24.33
C LEU S 163 -32.68 -22.81 24.01
N ALA S 164 -31.49 -23.35 24.23
CA ALA S 164 -30.25 -22.64 23.98
C ALA S 164 -29.52 -23.27 22.80
N VAL S 165 -28.76 -22.44 22.08
CA VAL S 165 -28.02 -22.87 20.90
C VAL S 165 -26.63 -22.23 20.95
N ALA S 166 -25.69 -22.83 20.23
CA ALA S 166 -24.34 -22.30 20.16
C ALA S 166 -23.73 -22.55 18.78
N GLY S 167 -22.59 -21.90 18.54
CA GLY S 167 -21.87 -22.07 17.29
C GLY S 167 -20.53 -21.37 17.17
N SER S 168 -20.26 -20.81 15.98
CA SER S 168 -18.90 -20.41 15.62
C SER S 168 -18.37 -19.28 16.49
N ARG S 169 -19.24 -18.51 17.13
CA ARG S 169 -18.78 -17.47 18.03
C ARG S 169 -19.05 -17.80 19.49
N GLY S 170 -19.84 -18.84 19.77
CA GLY S 170 -19.99 -19.35 21.11
C GLY S 170 -20.97 -18.61 22.00
N ILE S 171 -21.44 -17.44 21.58
CA ILE S 171 -22.33 -16.66 22.42
C ILE S 171 -23.63 -17.43 22.61
N ILE S 172 -23.85 -17.89 23.82
CA ILE S 172 -24.98 -18.75 24.10
C ILE S 172 -26.25 -17.94 24.06
N ARG S 173 -27.26 -18.47 23.38
CA ARG S 173 -28.51 -17.74 23.17
C ARG S 173 -29.67 -18.68 23.50
N ILE S 174 -30.56 -18.22 24.37
CA ILE S 174 -31.64 -19.05 24.91
C ILE S 174 -32.96 -18.38 24.54
N ILE S 175 -33.69 -18.97 23.60
CA ILE S 175 -34.93 -18.39 23.12
C ILE S 175 -36.11 -19.13 23.69
N ASN S 176 -37.22 -18.42 23.84
CA ASN S 176 -38.49 -19.00 24.27
C ASN S 176 -39.51 -18.84 23.15
N PRO S 177 -40.10 -19.93 22.66
CA PRO S 177 -41.17 -19.77 21.66
C PRO S 177 -42.32 -18.93 22.17
N ILE S 178 -42.66 -19.06 23.46
CA ILE S 178 -43.72 -18.23 24.02
C ILE S 178 -43.35 -16.76 23.93
N THR S 179 -42.13 -16.43 24.37
CA THR S 179 -41.66 -15.06 24.27
C THR S 179 -41.21 -14.73 22.86
N MET S 180 -41.01 -15.74 22.01
CA MET S 180 -40.73 -15.55 20.60
C MET S 180 -39.31 -15.01 20.39
N GLN S 181 -38.65 -14.64 21.48
CA GLN S 181 -37.35 -13.99 21.37
C GLN S 181 -36.42 -14.44 22.48
N CYS S 182 -35.15 -14.61 22.10
CA CYS S 182 -34.06 -14.78 23.06
C CYS S 182 -33.68 -13.39 23.55
N ILE S 183 -33.95 -13.12 24.83
CA ILE S 183 -33.75 -11.79 25.37
C ILE S 183 -32.67 -11.85 26.45
N LYS S 184 -31.73 -12.78 26.28
CA LYS S 184 -30.66 -12.99 27.24
C LYS S 184 -29.33 -12.92 26.51
N HIS S 185 -28.39 -12.15 27.06
CA HIS S 185 -27.09 -11.93 26.44
C HIS S 185 -26.00 -12.54 27.30
N TYR S 186 -25.11 -13.31 26.68
CA TYR S 186 -24.00 -13.91 27.40
C TYR S 186 -22.81 -13.99 26.45
N VAL S 187 -21.91 -13.01 26.55
CA VAL S 187 -20.69 -12.98 25.75
C VAL S 187 -19.51 -13.06 26.71
N GLY S 188 -18.39 -13.60 26.23
CA GLY S 188 -17.24 -13.78 27.09
C GLY S 188 -16.42 -15.02 26.77
N HIS S 189 -16.91 -15.84 25.85
CA HIS S 189 -16.10 -16.96 25.38
C HIS S 189 -15.20 -16.53 24.23
N GLY S 190 -14.10 -17.25 24.08
CA GLY S 190 -13.06 -16.87 23.14
C GLY S 190 -13.37 -17.18 21.69
N ASN S 191 -13.57 -18.45 21.34
CA ASN S 191 -13.74 -18.82 19.95
C ASN S 191 -15.12 -19.36 19.64
N ALA S 192 -15.51 -20.49 20.24
CA ALA S 192 -16.75 -21.16 19.84
C ALA S 192 -17.02 -22.31 20.81
N ILE S 193 -18.27 -22.42 21.25
CA ILE S 193 -18.65 -23.49 22.16
C ILE S 193 -18.68 -24.81 21.42
N ASN S 194 -18.17 -25.86 22.05
CA ASN S 194 -18.27 -27.20 21.48
C ASN S 194 -19.00 -28.18 22.38
N GLU S 195 -19.57 -27.73 23.50
CA GLU S 195 -20.33 -28.62 24.37
C GLU S 195 -21.39 -27.82 25.10
N LEU S 196 -22.61 -28.36 25.14
CA LEU S 196 -23.69 -27.75 25.88
C LEU S 196 -24.41 -28.79 26.70
N LYS S 197 -24.67 -28.44 27.97
CA LYS S 197 -25.53 -29.27 28.83
C LYS S 197 -25.93 -28.50 30.07
N PHE S 198 -27.22 -28.48 30.36
CA PHE S 198 -27.65 -27.99 31.66
C PHE S 198 -27.34 -28.99 32.76
N HIS S 199 -27.29 -28.49 33.98
CA HIS S 199 -27.12 -29.37 35.11
C HIS S 199 -28.32 -30.32 35.22
N PRO S 200 -28.09 -31.58 35.56
CA PRO S 200 -29.21 -32.53 35.65
C PRO S 200 -30.32 -32.06 36.58
N ARG S 201 -29.96 -31.44 37.69
CA ARG S 201 -30.96 -30.96 38.65
C ARG S 201 -31.24 -29.48 38.48
N ASP S 202 -30.22 -28.65 38.44
CA ASP S 202 -30.46 -27.21 38.30
C ASP S 202 -30.99 -26.92 36.91
N PRO S 203 -32.15 -26.29 36.78
CA PRO S 203 -32.65 -25.89 35.46
C PRO S 203 -32.04 -24.60 34.93
N ASN S 204 -30.99 -24.10 35.58
CA ASN S 204 -30.52 -22.74 35.27
C ASN S 204 -29.01 -22.65 35.16
N LEU S 205 -28.32 -23.78 34.99
CA LEU S 205 -26.86 -23.80 34.92
C LEU S 205 -26.41 -24.52 33.66
N LEU S 206 -25.34 -24.02 33.04
CA LEU S 206 -24.73 -24.71 31.90
C LEU S 206 -23.25 -24.36 31.87
N LEU S 207 -22.40 -25.36 32.06
CA LEU S 207 -20.98 -25.18 31.83
C LEU S 207 -20.74 -25.16 30.34
N SER S 208 -19.86 -24.27 29.89
CA SER S 208 -19.61 -24.10 28.46
C SER S 208 -18.15 -24.45 28.17
N VAL S 209 -17.93 -25.65 27.66
CA VAL S 209 -16.66 -25.98 27.03
C VAL S 209 -16.69 -25.41 25.61
N SER S 210 -15.59 -24.78 25.23
CA SER S 210 -15.51 -24.08 23.97
C SER S 210 -14.23 -24.46 23.23
N LYS S 211 -14.03 -23.85 22.06
CA LYS S 211 -12.74 -23.94 21.41
C LYS S 211 -11.65 -23.25 22.22
N ASP S 212 -12.04 -22.47 23.22
CA ASP S 212 -11.13 -21.65 24.00
C ASP S 212 -10.25 -22.48 24.92
N HIS S 213 -10.52 -23.78 25.05
CA HIS S 213 -9.97 -24.61 26.12
C HIS S 213 -10.38 -24.04 27.47
N ALA S 214 -11.65 -23.66 27.59
CA ALA S 214 -12.20 -23.08 28.80
C ALA S 214 -13.54 -23.73 29.13
N LEU S 215 -13.90 -23.64 30.41
CA LEU S 215 -15.11 -24.29 30.94
C LEU S 215 -15.91 -23.26 31.74
N ARG S 216 -16.76 -22.49 31.07
CA ARG S 216 -17.54 -21.45 31.72
C ARG S 216 -18.94 -21.96 32.08
N LEU S 217 -19.28 -21.88 33.36
CA LEU S 217 -20.61 -22.19 33.85
C LEU S 217 -21.42 -20.91 34.02
N TRP S 218 -22.69 -20.98 33.65
CA TRP S 218 -23.55 -19.81 33.66
C TRP S 218 -24.84 -20.11 34.38
N ASN S 219 -25.28 -19.17 35.21
CA ASN S 219 -26.62 -19.22 35.78
C ASN S 219 -27.51 -18.29 34.97
N ILE S 220 -28.17 -18.86 33.97
CA ILE S 220 -28.96 -18.05 33.06
C ILE S 220 -30.08 -17.34 33.81
N GLN S 221 -30.66 -18.01 34.79
CA GLN S 221 -31.76 -17.42 35.54
C GLN S 221 -31.32 -16.14 36.25
N THR S 222 -30.16 -16.17 36.90
CA THR S 222 -29.65 -15.00 37.59
C THR S 222 -28.70 -14.18 36.75
N ASP S 223 -28.39 -14.62 35.52
CA ASP S 223 -27.49 -13.90 34.63
C ASP S 223 -26.13 -13.69 35.29
N THR S 224 -25.60 -14.75 35.92
CA THR S 224 -24.33 -14.70 36.61
C THR S 224 -23.43 -15.80 36.07
N LEU S 225 -22.25 -15.41 35.59
CA LEU S 225 -21.26 -16.37 35.16
C LEU S 225 -20.69 -17.09 36.37
N VAL S 226 -20.26 -18.33 36.17
CA VAL S 226 -19.74 -19.15 37.26
C VAL S 226 -18.35 -19.62 36.85
N ALA S 227 -17.66 -20.27 37.80
CA ALA S 227 -16.23 -20.54 37.70
C ALA S 227 -15.83 -21.25 36.42
N ILE S 228 -14.65 -20.89 35.91
CA ILE S 228 -14.03 -21.62 34.83
C ILE S 228 -13.35 -22.86 35.40
N PHE S 229 -13.13 -23.85 34.54
CA PHE S 229 -12.45 -25.06 34.95
C PHE S 229 -11.27 -25.34 34.03
N GLY S 230 -10.16 -25.77 34.61
CA GLY S 230 -8.94 -26.00 33.88
C GLY S 230 -7.86 -24.97 34.13
N GLY S 231 -7.67 -24.05 33.20
CA GLY S 231 -6.72 -22.97 33.38
C GLY S 231 -5.30 -23.45 33.50
N VAL S 232 -4.64 -23.13 34.61
CA VAL S 232 -3.22 -23.43 34.77
C VAL S 232 -2.92 -24.90 34.53
N GLU S 233 -3.91 -25.77 34.71
CA GLU S 233 -3.82 -27.14 34.25
C GLU S 233 -5.01 -27.47 33.38
N GLY S 234 -5.35 -26.54 32.48
CA GLY S 234 -6.46 -26.74 31.58
C GLY S 234 -6.16 -27.75 30.48
N HIS S 235 -6.78 -27.56 29.33
CA HIS S 235 -6.58 -28.45 28.19
C HIS S 235 -5.70 -27.73 27.18
N ARG S 236 -4.47 -28.21 27.02
CA ARG S 236 -3.55 -27.61 26.05
C ARG S 236 -4.13 -27.64 24.66
N ASP S 237 -4.89 -28.67 24.33
CA ASP S 237 -5.50 -28.85 23.02
C ASP S 237 -7.01 -28.73 23.17
N GLU S 238 -7.69 -28.80 22.03
CA GLU S 238 -9.13 -28.63 21.99
C GLU S 238 -9.83 -29.76 22.74
N VAL S 239 -10.97 -29.44 23.33
CA VAL S 239 -11.84 -30.42 23.98
C VAL S 239 -13.27 -30.13 23.58
N LEU S 240 -13.97 -31.17 23.15
CA LEU S 240 -15.36 -31.05 22.77
C LEU S 240 -16.30 -31.81 23.68
N SER S 241 -16.00 -33.06 24.01
CA SER S 241 -16.94 -33.91 24.72
C SER S 241 -16.82 -33.68 26.23
N ALA S 242 -17.97 -33.53 26.88
CA ALA S 242 -18.04 -33.39 28.32
C ALA S 242 -19.41 -33.86 28.77
N ASP S 243 -19.53 -34.19 30.06
CA ASP S 243 -20.77 -34.75 30.55
C ASP S 243 -20.87 -34.61 32.06
N TYR S 244 -22.07 -34.38 32.56
CA TYR S 244 -22.34 -34.49 33.99
C TYR S 244 -22.77 -35.89 34.34
N ASP S 245 -22.43 -36.31 35.56
CA ASP S 245 -23.06 -37.48 36.14
C ASP S 245 -24.53 -37.19 36.43
N LEU S 246 -25.35 -38.25 36.40
CA LEU S 246 -26.79 -38.06 36.52
C LEU S 246 -27.14 -37.46 37.88
N LEU S 247 -26.48 -37.90 38.94
CA LEU S 247 -26.70 -37.29 40.24
C LEU S 247 -26.21 -35.85 40.27
N GLY S 248 -25.07 -35.58 39.64
CA GLY S 248 -24.63 -34.20 39.50
C GLY S 248 -23.48 -33.77 40.39
N GLU S 249 -22.47 -34.62 40.55
CA GLU S 249 -21.35 -34.30 41.44
C GLU S 249 -19.99 -34.42 40.79
N LYS S 250 -19.90 -34.93 39.55
CA LYS S 250 -18.64 -35.05 38.86
C LYS S 250 -18.85 -34.74 37.38
N ILE S 251 -17.81 -34.22 36.73
CA ILE S 251 -17.88 -33.78 35.34
C ILE S 251 -16.80 -34.49 34.54
N MET S 252 -17.21 -35.12 33.45
CA MET S 252 -16.26 -35.65 32.49
C MET S 252 -15.94 -34.60 31.43
N SER S 253 -14.78 -34.74 30.80
CA SER S 253 -14.37 -33.80 29.75
C SER S 253 -13.23 -34.38 28.95
N CYS S 254 -13.40 -34.52 27.65
CA CYS S 254 -12.35 -35.06 26.80
C CYS S 254 -12.49 -34.50 25.39
N GLY S 255 -11.39 -34.51 24.65
CA GLY S 255 -11.41 -33.94 23.31
C GLY S 255 -10.15 -34.17 22.47
N MET S 256 -9.77 -33.13 21.73
CA MET S 256 -8.65 -33.23 20.79
C MET S 256 -7.35 -33.56 21.50
N ASP S 257 -7.23 -33.18 22.76
CA ASP S 257 -6.01 -33.42 23.53
C ASP S 257 -5.84 -34.87 23.93
N HIS S 258 -6.85 -35.71 23.73
CA HIS S 258 -6.89 -37.11 24.13
C HIS S 258 -6.88 -37.27 25.64
N SER S 259 -6.84 -36.17 26.40
CA SER S 259 -6.91 -36.25 27.85
C SER S 259 -8.35 -36.16 28.31
N LEU S 260 -8.67 -36.91 29.36
CA LEU S 260 -10.01 -36.89 29.95
C LEU S 260 -9.89 -36.31 31.36
N LYS S 261 -9.85 -34.98 31.42
CA LYS S 261 -9.77 -34.29 32.69
C LYS S 261 -11.16 -34.16 33.29
N LEU S 262 -11.26 -34.29 34.60
CA LEU S 262 -12.56 -34.47 35.21
C LEU S 262 -12.55 -33.96 36.64
N TRP S 263 -13.61 -33.28 37.03
CA TRP S 263 -13.68 -32.56 38.30
C TRP S 263 -14.87 -33.02 39.11
N ARG S 264 -14.72 -32.92 40.43
CA ARG S 264 -15.79 -33.25 41.37
C ARG S 264 -16.60 -31.99 41.64
N ILE S 265 -17.87 -32.00 41.23
CA ILE S 265 -18.75 -30.88 41.55
C ILE S 265 -18.92 -30.77 43.06
N ASN S 266 -19.09 -31.89 43.74
CA ASN S 266 -19.52 -31.89 45.13
C ASN S 266 -18.53 -31.19 46.05
N SER S 267 -17.47 -30.61 45.48
CA SER S 267 -16.53 -29.81 46.26
C SER S 267 -17.26 -28.70 47.00
N LYS S 268 -17.07 -28.67 48.32
CA LYS S 268 -17.71 -27.67 49.16
C LYS S 268 -17.40 -26.27 48.68
N ARG S 269 -16.20 -26.07 48.14
CA ARG S 269 -15.81 -24.75 47.67
C ARG S 269 -16.82 -24.21 46.66
N MET S 270 -17.26 -25.04 45.73
CA MET S 270 -18.21 -24.56 44.75
C MET S 270 -19.63 -25.01 45.05
N MET S 271 -19.80 -26.06 45.87
CA MET S 271 -21.06 -26.21 46.58
C MET S 271 -21.46 -24.90 47.25
N ASN S 272 -20.51 -24.28 47.95
CA ASN S 272 -20.76 -22.94 48.45
C ASN S 272 -20.97 -21.96 47.30
N ALA S 273 -20.01 -21.93 46.37
CA ALA S 273 -19.99 -20.86 45.36
C ALA S 273 -21.31 -20.79 44.62
N ILE S 274 -21.91 -21.93 44.30
CA ILE S 274 -23.21 -21.90 43.64
C ILE S 274 -24.24 -21.21 44.51
N LYS S 275 -24.21 -21.50 45.81
CA LYS S 275 -25.21 -20.93 46.70
C LYS S 275 -25.16 -19.41 46.69
N GLU S 276 -23.97 -18.84 46.91
CA GLU S 276 -23.87 -17.39 46.77
C GLU S 276 -23.99 -16.94 45.33
N SER S 277 -23.69 -17.80 44.36
CA SER S 277 -23.93 -17.42 42.98
C SER S 277 -25.41 -17.27 42.72
N TYR S 278 -26.24 -18.10 43.36
CA TYR S 278 -27.67 -18.07 43.12
C TYR S 278 -28.29 -16.73 43.45
N ASP S 279 -27.65 -15.94 44.31
CA ASP S 279 -28.17 -14.64 44.71
C ASP S 279 -27.13 -13.54 44.50
N TYR S 280 -27.59 -12.39 44.03
CA TYR S 280 -26.70 -11.29 43.71
C TYR S 280 -27.54 -10.06 43.36
N ASN S 281 -26.90 -8.90 43.45
CA ASN S 281 -27.47 -7.65 43.02
C ASN S 281 -26.31 -6.85 42.46
N PRO S 282 -26.43 -6.32 41.24
CA PRO S 282 -25.43 -5.34 40.77
C PRO S 282 -25.39 -4.10 41.64
N ASN S 283 -26.45 -3.82 42.39
CA ASN S 283 -26.49 -2.69 43.30
C ASN S 283 -25.99 -3.04 44.69
N LYS S 284 -25.64 -4.30 44.94
CA LYS S 284 -25.12 -4.69 46.25
C LYS S 284 -23.81 -3.97 46.55
N THR S 285 -22.85 -4.05 45.63
CA THR S 285 -21.56 -3.41 45.83
C THR S 285 -20.94 -3.14 44.48
N ASN S 286 -19.92 -2.30 44.49
CA ASN S 286 -19.18 -2.00 43.26
C ASN S 286 -18.50 -3.25 42.72
N ARG S 287 -17.96 -4.07 43.60
CA ARG S 287 -17.22 -5.26 43.18
C ARG S 287 -18.13 -6.23 42.44
N PRO S 288 -17.81 -6.62 41.21
CA PRO S 288 -18.61 -7.63 40.52
C PRO S 288 -18.43 -8.99 41.17
N PHE S 289 -19.39 -9.86 40.94
CA PHE S 289 -19.39 -11.16 41.59
C PHE S 289 -18.12 -11.92 41.20
N ILE S 290 -17.51 -12.54 42.20
CA ILE S 290 -16.23 -13.22 42.03
C ILE S 290 -16.48 -14.72 42.09
N SER S 291 -16.49 -15.37 40.93
CA SER S 291 -16.60 -16.82 40.91
C SER S 291 -15.23 -17.45 41.17
N GLN S 292 -15.14 -18.75 40.97
CA GLN S 292 -13.95 -19.49 41.33
C GLN S 292 -13.10 -19.76 40.08
N LYS S 293 -11.97 -20.43 40.30
CA LYS S 293 -11.13 -20.94 39.21
C LYS S 293 -10.50 -22.23 39.73
N ILE S 294 -11.11 -23.35 39.39
CA ILE S 294 -10.61 -24.67 39.79
C ILE S 294 -9.71 -25.18 38.69
N HIS S 295 -8.57 -25.75 39.07
CA HIS S 295 -7.56 -26.11 38.09
C HIS S 295 -7.01 -27.51 38.21
N PHE S 296 -7.35 -28.26 39.25
CA PHE S 296 -6.86 -29.63 39.33
C PHE S 296 -8.00 -30.60 39.17
N PRO S 297 -8.18 -31.18 37.99
CA PRO S 297 -9.22 -32.20 37.82
C PRO S 297 -8.91 -33.44 38.66
N ASP S 298 -9.97 -34.15 39.04
CA ASP S 298 -9.80 -35.32 39.88
C ASP S 298 -8.98 -36.39 39.16
N PHE S 299 -9.26 -36.60 37.87
CA PHE S 299 -8.62 -37.68 37.15
C PHE S 299 -8.46 -37.26 35.69
N SER S 300 -7.40 -37.76 35.07
CA SER S 300 -7.23 -37.58 33.63
C SER S 300 -6.20 -38.56 33.12
N THR S 301 -6.32 -38.89 31.84
CA THR S 301 -5.34 -39.72 31.18
C THR S 301 -5.49 -39.53 29.68
N ARG S 302 -4.46 -39.92 28.95
CA ARG S 302 -4.50 -39.88 27.50
C ARG S 302 -4.28 -41.23 26.85
N ASP S 303 -3.94 -42.26 27.62
CA ASP S 303 -3.70 -43.58 27.05
C ASP S 303 -4.95 -44.26 26.56
N ILE S 304 -6.14 -43.71 26.86
CA ILE S 304 -7.38 -44.34 26.42
C ILE S 304 -7.46 -44.37 24.90
N HIS S 305 -7.10 -43.27 24.25
CA HIS S 305 -7.20 -43.18 22.80
C HIS S 305 -5.94 -42.54 22.25
N ARG S 306 -5.22 -43.28 21.41
CA ARG S 306 -4.06 -42.71 20.74
C ARG S 306 -4.46 -41.56 19.82
N ASN S 307 -5.73 -41.47 19.46
CA ASN S 307 -6.25 -40.39 18.65
C ASN S 307 -7.27 -39.62 19.48
N TYR S 308 -7.97 -38.70 18.81
CA TYR S 308 -9.01 -37.90 19.45
C TYR S 308 -10.00 -38.78 20.21
N VAL S 309 -10.64 -38.17 21.20
CA VAL S 309 -11.79 -38.74 21.88
C VAL S 309 -12.89 -37.70 21.89
N ASP S 310 -14.05 -38.06 21.34
CA ASP S 310 -15.10 -37.08 21.12
C ASP S 310 -16.49 -37.53 21.51
N CYS S 311 -16.71 -38.81 21.81
CA CYS S 311 -18.05 -39.29 22.15
C CYS S 311 -17.92 -40.10 23.44
N VAL S 312 -18.03 -39.41 24.58
CA VAL S 312 -17.96 -40.02 25.90
C VAL S 312 -19.07 -39.42 26.74
N ARG S 313 -19.87 -40.26 27.36
CA ARG S 313 -20.90 -39.80 28.27
C ARG S 313 -20.92 -40.69 29.50
N TRP S 314 -21.60 -40.20 30.53
CA TRP S 314 -21.66 -40.92 31.79
C TRP S 314 -22.54 -42.16 31.64
N LEU S 315 -21.96 -43.33 31.86
CA LEU S 315 -22.76 -44.54 32.05
C LEU S 315 -23.03 -44.75 33.53
N GLY S 316 -23.64 -43.74 34.13
CA GLY S 316 -23.84 -43.75 35.56
C GLY S 316 -22.49 -43.85 36.24
N ASP S 317 -22.37 -44.81 37.17
CA ASP S 317 -21.09 -45.07 37.81
C ASP S 317 -20.01 -45.42 36.80
N LEU S 318 -20.37 -45.89 35.63
CA LEU S 318 -19.40 -46.23 34.60
C LEU S 318 -19.31 -45.09 33.59
N ILE S 319 -18.30 -45.16 32.73
CA ILE S 319 -18.01 -44.12 31.76
C ILE S 319 -17.68 -44.79 30.43
N LEU S 320 -18.63 -44.78 29.50
CA LEU S 320 -18.39 -45.26 28.16
C LEU S 320 -17.42 -44.33 27.45
N SER S 321 -16.89 -44.81 26.32
CA SER S 321 -15.88 -44.04 25.60
C SER S 321 -15.69 -44.63 24.22
N LYS S 322 -15.15 -43.80 23.33
CA LYS S 322 -14.89 -44.24 21.96
C LYS S 322 -13.99 -43.19 21.29
N SER S 323 -13.55 -43.50 20.08
CA SER S 323 -12.65 -42.63 19.34
C SER S 323 -12.89 -42.85 17.84
N CYS S 324 -12.09 -42.16 17.02
CA CYS S 324 -12.19 -42.30 15.57
C CYS S 324 -11.75 -43.68 15.10
N GLU S 325 -11.14 -44.48 15.96
CA GLU S 325 -10.65 -45.81 15.65
C GLU S 325 -11.76 -46.82 15.53
N ASN S 326 -13.00 -46.34 15.44
CA ASN S 326 -14.18 -47.18 15.26
C ASN S 326 -14.31 -48.20 16.39
N ALA S 327 -13.90 -47.80 17.59
CA ALA S 327 -13.90 -48.67 18.76
C ALA S 327 -14.58 -47.97 19.92
N ILE S 328 -15.41 -48.71 20.65
CA ILE S 328 -16.16 -48.17 21.77
C ILE S 328 -15.90 -49.03 23.00
N VAL S 329 -15.75 -48.38 24.14
CA VAL S 329 -15.33 -49.04 25.36
C VAL S 329 -15.75 -48.19 26.54
N CYS S 330 -15.88 -48.81 27.70
CA CYS S 330 -16.06 -48.09 28.94
C CYS S 330 -14.78 -48.17 29.77
N TRP S 331 -14.77 -47.44 30.87
CA TRP S 331 -13.64 -47.46 31.78
C TRP S 331 -14.11 -46.99 33.14
N LYS S 332 -13.39 -47.42 34.17
CA LYS S 332 -13.61 -46.91 35.51
C LYS S 332 -12.29 -46.48 36.10
N PRO S 333 -12.29 -45.45 36.95
CA PRO S 333 -11.04 -44.99 37.54
C PRO S 333 -10.44 -46.05 38.45
N GLY S 334 -9.11 -46.08 38.51
CA GLY S 334 -8.44 -47.02 39.38
C GLY S 334 -8.63 -48.46 38.94
N LYS S 335 -8.95 -49.32 39.91
CA LYS S 335 -9.16 -50.73 39.64
C LYS S 335 -10.64 -51.07 39.71
N MET S 336 -10.95 -52.33 39.39
CA MET S 336 -12.34 -52.76 39.30
C MET S 336 -13.07 -52.63 40.63
N GLU S 337 -12.34 -52.57 41.73
CA GLU S 337 -12.94 -52.49 43.06
C GLU S 337 -12.89 -51.09 43.64
N ASP S 338 -12.57 -50.09 42.84
CA ASP S 338 -12.31 -48.75 43.35
C ASP S 338 -13.51 -47.85 43.12
N ASP S 339 -14.03 -47.27 44.20
CA ASP S 339 -15.14 -46.33 44.09
C ASP S 339 -14.69 -45.01 43.46
N ILE S 340 -15.60 -44.39 42.73
CA ILE S 340 -15.30 -43.16 42.02
C ILE S 340 -15.03 -42.02 42.99
N ASP S 341 -15.78 -41.96 44.09
CA ASP S 341 -15.68 -40.82 44.99
C ASP S 341 -14.44 -40.90 45.88
N LYS S 342 -14.03 -42.11 46.27
CA LYS S 342 -12.99 -42.29 47.26
C LYS S 342 -11.58 -42.14 46.72
N ILE S 343 -11.41 -42.07 45.40
CA ILE S 343 -10.06 -42.04 44.83
C ILE S 343 -9.44 -40.67 45.01
N LYS S 344 -8.14 -40.66 45.27
CA LYS S 344 -7.42 -39.41 45.38
C LYS S 344 -7.29 -38.77 44.00
N PRO S 345 -7.27 -37.44 43.94
CA PRO S 345 -7.05 -36.77 42.65
C PRO S 345 -5.70 -37.08 42.04
N SER S 346 -4.73 -37.48 42.85
CA SER S 346 -3.38 -37.73 42.35
C SER S 346 -3.22 -39.09 41.68
N GLU S 347 -4.17 -40.00 41.88
CA GLU S 347 -4.04 -41.33 41.29
C GLU S 347 -4.28 -41.29 39.78
N SER S 348 -3.56 -42.12 39.05
CA SER S 348 -3.72 -42.23 37.61
C SER S 348 -3.95 -43.65 37.13
N ASN S 349 -4.02 -44.63 38.02
CA ASN S 349 -4.26 -46.00 37.61
C ASN S 349 -5.63 -46.12 36.95
N VAL S 350 -5.71 -46.99 35.95
CA VAL S 350 -6.86 -47.05 35.06
C VAL S 350 -7.38 -48.47 34.98
N THR S 351 -8.65 -48.59 34.61
CA THR S 351 -9.28 -49.88 34.35
C THR S 351 -10.16 -49.74 33.13
N ILE S 352 -9.89 -50.55 32.11
CA ILE S 352 -10.55 -50.46 30.82
C ILE S 352 -11.43 -51.69 30.64
N LEU S 353 -12.59 -51.50 30.00
CA LEU S 353 -13.53 -52.60 29.83
C LEU S 353 -14.62 -52.19 28.86
N GLY S 354 -14.88 -53.04 27.87
CA GLY S 354 -15.96 -52.76 26.95
C GLY S 354 -15.56 -52.91 25.49
N ARG S 355 -16.40 -53.57 24.70
CA ARG S 355 -16.16 -53.70 23.26
C ARG S 355 -17.53 -53.74 22.58
N PHE S 356 -18.02 -52.58 22.19
CA PHE S 356 -19.18 -52.46 21.31
C PHE S 356 -18.78 -51.51 20.20
N ASP S 357 -18.08 -52.03 19.21
CA ASP S 357 -17.35 -51.19 18.27
C ASP S 357 -18.07 -51.13 16.93
N TYR S 358 -17.43 -50.46 15.97
CA TYR S 358 -18.07 -50.17 14.71
C TYR S 358 -16.98 -50.09 13.63
N SER S 359 -17.34 -49.52 12.48
CA SER S 359 -16.40 -49.40 11.39
C SER S 359 -16.88 -48.34 10.41
N GLN S 360 -15.98 -47.94 9.52
CA GLN S 360 -16.27 -47.00 8.43
C GLN S 360 -16.69 -45.63 8.92
N CYS S 361 -16.36 -45.28 10.15
CA CYS S 361 -16.65 -43.97 10.71
C CYS S 361 -15.39 -43.38 11.32
N ASP S 362 -14.32 -43.40 10.54
CA ASP S 362 -12.96 -43.15 10.99
C ASP S 362 -12.70 -41.70 11.36
N ILE S 363 -13.69 -40.82 11.40
CA ILE S 363 -13.43 -39.40 11.62
C ILE S 363 -13.94 -38.99 12.99
N TRP S 364 -13.77 -37.73 13.34
CA TRP S 364 -14.27 -37.19 14.60
C TRP S 364 -15.48 -36.29 14.33
N TYR S 365 -15.93 -35.61 15.38
CA TYR S 365 -17.04 -34.66 15.34
C TYR S 365 -18.35 -35.34 14.89
N MET S 366 -18.81 -36.22 15.76
CA MET S 366 -20.18 -36.73 15.71
C MET S 366 -20.67 -36.85 17.13
N ARG S 367 -21.99 -37.00 17.28
CA ARG S 367 -22.60 -37.18 18.59
C ARG S 367 -23.43 -38.46 18.57
N PHE S 368 -23.04 -39.43 19.39
CA PHE S 368 -23.87 -40.59 19.62
C PHE S 368 -24.96 -40.23 20.62
N SER S 369 -25.78 -41.21 20.97
CA SER S 369 -26.92 -40.92 21.81
C SER S 369 -27.27 -42.13 22.65
N MET S 370 -27.88 -41.85 23.79
CA MET S 370 -28.24 -42.82 24.80
C MET S 370 -29.59 -42.43 25.39
N ASP S 371 -30.44 -43.44 25.60
CA ASP S 371 -31.86 -43.19 25.82
C ASP S 371 -32.12 -42.52 27.16
N PHE S 372 -33.25 -41.81 27.22
CA PHE S 372 -33.66 -41.15 28.45
C PHE S 372 -33.85 -42.15 29.58
N TRP S 373 -34.15 -43.40 29.26
CA TRP S 373 -34.26 -44.46 30.24
C TRP S 373 -32.97 -45.23 30.45
N GLN S 374 -31.92 -44.90 29.68
CA GLN S 374 -30.61 -45.50 29.87
C GLN S 374 -30.66 -47.01 29.69
N LYS S 375 -31.42 -47.45 28.70
CA LYS S 375 -31.56 -48.86 28.40
C LYS S 375 -31.07 -49.23 27.01
N MET S 376 -30.67 -48.25 26.19
CA MET S 376 -30.20 -48.56 24.85
C MET S 376 -29.15 -47.54 24.42
N LEU S 377 -28.30 -47.94 23.48
CA LEU S 377 -27.25 -47.08 22.95
C LEU S 377 -27.32 -47.08 21.44
N ALA S 378 -27.14 -45.90 20.83
CA ALA S 378 -27.33 -45.76 19.40
C ALA S 378 -26.31 -44.81 18.81
N LEU S 379 -26.09 -44.96 17.51
CA LEU S 379 -25.28 -44.08 16.69
C LEU S 379 -25.40 -44.50 15.23
N GLY S 380 -25.29 -43.51 14.35
CA GLY S 380 -25.18 -43.76 12.93
C GLY S 380 -23.72 -43.75 12.47
N ASN S 381 -23.56 -43.90 11.15
CA ASN S 381 -22.25 -43.85 10.52
C ASN S 381 -22.25 -42.80 9.43
N GLN S 382 -21.08 -42.21 9.20
CA GLN S 382 -20.95 -41.24 8.14
C GLN S 382 -21.37 -41.80 6.79
N VAL S 383 -21.31 -43.12 6.62
CA VAL S 383 -21.80 -43.74 5.39
C VAL S 383 -23.29 -44.04 5.55
N GLY S 384 -23.91 -43.52 6.60
CA GLY S 384 -25.35 -43.56 6.72
C GLY S 384 -25.94 -44.76 7.42
N LYS S 385 -25.13 -45.72 7.84
CA LYS S 385 -25.64 -46.85 8.60
C LYS S 385 -25.65 -46.54 10.09
N LEU S 386 -26.44 -47.30 10.84
CA LEU S 386 -26.65 -47.05 12.25
C LEU S 386 -26.03 -48.17 13.09
N TYR S 387 -25.29 -47.77 14.12
CA TYR S 387 -24.69 -48.69 15.09
C TYR S 387 -25.38 -48.47 16.43
N VAL S 388 -26.26 -49.40 16.81
CA VAL S 388 -27.21 -49.19 17.89
C VAL S 388 -27.33 -50.47 18.71
N TRP S 389 -27.41 -50.34 20.04
CA TRP S 389 -27.61 -51.51 20.89
C TRP S 389 -28.35 -51.11 22.15
N ASP S 390 -28.47 -52.06 23.07
CA ASP S 390 -29.21 -51.89 24.32
C ASP S 390 -28.27 -51.37 25.40
N LEU S 391 -28.75 -51.37 26.65
CA LEU S 391 -27.91 -51.10 27.80
C LEU S 391 -28.19 -52.07 28.94
N GLU S 392 -28.74 -53.24 28.65
CA GLU S 392 -29.08 -54.23 29.67
C GLU S 392 -27.92 -55.21 29.84
N VAL S 393 -28.18 -56.34 30.48
CA VAL S 393 -27.15 -57.33 30.80
C VAL S 393 -26.36 -57.78 29.58
N GLU S 394 -26.83 -57.43 28.37
CA GLU S 394 -26.04 -57.66 27.19
C GLU S 394 -24.72 -56.91 27.29
N ASP S 395 -23.62 -57.65 27.19
CA ASP S 395 -22.30 -57.17 27.54
C ASP S 395 -21.30 -57.58 26.48
N PRO S 396 -20.15 -56.91 26.39
CA PRO S 396 -19.23 -57.13 25.27
C PRO S 396 -18.44 -58.42 25.33
N HIS S 397 -18.81 -59.35 26.21
CA HIS S 397 -18.18 -60.66 26.21
C HIS S 397 -18.28 -61.29 24.83
N LYS S 398 -19.38 -61.06 24.13
CA LYS S 398 -19.49 -61.36 22.71
C LYS S 398 -19.98 -60.18 21.89
N ALA S 399 -20.73 -59.25 22.48
CA ALA S 399 -21.14 -57.99 21.83
C ALA S 399 -21.93 -58.26 20.55
N LYS S 400 -23.11 -58.86 20.74
CA LYS S 400 -24.01 -59.14 19.63
C LYS S 400 -24.33 -57.85 18.90
N CYS S 401 -23.87 -57.73 17.65
CA CYS S 401 -23.97 -56.48 16.93
C CYS S 401 -25.41 -56.20 16.50
N THR S 402 -25.66 -54.93 16.17
CA THR S 402 -26.96 -54.51 15.65
C THR S 402 -26.70 -53.29 14.78
N THR S 403 -26.95 -53.43 13.49
CA THR S 403 -26.40 -52.55 12.45
C THR S 403 -27.49 -51.99 11.55
N LEU S 404 -28.51 -51.39 12.15
CA LEU S 404 -29.59 -50.78 11.38
C LEU S 404 -29.04 -49.81 10.35
N THR S 405 -29.75 -49.68 9.23
CA THR S 405 -29.28 -48.82 8.15
C THR S 405 -30.35 -48.60 7.11
N HIS S 406 -30.06 -47.68 6.19
CA HIS S 406 -30.89 -47.45 5.01
C HIS S 406 -29.99 -47.06 3.85
N HIS S 407 -30.43 -47.39 2.64
CA HIS S 407 -29.60 -47.16 1.46
C HIS S 407 -29.59 -45.70 1.03
N LYS S 408 -30.72 -45.00 1.11
CA LYS S 408 -30.76 -43.62 0.63
C LYS S 408 -29.90 -42.70 1.47
N CYS S 409 -29.91 -42.89 2.79
CA CYS S 409 -29.14 -42.05 3.69
C CYS S 409 -27.73 -42.62 3.84
N GLY S 410 -26.76 -41.95 3.24
CA GLY S 410 -25.40 -42.38 3.38
C GLY S 410 -24.37 -41.27 3.45
N ALA S 411 -24.82 -40.02 3.39
CA ALA S 411 -23.87 -38.93 3.22
C ALA S 411 -23.04 -38.72 4.48
N ALA S 412 -23.67 -38.29 5.57
CA ALA S 412 -23.05 -38.27 6.89
C ALA S 412 -24.08 -37.96 7.96
N ILE S 413 -24.22 -38.81 8.97
CA ILE S 413 -25.15 -38.55 10.07
C ILE S 413 -24.34 -37.83 11.14
N ARG S 414 -24.33 -36.49 11.04
CA ARG S 414 -23.58 -35.70 12.01
C ARG S 414 -24.17 -35.81 13.40
N GLN S 415 -25.49 -35.93 13.49
CA GLN S 415 -26.20 -35.83 14.75
C GLN S 415 -27.15 -36.99 14.93
N THR S 416 -27.36 -37.37 16.20
CA THR S 416 -28.21 -38.51 16.55
C THR S 416 -29.14 -38.12 17.69
N SER S 417 -30.41 -38.53 17.58
CA SER S 417 -31.37 -38.26 18.65
C SER S 417 -32.54 -39.22 18.53
N PHE S 418 -33.27 -39.37 19.63
CA PHE S 418 -34.43 -40.23 19.75
C PHE S 418 -35.68 -39.37 19.96
N SER S 419 -36.80 -40.04 20.23
CA SER S 419 -37.91 -39.43 20.92
C SER S 419 -37.73 -39.68 22.42
N ARG S 420 -38.67 -39.22 23.24
CA ARG S 420 -38.51 -39.37 24.68
C ARG S 420 -38.94 -40.76 25.12
N ASP S 421 -38.40 -41.77 24.45
CA ASP S 421 -38.71 -43.17 24.70
C ASP S 421 -37.87 -44.00 23.74
N SER S 422 -38.02 -45.32 23.79
CA SER S 422 -37.35 -46.18 22.82
C SER S 422 -38.18 -46.36 21.55
N SER S 423 -39.04 -45.40 21.24
CA SER S 423 -39.95 -45.54 20.10
C SER S 423 -39.41 -44.92 18.83
N ILE S 424 -39.18 -43.60 18.85
CA ILE S 424 -38.94 -42.84 17.63
C ILE S 424 -37.55 -42.25 17.68
N LEU S 425 -36.84 -42.30 16.54
CA LEU S 425 -35.51 -41.74 16.39
C LEU S 425 -35.47 -40.84 15.17
N ILE S 426 -34.69 -39.78 15.26
CA ILE S 426 -34.38 -38.93 14.11
C ILE S 426 -32.94 -39.20 13.70
N ALA S 427 -32.74 -39.45 12.41
CA ALA S 427 -31.41 -39.54 11.82
C ALA S 427 -31.20 -38.27 11.00
N VAL S 428 -30.17 -37.52 11.35
CA VAL S 428 -29.94 -36.19 10.78
C VAL S 428 -28.65 -36.22 9.98
N CYS S 429 -28.75 -35.88 8.71
CA CYS S 429 -27.63 -36.00 7.78
C CYS S 429 -26.98 -34.65 7.53
N ASP S 430 -25.74 -34.70 7.04
CA ASP S 430 -24.99 -33.48 6.81
C ASP S 430 -25.65 -32.62 5.74
N ASP S 431 -26.16 -33.25 4.68
CA ASP S 431 -26.69 -32.50 3.55
C ASP S 431 -28.09 -31.98 3.84
N ALA S 432 -28.23 -31.20 4.93
CA ALA S 432 -29.45 -30.46 5.27
C ALA S 432 -30.67 -31.37 5.43
N SER S 433 -30.46 -32.68 5.53
CA SER S 433 -31.53 -33.64 5.51
C SER S 433 -31.67 -34.34 6.86
N ILE S 434 -32.87 -34.85 7.11
CA ILE S 434 -33.18 -35.61 8.32
C ILE S 434 -33.94 -36.86 7.93
N TRP S 435 -33.85 -37.88 8.80
CA TRP S 435 -34.48 -39.17 8.58
C TRP S 435 -34.99 -39.66 9.92
N ARG S 436 -36.20 -40.23 9.94
CA ARG S 436 -36.84 -40.62 11.19
C ARG S 436 -36.99 -42.13 11.25
N TRP S 437 -36.40 -42.73 12.26
CA TRP S 437 -36.55 -44.14 12.53
C TRP S 437 -37.57 -44.35 13.64
N ASP S 438 -38.36 -45.40 13.51
CA ASP S 438 -39.48 -45.65 14.40
C ASP S 438 -39.42 -47.08 14.91
N ARG S 439 -40.07 -47.30 16.05
CA ARG S 439 -40.02 -48.59 16.72
C ARG S 439 -40.95 -49.59 16.05
N LEU S 440 -40.44 -50.79 15.79
CA LEU S 440 -41.27 -51.90 15.33
C LEU S 440 -41.75 -52.71 16.52
N ARG S 441 -42.34 -51.98 17.48
CA ARG S 441 -42.82 -52.58 18.72
C ARG S 441 -43.95 -53.55 18.44
N LYS T 4 -44.56 -5.03 23.83
CA LYS T 4 -45.56 -4.76 22.80
C LYS T 4 -44.98 -3.90 21.67
N GLU T 5 -45.87 -3.35 20.85
CA GLU T 5 -45.43 -2.51 19.74
C GLU T 5 -44.76 -1.23 20.22
N ALA T 6 -45.17 -0.72 21.39
CA ALA T 6 -44.51 0.46 21.93
C ALA T 6 -43.04 0.19 22.20
N ALA T 7 -42.73 -0.88 22.93
CA ALA T 7 -41.35 -1.28 23.12
C ALA T 7 -40.71 -1.68 21.80
N PHE T 8 -41.48 -2.32 20.93
CA PHE T 8 -40.97 -2.68 19.61
C PHE T 8 -40.51 -1.45 18.84
N ASP T 9 -41.31 -0.39 18.86
CA ASP T 9 -40.91 0.85 18.21
C ASP T 9 -39.90 1.62 19.04
N ASP T 10 -39.98 1.55 20.36
CA ASP T 10 -39.01 2.25 21.19
C ASP T 10 -37.61 1.66 21.03
N ALA T 11 -37.51 0.34 21.03
CA ALA T 11 -36.20 -0.30 20.95
C ALA T 11 -35.48 0.05 19.65
N VAL T 12 -36.20 -0.03 18.53
CA VAL T 12 -35.58 0.33 17.26
C VAL T 12 -35.30 1.83 17.20
N GLU T 13 -36.08 2.63 17.92
CA GLU T 13 -35.87 4.07 17.91
C GLU T 13 -34.52 4.44 18.50
N GLU T 14 -34.07 3.71 19.53
CA GLU T 14 -32.75 3.97 20.07
C GLU T 14 -31.68 3.84 19.00
N ARG T 15 -31.89 2.94 18.04
CA ARG T 15 -31.03 2.92 16.86
C ARG T 15 -31.15 4.23 16.09
N VAL T 16 -32.37 4.73 15.95
CA VAL T 16 -32.60 5.93 15.13
C VAL T 16 -31.85 7.11 15.72
N ILE T 17 -31.95 7.30 17.03
CA ILE T 17 -31.25 8.42 17.65
C ILE T 17 -29.75 8.19 17.64
N ASN T 18 -29.31 6.94 17.69
CA ASN T 18 -27.88 6.68 17.55
C ASN T 18 -27.35 7.19 16.22
N GLU T 19 -28.06 6.89 15.14
CA GLU T 19 -27.69 7.44 13.84
C GLU T 19 -27.65 8.97 13.90
N GLU T 20 -28.60 9.56 14.63
CA GLU T 20 -28.70 11.02 14.69
C GLU T 20 -27.40 11.62 15.21
N TYR T 21 -26.83 11.03 16.26
CA TYR T 21 -25.54 11.50 16.75
C TYR T 21 -24.48 11.36 15.66
N LYS T 22 -24.45 10.20 14.99
CA LYS T 22 -23.60 10.08 13.81
C LYS T 22 -23.95 11.14 12.79
N ILE T 23 -25.23 11.41 12.61
CA ILE T 23 -25.63 12.53 11.76
C ILE T 23 -25.13 13.84 12.34
N TRP T 24 -25.37 14.06 13.63
CA TRP T 24 -25.09 15.35 14.23
C TRP T 24 -23.60 15.64 14.26
N LYS T 25 -22.81 14.71 14.78
CA LYS T 25 -21.39 15.00 14.91
C LYS T 25 -20.73 15.13 13.55
N LYS T 26 -21.29 14.50 12.51
CA LYS T 26 -20.67 14.55 11.20
C LYS T 26 -20.70 15.96 10.63
N ASN T 27 -21.87 16.58 10.64
CA ASN T 27 -22.00 17.94 10.11
C ASN T 27 -21.74 19.00 11.18
N THR T 28 -21.52 18.58 12.42
CA THR T 28 -21.22 19.54 13.48
C THR T 28 -20.05 20.46 13.15
N PRO T 29 -18.89 19.98 12.70
CA PRO T 29 -17.73 20.88 12.58
C PRO T 29 -17.98 22.04 11.65
N PHE T 30 -18.81 21.84 10.63
CA PHE T 30 -19.00 22.84 9.60
C PHE T 30 -20.20 23.73 9.89
N LEU T 31 -20.70 23.72 11.11
CA LEU T 31 -21.82 24.59 11.42
C LEU T 31 -21.62 25.42 12.68
N TYR T 32 -20.98 24.88 13.70
CA TYR T 32 -20.73 25.63 14.92
C TYR T 32 -19.47 26.45 14.77
N ASP T 33 -19.01 27.07 15.86
CA ASP T 33 -17.67 27.62 15.95
C ASP T 33 -16.84 27.05 17.08
N LEU T 34 -17.45 26.65 18.20
CA LEU T 34 -16.73 25.93 19.25
C LEU T 34 -17.50 24.67 19.61
N VAL T 35 -16.78 23.66 20.07
CA VAL T 35 -17.35 22.37 20.44
C VAL T 35 -16.53 21.77 21.57
N MET T 36 -17.20 21.43 22.67
CA MET T 36 -16.61 20.56 23.69
C MET T 36 -17.71 19.72 24.32
N THR T 37 -17.39 18.46 24.58
CA THR T 37 -18.32 17.54 25.22
C THR T 37 -17.60 16.75 26.29
N HIS T 38 -18.29 16.53 27.41
CA HIS T 38 -17.72 15.78 28.53
C HIS T 38 -18.81 14.97 29.20
N ALA T 39 -18.39 13.92 29.91
CA ALA T 39 -19.29 13.02 30.60
C ALA T 39 -19.19 13.23 32.11
N LEU T 40 -20.33 13.23 32.77
CA LEU T 40 -20.42 13.37 34.22
C LEU T 40 -20.85 12.04 34.82
N GLU T 41 -20.12 11.60 35.85
CA GLU T 41 -20.35 10.26 36.40
C GLU T 41 -21.76 10.10 36.94
N TRP T 42 -22.44 11.19 37.27
CA TRP T 42 -23.78 11.13 37.78
C TRP T 42 -24.59 12.31 37.26
N PRO T 43 -25.90 12.16 37.15
CA PRO T 43 -26.73 13.28 36.70
C PRO T 43 -26.65 14.46 37.66
N SER T 44 -26.64 15.66 37.09
CA SER T 44 -26.72 16.92 37.82
C SER T 44 -27.74 17.76 37.05
N LEU T 45 -29.01 17.61 37.41
CA LEU T 45 -30.09 18.19 36.61
C LEU T 45 -29.93 19.69 36.47
N THR T 46 -29.58 20.38 37.55
CA THR T 46 -29.42 21.82 37.56
C THR T 46 -27.94 22.17 37.62
N ALA T 47 -27.57 23.26 36.96
CA ALA T 47 -26.19 23.70 36.94
C ALA T 47 -26.14 25.15 36.54
N GLN T 48 -24.98 25.76 36.74
CA GLN T 48 -24.78 27.16 36.40
C GLN T 48 -23.29 27.46 36.46
N TRP T 49 -22.93 28.68 36.08
CA TRP T 49 -21.56 29.14 36.09
C TRP T 49 -21.25 29.90 37.38
N LEU T 50 -20.01 30.27 37.53
CA LEU T 50 -19.72 31.41 38.39
C LEU T 50 -20.10 32.68 37.67
N PRO T 51 -20.81 33.61 38.31
CA PRO T 51 -21.09 34.89 37.65
C PRO T 51 -19.83 35.63 37.26
N ASP T 52 -18.74 35.41 37.97
CA ASP T 52 -17.42 35.92 37.61
C ASP T 52 -16.62 34.85 36.87
N VAL T 53 -15.64 35.32 36.09
CA VAL T 53 -14.79 34.44 35.29
C VAL T 53 -13.40 35.04 35.20
N THR T 54 -12.41 34.20 34.89
CA THR T 54 -11.03 34.61 34.80
C THR T 54 -10.42 34.11 33.50
N ARG T 55 -9.72 34.99 32.80
CA ARG T 55 -8.99 34.63 31.58
C ARG T 55 -7.50 34.79 31.84
N PRO T 56 -6.76 33.71 32.04
CA PRO T 56 -5.33 33.84 32.30
C PRO T 56 -4.59 34.43 31.11
N GLU T 57 -3.57 35.23 31.41
CA GLU T 57 -2.78 35.85 30.36
C GLU T 57 -1.96 34.80 29.62
N GLY T 58 -1.77 35.03 28.33
CA GLY T 58 -1.01 34.11 27.51
C GLY T 58 -1.62 32.74 27.37
N LYS T 59 -2.87 32.56 27.78
CA LYS T 59 -3.58 31.29 27.69
C LYS T 59 -4.97 31.56 27.12
N ASP T 60 -5.19 31.10 25.89
CA ASP T 60 -6.51 31.24 25.29
C ASP T 60 -7.55 30.47 26.09
N PHE T 61 -7.19 29.28 26.56
CA PHE T 61 -8.05 28.54 27.47
C PHE T 61 -8.21 29.32 28.76
N SER T 62 -9.41 29.82 29.01
CA SER T 62 -9.69 30.64 30.18
C SER T 62 -10.30 29.82 31.29
N ILE T 63 -10.02 30.23 32.53
CA ILE T 63 -10.50 29.51 33.70
C ILE T 63 -12.00 29.76 33.83
N HIS T 64 -12.80 28.74 33.56
CA HIS T 64 -14.25 28.80 33.73
C HIS T 64 -14.68 27.69 34.66
N ARG T 65 -15.40 28.05 35.72
CA ARG T 65 -15.86 27.12 36.73
C ARG T 65 -17.37 27.06 36.71
N LEU T 66 -17.91 25.84 36.66
CA LEU T 66 -19.35 25.60 36.60
C LEU T 66 -19.82 24.98 37.91
N VAL T 67 -20.98 25.39 38.37
CA VAL T 67 -21.57 24.83 39.58
C VAL T 67 -22.60 23.78 39.16
N LEU T 68 -22.64 22.68 39.91
CA LEU T 68 -23.52 21.57 39.56
C LEU T 68 -23.96 20.85 40.84
N GLY T 69 -24.93 19.98 40.67
CA GLY T 69 -25.40 19.13 41.76
C GLY T 69 -25.06 17.69 41.50
N THR T 70 -25.89 16.77 42.00
CA THR T 70 -25.65 15.35 41.75
C THR T 70 -26.96 14.60 42.01
N HIS T 71 -27.26 13.64 41.14
CA HIS T 71 -28.36 12.71 41.36
C HIS T 71 -27.85 11.30 41.19
N THR T 72 -28.50 10.37 41.88
CA THR T 72 -28.04 8.99 41.90
C THR T 72 -29.24 8.06 42.00
N SER T 73 -29.00 6.79 41.69
CA SER T 73 -30.01 5.77 41.92
C SER T 73 -30.19 5.53 43.42
N ASP T 74 -29.13 5.09 44.09
CA ASP T 74 -29.17 4.95 45.54
C ASP T 74 -27.86 5.35 46.23
N GLU T 75 -26.88 5.85 45.50
CA GLU T 75 -25.59 6.19 46.07
C GLU T 75 -25.67 7.56 46.76
N GLN T 76 -24.51 8.13 47.07
CA GLN T 76 -24.45 9.44 47.71
C GLN T 76 -24.29 10.53 46.66
N ASN T 77 -24.99 11.64 46.85
CA ASN T 77 -24.94 12.76 45.93
C ASN T 77 -24.07 13.87 46.51
N HIS T 78 -23.39 14.58 45.62
CA HIS T 78 -22.40 15.58 46.01
C HIS T 78 -22.66 16.90 45.30
N LEU T 79 -22.74 17.98 46.07
CA LEU T 79 -22.84 19.31 45.50
C LEU T 79 -21.50 19.67 44.87
N VAL T 80 -21.47 19.76 43.54
CA VAL T 80 -20.23 19.74 42.77
C VAL T 80 -20.00 21.09 42.12
N ILE T 81 -18.79 21.62 42.30
CA ILE T 81 -18.31 22.76 41.53
C ILE T 81 -17.17 22.25 40.66
N ALA T 82 -17.31 22.40 39.35
CA ALA T 82 -16.31 21.95 38.40
C ALA T 82 -15.83 23.11 37.56
N SER T 83 -14.66 22.93 36.95
CA SER T 83 -14.01 23.97 36.17
C SER T 83 -13.70 23.45 34.78
N VAL T 84 -13.57 24.37 33.84
CA VAL T 84 -13.27 24.03 32.45
C VAL T 84 -12.51 25.18 31.81
N GLN T 85 -11.58 24.84 30.94
CA GLN T 85 -10.79 25.83 30.21
C GLN T 85 -11.23 25.85 28.75
N LEU T 86 -11.49 27.05 28.23
CA LEU T 86 -12.03 27.21 26.89
C LEU T 86 -11.24 28.25 26.11
N PRO T 87 -10.98 28.00 24.83
CA PRO T 87 -10.13 28.90 24.04
C PRO T 87 -10.77 30.27 23.85
N ASN T 88 -10.11 31.31 24.36
CA ASN T 88 -10.54 32.68 24.14
C ASN T 88 -10.24 33.16 22.72
N ASP T 89 -9.08 32.81 22.19
CA ASP T 89 -8.66 33.21 20.86
C ASP T 89 -8.84 32.05 19.90
N ASP T 90 -8.86 32.36 18.61
CA ASP T 90 -8.95 31.35 17.57
C ASP T 90 -7.71 31.27 16.68
N ALA T 91 -6.79 32.23 16.78
CA ALA T 91 -5.62 32.22 15.91
C ALA T 91 -4.74 31.00 16.16
N GLN T 92 -4.76 30.47 17.37
CA GLN T 92 -3.95 29.31 17.72
C GLN T 92 -4.61 28.03 17.23
N PHE T 93 -3.86 26.94 17.31
CA PHE T 93 -4.36 25.63 16.92
C PHE T 93 -3.80 24.55 17.85
N GLY T 106 -3.65 20.14 22.29
CA GLY T 106 -4.30 19.04 21.60
C GLY T 106 -5.39 19.49 20.63
N GLY T 107 -5.16 20.62 19.98
CA GLY T 107 -6.10 21.16 19.01
C GLY T 107 -6.31 22.65 19.14
N PHE T 108 -6.27 23.16 20.37
CA PHE T 108 -6.16 24.60 20.62
C PHE T 108 -5.18 24.96 21.72
N GLY T 109 -4.85 24.06 22.63
CA GLY T 109 -3.93 24.35 23.70
C GLY T 109 -3.05 23.16 24.04
N SER T 110 -2.95 22.84 25.33
CA SER T 110 -2.10 21.75 25.78
C SER T 110 -2.76 20.41 25.51
N VAL T 111 -1.97 19.34 25.67
CA VAL T 111 -2.47 17.98 25.55
C VAL T 111 -2.78 17.38 26.92
N SER T 112 -2.89 18.21 27.94
CA SER T 112 -3.12 17.75 29.31
C SER T 112 -4.57 17.88 29.75
N GLY T 113 -5.48 18.27 28.87
CA GLY T 113 -6.87 18.39 29.22
C GLY T 113 -7.26 19.80 29.64
N LYS T 114 -8.56 20.09 29.52
CA LYS T 114 -9.07 21.43 29.78
C LYS T 114 -10.34 21.41 30.62
N ILE T 115 -10.51 20.39 31.45
CA ILE T 115 -11.69 20.31 32.31
C ILE T 115 -11.39 19.33 33.43
N GLU T 116 -12.05 19.53 34.57
CA GLU T 116 -11.83 18.70 35.74
C GLU T 116 -12.90 19.01 36.79
N ILE T 117 -12.99 18.12 37.78
CA ILE T 117 -13.86 18.28 38.94
C ILE T 117 -12.99 18.59 40.15
N GLU T 118 -13.38 19.60 40.92
CA GLU T 118 -12.54 20.06 42.02
C GLU T 118 -13.26 20.30 43.34
N ILE T 119 -14.58 20.38 43.36
CA ILE T 119 -15.32 20.69 44.57
C ILE T 119 -16.50 19.73 44.69
N LYS T 120 -16.69 19.18 45.90
CA LYS T 120 -17.79 18.26 46.15
C LYS T 120 -18.31 18.49 47.55
N ILE T 121 -19.59 18.84 47.67
CA ILE T 121 -20.24 19.09 48.95
C ILE T 121 -21.35 18.06 49.13
N ASN T 122 -21.50 17.56 50.35
CA ASN T 122 -22.55 16.60 50.61
C ASN T 122 -23.91 17.18 50.24
N HIS T 123 -24.70 16.37 49.54
CA HIS T 123 -26.05 16.72 49.14
C HIS T 123 -26.95 15.53 49.39
N GLU T 124 -28.22 15.81 49.64
CA GLU T 124 -29.20 14.77 49.93
C GLU T 124 -30.23 14.72 48.82
N GLY T 125 -30.46 13.51 48.28
CA GLY T 125 -31.36 13.38 47.15
C GLY T 125 -30.77 14.04 45.92
N GLU T 126 -31.65 14.68 45.15
CA GLU T 126 -31.26 15.39 43.94
C GLU T 126 -31.63 16.86 44.06
N VAL T 127 -30.80 17.72 43.46
CA VAL T 127 -31.04 19.16 43.52
C VAL T 127 -32.24 19.48 42.64
N ASN T 128 -33.34 19.91 43.26
CA ASN T 128 -34.48 20.39 42.49
C ASN T 128 -34.07 21.59 41.64
N ARG T 129 -33.31 22.50 42.22
CA ARG T 129 -32.85 23.71 41.55
C ARG T 129 -31.84 24.39 42.46
N ALA T 130 -30.94 25.17 41.86
CA ALA T 130 -29.99 25.95 42.62
C ALA T 130 -29.49 27.08 41.74
N ARG T 131 -29.28 28.24 42.36
CA ARG T 131 -28.74 29.39 41.65
C ARG T 131 -27.92 30.23 42.61
N TYR T 132 -27.05 31.06 42.04
CA TYR T 132 -26.21 31.95 42.84
C TYR T 132 -26.95 33.25 43.13
N MET T 133 -26.67 33.80 44.31
CA MET T 133 -27.22 35.10 44.67
C MET T 133 -26.27 36.19 44.20
N PRO T 134 -26.70 37.08 43.31
CA PRO T 134 -25.73 37.94 42.60
C PRO T 134 -24.90 38.83 43.50
N GLN T 135 -25.49 39.40 44.57
CA GLN T 135 -24.74 40.35 45.37
C GLN T 135 -23.53 39.71 46.01
N ASN T 136 -23.69 38.52 46.57
CA ASN T 136 -22.56 37.74 47.10
C ASN T 136 -22.56 36.40 46.38
N PRO T 137 -21.70 36.24 45.38
CA PRO T 137 -21.71 34.99 44.60
C PRO T 137 -21.34 33.77 45.40
N CYS T 138 -20.66 33.93 46.54
CA CYS T 138 -20.05 32.80 47.23
C CYS T 138 -21.07 31.91 47.94
N ILE T 139 -22.34 32.30 48.01
CA ILE T 139 -23.34 31.54 48.74
C ILE T 139 -24.44 31.09 47.78
N ILE T 140 -24.86 29.84 47.92
CA ILE T 140 -25.98 29.30 47.17
C ILE T 140 -26.89 28.53 48.10
N ALA T 141 -28.12 28.32 47.65
CA ALA T 141 -29.12 27.53 48.36
C ALA T 141 -29.47 26.31 47.52
N THR T 142 -29.73 25.19 48.20
CA THR T 142 -29.92 23.90 47.55
C THR T 142 -31.27 23.30 47.94
N LYS T 143 -32.14 23.10 46.96
CA LYS T 143 -33.39 22.40 47.18
C LYS T 143 -33.12 20.89 47.15
N THR T 144 -33.79 20.16 48.02
CA THR T 144 -33.61 18.72 48.20
C THR T 144 -34.96 18.03 48.18
N PRO T 145 -34.97 16.70 48.02
CA PRO T 145 -36.23 15.97 48.21
C PRO T 145 -36.87 16.22 49.56
N SER T 146 -36.08 16.47 50.59
CA SER T 146 -36.62 16.92 51.87
C SER T 146 -37.27 18.29 51.70
N SER T 147 -38.28 18.55 52.54
CA SER T 147 -39.03 19.80 52.42
C SER T 147 -38.17 21.03 52.72
N ASP T 148 -37.02 20.84 53.37
CA ASP T 148 -36.11 21.95 53.65
C ASP T 148 -35.19 22.18 52.46
N VAL T 149 -34.73 23.43 52.33
CA VAL T 149 -33.84 23.84 51.25
C VAL T 149 -32.46 24.05 51.84
N LEU T 150 -31.51 23.22 51.41
CA LEU T 150 -30.15 23.31 51.94
C LEU T 150 -29.48 24.59 51.46
N VAL T 151 -28.54 25.08 52.26
CA VAL T 151 -27.74 26.24 51.92
C VAL T 151 -26.28 25.94 52.23
N PHE T 152 -25.41 26.19 51.25
CA PHE T 152 -24.00 25.87 51.38
C PHE T 152 -23.15 27.02 50.84
N ASP T 153 -22.06 27.30 51.54
CA ASP T 153 -21.01 28.19 51.07
C ASP T 153 -19.77 27.34 50.84
N TYR T 154 -19.36 27.23 49.58
CA TYR T 154 -18.18 26.43 49.26
C TYR T 154 -16.93 27.01 49.90
N THR T 155 -16.85 28.34 50.02
CA THR T 155 -15.67 28.95 50.60
C THR T 155 -15.46 28.47 52.03
N LYS T 156 -16.53 28.44 52.82
CA LYS T 156 -16.43 27.95 54.18
C LYS T 156 -16.38 26.42 54.23
N HIS T 157 -16.79 25.77 53.21
CA HIS T 157 -16.65 24.33 53.29
C HIS T 157 -15.32 23.89 52.70
N PRO T 158 -14.81 22.73 53.14
CA PRO T 158 -13.64 22.16 52.45
C PRO T 158 -14.00 21.83 51.00
N SER T 159 -13.04 22.06 50.11
CA SER T 159 -13.26 21.76 48.70
C SER T 159 -13.43 20.27 48.47
N LYS T 160 -12.65 19.46 49.16
CA LYS T 160 -12.72 18.02 49.00
C LYS T 160 -14.04 17.49 49.56
N PRO T 161 -14.59 16.44 48.95
CA PRO T 161 -15.76 15.79 49.53
C PRO T 161 -15.43 15.14 50.87
N ASP T 162 -16.37 15.24 51.80
CA ASP T 162 -16.15 14.72 53.14
C ASP T 162 -16.76 13.33 53.23
N PRO T 163 -15.93 12.29 53.46
CA PRO T 163 -16.48 10.93 53.48
C PRO T 163 -17.35 10.60 54.68
N SER T 164 -17.47 11.52 55.65
CA SER T 164 -18.31 11.24 56.81
C SER T 164 -19.79 11.16 56.46
N GLY T 165 -20.19 11.66 55.30
CA GLY T 165 -21.56 11.53 54.87
C GLY T 165 -22.49 12.56 55.47
N GLU T 166 -22.13 13.10 56.64
CA GLU T 166 -22.94 14.12 57.27
C GLU T 166 -22.92 15.41 56.46
N CYS T 167 -24.08 16.07 56.39
CA CYS T 167 -24.21 17.32 55.67
C CYS T 167 -24.34 18.48 56.65
N ASN T 168 -23.84 19.64 56.25
CA ASN T 168 -23.90 20.86 57.06
C ASN T 168 -24.49 22.00 56.24
N PRO T 169 -25.78 21.91 55.92
CA PRO T 169 -26.43 22.98 55.15
C PRO T 169 -26.83 24.15 56.04
N ASP T 170 -25.85 24.96 56.41
CA ASP T 170 -26.10 26.07 57.31
C ASP T 170 -27.11 27.02 56.69
N LEU T 171 -27.92 27.65 57.55
CA LEU T 171 -28.84 28.70 57.13
C LEU T 171 -29.89 28.16 56.17
N ARG T 172 -30.21 26.88 56.28
CA ARG T 172 -31.12 26.25 55.34
C ARG T 172 -32.55 26.74 55.57
N LEU T 173 -33.34 26.71 54.50
CA LEU T 173 -34.63 27.39 54.44
C LEU T 173 -35.76 26.44 54.82
N ARG T 174 -36.65 26.92 55.69
CA ARG T 174 -37.85 26.18 56.03
C ARG T 174 -39.06 27.07 55.83
N GLY T 175 -40.19 26.45 55.54
CA GLY T 175 -41.41 27.18 55.19
C GLY T 175 -42.25 26.49 54.14
N HIS T 176 -41.65 25.65 53.31
CA HIS T 176 -42.40 24.77 52.43
C HIS T 176 -42.48 23.38 53.06
N GLN T 177 -43.70 22.90 53.28
CA GLN T 177 -43.87 21.59 53.90
C GLN T 177 -43.62 20.46 52.92
N LYS T 178 -43.50 20.77 51.63
CA LYS T 178 -43.10 19.79 50.63
C LYS T 178 -41.96 20.39 49.79
N GLU T 179 -41.35 19.55 48.96
CA GLU T 179 -40.38 20.02 47.99
C GLU T 179 -41.11 20.75 46.86
N GLY T 180 -40.35 21.24 45.89
CA GLY T 180 -40.95 21.93 44.78
C GLY T 180 -39.91 22.39 43.78
N TYR T 181 -40.37 23.20 42.83
CA TYR T 181 -39.57 23.70 41.73
C TYR T 181 -39.76 25.21 41.62
N GLY T 182 -38.65 25.94 41.53
CA GLY T 182 -38.73 27.38 41.40
C GLY T 182 -37.81 28.14 42.34
N LEU T 183 -36.97 28.99 41.77
CA LEU T 183 -36.02 29.80 42.53
C LEU T 183 -35.72 31.06 41.75
N SER T 184 -35.70 32.22 42.43
CA SER T 184 -35.29 33.46 41.80
C SER T 184 -34.88 34.44 42.87
N TRP T 185 -33.58 34.71 42.98
CA TRP T 185 -33.10 35.72 43.91
C TRP T 185 -33.63 37.09 43.51
N ASN T 186 -33.59 38.02 44.47
CA ASN T 186 -33.93 39.39 44.16
C ASN T 186 -32.75 40.08 43.49
N PRO T 187 -32.92 40.63 42.28
CA PRO T 187 -31.81 41.36 41.67
C PRO T 187 -31.36 42.56 42.49
N ASN T 188 -32.29 43.21 43.18
CA ASN T 188 -32.00 44.44 43.92
C ASN T 188 -31.81 44.16 45.40
N LEU T 189 -32.80 43.57 46.05
CA LEU T 189 -32.67 43.20 47.46
C LEU T 189 -31.66 42.07 47.61
N SER T 190 -30.91 42.11 48.70
CA SER T 190 -29.93 41.08 49.00
C SER T 190 -30.50 40.11 50.03
N GLY T 191 -30.27 38.82 49.81
CA GLY T 191 -30.85 37.82 50.69
C GLY T 191 -32.32 37.61 50.48
N HIS T 192 -32.84 37.94 49.30
CA HIS T 192 -34.25 37.77 48.97
C HIS T 192 -34.39 36.92 47.71
N LEU T 193 -35.33 35.98 47.74
CA LEU T 193 -35.53 35.05 46.65
C LEU T 193 -37.00 34.67 46.59
N LEU T 194 -37.45 34.26 45.41
CA LEU T 194 -38.80 33.74 45.21
C LEU T 194 -38.73 32.25 44.91
N SER T 195 -39.30 31.43 45.81
CA SER T 195 -39.37 29.99 45.61
C SER T 195 -40.73 29.48 46.08
N ALA T 196 -41.14 28.36 45.50
CA ALA T 196 -42.43 27.76 45.79
C ALA T 196 -42.27 26.25 45.93
N SER T 197 -43.39 25.57 46.11
CA SER T 197 -43.39 24.12 46.27
C SER T 197 -44.74 23.57 45.79
N ASP T 198 -44.98 22.29 46.08
CA ASP T 198 -46.25 21.66 45.75
C ASP T 198 -47.41 22.21 46.56
N ASP T 199 -47.11 22.99 47.58
CA ASP T 199 -48.01 23.47 48.62
C ASP T 199 -49.03 24.47 48.13
N HIS T 200 -49.10 24.73 46.82
CA HIS T 200 -49.95 25.79 46.27
C HIS T 200 -49.65 27.13 46.91
N THR T 201 -48.41 27.30 47.37
CA THR T 201 -47.98 28.51 48.06
C THR T 201 -46.56 28.87 47.60
N ILE T 202 -46.22 30.14 47.75
CA ILE T 202 -44.89 30.64 47.44
C ILE T 202 -44.31 31.25 48.71
N CYS T 203 -43.13 30.80 49.10
CA CYS T 203 -42.50 31.24 50.34
C CYS T 203 -41.48 32.34 50.07
N LEU T 204 -40.94 32.89 51.16
CA LEU T 204 -39.95 33.96 51.08
C LEU T 204 -39.12 33.97 52.36
N TRP T 205 -37.81 33.93 52.20
CA TRP T 205 -36.86 34.05 53.29
C TRP T 205 -36.00 35.30 53.07
N ASP T 206 -35.57 35.92 54.17
CA ASP T 206 -34.71 37.10 54.13
C ASP T 206 -33.40 36.75 54.82
N ILE T 207 -32.44 36.25 54.04
CA ILE T 207 -31.17 35.80 54.61
C ILE T 207 -30.40 36.97 55.21
N SER T 208 -30.48 38.16 54.60
CA SER T 208 -29.66 39.28 55.04
C SER T 208 -29.92 39.66 56.49
N ALA T 209 -31.13 39.42 57.00
CA ALA T 209 -31.49 39.79 58.36
C ALA T 209 -31.48 38.60 59.31
N VAL T 210 -30.95 37.47 58.90
CA VAL T 210 -31.01 36.25 59.72
C VAL T 210 -29.92 36.29 60.79
N PRO T 211 -30.30 36.17 62.07
CA PRO T 211 -29.31 36.03 63.14
C PRO T 211 -28.87 34.58 63.28
N LYS T 212 -28.16 34.30 64.37
CA LYS T 212 -27.75 32.93 64.69
C LYS T 212 -28.97 32.19 65.24
N GLU T 213 -29.78 31.68 64.30
CA GLU T 213 -31.05 31.05 64.65
C GLU T 213 -30.97 29.53 64.77
N GLY T 214 -29.92 28.91 64.24
CA GLY T 214 -29.79 27.46 64.33
C GLY T 214 -29.76 26.76 62.99
N LYS T 215 -29.24 27.46 61.97
CA LYS T 215 -28.96 26.89 60.65
C LYS T 215 -30.23 26.61 59.86
N VAL T 216 -31.39 26.79 60.48
CA VAL T 216 -32.68 26.53 59.83
C VAL T 216 -33.39 27.88 59.69
N VAL T 217 -33.33 28.45 58.49
CA VAL T 217 -33.93 29.75 58.26
C VAL T 217 -35.42 29.59 58.05
N ASP T 218 -36.20 30.32 58.85
CA ASP T 218 -37.65 30.24 58.80
C ASP T 218 -38.20 31.18 57.74
N ALA T 219 -39.30 30.76 57.12
CA ALA T 219 -39.92 31.57 56.08
C ALA T 219 -40.45 32.87 56.66
N LYS T 220 -40.55 33.88 55.79
CA LYS T 220 -41.05 35.20 56.17
C LYS T 220 -42.46 35.45 55.63
N THR T 221 -42.65 35.31 54.32
CA THR T 221 -43.92 35.58 53.67
C THR T 221 -44.32 34.39 52.83
N ILE T 222 -45.61 34.05 52.86
CA ILE T 222 -46.14 32.93 52.11
C ILE T 222 -47.32 33.40 51.27
N PHE T 223 -47.29 33.09 49.97
CA PHE T 223 -48.36 33.43 49.06
C PHE T 223 -49.47 32.40 49.11
N THR T 224 -50.67 32.81 48.69
CA THR T 224 -51.82 31.92 48.60
C THR T 224 -52.60 32.22 47.32
N GLY T 225 -51.88 32.51 46.24
CA GLY T 225 -52.51 32.96 45.01
C GLY T 225 -53.10 31.90 44.09
N HIS T 226 -52.25 31.03 43.56
CA HIS T 226 -52.70 30.05 42.57
C HIS T 226 -53.55 28.97 43.20
N THR T 227 -54.39 28.35 42.37
CA THR T 227 -55.26 27.27 42.80
C THR T 227 -54.62 25.90 42.65
N ALA T 228 -53.48 25.80 41.99
CA ALA T 228 -52.88 24.51 41.70
C ALA T 228 -51.44 24.45 42.19
N VAL T 229 -50.72 23.40 41.81
CA VAL T 229 -49.32 23.26 42.20
C VAL T 229 -48.48 24.21 41.36
N VAL T 230 -47.96 25.26 41.99
CA VAL T 230 -47.12 26.22 41.30
C VAL T 230 -45.75 25.61 41.00
N GLU T 231 -45.13 26.07 39.93
CA GLU T 231 -43.84 25.55 39.54
C GLU T 231 -42.81 26.60 39.15
N ASP T 232 -43.18 27.86 38.97
CA ASP T 232 -42.20 28.85 38.54
C ASP T 232 -42.65 30.24 38.94
N VAL T 233 -41.74 31.01 39.54
CA VAL T 233 -41.96 32.39 39.92
C VAL T 233 -40.66 33.16 39.68
N SER T 234 -40.76 34.48 39.74
CA SER T 234 -39.57 35.32 39.56
C SER T 234 -39.84 36.75 40.01
N TRP T 235 -38.88 37.32 40.74
CA TRP T 235 -38.85 38.76 40.93
C TRP T 235 -38.59 39.44 39.59
N HIS T 236 -39.13 40.65 39.42
CA HIS T 236 -38.80 41.42 38.22
C HIS T 236 -37.31 41.76 38.20
N LEU T 237 -36.67 41.59 37.04
CA LEU T 237 -35.23 41.77 36.95
C LEU T 237 -34.80 43.18 37.25
N LEU T 238 -35.57 44.16 36.83
CA LEU T 238 -35.20 45.56 36.99
C LEU T 238 -35.96 46.25 38.12
N HIS T 239 -36.76 45.52 38.87
CA HIS T 239 -37.54 46.11 39.96
C HIS T 239 -37.77 45.06 41.03
N GLU T 240 -37.22 45.29 42.23
CA GLU T 240 -37.50 44.40 43.35
C GLU T 240 -38.97 44.45 43.74
N SER T 241 -39.64 45.57 43.49
CA SER T 241 -41.05 45.69 43.85
C SER T 241 -41.92 44.74 43.03
N LEU T 242 -41.61 44.60 41.74
CA LEU T 242 -42.46 43.84 40.84
C LEU T 242 -42.00 42.39 40.75
N PHE T 243 -42.96 41.51 40.48
CA PHE T 243 -42.75 40.07 40.39
C PHE T 243 -44.08 39.43 39.98
N GLY T 244 -44.03 38.13 39.73
CA GLY T 244 -45.21 37.40 39.30
C GLY T 244 -45.08 35.94 39.64
N SER T 245 -46.10 35.17 39.24
CA SER T 245 -46.15 33.74 39.55
C SER T 245 -46.67 32.97 38.36
N VAL T 246 -46.22 31.72 38.25
CA VAL T 246 -46.64 30.80 37.19
C VAL T 246 -46.91 29.44 37.82
N ALA T 247 -48.01 28.82 37.40
CA ALA T 247 -48.38 27.50 37.89
C ALA T 247 -48.77 26.62 36.72
N ASP T 248 -49.12 25.37 37.04
CA ASP T 248 -49.60 24.42 36.04
C ASP T 248 -51.03 24.70 35.59
N ASP T 249 -51.67 25.70 36.17
CA ASP T 249 -53.03 26.14 35.88
C ASP T 249 -53.18 26.70 34.51
N GLN T 250 -52.11 26.66 33.71
CA GLN T 250 -52.10 27.29 32.38
C GLN T 250 -52.40 28.79 32.49
N LYS T 251 -52.01 29.39 33.61
CA LYS T 251 -52.26 30.81 33.82
C LYS T 251 -51.18 31.36 34.74
N LEU T 252 -50.20 32.03 34.16
CA LEU T 252 -49.26 32.80 34.94
C LEU T 252 -49.99 33.95 35.64
N MET T 253 -49.49 34.33 36.81
CA MET T 253 -50.21 35.23 37.69
C MET T 253 -49.27 36.27 38.27
N ILE T 254 -49.52 37.55 37.95
CA ILE T 254 -48.59 38.64 38.20
C ILE T 254 -48.87 39.23 39.57
N TRP T 255 -47.83 39.79 40.18
CA TRP T 255 -47.95 40.43 41.49
C TRP T 255 -47.18 41.76 41.49
N ASP T 256 -47.14 42.36 42.68
CA ASP T 256 -46.33 43.53 42.98
C ASP T 256 -46.21 43.61 44.48
N THR T 257 -45.13 44.24 44.95
CA THR T 257 -44.97 44.39 46.39
C THR T 257 -46.04 45.32 46.94
N ARG T 258 -46.17 45.30 48.27
CA ARG T 258 -47.08 46.17 49.02
C ARG T 258 -48.53 46.07 48.55
N SER T 259 -48.87 45.01 47.81
CA SER T 259 -50.22 44.83 47.28
C SER T 259 -51.09 43.98 48.21
N ASN T 260 -51.14 44.36 49.48
CA ASN T 260 -52.03 43.75 50.46
C ASN T 260 -51.89 42.24 50.53
N ASN T 261 -52.90 41.53 50.02
CA ASN T 261 -52.97 40.09 50.19
C ASN T 261 -51.88 39.38 49.42
N THR T 262 -51.59 38.15 49.87
CA THR T 262 -50.72 37.23 49.15
C THR T 262 -51.51 36.16 48.41
N SER T 263 -52.83 36.34 48.27
CA SER T 263 -53.69 35.40 47.56
C SER T 263 -54.26 35.95 46.27
N LYS T 264 -54.32 37.24 46.14
CA LYS T 264 -54.82 37.82 44.92
C LYS T 264 -53.69 38.50 44.15
N PRO T 265 -53.78 38.51 42.83
CA PRO T 265 -52.69 39.04 42.01
C PRO T 265 -52.84 40.52 41.70
N SER T 266 -51.72 41.12 41.29
CA SER T 266 -51.79 42.44 40.65
C SER T 266 -52.55 42.35 39.34
N HIS T 267 -52.18 41.40 38.49
CA HIS T 267 -52.88 41.13 37.23
C HIS T 267 -52.65 39.68 36.88
N SER T 268 -53.44 39.18 35.95
CA SER T 268 -53.35 37.78 35.57
C SER T 268 -54.00 37.56 34.22
N VAL T 269 -53.46 36.59 33.47
CA VAL T 269 -54.04 36.16 32.22
C VAL T 269 -53.58 34.73 31.99
N ASP T 270 -54.44 33.93 31.36
CA ASP T 270 -54.13 32.53 31.13
C ASP T 270 -53.00 32.40 30.11
N ALA T 271 -51.89 31.81 30.55
CA ALA T 271 -50.68 31.80 29.73
C ALA T 271 -50.88 31.02 28.44
N HIS T 272 -51.37 29.80 28.54
CA HIS T 272 -51.50 28.93 27.38
C HIS T 272 -52.67 27.98 27.59
N THR T 273 -52.93 27.16 26.57
CA THR T 273 -53.98 26.16 26.64
C THR T 273 -53.56 24.92 27.42
N ALA T 274 -52.28 24.81 27.78
CA ALA T 274 -51.79 23.65 28.51
C ALA T 274 -50.77 24.12 29.53
N GLU T 275 -50.07 23.17 30.13
CA GLU T 275 -49.20 23.45 31.26
C GLU T 275 -48.03 24.35 30.83
N VAL T 276 -47.58 25.16 31.78
CA VAL T 276 -46.50 26.11 31.54
C VAL T 276 -45.63 26.17 32.79
N ASN T 277 -44.35 25.86 32.63
CA ASN T 277 -43.41 25.80 33.76
C ASN T 277 -42.04 26.34 33.35
N CYS T 278 -42.02 27.48 32.68
CA CYS T 278 -40.76 28.10 32.29
C CYS T 278 -40.94 29.61 32.16
N LEU T 279 -39.86 30.34 32.39
CA LEU T 279 -39.93 31.80 32.36
C LEU T 279 -38.52 32.38 32.45
N SER T 280 -38.35 33.55 31.83
CA SER T 280 -37.14 34.36 31.99
C SER T 280 -37.47 35.81 31.69
N PHE T 281 -36.66 36.71 32.24
CA PHE T 281 -36.84 38.15 32.04
C PHE T 281 -35.66 38.71 31.25
N ASN T 282 -35.74 40.01 30.95
CA ASN T 282 -34.76 40.65 30.08
C ASN T 282 -33.69 41.35 30.89
N PRO T 283 -32.42 41.10 30.59
CA PRO T 283 -31.35 41.88 31.21
C PRO T 283 -31.36 43.35 30.84
N TYR T 284 -32.05 43.73 29.76
CA TYR T 284 -31.93 45.09 29.26
C TYR T 284 -33.24 45.77 28.91
N SER T 285 -34.31 45.01 28.67
CA SER T 285 -35.59 45.60 28.33
C SER T 285 -36.55 45.45 29.50
N GLU T 286 -37.16 46.56 29.90
CA GLU T 286 -38.08 46.55 31.02
C GLU T 286 -39.32 45.71 30.72
N PHE T 287 -39.84 45.81 29.50
CA PHE T 287 -41.16 45.31 29.20
C PHE T 287 -41.18 43.95 28.53
N ILE T 288 -40.07 43.51 27.94
CA ILE T 288 -40.07 42.23 27.22
C ILE T 288 -40.24 41.10 28.22
N LEU T 289 -41.32 40.33 28.07
CA LEU T 289 -41.66 39.24 28.98
C LEU T 289 -42.26 38.11 28.16
N ALA T 290 -41.49 37.06 27.95
CA ALA T 290 -41.92 35.91 27.17
C ALA T 290 -42.07 34.70 28.07
N THR T 291 -42.69 33.66 27.52
CA THR T 291 -42.89 32.43 28.28
C THR T 291 -43.30 31.31 27.33
N GLY T 292 -42.68 30.15 27.51
CA GLY T 292 -43.02 28.97 26.75
C GLY T 292 -44.15 28.18 27.38
N SER T 293 -44.46 27.06 26.73
CA SER T 293 -45.53 26.18 27.18
C SER T 293 -45.12 24.74 26.98
N ALA T 294 -45.73 23.86 27.78
CA ALA T 294 -45.54 22.42 27.57
C ALA T 294 -46.10 21.97 26.23
N ASP T 295 -47.12 22.66 25.73
CA ASP T 295 -47.77 22.23 24.50
C ASP T 295 -47.00 22.70 23.28
N LYS T 296 -45.69 22.44 23.27
CA LYS T 296 -44.82 22.69 22.13
C LYS T 296 -44.80 24.15 21.69
N THR T 297 -45.25 25.07 22.52
CA THR T 297 -45.38 26.46 22.12
C THR T 297 -44.66 27.37 23.11
N VAL T 298 -44.27 28.53 22.61
CA VAL T 298 -43.63 29.58 23.40
C VAL T 298 -44.23 30.90 22.98
N ALA T 299 -44.48 31.78 23.95
CA ALA T 299 -45.12 33.05 23.64
C ALA T 299 -44.64 34.11 24.64
N LEU T 300 -45.31 35.27 24.61
CA LEU T 300 -44.80 36.45 25.31
C LEU T 300 -45.93 37.43 25.62
N TRP T 301 -45.63 38.33 26.57
CA TRP T 301 -46.54 39.38 27.02
C TRP T 301 -45.80 40.70 27.21
N ASP T 302 -46.59 41.76 27.34
CA ASP T 302 -46.13 43.09 27.73
C ASP T 302 -46.50 43.35 29.18
N LEU T 303 -45.73 44.23 29.83
CA LEU T 303 -46.06 44.63 31.19
C LEU T 303 -47.42 45.32 31.27
N ARG T 304 -47.62 46.35 30.47
CA ARG T 304 -48.88 47.09 30.51
C ARG T 304 -50.01 46.25 29.92
N ASN T 305 -49.79 45.66 28.75
CA ASN T 305 -50.81 44.91 28.05
C ASN T 305 -50.59 43.42 28.30
N LEU T 306 -51.62 42.74 28.78
CA LEU T 306 -51.55 41.32 29.04
C LEU T 306 -52.60 40.52 28.29
N LYS T 307 -53.56 41.18 27.63
CA LYS T 307 -54.62 40.44 26.96
C LYS T 307 -54.19 39.96 25.57
N LEU T 308 -53.74 40.88 24.72
CA LEU T 308 -53.34 40.52 23.37
C LEU T 308 -52.01 39.77 23.38
N LYS T 309 -51.90 38.74 22.54
CA LYS T 309 -50.62 38.07 22.34
C LYS T 309 -49.76 38.84 21.35
N LEU T 310 -48.52 39.13 21.75
CA LEU T 310 -47.57 39.75 20.84
C LEU T 310 -47.22 38.80 19.71
N HIS T 311 -46.94 37.54 20.03
CA HIS T 311 -46.53 36.54 19.04
C HIS T 311 -46.44 35.19 19.74
N SER T 312 -46.19 34.16 18.94
CA SER T 312 -46.06 32.80 19.43
C SER T 312 -44.83 32.15 18.83
N PHE T 313 -44.36 31.09 19.50
CA PHE T 313 -43.18 30.35 19.08
C PHE T 313 -43.46 28.88 19.31
N GLU T 314 -43.87 28.19 18.25
CA GLU T 314 -44.42 26.85 18.35
C GLU T 314 -43.63 25.82 17.55
N SER T 315 -42.45 26.17 17.07
CA SER T 315 -41.68 25.22 16.27
C SER T 315 -41.12 24.07 17.10
N HIS T 316 -41.20 24.14 18.43
CA HIS T 316 -40.80 23.02 19.25
C HIS T 316 -41.79 21.86 19.11
N LYS T 317 -41.31 20.66 19.38
CA LYS T 317 -42.09 19.45 19.13
C LYS T 317 -42.66 18.83 20.39
N ASP T 318 -42.40 19.39 21.57
CA ASP T 318 -42.78 18.72 22.80
C ASP T 318 -42.77 19.72 23.95
N GLU T 319 -42.79 19.20 25.17
CA GLU T 319 -42.76 20.03 26.36
C GLU T 319 -41.46 20.84 26.43
N ILE T 320 -41.57 22.03 27.00
CA ILE T 320 -40.42 22.87 27.32
C ILE T 320 -40.58 23.35 28.75
N PHE T 321 -39.50 23.27 29.54
CA PHE T 321 -39.55 23.83 30.88
C PHE T 321 -38.34 24.70 31.21
N GLN T 322 -37.33 24.72 30.35
CA GLN T 322 -36.10 25.48 30.60
C GLN T 322 -35.93 26.50 29.49
N VAL T 323 -36.03 27.78 29.85
CA VAL T 323 -35.92 28.89 28.93
C VAL T 323 -35.04 29.95 29.56
N GLN T 324 -34.49 30.82 28.72
CA GLN T 324 -33.68 31.92 29.22
C GLN T 324 -33.38 32.86 28.06
N TRP T 325 -33.01 34.09 28.40
CA TRP T 325 -32.51 35.06 27.45
C TRP T 325 -31.09 35.45 27.85
N SER T 326 -30.30 35.79 26.88
CA SER T 326 -28.89 35.97 27.18
C SER T 326 -28.55 37.43 27.40
N PRO T 327 -27.58 37.71 28.27
CA PRO T 327 -27.07 39.08 28.39
C PRO T 327 -26.34 39.50 27.14
N HIS T 328 -26.08 40.81 27.05
CA HIS T 328 -25.43 41.47 25.93
C HIS T 328 -26.26 41.41 24.66
N ASN T 329 -27.46 40.85 24.71
CA ASN T 329 -28.19 40.53 23.50
C ASN T 329 -29.68 40.61 23.79
N GLU T 330 -30.40 41.44 23.04
CA GLU T 330 -31.81 41.68 23.34
C GLU T 330 -32.74 40.87 22.45
N THR T 331 -32.37 40.60 21.20
CA THR T 331 -33.20 39.81 20.30
C THR T 331 -32.91 38.33 20.39
N ILE T 332 -32.42 37.85 21.53
CA ILE T 332 -31.97 36.48 21.67
C ILE T 332 -33.05 35.66 22.36
N LEU T 333 -33.14 34.40 21.95
CA LEU T 333 -34.04 33.45 22.57
C LEU T 333 -33.66 32.05 22.12
N ALA T 334 -33.68 31.11 23.05
CA ALA T 334 -33.33 29.72 22.77
C ALA T 334 -33.84 28.87 23.92
N SER T 335 -34.19 27.62 23.62
CA SER T 335 -34.64 26.71 24.68
C SER T 335 -34.71 25.29 24.15
N SER T 336 -34.20 24.36 24.95
CA SER T 336 -34.30 22.93 24.69
C SER T 336 -35.27 22.28 25.67
N GLY T 337 -35.66 21.06 25.37
CA GLY T 337 -36.63 20.36 26.19
C GLY T 337 -36.62 18.85 26.05
N THR T 338 -37.78 18.25 26.26
CA THR T 338 -37.89 16.80 26.27
C THR T 338 -37.57 16.20 24.92
N ASP T 339 -38.06 16.82 23.84
CA ASP T 339 -37.79 16.30 22.51
C ASP T 339 -36.33 16.42 22.12
N ARG T 340 -35.48 16.83 23.05
CA ARG T 340 -34.03 16.86 22.87
C ARG T 340 -33.61 17.82 21.77
N ARG T 341 -34.48 18.78 21.44
CA ARG T 341 -34.17 19.78 20.43
C ARG T 341 -34.30 21.16 21.04
N LEU T 342 -33.33 22.02 20.76
CA LEU T 342 -33.34 23.39 21.21
C LEU T 342 -33.76 24.29 20.06
N ASN T 343 -34.39 25.41 20.38
CA ASN T 343 -34.94 26.31 19.40
C ASN T 343 -34.47 27.73 19.69
N VAL T 344 -33.51 28.21 18.89
CA VAL T 344 -33.03 29.58 18.99
C VAL T 344 -33.94 30.47 18.17
N TRP T 345 -34.31 31.62 18.73
CA TRP T 345 -35.26 32.53 18.10
C TRP T 345 -34.66 33.90 17.88
N ASP T 346 -34.83 34.42 16.67
CA ASP T 346 -34.49 35.80 16.36
C ASP T 346 -35.72 36.65 16.65
N LEU T 347 -35.68 37.39 17.76
CA LEU T 347 -36.78 38.27 18.09
C LEU T 347 -36.90 39.44 17.12
N SER T 348 -35.92 39.63 16.24
CA SER T 348 -36.00 40.69 15.25
C SER T 348 -36.53 40.22 13.91
N LYS T 349 -36.50 38.92 13.63
CA LYS T 349 -36.98 38.40 12.35
C LYS T 349 -38.42 37.91 12.44
N ILE T 350 -39.24 38.52 13.31
CA ILE T 350 -40.63 38.14 13.42
C ILE T 350 -41.41 38.63 12.21
N GLY T 351 -42.15 37.71 11.58
CA GLY T 351 -43.09 38.09 10.54
C GLY T 351 -42.49 38.68 9.29
N GLU T 352 -41.17 38.57 9.13
CA GLU T 352 -40.52 39.07 7.93
C GLU T 352 -40.69 38.09 6.79
N GLU T 353 -40.94 38.62 5.59
CA GLU T 353 -41.05 37.78 4.42
C GLU T 353 -39.75 37.04 4.16
N GLN T 354 -39.85 35.74 3.95
CA GLN T 354 -38.70 34.90 3.68
C GLN T 354 -39.00 34.03 2.47
N SER T 355 -37.95 33.54 1.83
CA SER T 355 -38.09 32.80 0.60
C SER T 355 -38.82 31.49 0.85
N PRO T 356 -39.43 30.90 -0.18
CA PRO T 356 -40.02 29.57 -0.01
C PRO T 356 -39.00 28.56 0.46
N GLU T 357 -37.73 28.73 0.09
CA GLU T 357 -36.66 27.89 0.58
C GLU T 357 -36.36 28.13 2.05
N ASP T 358 -36.91 29.20 2.64
CA ASP T 358 -36.69 29.50 4.04
C ASP T 358 -37.76 28.89 4.94
N ALA T 359 -39.03 28.98 4.53
CA ALA T 359 -40.10 28.43 5.34
C ALA T 359 -39.96 26.91 5.47
N GLU T 360 -39.58 26.24 4.38
CA GLU T 360 -39.37 24.80 4.45
C GLU T 360 -38.34 24.45 5.50
N ASP T 361 -37.40 25.36 5.77
CA ASP T 361 -36.52 25.19 6.90
C ASP T 361 -37.21 25.65 8.20
N GLY T 362 -37.86 26.81 8.16
CA GLY T 362 -38.55 27.30 9.32
C GLY T 362 -38.96 28.76 9.22
N PRO T 363 -39.63 29.25 10.27
CA PRO T 363 -40.07 30.65 10.26
C PRO T 363 -38.88 31.59 10.36
N PRO T 364 -39.00 32.80 9.82
CA PRO T 364 -37.85 33.72 9.84
C PRO T 364 -37.39 34.07 11.24
N GLU T 365 -38.31 34.21 12.19
CA GLU T 365 -37.90 34.57 13.55
C GLU T 365 -37.24 33.41 14.29
N LEU T 366 -37.33 32.19 13.76
CA LEU T 366 -36.63 31.04 14.33
C LEU T 366 -35.16 31.15 13.93
N LEU T 367 -34.32 31.58 14.87
CA LEU T 367 -32.96 31.97 14.49
C LEU T 367 -32.10 30.75 14.19
N PHE T 368 -32.17 29.72 15.02
CA PHE T 368 -31.17 28.67 14.93
C PHE T 368 -31.68 27.44 15.65
N ILE T 369 -31.17 26.28 15.24
CA ILE T 369 -31.53 25.00 15.84
C ILE T 369 -30.27 24.18 16.09
N HIS T 370 -30.17 23.62 17.29
CA HIS T 370 -29.15 22.65 17.66
C HIS T 370 -29.75 21.63 18.61
N GLY T 371 -29.46 20.36 18.37
CA GLY T 371 -30.03 19.31 19.20
C GLY T 371 -29.12 18.14 19.47
N GLY T 372 -27.81 18.37 19.43
CA GLY T 372 -26.86 17.27 19.49
C GLY T 372 -26.78 16.64 20.87
N HIS T 373 -27.83 15.93 21.26
CA HIS T 373 -27.91 15.38 22.61
C HIS T 373 -28.63 14.05 22.55
N THR T 374 -27.95 12.99 22.98
CA THR T 374 -28.52 11.66 22.88
C THR T 374 -29.81 11.55 23.69
N ALA T 375 -29.70 11.68 25.00
CA ALA T 375 -30.86 11.60 25.86
C ALA T 375 -31.47 12.99 26.02
N LYS T 376 -32.36 13.12 27.00
CA LYS T 376 -33.13 14.34 27.20
C LYS T 376 -32.31 15.42 27.90
N ILE T 377 -32.52 16.66 27.48
CA ILE T 377 -31.82 17.82 28.01
C ILE T 377 -32.71 18.49 29.06
N SER T 378 -32.15 18.74 30.24
CA SER T 378 -32.93 19.33 31.32
C SER T 378 -32.50 20.73 31.72
N ASP T 379 -31.28 21.16 31.41
CA ASP T 379 -30.88 22.51 31.80
C ASP T 379 -29.74 23.00 30.92
N PHE T 380 -29.90 24.19 30.35
CA PHE T 380 -28.85 24.86 29.62
C PHE T 380 -28.42 26.10 30.39
N SER T 381 -27.25 26.62 30.01
CA SER T 381 -26.81 27.92 30.51
C SER T 381 -25.63 28.42 29.69
N TRP T 382 -25.72 29.64 29.19
CA TRP T 382 -24.55 30.38 28.79
C TRP T 382 -24.06 31.18 29.99
N ASN T 383 -23.07 32.02 29.77
CA ASN T 383 -22.63 32.95 30.79
C ASN T 383 -22.36 34.29 30.16
N PRO T 384 -22.35 35.37 30.94
CA PRO T 384 -21.89 36.65 30.42
C PRO T 384 -20.44 36.56 29.99
N ASN T 385 -20.00 37.60 29.29
CA ASN T 385 -18.62 37.75 28.83
C ASN T 385 -18.33 36.78 27.69
N GLU T 386 -19.27 35.89 27.39
CA GLU T 386 -19.13 34.91 26.32
C GLU T 386 -20.49 34.71 25.69
N PRO T 387 -20.95 35.67 24.90
CA PRO T 387 -22.37 35.76 24.54
C PRO T 387 -22.85 34.73 23.54
N TRP T 388 -22.07 33.69 23.21
CA TRP T 388 -22.58 32.71 22.27
C TRP T 388 -22.17 31.27 22.60
N VAL T 389 -21.73 30.99 23.82
CA VAL T 389 -21.36 29.64 24.22
C VAL T 389 -22.22 29.25 25.41
N ILE T 390 -22.79 28.04 25.34
CA ILE T 390 -23.83 27.60 26.26
C ILE T 390 -23.57 26.17 26.70
N CYS T 391 -23.79 25.91 27.99
CA CYS T 391 -23.76 24.57 28.55
C CYS T 391 -25.15 23.95 28.49
N SER T 392 -25.23 22.67 28.87
CA SER T 392 -26.47 21.94 28.74
C SER T 392 -26.44 20.69 29.58
N VAL T 393 -27.50 20.49 30.38
CA VAL T 393 -27.62 19.31 31.23
C VAL T 393 -28.36 18.23 30.46
N SER T 394 -27.77 17.05 30.38
CA SER T 394 -28.32 15.94 29.63
C SER T 394 -28.76 14.84 30.57
N GLU T 395 -29.88 14.19 30.24
CA GLU T 395 -30.26 12.98 30.94
C GLU T 395 -29.18 11.92 30.81
N ASP T 396 -28.50 11.89 29.67
CA ASP T 396 -27.38 11.00 29.45
C ASP T 396 -26.14 11.44 30.23
N ASN T 397 -26.28 12.48 31.04
CA ASN T 397 -25.22 12.96 31.91
C ASN T 397 -24.01 13.41 31.09
N ILE T 398 -24.26 14.22 30.07
CA ILE T 398 -23.21 14.71 29.18
C ILE T 398 -23.25 16.22 29.17
N MET T 399 -22.11 16.85 29.42
CA MET T 399 -21.95 18.29 29.33
C MET T 399 -21.60 18.67 27.89
N GLN T 400 -22.15 19.79 27.43
CA GLN T 400 -21.85 20.31 26.11
C GLN T 400 -21.40 21.76 26.23
N VAL T 401 -20.26 22.08 25.62
CA VAL T 401 -19.76 23.44 25.53
C VAL T 401 -19.47 23.73 24.07
N TRP T 402 -20.02 24.83 23.57
CA TRP T 402 -20.14 24.99 22.13
C TRP T 402 -20.43 26.43 21.78
N GLN T 403 -19.83 26.91 20.69
CA GLN T 403 -20.18 28.19 20.10
C GLN T 403 -20.48 27.98 18.62
N MET T 404 -21.37 28.80 18.08
CA MET T 404 -21.88 28.67 16.72
C MET T 404 -21.25 29.74 15.83
N ALA T 405 -21.58 29.68 14.54
CA ALA T 405 -21.04 30.63 13.59
C ALA T 405 -21.62 32.02 13.81
N GLU T 406 -20.76 33.02 13.83
CA GLU T 406 -21.22 34.40 13.80
C GLU T 406 -21.94 34.71 12.49
N ASN T 407 -21.71 33.89 11.46
CA ASN T 407 -22.23 34.18 10.14
C ASN T 407 -23.75 34.30 10.15
N ILE T 408 -24.42 33.52 10.99
CA ILE T 408 -25.88 33.57 11.05
C ILE T 408 -26.34 34.93 11.54
N TYR T 409 -25.49 35.65 12.26
CA TYR T 409 -25.73 37.05 12.62
C TYR T 409 -24.56 37.91 12.18
N ASN T 410 -23.96 37.55 11.05
CA ASN T 410 -22.85 38.27 10.43
C ASN T 410 -21.63 38.35 11.32
N ASN U 164 -2.11 21.09 19.95
CA ASN U 164 -1.16 20.89 18.87
C ASN U 164 -1.48 21.78 17.66
N LYS U 165 -0.48 22.55 17.23
CA LYS U 165 -0.69 23.52 16.15
C LYS U 165 -0.79 22.86 14.79
N ARG U 166 -0.04 21.79 14.55
CA ARG U 166 0.01 21.14 13.25
C ARG U 166 -1.10 20.10 13.07
N ARG U 167 -2.20 20.23 13.80
CA ARG U 167 -3.29 19.27 13.69
C ARG U 167 -3.92 19.31 12.30
N LYS U 168 -4.14 18.13 11.73
CA LYS U 168 -4.77 18.00 10.43
C LYS U 168 -6.27 17.83 10.60
N LEU U 169 -6.96 17.43 9.53
CA LEU U 169 -8.39 17.26 9.55
C LEU U 169 -8.77 16.06 10.42
N LYS U 170 -10.06 15.79 10.52
CA LYS U 170 -10.56 14.72 11.38
C LYS U 170 -10.45 13.37 10.71
N ASN U 171 -9.30 13.05 10.12
CA ASN U 171 -9.10 11.75 9.50
C ASN U 171 -7.71 11.18 9.76
N LYS U 172 -6.91 11.79 10.65
CA LYS U 172 -5.52 11.38 10.88
C LYS U 172 -5.50 10.20 11.86
N ARG U 173 -6.01 9.06 11.38
CA ARG U 173 -5.98 7.84 12.19
C ARG U 173 -5.17 6.73 11.54
N ARG U 174 -5.50 6.32 10.32
CA ARG U 174 -4.97 5.08 9.78
C ARG U 174 -5.36 4.87 8.32
N ARG U 175 -4.89 3.77 7.72
CA ARG U 175 -5.42 3.30 6.45
C ARG U 175 -6.53 2.28 6.62
N SER U 176 -6.37 1.35 7.56
CA SER U 176 -7.36 0.32 7.83
C SER U 176 -7.19 -0.18 9.26
N LEU U 177 -8.30 -0.54 9.90
CA LEU U 177 -8.30 -0.98 11.28
C LEU U 177 -9.44 -1.95 11.50
N PRO U 178 -9.45 -2.69 12.62
CA PRO U 178 -10.53 -3.64 12.87
C PRO U 178 -11.90 -2.97 12.93
N ARG U 179 -12.90 -3.73 12.53
CA ARG U 179 -14.28 -3.26 12.50
C ARG U 179 -14.77 -2.90 13.90
N PRO U 180 -15.25 -1.68 14.13
CA PRO U 180 -15.87 -1.35 15.41
C PRO U 180 -17.32 -1.77 15.53
N HIS U 181 -17.80 -2.64 14.63
CA HIS U 181 -19.14 -3.23 14.66
C HIS U 181 -20.21 -2.19 14.36
N ASP U 182 -21.28 -2.63 13.70
CA ASP U 182 -22.42 -1.79 13.40
C ASP U 182 -23.54 -2.12 14.37
N PHE U 183 -23.95 -1.12 15.15
CA PHE U 183 -25.00 -1.34 16.14
C PHE U 183 -26.38 -1.43 15.51
N PHE U 184 -26.57 -0.83 14.34
CA PHE U 184 -27.86 -0.90 13.66
C PHE U 184 -28.17 -2.34 13.26
N ASP U 185 -29.46 -2.68 13.28
CA ASP U 185 -29.90 -4.06 13.14
C ASP U 185 -30.71 -4.26 11.87
N ALA U 186 -30.86 -5.53 11.51
CA ALA U 186 -31.57 -5.92 10.30
C ALA U 186 -33.06 -6.11 10.55
N GLN U 187 -33.45 -6.67 11.70
CA GLN U 187 -34.87 -6.77 11.98
C GLN U 187 -35.53 -5.40 12.01
N THR U 188 -34.76 -4.36 12.27
CA THR U 188 -35.25 -3.02 12.03
C THR U 188 -35.60 -2.81 10.58
N LEU U 189 -34.71 -3.22 9.68
CA LEU U 189 -34.85 -2.91 8.26
C LEU U 189 -36.17 -3.43 7.71
N ASP U 190 -36.35 -4.75 7.71
CA ASP U 190 -37.54 -5.33 7.13
C ASP U 190 -38.82 -4.86 7.82
N ALA U 191 -38.78 -4.69 9.14
CA ALA U 191 -39.93 -4.12 9.83
C ALA U 191 -40.21 -2.72 9.31
N ILE U 192 -39.16 -1.92 9.13
CA ILE U 192 -39.32 -0.64 8.46
C ILE U 192 -39.84 -0.83 7.05
N ARG U 193 -39.36 -1.88 6.36
CA ARG U 193 -39.72 -2.05 4.96
C ARG U 193 -41.23 -2.10 4.78
N HIS U 194 -41.91 -2.96 5.54
CA HIS U 194 -43.36 -3.00 5.41
C HIS U 194 -44.01 -1.78 6.06
N ARG U 195 -43.33 -1.17 7.03
CA ARG U 195 -43.86 0.05 7.63
C ARG U 195 -44.02 1.15 6.59
N ALA U 196 -42.96 1.40 5.82
CA ALA U 196 -43.07 2.35 4.72
C ALA U 196 -44.02 1.84 3.65
N ILE U 197 -44.08 0.52 3.49
CA ILE U 197 -45.01 -0.07 2.53
C ILE U 197 -46.44 0.29 2.90
N CYS U 198 -46.82 0.04 4.16
CA CYS U 198 -48.13 0.47 4.60
C CYS U 198 -48.21 1.98 4.76
N PHE U 199 -47.06 2.64 4.91
CA PHE U 199 -47.05 4.10 4.90
C PHE U 199 -47.23 4.64 3.47
N ASN U 200 -46.54 4.04 2.51
CA ASN U 200 -46.59 4.55 1.14
C ASN U 200 -48.01 4.49 0.59
N LEU U 201 -48.66 3.34 0.73
CA LEU U 201 -49.97 3.16 0.09
C LEU U 201 -50.98 4.17 0.59
N SER U 202 -50.89 4.58 1.85
CA SER U 202 -51.75 5.62 2.39
C SER U 202 -51.18 7.01 2.18
N ALA U 203 -49.99 7.12 1.64
CA ALA U 203 -49.37 8.43 1.41
C ALA U 203 -48.87 8.62 0.00
N HIS U 204 -48.31 7.58 -0.62
CA HIS U 204 -47.81 7.62 -2.00
C HIS U 204 -46.69 8.63 -2.17
N ILE U 205 -45.93 8.88 -1.10
CA ILE U 205 -44.78 9.77 -1.18
C ILE U 205 -43.65 9.12 -1.97
N GLU U 206 -43.47 7.82 -1.79
CA GLU U 206 -42.34 7.16 -2.43
C GLU U 206 -42.58 6.99 -3.92
N SER U 207 -43.82 6.68 -4.30
CA SER U 207 -44.15 6.50 -5.71
C SER U 207 -44.57 7.81 -6.35
N LEU U 208 -45.62 8.45 -5.82
CA LEU U 208 -46.18 9.63 -6.45
C LEU U 208 -45.54 10.92 -5.95
N GLY U 209 -45.19 10.97 -4.68
CA GLY U 209 -44.63 12.19 -4.12
C GLY U 209 -43.14 12.33 -4.24
N LYS U 210 -42.48 11.39 -4.92
CA LYS U 210 -41.03 11.43 -5.12
C LYS U 210 -40.28 11.57 -3.80
N GLY U 211 -40.85 10.98 -2.75
CA GLY U 211 -40.19 10.97 -1.46
C GLY U 211 -40.17 12.29 -0.73
N HIS U 212 -41.02 13.25 -1.13
CA HIS U 212 -41.02 14.55 -0.46
C HIS U 212 -42.39 15.11 -0.14
N SER U 213 -43.46 14.62 -0.75
CA SER U 213 -44.79 15.16 -0.51
C SER U 213 -45.80 14.03 -0.69
N VAL U 214 -47.01 14.25 -0.18
CA VAL U 214 -48.04 13.22 -0.17
C VAL U 214 -49.23 13.71 -0.97
N VAL U 215 -49.71 12.88 -1.88
CA VAL U 215 -50.89 13.19 -2.66
C VAL U 215 -52.13 12.96 -1.81
N PHE U 216 -53.23 13.63 -2.16
CA PHE U 216 -54.46 13.51 -1.40
C PHE U 216 -55.65 13.46 -2.34
N HIS U 217 -56.59 12.58 -2.05
CA HIS U 217 -57.80 12.43 -2.84
C HIS U 217 -58.92 13.18 -2.13
N SER U 218 -59.35 14.28 -2.70
CA SER U 218 -60.41 15.08 -2.10
C SER U 218 -61.75 14.36 -2.22
N THR U 219 -62.56 14.49 -1.17
CA THR U 219 -63.91 13.94 -1.15
C THR U 219 -64.85 14.93 -0.49
N VAL U 220 -66.03 15.07 -1.06
CA VAL U 220 -67.04 15.98 -0.56
C VAL U 220 -67.93 15.25 0.44
N ILE U 221 -68.28 15.93 1.52
CA ILE U 221 -69.10 15.34 2.58
C ILE U 221 -70.52 15.86 2.55
N ALA U 222 -70.69 17.18 2.48
CA ALA U 222 -72.00 17.81 2.45
C ALA U 222 -72.02 18.89 1.39
N LYS U 223 -73.22 19.18 0.88
CA LYS U 223 -73.42 20.18 -0.17
C LYS U 223 -74.13 21.38 0.43
N ARG U 224 -73.54 22.56 0.25
CA ARG U 224 -74.10 23.79 0.79
C ARG U 224 -74.29 24.81 -0.33
N LYS U 225 -75.46 25.43 -0.37
CA LYS U 225 -75.77 26.50 -1.31
C LYS U 225 -76.21 27.73 -0.54
N GLU U 226 -75.93 28.90 -1.11
CA GLU U 226 -76.36 30.16 -0.55
C GLU U 226 -77.59 30.67 -1.30
N ASP U 227 -77.99 31.90 -1.00
CA ASP U 227 -79.09 32.51 -1.74
C ASP U 227 -78.75 32.62 -3.22
N SER U 228 -77.53 33.01 -3.53
CA SER U 228 -77.05 33.03 -4.91
C SER U 228 -76.54 31.63 -5.28
N GLY U 229 -75.93 31.51 -6.45
CA GLY U 229 -75.47 30.23 -6.93
C GLY U 229 -74.08 29.87 -6.46
N LYS U 230 -73.67 30.38 -5.30
CA LYS U 230 -72.36 30.04 -4.74
C LYS U 230 -72.49 28.79 -3.88
N ILE U 231 -72.75 27.67 -4.57
CA ILE U 231 -72.81 26.38 -3.90
C ILE U 231 -71.42 26.01 -3.39
N LYS U 232 -71.33 25.71 -2.10
CA LYS U 232 -70.05 25.43 -1.46
C LYS U 232 -70.03 23.99 -0.97
N LEU U 233 -68.85 23.37 -1.05
CA LEU U 233 -68.67 21.96 -0.76
C LEU U 233 -67.66 21.76 0.34
N LEU U 234 -68.01 20.93 1.32
CA LEU U 234 -67.08 20.58 2.39
C LEU U 234 -66.15 19.49 1.90
N LEU U 235 -64.86 19.65 2.18
CA LEU U 235 -63.85 18.76 1.65
C LEU U 235 -63.67 17.56 2.59
N HIS U 236 -62.74 16.67 2.21
CA HIS U 236 -62.24 15.56 3.01
C HIS U 236 -61.19 14.84 2.18
N TRP U 237 -60.38 14.01 2.83
CA TRP U 237 -59.38 13.23 2.13
C TRP U 237 -59.22 11.86 2.77
N MET U 238 -58.56 10.98 2.03
CA MET U 238 -58.44 9.57 2.33
C MET U 238 -57.59 9.25 3.56
N PRO U 239 -56.50 9.98 3.83
CA PRO U 239 -55.75 9.68 5.07
C PRO U 239 -56.53 9.92 6.34
N GLU U 240 -57.43 10.91 6.36
CA GLU U 240 -58.17 11.34 7.55
C GLU U 240 -57.26 11.80 8.69
N ASP U 241 -56.06 12.28 8.37
CA ASP U 241 -55.20 12.96 9.34
C ASP U 241 -54.71 14.29 8.81
N ILE U 242 -55.37 14.82 7.78
CA ILE U 242 -54.98 16.04 7.12
C ILE U 242 -55.54 17.21 7.90
N LEU U 243 -55.12 18.43 7.57
CA LEU U 243 -55.73 19.66 8.02
C LEU U 243 -57.24 19.52 7.94
N PRO U 244 -57.98 20.09 8.88
CA PRO U 244 -59.43 19.89 8.91
C PRO U 244 -60.09 20.32 7.61
N ASP U 245 -61.17 19.62 7.27
CA ASP U 245 -61.84 19.82 6.00
C ASP U 245 -62.34 21.24 5.86
N VAL U 246 -62.32 21.76 4.63
CA VAL U 246 -62.61 23.16 4.39
C VAL U 246 -63.79 23.25 3.44
N TRP U 247 -64.14 24.47 3.03
CA TRP U 247 -65.23 24.70 2.10
C TRP U 247 -64.71 25.31 0.81
N VAL U 248 -65.10 24.71 -0.31
CA VAL U 248 -64.86 25.29 -1.63
C VAL U 248 -66.15 25.22 -2.41
N ASN U 249 -66.21 26.02 -3.46
CA ASN U 249 -67.40 26.08 -4.31
C ASN U 249 -67.33 24.99 -5.39
N GLU U 250 -68.27 25.04 -6.33
CA GLU U 250 -68.34 24.00 -7.35
C GLU U 250 -67.14 24.04 -8.27
N SER U 251 -66.64 25.23 -8.58
CA SER U 251 -65.55 25.35 -9.54
C SER U 251 -64.30 24.62 -9.07
N GLU U 252 -63.99 24.73 -7.78
CA GLU U 252 -62.79 24.08 -7.24
C GLU U 252 -62.87 22.56 -7.35
N ARG U 253 -64.07 22.00 -7.39
CA ARG U 253 -64.21 20.58 -7.63
C ARG U 253 -63.67 20.24 -9.01
N HIS U 254 -63.22 18.99 -9.16
CA HIS U 254 -62.65 18.46 -10.40
C HIS U 254 -61.27 19.09 -10.65
N GLN U 255 -60.91 20.06 -9.81
CA GLN U 255 -59.57 20.65 -9.85
C GLN U 255 -58.77 20.37 -8.59
N LEU U 256 -59.43 20.27 -7.45
CA LEU U 256 -58.80 19.88 -6.20
C LEU U 256 -58.98 18.40 -5.89
N LYS U 257 -59.44 17.62 -6.88
CA LYS U 257 -59.69 16.20 -6.67
C LYS U 257 -58.45 15.53 -6.08
N THR U 258 -57.29 15.77 -6.69
CA THR U 258 -56.03 15.35 -6.13
C THR U 258 -55.33 16.56 -5.51
N LYS U 259 -54.80 16.38 -4.31
CA LYS U 259 -54.05 17.42 -3.64
C LYS U 259 -52.72 16.88 -3.17
N VAL U 260 -51.64 17.58 -3.50
CA VAL U 260 -50.31 17.23 -3.05
C VAL U 260 -49.82 18.37 -2.17
N VAL U 261 -49.42 18.04 -0.95
CA VAL U 261 -48.96 19.02 0.01
C VAL U 261 -47.57 18.57 0.50
N HIS U 262 -46.61 19.48 0.47
CA HIS U 262 -45.29 19.13 0.92
C HIS U 262 -45.25 18.95 2.43
N LEU U 263 -44.33 18.09 2.87
CA LEU U 263 -44.19 17.80 4.30
C LEU U 263 -43.97 19.06 5.11
N SER U 264 -43.33 20.08 4.53
CA SER U 264 -43.08 21.30 5.27
C SER U 264 -44.38 22.00 5.64
N LYS U 265 -45.41 21.87 4.81
CA LYS U 265 -46.66 22.58 5.06
C LYS U 265 -47.54 21.91 6.11
N LEU U 266 -47.21 20.71 6.54
CA LEU U 266 -48.06 20.00 7.48
C LEU U 266 -48.04 20.66 8.85
N PRO U 267 -49.16 20.67 9.56
CA PRO U 267 -49.20 21.23 10.91
C PRO U 267 -48.63 20.25 11.93
N LYS U 268 -48.72 20.65 13.19
CA LYS U 268 -47.97 19.99 14.25
C LYS U 268 -48.46 18.56 14.48
N ASP U 269 -49.76 18.38 14.65
CA ASP U 269 -50.27 17.07 15.07
C ASP U 269 -50.00 16.01 14.03
N THR U 270 -49.91 16.39 12.76
CA THR U 270 -49.67 15.44 11.68
C THR U 270 -48.40 14.64 11.89
N ALA U 271 -47.44 15.20 12.64
CA ALA U 271 -46.21 14.45 12.93
C ALA U 271 -46.53 13.16 13.66
N LEU U 272 -47.40 13.24 14.67
CA LEU U 272 -47.82 12.02 15.36
C LEU U 272 -48.77 11.20 14.50
N LEU U 273 -49.55 11.87 13.64
CA LEU U 273 -50.61 11.16 12.92
C LEU U 273 -50.05 10.15 11.93
N LEU U 274 -49.12 10.58 11.08
CA LEU U 274 -48.69 9.72 9.98
C LEU U 274 -47.85 8.54 10.47
N ASP U 275 -47.02 8.76 11.49
CA ASP U 275 -46.23 7.68 12.04
C ASP U 275 -45.63 8.08 13.37
N PRO U 276 -45.69 7.21 14.38
CA PRO U 276 -45.06 7.55 15.67
C PRO U 276 -43.55 7.56 15.62
N ASN U 277 -42.95 6.69 14.80
CA ASN U 277 -41.50 6.55 14.80
C ASN U 277 -40.80 7.80 14.27
N ILE U 278 -41.52 8.69 13.59
CA ILE U 278 -40.94 9.94 13.13
C ILE U 278 -40.43 10.75 14.31
N TYR U 279 -41.26 10.88 15.33
CA TYR U 279 -40.86 11.49 16.59
C TYR U 279 -41.47 10.70 17.73
N ARG U 280 -40.64 10.08 18.54
CA ARG U 280 -41.10 9.30 19.67
C ARG U 280 -40.75 10.05 20.95
N THR U 281 -41.72 10.18 21.84
CA THR U 281 -41.45 10.68 23.19
C THR U 281 -40.87 9.53 23.98
N MET U 282 -39.55 9.52 24.15
CA MET U 282 -38.91 8.43 24.87
C MET U 282 -39.42 8.26 26.29
N PRO U 283 -39.59 9.32 27.10
CA PRO U 283 -40.26 9.10 28.40
C PRO U 283 -41.67 8.56 28.26
N GLN U 284 -42.42 9.03 27.26
CA GLN U 284 -43.72 8.54 26.82
C GLN U 284 -44.79 8.59 27.90
N LYS U 285 -44.43 9.03 29.10
CA LYS U 285 -45.36 9.27 30.20
C LYS U 285 -44.56 9.90 31.32
N ARG U 286 -45.22 10.17 32.44
CA ARG U 286 -44.62 10.97 33.51
C ARG U 286 -43.90 10.06 34.50
N LEU U 287 -42.68 9.66 34.13
CA LEU U 287 -41.87 8.88 35.06
C LEU U 287 -41.30 9.77 36.16
N LYS U 288 -40.42 10.67 35.76
CA LYS U 288 -39.71 11.63 36.60
C LYS U 288 -38.97 12.56 35.66
N ARG U 289 -39.03 13.86 35.92
CA ARG U 289 -38.42 14.79 34.99
C ARG U 289 -36.91 14.85 35.23
N SAH V . -9.09 -13.31 -32.98
CA SAH V . -7.99 -12.51 -33.51
CB SAH V . -6.84 -12.49 -32.52
CG SAH V . -6.20 -13.84 -32.24
SD SAH V . -4.75 -14.15 -33.28
C SAH V . -7.54 -13.02 -34.87
O SAH V . -6.68 -12.43 -35.51
OXT SAH V . -8.02 -14.05 -35.35
C5' SAH V . -3.69 -14.22 -31.82
C4' SAH V . -2.89 -12.93 -31.62
O4' SAH V . -3.79 -11.83 -31.63
C3' SAH V . -2.17 -12.93 -30.28
O3' SAH V . -0.78 -12.87 -30.48
C2' SAH V . -2.64 -11.69 -29.55
O2' SAH V . -1.55 -10.84 -29.31
C1' SAH V . -3.60 -10.99 -30.51
N9 SAH V . -4.90 -10.76 -29.86
C8 SAH V . -5.74 -11.73 -29.37
N7 SAH V . -6.85 -11.13 -28.87
C5 SAH V . -6.73 -9.79 -29.04
C6 SAH V . -7.57 -8.73 -28.71
N6 SAH V . -8.72 -8.96 -28.11
N1 SAH V . -7.18 -7.45 -29.01
C2 SAH V . -5.97 -7.21 -29.64
N3 SAH V . -5.14 -8.28 -29.96
C4 SAH V . -5.52 -9.55 -29.67
N SAH W . -3.53 -7.74 18.95
CA SAH W . -4.30 -8.97 18.97
CB SAH W . -3.39 -10.18 18.95
CG SAH W . -2.19 -10.04 19.89
SD SAH W . -1.26 -11.58 20.01
C SAH W . -5.21 -9.00 20.19
O SAH W . -6.29 -9.59 20.17
OXT SAH W . -4.87 -8.46 21.23
C5' SAH W . 0.07 -10.81 19.05
C4' SAH W . -0.14 -11.03 17.57
O4' SAH W . -0.81 -9.92 16.99
C3' SAH W . 1.21 -11.18 16.85
O3' SAH W . 1.32 -12.49 16.34
C2' SAH W . 1.18 -10.18 15.73
O2' SAH W . 1.30 -10.85 14.50
C1' SAH W . -0.19 -9.52 15.79
N9 SAH W . 0.05 -8.08 15.83
C8 SAH W . 0.63 -7.41 16.88
N7 SAH W . 0.70 -6.10 16.55
C5 SAH W . 0.19 -5.94 15.31
C6 SAH W . 0.03 -4.81 14.52
N6 SAH W . 0.42 -3.62 14.95
N1 SAH W . -0.54 -4.94 13.27
C2 SAH W . -0.94 -6.19 12.83
N3 SAH W . -0.77 -7.29 13.62
C4 SAH W . -0.22 -7.17 14.85
#